data_8G8Z
#
_entry.id   8G8Z
#
_cell.length_a   1.00
_cell.length_b   1.00
_cell.length_c   1.00
_cell.angle_alpha   90.00
_cell.angle_beta   90.00
_cell.angle_gamma   90.00
#
_symmetry.space_group_name_H-M   'P 1'
#
loop_
_entity.id
_entity.type
_entity.pdbx_description
1 polymer 'DNA (39-MER)'
2 polymer 'DNA (31-MER)'
3 polymer 'DNA-directed RNA polymerase subunit alpha'
4 polymer 'DNA-directed RNA polymerase subunit omega'
5 polymer 'RNA (48-MER)'
6 polymer 'DNA-directed RNA polymerase subunit beta'
7 polymer "DNA-directed RNA polymerase subunit beta'"
8 non-polymer 7-DEAZA-7-AMINOMETHYL-GUANINE
9 non-polymer 'MAGNESIUM ION'
#
loop_
_entity_poly.entity_id
_entity_poly.type
_entity_poly.pdbx_seq_one_letter_code
_entity_poly.pdbx_strand_id
1 'polydeoxyribonucleotide'
;(DG)(DG)(DT)(DC)(DA)(DG)(DT)(DA)(DC)(DG)(DT)(DC)(DC)(DA)(DT)(DT)(DA)(DG)(DC)(DT)
(DC)(DT)(DT)(DC)(DG)(DG)(DA)(DA)(DG)(DA)(DG)(DA)(DT)(DT)(DC)(DA)(DG)(DA)(DG)
;
A
2 'polydeoxyribonucleotide'
;(DC)(DT)(DC)(DT)(DG)(DA)(DA)(DT)(DC)(DT)(DC)(DT)(DT)(DC)(DC)(DT)(DC)(DG)(DT)(DG)
(DT)(DG)(DG)(DT)(DC)(DA)(DG)(DG)(DA)(DC)(DG)
;
B
3 'polypeptide(L)'
;MQGSVTEFLKPRLVDIEQVSSTHAKVTLEPLERGFGHTLGNALRRILLSSMPGCAVTEVEIDGVLHEYSTKEGVQEDILE
ILLNLKGLAVRVQGKDEVILTLNKSGIGPVTAADITHDGDVEIVKPQHVICHLTDENASISMRIKVQRGRGYVPASTRIH
SEEDERPIGRLLVDACYSPVERIAYNVEAARVEQRTDLDKLVIEMETNGTIDPEEAIRRAATILAEQLEAFVDLE
;
G,H
4 'polypeptide(L)' MARVTVQDAVEKIGNRFDLVLVAARRARQMQVGGKDPLVPEENDKTTVIALREIEEGLINNQILDVRERQEQQEQEAAEL K
5 'polyribonucleotide' GCAGAGGUUCUAGCUACACCCUCUAUAAAAAACUAAGGACCACACGAG R
6 'polypeptide(L)'
;VYSYTEKKRIRKDFGKRPQVLDVPYLLSIQLDSFQKFIEQDPEGQYGLEAAFRSVFPIQSYSGNSELQYVSYRLGEPVFD
VQECQIRGVTYSAPLRVKLRLVIYEREAPEGTVKDIKEQEVYMGEIPLMTDNGTFVINGTERVIVSQLHRSPGVFFDSDK
GKTHSSGKVLYNARIIPYRGSWLDFEFDPKDNLFVRIDRRRKLPATIILRALNYTTEQILDLFFEKVIFEIRDNKLQMEL
VPERLRGETASFDIEANGKVYVEKGRRITARHIRQLEKDDVKLIEVPVEYIAGKVVAKDYIDESTGELICAANMELSLDL
LAKLSQSGHKRIETLFTNDLDHGPYISETLRVDPTNDRLSALVEIYRMMRPGEPPTREAAESLFENLFFSEDRYDLSAVG
RMKFNRSLLREEIEGSGILSKDDIIDVMKKLIDIRNGKGEVDDIDHLGNRRIRSVGEMAENQFRVGLVRVERAVKERLSL
GDLDTLMPQDMINAKPISAAVKEFFGSSQLSQFMDQNNPLSEITHKRRISALGPGGLTRERAGFEVRDVHPTHYGRVCPI
ETPEGPNIGLINSLSVYAQTNEYGFLETPYRKVTDGVVTDEIHYLSAIEEGNYVIAQANSNLDEEGHFVEDLVTCRSKGE
SSLFSRDQVDYMDVSTQQVVSVGASLIPFLEHDDANRALMGANMQRQAVPTLRADKPLVGTGMERAVAVDSGVTAVAKRG
GVVQYVDASRIVIKVNEDEMYPGEAGIDIYNLTKYTRSNQNTCINQMPCVSLGEPVERGDVLADGPSTDLGELALGQNMR
VAFMPWNGYNFEDSILVSERVVQEDRFTTIHIQELACVSRDTKLGPEEITADIPNVGEAALSKLDESGIVYIGAEVTGGD
ILVGKVTPKGETQLTPEEKLLRAIFGEKASDVKDSSLRVPNGVSGTVIDVQVFTRDGVEKDKRALEIEEMQLKQAKKDLS
EELQILEAGLFSRIRAVLVAGGVEAEKLDKLPRDRWLELGLTDEEKQNQLEQLAEQYDELKHEFEKKLEAKRRKITQGDD
LAPGVLKIVKVYLAVKRRIQPGDKMAGRHGNKGVISKINPIEDMPYDENGTPVDIVLNPLGVPSRMNIGQILETHLGMAA
KGIGDKINAMLKQQQEVAKLREFIQRAYDLGADVRQKVDLSTFSDEEVMRLAENLRKGMPIATPVFDGAKEAEIKELLKL
GDLPTSGQIRLYDGRTGEQFERPVTVGYMYMLKLNHLVDDKMHARSTGSYSLVTQQPLGGKAQFGGQRFGEMEVWALEAY
GAAYTLQEMLTVKSDDVNGRTKMYKNIVDGNHQMEPGMPESFNVLLKEIRSLGINIELED
;
I
7 'polypeptide(L)'
;EFDAIKIALASPDMIRSWSFGEVKKPETINYRTFKPERDGLFCARIFGPVKDYECLCGKYKRLKHRGVICEKCGVEVTQT
KVRRERMGHIELASPTAHIWFLKSLPSRIGLLLDMPLRDIERVLYFESYVVIEGGMTNLERQQILTEEQYLDALEEFGDE
FDAKMGAEAIQALLKSMDLEQECEQLREELNETNSETKRKKLTKRIKLLEAFVQSGNKPEWMILTVLPVLPPDLRPLVPL
DGGRFATSDLNDLYRRVINRNNRLKRLLDLAAPDIIVRNEKRMLQEAVDALLDNGRRGRAITGSNKRPLKSLADMIKGKQ
GRFRQNLLGKRVDYSGRSVITVGPYLRLHQCGLPKKMALELFKPFIYGKLELRGLATTIKAAKKMVEREEAVVWDILDEV
IREHPVLLNRAPTLHRLGIQAFEPVLIEGKAIQLHPLVCAAYNADFDGDQMAVHVPLTLEAQLEARALMMSTNNILSPAN
GEPIIVPSQDVVLGLYYMTRDCVNAKGEGMVLTGPKEAERLYRSGLASLHARVKVRITEYEKDANGELVAKTSLKDTTVG
RAILWMIVPKGLPYSIVNQALGKKAISKMLNTCYRILGLKPTVIFADQIMYTGFAYAARSGASVGIDDMVIPEKKHEIIS
EAEAEVAEIQEQFQSGLVTAGERYNKVIDIWAAANDRVSKAMMDNLQTETVINRDGQEEKQVSFNSIYMMADSGARGSAA
QIRQLAGMRGLMAKPDGSIIETPITANFREGLNVLQYFISTHGARKGLADTALKTANSGYLTRRLVDVAQDLVVTEDDCG
THEGIMMTPVIEGGDVKEPLRDRVLGRVTAEDVLKPGTADILVPRNTLLHEQWCDLLEENSVDAVKVRSVVSCDTDFGVC
AHCYGRDLARGHIINKGEAIGVIAAQSIGEPGTQLTMRTFHIGGAASRAAAESSIQVKNKGSIKLSNVKSVVNSSGKLVI
TSRNTELKLIDEFGRTKESYKVPYGAVLAKGDGEQVAGGETVANWDPHTMPVITEVSGFVRFTDMIDGQTITRQTDELTG
LSSLVVLDSAERTAGGKDLRPALKIVDAQGNDVLIPGTDMPAQYFLPGKAIVQLEDGVQISSGDTLARIPQESGGTKDIT
GGLPRVADLFEARRPKEPAILAEISGIVSFGKETKGKRRLVITPVDGSDPYEEMIPKWRQLNVFEGERVERGDVISDGPE
APHDILRLRGVHAVTRYIVNEVQDVYRLQGVKINDKHIEVIVRQMLRKATIVNAGSSDFLEGEQVEYSRVKIANRELEAN
GKVGATYSRDLLGITKASLATESFISAASFQETTRVLTEAAVAGKRDELRGLKENVIVGRLIPAGTGYAYHQDRMRRR
;
J
#
loop_
_chem_comp.id
_chem_comp.type
_chem_comp.name
_chem_comp.formula
A RNA linking ADENOSINE-5'-MONOPHOSPHATE 'C10 H14 N5 O7 P'
C RNA linking CYTIDINE-5'-MONOPHOSPHATE 'C9 H14 N3 O8 P'
DA DNA linking 2'-DEOXYADENOSINE-5'-MONOPHOSPHATE 'C10 H14 N5 O6 P'
DC DNA linking 2'-DEOXYCYTIDINE-5'-MONOPHOSPHATE 'C9 H14 N3 O7 P'
DG DNA linking 2'-DEOXYGUANOSINE-5'-MONOPHOSPHATE 'C10 H14 N5 O7 P'
DT DNA linking THYMIDINE-5'-MONOPHOSPHATE 'C10 H15 N2 O8 P'
G RNA linking GUANOSINE-5'-MONOPHOSPHATE 'C10 H14 N5 O8 P'
MG non-polymer 'MAGNESIUM ION' 'Mg 2'
PRF non-polymer 7-DEAZA-7-AMINOMETHYL-GUANINE 'C7 H9 N5 O'
U RNA linking URIDINE-5'-MONOPHOSPHATE 'C9 H13 N2 O9 P'
#
# COMPACT_ATOMS: atom_id res chain seq x y z
N PHE C 8 -35.23 -55.96 14.71
CA PHE C 8 -33.94 -55.32 14.34
C PHE C 8 -32.83 -56.37 14.31
N LEU C 9 -31.59 -55.92 14.05
CA LEU C 9 -30.39 -56.72 13.98
C LEU C 9 -29.30 -56.11 14.86
N LYS C 10 -28.31 -56.95 15.17
CA LYS C 10 -27.25 -56.59 16.12
C LYS C 10 -25.89 -56.77 15.48
N PRO C 11 -25.05 -55.73 15.42
CA PRO C 11 -23.70 -55.90 14.92
C PRO C 11 -22.80 -56.57 15.96
N ARG C 12 -21.97 -57.49 15.48
CA ARG C 12 -21.03 -58.21 16.32
C ARG C 12 -19.65 -58.20 15.69
N LEU C 13 -18.63 -58.23 16.53
CA LEU C 13 -17.26 -58.21 16.05
C LEU C 13 -16.91 -59.57 15.45
N VAL C 14 -17.11 -59.73 14.14
CA VAL C 14 -17.06 -61.05 13.53
C VAL C 14 -15.63 -61.45 13.17
N ASP C 15 -14.82 -60.55 12.64
CA ASP C 15 -13.51 -60.93 12.15
C ASP C 15 -12.51 -59.79 12.38
N ILE C 16 -11.35 -60.14 12.92
CA ILE C 16 -10.20 -59.24 13.01
C ILE C 16 -9.04 -59.90 12.28
N GLU C 17 -8.48 -59.18 11.32
CA GLU C 17 -7.33 -59.67 10.56
C GLU C 17 -6.28 -58.58 10.51
N GLN C 18 -5.02 -58.98 10.67
CA GLN C 18 -3.90 -58.06 10.65
C GLN C 18 -3.09 -58.30 9.38
N VAL C 19 -2.97 -57.26 8.55
CA VAL C 19 -2.17 -57.39 7.34
C VAL C 19 -0.69 -57.25 7.64
N SER C 20 -0.34 -56.38 8.59
CA SER C 20 1.05 -56.21 9.02
C SER C 20 1.06 -56.05 10.53
N SER C 21 2.20 -55.63 11.06
CA SER C 21 2.32 -55.42 12.50
C SER C 21 1.70 -54.12 12.99
N THR C 22 1.37 -53.20 12.08
CA THR C 22 0.83 -51.90 12.46
C THR C 22 -0.69 -51.87 12.42
N HIS C 23 -1.28 -52.11 11.25
CA HIS C 23 -2.70 -51.88 11.05
C HIS C 23 -3.43 -53.18 10.72
N ALA C 24 -4.69 -53.24 11.14
CA ALA C 24 -5.55 -54.40 10.98
C ALA C 24 -6.87 -53.95 10.35
N LYS C 25 -7.76 -54.91 10.13
CA LYS C 25 -9.06 -54.65 9.51
C LYS C 25 -10.13 -55.37 10.31
N VAL C 26 -10.79 -54.66 11.21
CA VAL C 26 -11.89 -55.25 11.97
C VAL C 26 -13.13 -55.31 11.09
N THR C 27 -14.08 -56.16 11.49
CA THR C 27 -15.29 -56.38 10.73
C THR C 27 -16.49 -56.49 11.65
N LEU C 28 -17.60 -55.87 11.25
CA LEU C 28 -18.85 -55.87 11.99
C LEU C 28 -19.95 -56.25 11.00
N GLU C 29 -20.31 -57.54 10.97
CA GLU C 29 -21.04 -58.07 9.83
C GLU C 29 -22.47 -57.56 9.72
N PRO C 30 -23.40 -57.86 10.65
CA PRO C 30 -24.79 -57.50 10.41
C PRO C 30 -25.12 -56.08 10.84
N LEU C 31 -25.52 -55.24 9.88
CA LEU C 31 -25.96 -53.88 10.17
C LEU C 31 -27.11 -53.54 9.24
N GLU C 32 -28.11 -52.83 9.76
CA GLU C 32 -29.27 -52.42 8.90
C GLU C 32 -28.93 -51.11 8.16
N ARG C 33 -29.41 -50.97 6.92
CA ARG C 33 -29.18 -49.82 6.01
C ARG C 33 -29.13 -48.48 6.76
N GLY C 34 -28.09 -47.68 6.51
CA GLY C 34 -27.91 -46.38 7.13
C GLY C 34 -27.05 -46.43 8.38
N PHE C 35 -27.23 -47.47 9.18
CA PHE C 35 -26.39 -47.58 10.39
C PHE C 35 -24.95 -47.68 9.93
N GLY C 36 -24.69 -48.60 9.00
CA GLY C 36 -23.33 -48.86 8.58
C GLY C 36 -22.55 -47.61 8.23
N HIS C 37 -23.25 -46.52 7.91
CA HIS C 37 -22.60 -45.25 7.65
C HIS C 37 -22.67 -44.29 8.83
N THR C 38 -23.42 -44.63 9.88
CA THR C 38 -23.43 -43.83 11.10
C THR C 38 -22.39 -44.29 12.10
N LEU C 39 -22.36 -45.60 12.38
CA LEU C 39 -21.30 -46.15 13.21
C LEU C 39 -19.94 -45.97 12.56
N GLY C 40 -19.88 -46.11 11.24
CA GLY C 40 -18.62 -45.98 10.52
C GLY C 40 -17.97 -44.62 10.66
N ASN C 41 -18.74 -43.60 11.04
CA ASN C 41 -18.18 -42.28 11.31
C ASN C 41 -18.06 -41.99 12.79
N ALA C 42 -19.01 -42.47 13.60
CA ALA C 42 -18.91 -42.27 15.05
C ALA C 42 -17.66 -42.97 15.61
N LEU C 43 -17.46 -44.23 15.23
CA LEU C 43 -16.31 -44.99 15.71
C LEU C 43 -15.00 -44.52 15.13
N ARG C 44 -15.03 -43.64 14.12
CA ARG C 44 -13.80 -43.04 13.63
C ARG C 44 -13.50 -41.73 14.32
N ARG C 45 -14.51 -40.88 14.48
CA ARG C 45 -14.30 -39.62 15.20
C ARG C 45 -13.92 -39.87 16.65
N ILE C 46 -14.53 -40.87 17.28
CA ILE C 46 -14.14 -41.22 18.66
C ILE C 46 -12.72 -41.76 18.67
N LEU C 47 -12.39 -42.64 17.71
CA LEU C 47 -11.10 -43.30 17.73
C LEU C 47 -9.94 -42.32 17.53
N LEU C 48 -10.12 -41.35 16.63
CA LEU C 48 -9.01 -40.46 16.30
C LEU C 48 -8.70 -39.43 17.37
N SER C 49 -9.60 -39.22 18.33
CA SER C 49 -9.48 -38.09 19.25
C SER C 49 -9.26 -38.48 20.71
N SER C 50 -9.54 -39.71 21.11
CA SER C 50 -9.44 -40.07 22.51
C SER C 50 -9.13 -41.56 22.62
N MET C 51 -7.85 -41.89 22.82
CA MET C 51 -7.39 -43.24 23.06
C MET C 51 -6.25 -43.20 24.06
N PRO C 52 -6.15 -44.20 24.93
CA PRO C 52 -5.06 -44.21 25.92
C PRO C 52 -3.76 -44.67 25.30
N GLY C 53 -2.81 -43.74 25.17
CA GLY C 53 -1.51 -44.06 24.64
C GLY C 53 -0.41 -43.54 25.54
N CYS C 54 0.79 -44.09 25.34
CA CYS C 54 1.96 -43.74 26.14
C CYS C 54 3.02 -43.11 25.27
N ALA C 55 3.57 -41.99 25.73
CA ALA C 55 4.64 -41.31 25.01
C ALA C 55 5.57 -40.66 26.00
N VAL C 56 6.83 -40.48 25.60
CA VAL C 56 7.83 -39.89 26.48
C VAL C 56 7.46 -38.45 26.79
N THR C 57 7.79 -38.00 28.00
CA THR C 57 7.40 -36.67 28.42
C THR C 57 8.56 -35.87 29.00
N GLU C 58 9.52 -36.55 29.64
CA GLU C 58 10.66 -35.86 30.25
C GLU C 58 11.91 -36.68 30.01
N VAL C 59 12.90 -36.07 29.38
CA VAL C 59 14.17 -36.71 29.07
C VAL C 59 15.27 -35.94 29.77
N GLU C 60 16.09 -36.64 30.55
CA GLU C 60 17.18 -36.03 31.30
C GLU C 60 18.48 -36.73 30.93
N ILE C 61 19.34 -36.03 30.23
CA ILE C 61 20.64 -36.57 29.81
C ILE C 61 21.67 -36.20 30.86
N ASP C 62 22.74 -37.00 30.95
CA ASP C 62 23.66 -36.92 32.07
C ASP C 62 24.41 -35.59 32.11
N GLY C 63 24.84 -35.08 30.97
CA GLY C 63 25.81 -34.00 30.98
C GLY C 63 25.37 -32.66 30.39
N VAL C 64 24.29 -32.64 29.63
CA VAL C 64 23.86 -31.45 28.91
C VAL C 64 22.80 -30.73 29.73
N LEU C 65 22.92 -29.41 29.79
CA LEU C 65 22.00 -28.61 30.61
C LEU C 65 20.68 -28.37 29.89
N HIS C 66 20.72 -27.67 28.75
CA HIS C 66 19.52 -27.27 28.03
C HIS C 66 19.50 -27.88 26.64
N GLU C 67 18.39 -27.66 25.94
CA GLU C 67 18.18 -28.31 24.65
C GLU C 67 19.20 -27.86 23.61
N TYR C 68 19.43 -26.56 23.50
CA TYR C 68 20.26 -26.02 22.43
C TYR C 68 21.75 -26.11 22.72
N SER C 69 22.24 -27.28 23.14
CA SER C 69 23.66 -27.48 23.40
C SER C 69 24.12 -28.74 22.70
N THR C 70 25.16 -28.62 21.89
CA THR C 70 25.73 -29.80 21.25
C THR C 70 26.47 -30.66 22.27
N LYS C 71 26.54 -31.95 21.99
CA LYS C 71 27.28 -32.90 22.81
C LYS C 71 28.36 -33.55 21.97
N GLU C 72 29.60 -33.53 22.45
CA GLU C 72 30.70 -34.09 21.69
C GLU C 72 30.53 -35.60 21.52
N GLY C 73 30.88 -36.10 20.34
CA GLY C 73 30.78 -37.51 20.04
C GLY C 73 29.43 -37.98 19.54
N VAL C 74 28.45 -37.09 19.41
CA VAL C 74 27.13 -37.43 18.91
C VAL C 74 26.87 -36.63 17.64
N GLN C 75 26.51 -37.32 16.57
CA GLN C 75 26.25 -36.65 15.30
C GLN C 75 25.02 -35.76 15.38
N GLU C 76 23.99 -36.20 16.08
CA GLU C 76 22.75 -35.44 16.17
C GLU C 76 22.88 -34.30 17.16
N ASP C 77 22.23 -33.18 16.85
CA ASP C 77 22.03 -32.14 17.84
C ASP C 77 21.09 -32.64 18.93
N ILE C 78 21.19 -32.07 20.12
CA ILE C 78 20.35 -32.52 21.22
C ILE C 78 18.87 -32.32 20.88
N LEU C 79 18.56 -31.24 20.18
CA LEU C 79 17.19 -31.04 19.70
C LEU C 79 16.74 -32.20 18.82
N GLU C 80 17.64 -32.67 17.94
CA GLU C 80 17.30 -33.81 17.09
C GLU C 80 17.09 -35.07 17.91
N ILE C 81 17.89 -35.26 18.95
CA ILE C 81 17.70 -36.43 19.82
C ILE C 81 16.33 -36.36 20.49
N LEU C 82 15.94 -35.18 20.97
CA LEU C 82 14.63 -35.03 21.58
C LEU C 82 13.51 -35.31 20.59
N LEU C 83 13.64 -34.80 19.37
CA LEU C 83 12.60 -35.01 18.37
C LEU C 83 12.52 -36.48 17.94
N ASN C 84 13.65 -37.17 17.88
CA ASN C 84 13.63 -38.61 17.63
C ASN C 84 12.95 -39.35 18.78
N LEU C 85 13.23 -38.92 20.02
CA LEU C 85 12.65 -39.61 21.18
C LEU C 85 11.15 -39.39 21.27
N LYS C 86 10.65 -38.23 20.83
CA LYS C 86 9.22 -37.98 20.89
C LYS C 86 8.43 -39.01 20.11
N GLY C 87 8.99 -39.50 19.01
CA GLY C 87 8.33 -40.50 18.20
C GLY C 87 8.50 -41.93 18.67
N LEU C 88 9.15 -42.15 19.81
CA LEU C 88 9.34 -43.50 20.31
C LEU C 88 8.00 -44.14 20.66
N ALA C 89 7.84 -45.39 20.25
CA ALA C 89 6.58 -46.12 20.41
C ALA C 89 6.80 -47.22 21.44
N VAL C 90 6.34 -46.97 22.67
CA VAL C 90 6.47 -47.93 23.76
C VAL C 90 5.13 -48.06 24.47
N ARG C 91 4.93 -49.21 25.12
CA ARG C 91 3.70 -49.49 25.84
C ARG C 91 4.03 -50.06 27.21
N VAL C 92 3.31 -49.60 28.23
CA VAL C 92 3.50 -50.05 29.60
C VAL C 92 2.24 -50.78 30.06
N GLN C 93 2.42 -51.76 30.94
CA GLN C 93 1.34 -52.65 31.33
C GLN C 93 0.61 -52.19 32.58
N GLY C 94 1.33 -52.05 33.70
CA GLY C 94 0.68 -51.92 34.99
C GLY C 94 0.75 -50.56 35.67
N LYS C 95 1.85 -49.83 35.51
CA LYS C 95 2.04 -48.57 36.19
C LYS C 95 1.89 -47.41 35.21
N ASP C 96 1.17 -46.38 35.64
CA ASP C 96 0.90 -45.23 34.78
C ASP C 96 2.17 -44.40 34.50
N GLU C 97 3.16 -44.46 35.38
CA GLU C 97 4.41 -43.74 35.21
C GLU C 97 5.56 -44.72 35.28
N VAL C 98 6.62 -44.44 34.52
CA VAL C 98 7.77 -45.32 34.48
C VAL C 98 8.98 -44.50 34.05
N ILE C 99 10.17 -44.94 34.46
CA ILE C 99 11.42 -44.30 34.11
C ILE C 99 12.25 -45.29 33.30
N LEU C 100 12.70 -44.87 32.12
CA LEU C 100 13.49 -45.70 31.24
C LEU C 100 14.93 -45.19 31.21
N THR C 101 15.88 -46.10 31.34
CA THR C 101 17.29 -45.77 31.39
C THR C 101 17.99 -46.32 30.14
N LEU C 102 18.69 -45.45 29.43
CA LEU C 102 19.45 -45.82 28.24
C LEU C 102 20.93 -45.64 28.50
N ASN C 103 21.71 -46.68 28.21
CA ASN C 103 23.15 -46.64 28.42
C ASN C 103 23.83 -47.30 27.24
N LYS C 104 24.61 -46.51 26.49
CA LYS C 104 25.34 -47.00 25.34
C LYS C 104 26.72 -46.40 25.31
N SER C 105 27.65 -47.10 24.66
CA SER C 105 29.02 -46.62 24.52
C SER C 105 29.61 -47.19 23.23
N GLY C 106 30.64 -46.51 22.74
CA GLY C 106 31.33 -46.95 21.54
C GLY C 106 30.69 -46.43 20.26
N ILE C 107 31.49 -46.46 19.19
CA ILE C 107 31.02 -45.99 17.89
C ILE C 107 29.91 -46.90 17.40
N GLY C 108 28.88 -46.31 16.81
CA GLY C 108 27.77 -47.06 16.28
C GLY C 108 26.44 -46.48 16.70
N PRO C 109 25.44 -46.58 15.83
CA PRO C 109 24.13 -45.99 16.15
C PRO C 109 23.52 -46.66 17.37
N VAL C 110 22.78 -45.86 18.14
CA VAL C 110 22.00 -46.38 19.26
C VAL C 110 20.57 -46.58 18.77
N THR C 111 19.89 -47.56 19.35
CA THR C 111 18.53 -47.91 18.96
C THR C 111 17.69 -48.09 20.21
N ALA C 112 16.36 -48.14 19.99
CA ALA C 112 15.45 -48.32 21.11
C ALA C 112 15.70 -49.64 21.84
N ALA C 113 16.21 -50.65 21.13
CA ALA C 113 16.49 -51.93 21.76
C ALA C 113 17.60 -51.84 22.80
N ASP C 114 18.44 -50.81 22.73
CA ASP C 114 19.51 -50.67 23.70
C ASP C 114 19.01 -50.27 25.07
N ILE C 115 17.76 -49.81 25.17
CA ILE C 115 17.20 -49.43 26.46
C ILE C 115 17.00 -50.67 27.31
N THR C 116 17.45 -50.61 28.56
CA THR C 116 17.19 -51.70 29.50
C THR C 116 15.70 -51.85 29.72
N HIS C 117 15.22 -53.09 29.68
CA HIS C 117 13.79 -53.38 29.74
C HIS C 117 13.42 -53.90 31.12
N ASP C 118 12.38 -53.33 31.69
CA ASP C 118 11.84 -53.81 32.96
C ASP C 118 10.85 -54.93 32.68
N GLY C 119 10.15 -55.39 33.71
CA GLY C 119 9.18 -56.45 33.52
C GLY C 119 8.02 -56.04 32.64
N ASP C 120 7.57 -54.79 32.79
CA ASP C 120 6.37 -54.33 32.10
C ASP C 120 6.69 -53.63 30.79
N VAL C 121 7.54 -52.60 30.84
CA VAL C 121 7.78 -51.76 29.67
C VAL C 121 8.52 -52.57 28.60
N GLU C 122 7.91 -52.66 27.42
CA GLU C 122 8.51 -53.34 26.29
C GLU C 122 8.31 -52.49 25.04
N ILE C 123 9.35 -52.42 24.22
CA ILE C 123 9.35 -51.57 23.04
C ILE C 123 8.89 -52.38 21.84
N VAL C 124 7.98 -51.81 21.04
CA VAL C 124 7.39 -52.52 19.93
C VAL C 124 8.18 -52.39 18.63
N LYS C 125 9.06 -51.41 18.52
CA LYS C 125 9.86 -51.18 17.32
C LYS C 125 11.32 -51.03 17.71
N PRO C 126 12.05 -52.14 17.86
CA PRO C 126 13.44 -52.07 18.31
C PRO C 126 14.42 -51.60 17.26
N GLN C 127 13.94 -51.12 16.12
CA GLN C 127 14.82 -50.59 15.08
C GLN C 127 14.76 -49.07 14.98
N HIS C 128 14.14 -48.41 15.96
CA HIS C 128 13.99 -46.96 15.95
C HIS C 128 15.29 -46.33 16.42
N VAL C 129 15.99 -45.66 15.51
CA VAL C 129 17.29 -45.07 15.82
C VAL C 129 17.09 -43.76 16.60
N ILE C 130 17.86 -43.58 17.66
CA ILE C 130 17.75 -42.39 18.48
C ILE C 130 18.88 -41.42 18.14
N CYS C 131 20.12 -41.88 18.25
CA CYS C 131 21.27 -41.04 17.95
C CYS C 131 22.43 -41.91 17.50
N HIS C 132 23.37 -41.29 16.79
CA HIS C 132 24.54 -41.98 16.27
C HIS C 132 25.77 -41.57 17.07
N LEU C 133 26.55 -42.56 17.50
CA LEU C 133 27.80 -42.31 18.21
C LEU C 133 28.95 -42.42 17.24
N THR C 134 29.75 -41.37 17.14
CA THR C 134 30.83 -41.29 16.16
C THR C 134 32.20 -41.53 16.78
N ASP C 135 32.55 -40.80 17.83
CA ASP C 135 33.85 -40.98 18.46
C ASP C 135 33.93 -42.36 19.12
N GLU C 136 35.15 -42.90 19.15
CA GLU C 136 35.35 -44.24 19.72
C GLU C 136 35.23 -44.24 21.24
N ASN C 137 35.41 -43.09 21.89
CA ASN C 137 35.36 -42.99 23.34
C ASN C 137 34.28 -42.03 23.79
N ALA C 138 33.12 -42.08 23.13
CA ALA C 138 31.97 -41.27 23.50
C ALA C 138 30.95 -42.14 24.23
N SER C 139 30.13 -41.49 25.06
CA SER C 139 29.13 -42.20 25.84
C SER C 139 27.93 -41.28 26.08
N ILE C 140 26.79 -41.90 26.37
CA ILE C 140 25.56 -41.17 26.61
C ILE C 140 24.70 -41.99 27.57
N SER C 141 24.10 -41.30 28.55
CA SER C 141 23.20 -41.94 29.50
C SER C 141 22.05 -40.99 29.77
N MET C 142 20.83 -41.44 29.49
CA MET C 142 19.64 -40.61 29.61
C MET C 142 18.56 -41.34 30.38
N ARG C 143 17.78 -40.57 31.14
CA ARG C 143 16.61 -41.10 31.81
C ARG C 143 15.36 -40.61 31.08
N ILE C 144 14.48 -41.53 30.74
CA ILE C 144 13.27 -41.23 29.99
C ILE C 144 12.06 -41.51 30.88
N LYS C 145 11.19 -40.52 31.01
CA LYS C 145 9.96 -40.67 31.79
C LYS C 145 8.81 -40.90 30.81
N VAL C 146 8.17 -42.06 30.91
CA VAL C 146 7.09 -42.45 30.03
C VAL C 146 5.83 -42.60 30.87
N GLN C 147 4.73 -41.99 30.41
CA GLN C 147 3.47 -42.04 31.12
C GLN C 147 2.32 -42.14 30.12
N ARG C 148 1.15 -42.50 30.64
CA ARG C 148 -0.05 -42.62 29.82
C ARG C 148 -0.56 -41.22 29.48
N GLY C 149 -1.73 -41.16 28.85
CA GLY C 149 -2.34 -39.88 28.54
C GLY C 149 -3.42 -40.04 27.49
N ARG C 150 -4.00 -38.91 27.13
CA ARG C 150 -5.09 -38.87 26.17
C ARG C 150 -4.98 -37.58 25.37
N GLY C 151 -4.92 -37.69 24.06
CA GLY C 151 -4.78 -36.53 23.21
C GLY C 151 -3.38 -35.97 23.21
N TYR C 152 -3.26 -34.79 22.62
CA TYR C 152 -1.97 -34.12 22.45
C TYR C 152 -1.83 -33.04 23.51
N VAL C 153 -0.82 -33.18 24.37
CA VAL C 153 -0.57 -32.27 25.48
C VAL C 153 0.73 -31.54 25.21
N PRO C 154 0.71 -30.27 24.85
CA PRO C 154 1.96 -29.54 24.62
C PRO C 154 2.76 -29.37 25.90
N ALA C 155 4.08 -29.27 25.75
CA ALA C 155 4.95 -29.11 26.90
C ALA C 155 4.71 -27.79 27.62
N SER C 156 4.38 -26.73 26.87
CA SER C 156 4.23 -25.41 27.47
C SER C 156 3.07 -25.39 28.47
N THR C 157 1.93 -25.99 28.11
CA THR C 157 0.77 -25.96 29.00
C THR C 157 0.97 -26.78 30.25
N ARG C 158 1.92 -27.72 30.25
CA ARG C 158 2.21 -28.54 31.42
C ARG C 158 3.35 -27.89 32.19
N ARG C 166 11.77 -28.93 37.54
CA ARG C 166 12.39 -27.80 38.21
C ARG C 166 13.90 -27.66 37.96
N PRO C 167 14.69 -28.72 38.16
CA PRO C 167 16.13 -28.59 37.94
C PRO C 167 16.44 -28.28 36.49
N ILE C 168 17.54 -27.53 36.28
CA ILE C 168 17.90 -27.09 34.95
C ILE C 168 18.31 -28.25 34.05
N GLY C 169 18.69 -29.38 34.62
CA GLY C 169 19.21 -30.48 33.83
C GLY C 169 18.16 -31.46 33.34
N ARG C 170 16.89 -31.07 33.39
CA ARG C 170 15.79 -31.93 32.98
C ARG C 170 15.06 -31.28 31.81
N LEU C 171 15.08 -31.94 30.66
CA LEU C 171 14.49 -31.37 29.46
C LEU C 171 13.01 -31.72 29.38
N LEU C 172 12.26 -30.91 28.63
CA LEU C 172 10.83 -31.13 28.44
C LEU C 172 10.57 -31.40 26.97
N VAL C 173 9.81 -32.45 26.68
CA VAL C 173 9.42 -32.80 25.32
C VAL C 173 7.90 -32.90 25.27
N ASP C 174 7.30 -32.31 24.24
CA ASP C 174 5.87 -32.42 24.06
C ASP C 174 5.46 -33.88 23.89
N ALA C 175 4.35 -34.25 24.51
CA ALA C 175 3.85 -35.60 24.47
C ALA C 175 2.59 -35.66 23.62
N CYS C 176 2.52 -36.66 22.74
CA CYS C 176 1.37 -36.88 21.87
C CYS C 176 0.87 -38.31 22.09
N TYR C 177 0.02 -38.50 23.08
CA TYR C 177 -0.56 -39.82 23.35
C TYR C 177 -1.66 -40.06 22.33
N SER C 178 -1.33 -40.73 21.24
CA SER C 178 -2.33 -41.09 20.25
C SER C 178 -1.84 -42.29 19.45
N PRO C 179 -2.16 -43.51 19.89
CA PRO C 179 -1.67 -44.70 19.20
C PRO C 179 -2.16 -44.84 17.76
N VAL C 180 -3.26 -44.19 17.40
CA VAL C 180 -3.87 -44.35 16.08
C VAL C 180 -3.54 -43.14 15.22
N GLU C 181 -3.11 -43.39 14.00
CA GLU C 181 -2.75 -42.33 13.06
C GLU C 181 -3.81 -42.10 11.98
N ARG C 182 -4.21 -43.16 11.28
CA ARG C 182 -5.02 -43.02 10.07
C ARG C 182 -6.13 -44.07 10.10
N ILE C 183 -7.35 -43.63 10.36
CA ILE C 183 -8.52 -44.49 10.44
C ILE C 183 -9.34 -44.32 9.16
N ALA C 184 -9.67 -45.42 8.52
CA ALA C 184 -10.52 -45.41 7.33
C ALA C 184 -11.56 -46.51 7.45
N TYR C 185 -12.73 -46.26 6.88
CA TYR C 185 -13.84 -47.20 6.94
C TYR C 185 -14.54 -47.25 5.59
N ASN C 186 -15.24 -48.35 5.35
CA ASN C 186 -16.04 -48.50 4.15
C ASN C 186 -17.21 -49.42 4.46
N VAL C 187 -18.24 -49.31 3.63
CA VAL C 187 -19.47 -50.08 3.82
C VAL C 187 -19.69 -50.92 2.57
N GLU C 188 -19.66 -52.24 2.74
CA GLU C 188 -19.91 -53.18 1.66
C GLU C 188 -21.18 -53.96 1.96
N ALA C 189 -21.97 -54.22 0.92
CA ALA C 189 -23.20 -54.97 1.09
C ALA C 189 -22.90 -56.38 1.60
N ALA C 190 -23.66 -56.81 2.59
CA ALA C 190 -23.45 -58.14 3.16
C ALA C 190 -23.97 -59.21 2.21
N ARG C 191 -23.63 -60.46 2.51
CA ARG C 191 -24.03 -61.58 1.67
C ARG C 191 -24.91 -62.55 2.46
N VAL C 192 -25.88 -62.01 3.20
CA VAL C 192 -26.81 -62.85 3.94
C VAL C 192 -27.66 -63.65 2.97
N GLU C 193 -27.88 -64.93 3.28
CA GLU C 193 -28.51 -65.85 2.35
C GLU C 193 -30.00 -65.58 2.17
N GLN C 194 -30.63 -64.77 3.02
CA GLN C 194 -32.06 -64.54 2.92
C GLN C 194 -32.48 -63.08 3.09
N ARG C 195 -31.55 -62.17 3.37
CA ARG C 195 -31.89 -60.80 3.67
C ARG C 195 -31.39 -59.87 2.57
N THR C 196 -31.73 -58.60 2.70
CA THR C 196 -31.29 -57.56 1.77
C THR C 196 -31.08 -56.27 2.55
N ASP C 197 -30.33 -55.36 1.94
CA ASP C 197 -29.96 -54.07 2.53
C ASP C 197 -29.08 -54.21 3.76
N LEU C 198 -28.64 -55.42 4.08
CA LEU C 198 -27.75 -55.63 5.21
C LEU C 198 -26.32 -55.30 4.79
N ASP C 199 -25.64 -54.49 5.61
CA ASP C 199 -24.33 -53.96 5.27
C ASP C 199 -23.33 -54.41 6.32
N LYS C 200 -22.16 -54.86 5.87
CA LYS C 200 -21.06 -55.17 6.77
C LYS C 200 -20.02 -54.04 6.68
N LEU C 201 -19.38 -53.79 7.82
CA LEU C 201 -18.49 -52.64 7.95
C LEU C 201 -17.07 -53.11 8.22
N VAL C 202 -16.11 -52.47 7.54
CA VAL C 202 -14.70 -52.77 7.68
C VAL C 202 -13.97 -51.49 8.05
N ILE C 203 -13.17 -51.53 9.10
CA ILE C 203 -12.43 -50.38 9.59
C ILE C 203 -10.94 -50.70 9.56
N GLU C 204 -10.17 -49.82 8.93
CA GLU C 204 -8.71 -49.93 8.93
C GLU C 204 -8.14 -48.93 9.92
N MET C 205 -7.17 -49.39 10.72
CA MET C 205 -6.64 -48.58 11.81
C MET C 205 -5.10 -48.64 11.79
N GLU C 206 -4.49 -47.63 11.18
CA GLU C 206 -3.03 -47.56 11.11
C GLU C 206 -2.50 -47.10 12.47
N THR C 207 -2.33 -48.06 13.38
CA THR C 207 -1.83 -47.76 14.71
C THR C 207 -0.30 -47.64 14.70
N ASN C 208 0.24 -47.15 15.81
CA ASN C 208 1.68 -47.12 15.99
C ASN C 208 2.22 -48.43 16.54
N GLY C 209 1.36 -49.39 16.82
CA GLY C 209 1.78 -50.69 17.29
C GLY C 209 1.62 -50.94 18.77
N THR C 210 0.99 -50.03 19.51
CA THR C 210 0.84 -50.18 20.95
C THR C 210 -0.50 -50.77 21.35
N ILE C 211 -1.59 -50.35 20.72
CA ILE C 211 -2.94 -50.76 21.11
C ILE C 211 -3.41 -51.89 20.20
N ASP C 212 -4.14 -52.84 20.77
CA ASP C 212 -4.71 -53.92 20.00
C ASP C 212 -6.00 -53.45 19.32
N PRO C 213 -6.31 -53.99 18.13
CA PRO C 213 -7.50 -53.51 17.41
C PRO C 213 -8.81 -53.76 18.14
N GLU C 214 -9.05 -55.00 18.59
CA GLU C 214 -10.34 -55.33 19.19
C GLU C 214 -10.60 -54.50 20.45
N GLU C 215 -9.60 -54.39 21.31
CA GLU C 215 -9.78 -53.58 22.51
C GLU C 215 -9.89 -52.10 22.17
N ALA C 216 -9.26 -51.66 21.08
CA ALA C 216 -9.43 -50.28 20.65
C ALA C 216 -10.88 -50.00 20.26
N ILE C 217 -11.48 -50.92 19.49
CA ILE C 217 -12.88 -50.78 19.12
C ILE C 217 -13.77 -50.81 20.36
N ARG C 218 -13.46 -51.73 21.29
CA ARG C 218 -14.27 -51.83 22.51
C ARG C 218 -14.22 -50.54 23.32
N ARG C 219 -13.04 -49.95 23.47
CA ARG C 219 -12.95 -48.68 24.21
C ARG C 219 -13.65 -47.55 23.48
N ALA C 220 -13.46 -47.46 22.16
CA ALA C 220 -14.11 -46.41 21.39
C ALA C 220 -15.62 -46.57 21.33
N ALA C 221 -16.14 -47.76 21.65
CA ALA C 221 -17.57 -47.94 21.78
C ALA C 221 -18.08 -47.73 23.20
N THR C 222 -17.28 -48.07 24.21
CA THR C 222 -17.68 -47.75 25.59
C THR C 222 -17.77 -46.26 25.78
N ILE C 223 -16.87 -45.50 25.14
CA ILE C 223 -16.96 -44.04 25.23
C ILE C 223 -18.30 -43.56 24.71
N LEU C 224 -18.76 -44.10 23.58
CA LEU C 224 -20.06 -43.74 23.05
C LEU C 224 -21.18 -44.16 23.98
N ALA C 225 -21.09 -45.37 24.54
CA ALA C 225 -22.15 -45.86 25.43
C ALA C 225 -22.27 -44.99 26.67
N GLU C 226 -21.15 -44.45 27.16
CA GLU C 226 -21.22 -43.51 28.28
C GLU C 226 -21.78 -42.16 27.85
N GLN C 227 -21.33 -41.66 26.69
CA GLN C 227 -21.78 -40.34 26.24
C GLN C 227 -23.28 -40.32 25.97
N LEU C 228 -23.79 -41.37 25.33
CA LEU C 228 -25.21 -41.39 24.96
C LEU C 228 -26.12 -41.44 26.18
N GLU C 229 -25.67 -42.04 27.28
CA GLU C 229 -26.50 -42.16 28.46
C GLU C 229 -26.87 -40.81 29.06
N ALA C 230 -26.31 -39.71 28.57
CA ALA C 230 -26.70 -38.39 29.01
C ALA C 230 -28.16 -38.11 28.68
N PHE C 231 -28.50 -38.07 27.39
CA PHE C 231 -29.87 -37.78 26.98
C PHE C 231 -30.62 -39.08 26.63
N VAL C 232 -30.76 -39.92 27.64
CA VAL C 232 -31.62 -41.11 27.54
C VAL C 232 -31.85 -41.67 28.93
N ASP C 233 -33.03 -42.25 29.14
CA ASP C 233 -33.27 -43.07 30.33
C ASP C 233 -32.68 -44.46 30.12
N VAL D 5 -7.26 -41.71 33.46
CA VAL D 5 -7.07 -41.55 32.03
C VAL D 5 -8.37 -41.88 31.29
N THR D 6 -9.31 -42.50 32.00
CA THR D 6 -10.61 -42.83 31.46
C THR D 6 -11.69 -41.88 31.95
N GLU D 7 -11.29 -40.77 32.59
CA GLU D 7 -12.26 -39.75 33.09
C GLU D 7 -12.76 -38.91 31.91
N PHE D 8 -14.07 -38.94 31.66
CA PHE D 8 -14.65 -38.24 30.53
C PHE D 8 -15.72 -37.27 31.02
N LEU D 9 -15.72 -36.07 30.44
CA LEU D 9 -16.64 -35.02 30.84
C LEU D 9 -18.06 -35.38 30.40
N LYS D 10 -18.89 -35.79 31.36
CA LYS D 10 -20.28 -36.11 31.09
C LYS D 10 -21.14 -34.86 31.22
N PRO D 11 -22.00 -34.57 30.25
CA PRO D 11 -22.71 -33.29 30.25
C PRO D 11 -23.87 -33.27 31.23
N ARG D 12 -24.29 -32.04 31.55
CA ARG D 12 -25.46 -31.80 32.40
C ARG D 12 -26.27 -30.69 31.74
N LEU D 13 -27.40 -31.07 31.14
CA LEU D 13 -28.21 -30.10 30.41
C LEU D 13 -28.78 -29.04 31.34
N VAL D 14 -28.85 -27.81 30.84
CA VAL D 14 -29.24 -26.66 31.65
C VAL D 14 -30.73 -26.35 31.51
N ASP D 15 -31.27 -26.41 30.31
CA ASP D 15 -32.68 -26.12 30.12
C ASP D 15 -33.18 -26.82 28.86
N ILE D 16 -34.51 -26.96 28.79
CA ILE D 16 -35.19 -27.53 27.62
C ILE D 16 -36.24 -26.50 27.23
N GLU D 17 -35.89 -25.59 26.32
CA GLU D 17 -36.81 -24.54 25.91
C GLU D 17 -37.89 -25.13 25.01
N GLN D 18 -39.02 -25.52 25.59
CA GLN D 18 -40.11 -26.14 24.84
C GLN D 18 -41.05 -25.05 24.37
N VAL D 19 -41.02 -24.76 23.07
CA VAL D 19 -41.88 -23.71 22.51
C VAL D 19 -43.33 -24.12 22.55
N SER D 20 -43.66 -25.21 21.86
CA SER D 20 -45.02 -25.75 21.85
C SER D 20 -44.99 -27.24 22.11
N SER D 21 -46.11 -27.92 21.94
CA SER D 21 -46.17 -29.37 22.10
C SER D 21 -45.56 -30.13 20.93
N THR D 22 -44.92 -29.42 20.01
CA THR D 22 -44.29 -30.07 18.86
C THR D 22 -42.93 -29.49 18.50
N HIS D 23 -42.43 -28.52 19.26
CA HIS D 23 -41.14 -27.89 19.01
C HIS D 23 -40.37 -27.81 20.31
N ALA D 24 -39.05 -28.01 20.24
CA ALA D 24 -38.24 -28.01 21.44
C ALA D 24 -36.82 -27.58 21.09
N LYS D 25 -36.02 -27.37 22.13
CA LYS D 25 -34.63 -26.95 21.96
C LYS D 25 -33.81 -27.55 23.11
N VAL D 26 -33.23 -28.71 22.86
CA VAL D 26 -32.42 -29.42 23.85
C VAL D 26 -30.98 -28.96 23.72
N THR D 27 -30.30 -28.80 24.86
CA THR D 27 -28.94 -28.28 24.89
C THR D 27 -28.13 -29.01 25.94
N LEU D 28 -26.80 -28.98 25.76
CA LEU D 28 -25.87 -29.60 26.71
C LEU D 28 -24.61 -28.75 26.76
N GLU D 29 -24.31 -28.19 27.94
CA GLU D 29 -23.20 -27.20 28.03
C GLU D 29 -21.82 -27.81 27.79
N PRO D 30 -21.10 -28.38 28.78
CA PRO D 30 -19.71 -28.81 28.56
C PRO D 30 -19.57 -29.91 27.51
N LEU D 31 -20.45 -30.92 27.55
CA LEU D 31 -20.42 -31.98 26.50
C LEU D 31 -18.99 -32.54 26.48
N GLU D 32 -18.41 -32.67 25.28
CA GLU D 32 -16.97 -33.05 25.17
C GLU D 32 -16.41 -32.31 23.95
N ARG D 33 -15.10 -32.04 23.92
CA ARG D 33 -14.49 -31.39 22.73
C ARG D 33 -14.64 -32.34 21.54
N GLY D 34 -14.86 -31.79 20.33
CA GLY D 34 -15.07 -32.66 19.18
C GLY D 34 -16.09 -33.76 19.38
N PHE D 35 -16.80 -33.78 20.51
CA PHE D 35 -17.87 -34.74 20.71
C PHE D 35 -19.23 -34.19 20.33
N GLY D 36 -19.37 -32.88 20.24
CA GLY D 36 -20.65 -32.30 19.87
C GLY D 36 -21.12 -32.78 18.52
N HIS D 37 -20.24 -32.74 17.53
CA HIS D 37 -20.58 -33.25 16.20
C HIS D 37 -20.84 -34.74 16.24
N THR D 38 -19.96 -35.49 16.92
CA THR D 38 -20.09 -36.95 16.93
C THR D 38 -21.41 -37.40 17.54
N LEU D 39 -21.97 -36.61 18.46
CA LEU D 39 -23.27 -36.95 19.01
C LEU D 39 -24.42 -36.39 18.17
N GLY D 40 -24.34 -35.12 17.80
CA GLY D 40 -25.44 -34.50 17.08
C GLY D 40 -25.69 -35.11 15.72
N ASN D 41 -24.62 -35.31 14.94
CA ASN D 41 -24.79 -35.90 13.61
C ASN D 41 -25.28 -37.34 13.71
N ALA D 42 -24.76 -38.10 14.68
CA ALA D 42 -25.22 -39.47 14.85
C ALA D 42 -26.71 -39.51 15.21
N LEU D 43 -27.14 -38.63 16.13
CA LEU D 43 -28.55 -38.58 16.48
C LEU D 43 -29.41 -38.16 15.28
N ARG D 44 -28.95 -37.16 14.53
CA ARG D 44 -29.70 -36.74 13.35
C ARG D 44 -29.86 -37.89 12.37
N ARG D 45 -28.77 -38.60 12.08
CA ARG D 45 -28.84 -39.65 11.08
C ARG D 45 -29.64 -40.85 11.58
N ILE D 46 -29.64 -41.11 12.89
CA ILE D 46 -30.43 -42.25 13.38
C ILE D 46 -31.91 -41.92 13.38
N LEU D 47 -32.29 -40.71 13.79
CA LEU D 47 -33.72 -40.46 13.98
C LEU D 47 -34.39 -39.83 12.78
N LEU D 48 -33.64 -39.25 11.84
CA LEU D 48 -34.25 -38.62 10.67
C LEU D 48 -34.73 -39.61 9.64
N SER D 49 -34.15 -40.82 9.67
CA SER D 49 -34.50 -41.80 8.62
C SER D 49 -34.65 -43.21 9.15
N SER D 50 -34.92 -43.40 10.46
CA SER D 50 -35.18 -44.73 10.99
C SER D 50 -35.87 -44.59 12.35
N MET D 51 -37.16 -44.86 12.38
CA MET D 51 -37.95 -44.77 13.63
C MET D 51 -39.16 -45.68 13.45
N PRO D 52 -39.71 -46.28 14.51
CA PRO D 52 -40.85 -47.14 14.34
C PRO D 52 -42.11 -46.26 14.28
N GLY D 53 -42.40 -45.69 13.12
CA GLY D 53 -43.59 -44.87 13.06
C GLY D 53 -44.68 -45.51 12.22
N CYS D 54 -45.73 -44.73 11.98
CA CYS D 54 -46.86 -45.19 11.18
C CYS D 54 -47.51 -44.00 10.49
N ALA D 55 -47.82 -44.18 9.20
CA ALA D 55 -48.45 -43.12 8.41
C ALA D 55 -49.11 -43.77 7.20
N VAL D 56 -49.75 -42.93 6.39
CA VAL D 56 -50.43 -43.43 5.19
C VAL D 56 -49.41 -43.80 4.12
N THR D 57 -49.81 -44.70 3.24
CA THR D 57 -48.90 -45.18 2.21
C THR D 57 -49.51 -45.18 0.82
N GLU D 58 -50.83 -45.30 0.72
CA GLU D 58 -51.46 -45.47 -0.58
C GLU D 58 -52.96 -45.22 -0.47
N VAL D 59 -53.51 -44.50 -1.45
CA VAL D 59 -54.91 -44.15 -1.49
C VAL D 59 -55.49 -44.60 -2.84
N GLU D 60 -56.78 -44.91 -2.86
CA GLU D 60 -57.48 -45.28 -4.08
C GLU D 60 -58.82 -44.54 -4.11
N ILE D 61 -58.91 -43.54 -4.99
CA ILE D 61 -60.16 -42.80 -5.14
C ILE D 61 -61.15 -43.65 -5.92
N ASP D 62 -62.38 -43.72 -5.42
CA ASP D 62 -63.41 -44.56 -6.04
C ASP D 62 -63.81 -44.06 -7.43
N GLY D 63 -63.53 -42.80 -7.75
CA GLY D 63 -63.95 -42.25 -9.02
C GLY D 63 -62.82 -42.01 -10.00
N VAL D 64 -61.61 -41.79 -9.49
CA VAL D 64 -60.45 -41.43 -10.30
C VAL D 64 -59.46 -42.57 -10.25
N LEU D 65 -58.95 -42.97 -11.42
CA LEU D 65 -57.91 -43.98 -11.52
C LEU D 65 -56.56 -43.43 -11.97
N HIS D 66 -56.57 -42.33 -12.71
CA HIS D 66 -55.36 -41.77 -13.31
C HIS D 66 -54.90 -40.56 -12.51
N GLU D 67 -53.60 -40.47 -12.28
CA GLU D 67 -53.05 -39.52 -11.31
C GLU D 67 -53.26 -38.07 -11.74
N TYR D 68 -53.09 -37.76 -13.03
CA TYR D 68 -53.23 -36.39 -13.52
C TYR D 68 -54.68 -36.18 -13.95
N SER D 69 -55.57 -36.04 -12.96
CA SER D 69 -56.99 -35.86 -13.24
C SER D 69 -57.62 -35.07 -12.09
N THR D 70 -58.83 -34.57 -12.34
CA THR D 70 -59.53 -33.75 -11.37
C THR D 70 -61.00 -34.15 -11.32
N LYS D 71 -61.60 -33.98 -10.15
CA LYS D 71 -63.02 -34.24 -9.93
C LYS D 71 -63.77 -32.92 -9.82
N GLU D 72 -65.07 -32.99 -9.57
CA GLU D 72 -65.93 -31.82 -9.44
C GLU D 72 -66.37 -31.66 -8.00
N GLY D 73 -66.63 -30.41 -7.61
CA GLY D 73 -67.05 -30.07 -6.26
C GLY D 73 -65.92 -29.82 -5.29
N VAL D 74 -64.67 -30.05 -5.69
CA VAL D 74 -63.50 -29.82 -4.86
C VAL D 74 -62.61 -28.80 -5.55
N GLN D 75 -62.17 -27.79 -4.81
CA GLN D 75 -61.22 -26.83 -5.36
C GLN D 75 -59.79 -27.35 -5.31
N GLU D 76 -59.54 -28.44 -4.58
CA GLU D 76 -58.22 -29.03 -4.49
C GLU D 76 -58.15 -30.22 -5.44
N ASP D 77 -57.19 -30.20 -6.34
CA ASP D 77 -56.99 -31.34 -7.24
C ASP D 77 -56.49 -32.54 -6.44
N ILE D 78 -56.60 -33.72 -7.06
CA ILE D 78 -56.07 -34.92 -6.41
C ILE D 78 -54.55 -34.86 -6.31
N LEU D 79 -53.90 -34.01 -7.12
CA LEU D 79 -52.52 -33.66 -6.86
C LEU D 79 -52.38 -33.00 -5.50
N GLU D 80 -53.36 -32.18 -5.12
CA GLU D 80 -53.37 -31.54 -3.81
C GLU D 80 -53.99 -32.40 -2.73
N ILE D 81 -54.95 -33.26 -3.08
CA ILE D 81 -55.57 -34.13 -2.07
C ILE D 81 -54.53 -35.09 -1.50
N LEU D 82 -53.79 -35.77 -2.38
CA LEU D 82 -52.77 -36.70 -1.93
C LEU D 82 -51.64 -36.00 -1.20
N LEU D 83 -51.41 -34.72 -1.47
CA LEU D 83 -50.43 -33.96 -0.71
C LEU D 83 -50.92 -33.63 0.70
N ASN D 84 -52.24 -33.53 0.90
CA ASN D 84 -52.78 -33.27 2.22
C ASN D 84 -52.85 -34.52 3.09
N LEU D 85 -52.61 -35.70 2.53
CA LEU D 85 -52.77 -36.94 3.26
C LEU D 85 -51.48 -37.42 3.90
N LYS D 86 -50.35 -37.30 3.20
CA LYS D 86 -49.09 -37.76 3.77
C LYS D 86 -48.71 -36.99 5.02
N GLY D 87 -49.20 -35.76 5.18
CA GLY D 87 -48.98 -35.02 6.40
C GLY D 87 -49.91 -35.36 7.54
N LEU D 88 -50.97 -36.11 7.26
CA LEU D 88 -51.92 -36.52 8.30
C LEU D 88 -51.22 -37.44 9.28
N ALA D 89 -51.12 -37.02 10.54
CA ALA D 89 -50.41 -37.77 11.56
C ALA D 89 -51.39 -38.68 12.29
N VAL D 90 -51.15 -39.98 12.22
CA VAL D 90 -52.02 -40.99 12.82
C VAL D 90 -51.14 -42.03 13.52
N ARG D 91 -51.54 -42.40 14.73
CA ARG D 91 -50.87 -43.45 15.49
C ARG D 91 -51.83 -44.60 15.71
N VAL D 92 -51.31 -45.83 15.60
CA VAL D 92 -52.10 -47.03 15.82
C VAL D 92 -51.44 -47.89 16.88
N GLN D 93 -52.05 -49.02 17.19
CA GLN D 93 -51.52 -49.97 18.16
C GLN D 93 -50.74 -51.07 17.43
N GLY D 94 -50.42 -52.15 18.14
CA GLY D 94 -49.60 -53.23 17.63
C GLY D 94 -49.93 -53.73 16.24
N LYS D 95 -51.17 -53.54 15.79
CA LYS D 95 -51.56 -53.93 14.44
C LYS D 95 -50.69 -53.22 13.42
N ASP D 96 -50.15 -53.98 12.47
CA ASP D 96 -49.19 -53.44 11.52
C ASP D 96 -49.81 -52.90 10.25
N GLU D 97 -51.12 -53.08 10.05
CA GLU D 97 -51.77 -52.60 8.83
C GLU D 97 -53.27 -52.55 9.05
N VAL D 98 -53.88 -51.43 8.65
CA VAL D 98 -55.33 -51.26 8.72
C VAL D 98 -55.75 -50.30 7.62
N ILE D 99 -56.97 -50.48 7.13
CA ILE D 99 -57.50 -49.71 6.01
C ILE D 99 -58.52 -48.72 6.53
N LEU D 100 -58.30 -47.44 6.24
CA LEU D 100 -59.21 -46.37 6.67
C LEU D 100 -60.09 -45.94 5.51
N THR D 101 -61.38 -45.74 5.79
CA THR D 101 -62.36 -45.30 4.76
C THR D 101 -62.97 -43.96 5.19
N LEU D 102 -62.92 -42.98 4.30
CA LEU D 102 -63.46 -41.65 4.54
C LEU D 102 -64.73 -41.48 3.71
N ASN D 103 -65.82 -41.11 4.36
CA ASN D 103 -67.12 -40.97 3.70
C ASN D 103 -67.83 -39.76 4.28
N LYS D 104 -67.93 -38.70 3.48
CA LYS D 104 -68.59 -37.48 3.91
C LYS D 104 -69.05 -36.72 2.68
N SER D 105 -70.20 -36.06 2.80
CA SER D 105 -70.76 -35.27 1.71
C SER D 105 -71.45 -34.04 2.28
N GLY D 106 -71.06 -32.88 1.80
CA GLY D 106 -71.60 -31.61 2.26
C GLY D 106 -70.57 -30.51 2.11
N ILE D 107 -71.07 -29.31 1.83
CA ILE D 107 -70.18 -28.16 1.64
C ILE D 107 -69.47 -27.84 2.94
N GLY D 108 -68.16 -27.66 2.86
CA GLY D 108 -67.35 -27.43 4.03
C GLY D 108 -66.13 -28.32 4.05
N PRO D 109 -65.07 -27.89 4.75
CA PRO D 109 -63.84 -28.68 4.79
C PRO D 109 -64.09 -30.04 5.43
N VAL D 110 -63.40 -31.06 4.90
CA VAL D 110 -63.47 -32.41 5.43
C VAL D 110 -62.27 -32.56 6.37
N THR D 111 -62.47 -32.22 7.64
CA THR D 111 -61.40 -32.29 8.61
C THR D 111 -61.06 -33.75 8.92
N ALA D 112 -59.93 -33.93 9.63
CA ALA D 112 -59.52 -35.28 10.01
C ALA D 112 -60.50 -35.92 10.99
N ALA D 113 -61.31 -35.12 11.68
CA ALA D 113 -62.29 -35.67 12.63
C ALA D 113 -63.36 -36.49 11.94
N ASP D 114 -63.57 -36.28 10.64
CA ASP D 114 -64.60 -37.02 9.91
C ASP D 114 -64.15 -38.42 9.50
N ILE D 115 -62.89 -38.77 9.74
CA ILE D 115 -62.41 -40.11 9.43
C ILE D 115 -63.11 -41.11 10.33
N THR D 116 -63.56 -42.22 9.74
CA THR D 116 -64.18 -43.29 10.52
C THR D 116 -63.18 -43.86 11.52
N HIS D 117 -63.68 -44.18 12.71
CA HIS D 117 -62.79 -44.64 13.78
C HIS D 117 -62.11 -45.95 13.41
N ASP D 118 -62.85 -46.89 12.84
CA ASP D 118 -62.32 -48.17 12.34
C ASP D 118 -61.63 -48.99 13.43
N GLY D 119 -61.90 -48.69 14.70
CA GLY D 119 -61.29 -49.44 15.79
C GLY D 119 -60.55 -48.59 16.78
N ASP D 120 -59.25 -48.86 16.96
CA ASP D 120 -58.42 -48.16 17.94
C ASP D 120 -57.50 -47.12 17.29
N VAL D 121 -57.78 -46.72 16.05
CA VAL D 121 -56.95 -45.74 15.38
C VAL D 121 -57.09 -44.39 16.07
N GLU D 122 -55.96 -43.76 16.37
CA GLU D 122 -55.93 -42.48 17.06
C GLU D 122 -55.40 -41.40 16.11
N ILE D 123 -56.05 -40.24 16.14
CA ILE D 123 -55.65 -39.08 15.34
C ILE D 123 -55.27 -37.96 16.29
N VAL D 124 -54.11 -37.35 16.05
CA VAL D 124 -53.62 -36.31 16.94
C VAL D 124 -54.04 -34.91 16.51
N LYS D 125 -54.51 -34.73 15.27
CA LYS D 125 -54.92 -33.42 14.76
C LYS D 125 -56.31 -33.56 14.14
N PRO D 126 -57.36 -33.49 14.96
CA PRO D 126 -58.72 -33.58 14.41
C PRO D 126 -59.04 -32.47 13.42
N GLN D 127 -58.46 -31.29 13.61
CA GLN D 127 -58.75 -30.15 12.74
C GLN D 127 -57.99 -30.19 11.42
N HIS D 128 -57.23 -31.26 11.17
CA HIS D 128 -56.45 -31.36 9.94
C HIS D 128 -57.36 -31.41 8.72
N VAL D 129 -57.32 -30.36 7.89
CA VAL D 129 -58.14 -30.33 6.70
C VAL D 129 -57.62 -31.34 5.68
N ILE D 130 -58.54 -31.88 4.88
CA ILE D 130 -58.18 -32.85 3.86
C ILE D 130 -58.50 -32.31 2.48
N CYS D 131 -59.78 -32.02 2.22
CA CYS D 131 -60.20 -31.47 0.95
C CYS D 131 -61.47 -30.66 1.17
N HIS D 132 -61.43 -29.38 0.83
CA HIS D 132 -62.60 -28.53 0.98
C HIS D 132 -63.62 -28.84 -0.10
N LEU D 133 -64.88 -29.03 0.31
CA LEU D 133 -65.96 -29.35 -0.60
C LEU D 133 -66.76 -28.09 -0.91
N THR D 134 -67.04 -27.87 -2.20
CA THR D 134 -67.77 -26.68 -2.63
C THR D 134 -69.16 -26.98 -3.16
N ASP D 135 -69.48 -28.22 -3.50
CA ASP D 135 -70.77 -28.60 -4.03
C ASP D 135 -71.54 -29.42 -3.00
N GLU D 136 -72.81 -29.08 -2.80
CA GLU D 136 -73.64 -29.84 -1.86
C GLU D 136 -73.88 -31.25 -2.37
N ASN D 137 -74.06 -31.42 -3.67
CA ASN D 137 -74.29 -32.73 -4.26
C ASN D 137 -73.02 -33.57 -4.38
N ALA D 138 -71.85 -32.95 -4.24
CA ALA D 138 -70.60 -33.68 -4.35
C ALA D 138 -70.42 -34.62 -3.15
N SER D 139 -69.86 -35.80 -3.41
CA SER D 139 -69.60 -36.78 -2.36
C SER D 139 -68.24 -37.39 -2.62
N ILE D 140 -67.34 -37.26 -1.65
CA ILE D 140 -65.99 -37.78 -1.75
C ILE D 140 -65.89 -39.05 -0.91
N SER D 141 -65.16 -40.04 -1.42
CA SER D 141 -64.96 -41.29 -0.71
C SER D 141 -63.67 -41.92 -1.19
N MET D 142 -62.88 -42.45 -0.25
CA MET D 142 -61.59 -43.03 -0.59
C MET D 142 -61.21 -44.04 0.50
N ARG D 143 -60.12 -44.76 0.24
CA ARG D 143 -59.57 -45.73 1.17
C ARG D 143 -58.13 -45.35 1.48
N ILE D 144 -57.77 -45.38 2.75
CA ILE D 144 -56.45 -44.98 3.21
C ILE D 144 -55.72 -46.19 3.76
N LYS D 145 -54.52 -46.43 3.26
CA LYS D 145 -53.69 -47.56 3.69
C LYS D 145 -52.55 -47.05 4.55
N VAL D 146 -52.36 -47.68 5.71
CA VAL D 146 -51.29 -47.31 6.63
C VAL D 146 -50.51 -48.55 7.01
N GLN D 147 -49.24 -48.35 7.37
CA GLN D 147 -48.36 -49.45 7.76
C GLN D 147 -47.39 -48.94 8.82
N ARG D 148 -46.74 -49.88 9.50
CA ARG D 148 -45.74 -49.59 10.52
C ARG D 148 -44.37 -49.77 9.90
N GLY D 149 -43.87 -48.73 9.23
CA GLY D 149 -42.55 -48.85 8.60
C GLY D 149 -41.49 -48.07 9.35
N ARG D 150 -40.43 -47.70 8.65
CA ARG D 150 -39.34 -46.89 9.22
C ARG D 150 -38.85 -45.93 8.14
N GLY D 151 -38.11 -44.90 8.53
CA GLY D 151 -37.56 -43.95 7.56
C GLY D 151 -38.64 -43.23 6.76
N TYR D 152 -38.32 -42.92 5.51
CA TYR D 152 -39.22 -42.19 4.59
C TYR D 152 -39.07 -42.85 3.22
N VAL D 153 -40.03 -43.70 2.87
CA VAL D 153 -40.03 -44.53 1.67
C VAL D 153 -40.75 -43.79 0.54
N PRO D 154 -40.01 -43.09 -0.31
CA PRO D 154 -40.66 -42.34 -1.40
C PRO D 154 -41.34 -43.26 -2.40
N ALA D 155 -42.38 -42.74 -3.04
CA ALA D 155 -43.11 -43.50 -4.04
C ALA D 155 -42.37 -43.61 -5.37
N SER D 156 -41.38 -42.75 -5.60
CA SER D 156 -40.63 -42.80 -6.87
C SER D 156 -39.87 -44.11 -7.00
N THR D 157 -39.45 -44.70 -5.88
CA THR D 157 -38.72 -45.96 -5.90
C THR D 157 -39.64 -47.17 -5.93
N ARG D 158 -40.96 -46.97 -5.91
CA ARG D 158 -41.91 -48.08 -5.97
C ARG D 158 -42.68 -48.07 -7.29
N ARG D 170 -55.37 -46.74 -8.10
CA ARG D 170 -54.09 -46.96 -7.43
C ARG D 170 -53.26 -45.68 -7.45
N LEU D 171 -53.17 -45.02 -6.29
CA LEU D 171 -52.36 -43.82 -6.13
C LEU D 171 -51.25 -44.11 -5.14
N LEU D 172 -50.02 -43.81 -5.53
CA LEU D 172 -48.86 -44.00 -4.67
C LEU D 172 -48.50 -42.66 -4.04
N VAL D 173 -48.47 -42.62 -2.71
CA VAL D 173 -48.15 -41.42 -1.96
C VAL D 173 -46.99 -41.73 -1.03
N ASP D 174 -46.02 -40.81 -0.96
CA ASP D 174 -44.86 -41.01 -0.11
C ASP D 174 -45.27 -41.21 1.34
N ALA D 175 -44.69 -42.22 1.97
CA ALA D 175 -44.98 -42.57 3.36
C ALA D 175 -43.94 -41.94 4.27
N CYS D 176 -44.40 -41.20 5.27
CA CYS D 176 -43.53 -40.55 6.25
C CYS D 176 -43.77 -41.24 7.60
N TYR D 177 -43.10 -42.36 7.83
CA TYR D 177 -43.34 -43.07 9.11
C TYR D 177 -42.68 -42.33 10.27
N SER D 178 -41.45 -41.89 10.11
CA SER D 178 -40.75 -41.29 11.23
C SER D 178 -41.49 -40.04 11.69
N PRO D 179 -41.87 -39.95 12.96
CA PRO D 179 -42.64 -38.79 13.43
C PRO D 179 -41.89 -37.48 13.35
N VAL D 180 -40.56 -37.51 13.31
CA VAL D 180 -39.78 -36.30 13.25
C VAL D 180 -40.01 -35.59 11.93
N GLU D 181 -40.09 -34.26 11.97
CA GLU D 181 -40.27 -33.46 10.77
C GLU D 181 -39.07 -32.60 10.42
N ARG D 182 -38.22 -32.26 11.39
CA ARG D 182 -37.07 -31.42 11.11
C ARG D 182 -36.05 -31.60 12.22
N ILE D 183 -34.77 -31.66 11.84
CA ILE D 183 -33.68 -31.80 12.79
C ILE D 183 -32.57 -30.82 12.41
N ALA D 184 -32.04 -30.13 13.41
CA ALA D 184 -30.91 -29.23 13.19
C ALA D 184 -30.13 -29.11 14.49
N TYR D 185 -28.89 -29.56 14.49
CA TYR D 185 -28.02 -29.38 15.63
C TYR D 185 -27.03 -28.26 15.37
N ASN D 186 -26.46 -27.73 16.44
CA ASN D 186 -25.43 -26.71 16.37
C ASN D 186 -24.39 -26.99 17.43
N VAL D 187 -23.22 -26.36 17.28
CA VAL D 187 -22.14 -26.51 18.24
C VAL D 187 -21.45 -25.15 18.38
N GLU D 188 -21.36 -24.65 19.60
CA GLU D 188 -20.64 -23.42 19.90
C GLU D 188 -19.75 -23.65 21.11
N ALA D 189 -18.71 -22.84 21.22
CA ALA D 189 -17.77 -22.96 22.33
C ALA D 189 -18.47 -22.69 23.66
N ALA D 190 -18.22 -23.55 24.63
CA ALA D 190 -18.73 -23.37 25.99
C ALA D 190 -17.60 -23.71 26.95
N ARG D 191 -16.82 -22.69 27.31
CA ARG D 191 -15.74 -22.89 28.25
C ARG D 191 -16.31 -23.19 29.63
N VAL D 192 -15.69 -24.14 30.34
CA VAL D 192 -16.15 -24.40 31.73
C VAL D 192 -15.23 -23.60 32.67
N GLU D 193 -15.60 -22.35 32.94
CA GLU D 193 -14.80 -21.52 33.89
C GLU D 193 -13.37 -21.43 33.36
N GLN D 194 -12.39 -21.75 34.20
CA GLN D 194 -10.96 -21.64 33.80
C GLN D 194 -10.72 -22.59 32.62
N ARG D 195 -11.33 -23.77 32.63
CA ARG D 195 -11.07 -24.77 31.56
C ARG D 195 -11.52 -24.20 30.21
N THR D 196 -10.77 -24.51 29.14
CA THR D 196 -11.05 -23.94 27.79
C THR D 196 -12.37 -24.46 27.23
N ASP D 197 -13.01 -23.65 26.37
CA ASP D 197 -14.34 -24.01 25.81
C ASP D 197 -14.24 -25.27 24.95
N LEU D 198 -15.25 -26.13 25.02
CA LEU D 198 -15.27 -27.37 24.21
C LEU D 198 -16.47 -27.33 23.27
N ASP D 199 -17.46 -28.20 23.49
CA ASP D 199 -18.63 -28.25 22.64
C ASP D 199 -19.89 -28.06 23.46
N LYS D 200 -20.83 -27.28 22.92
CA LYS D 200 -22.12 -26.98 23.56
C LYS D 200 -23.20 -27.37 22.56
N LEU D 201 -23.59 -28.64 22.58
CA LEU D 201 -24.59 -29.13 21.64
C LEU D 201 -25.94 -28.49 21.92
N VAL D 202 -26.63 -28.09 20.86
CA VAL D 202 -28.01 -27.65 20.95
C VAL D 202 -28.80 -28.28 19.81
N ILE D 203 -29.93 -28.89 20.15
CA ILE D 203 -30.74 -29.65 19.20
C ILE D 203 -32.14 -29.06 19.20
N GLU D 204 -32.68 -28.78 18.01
CA GLU D 204 -34.05 -28.30 17.87
C GLU D 204 -34.84 -29.33 17.09
N MET D 205 -35.81 -29.95 17.75
CA MET D 205 -36.64 -31.00 17.17
C MET D 205 -38.01 -30.44 16.81
N GLU D 206 -38.59 -30.96 15.73
CA GLU D 206 -39.96 -30.68 15.35
C GLU D 206 -40.63 -31.98 14.95
N THR D 207 -41.77 -32.27 15.56
CA THR D 207 -42.43 -33.56 15.39
C THR D 207 -43.86 -33.35 14.91
N ASN D 208 -44.34 -34.31 14.09
CA ASN D 208 -45.70 -34.22 13.57
C ASN D 208 -46.72 -34.07 14.68
N GLY D 209 -46.51 -34.75 15.81
CA GLY D 209 -47.38 -34.55 16.95
C GLY D 209 -47.72 -35.81 17.74
N THR D 210 -47.37 -36.98 17.20
CA THR D 210 -47.70 -38.22 17.90
C THR D 210 -46.98 -38.31 19.24
N ILE D 211 -45.70 -37.92 19.28
CA ILE D 211 -44.90 -38.00 20.48
C ILE D 211 -44.13 -36.71 20.67
N ASP D 212 -43.92 -36.33 21.93
CA ASP D 212 -43.22 -35.10 22.25
C ASP D 212 -41.76 -35.18 21.81
N PRO D 213 -41.12 -34.04 21.57
CA PRO D 213 -39.70 -34.07 21.17
C PRO D 213 -38.80 -34.73 22.21
N GLU D 214 -39.09 -34.54 23.50
CA GLU D 214 -38.27 -35.16 24.53
C GLU D 214 -38.33 -36.68 24.43
N GLU D 215 -39.54 -37.23 24.28
CA GLU D 215 -39.66 -38.68 24.09
C GLU D 215 -39.02 -39.11 22.78
N ALA D 216 -39.08 -38.27 21.75
CA ALA D 216 -38.44 -38.61 20.48
C ALA D 216 -36.95 -38.78 20.65
N ILE D 217 -36.30 -37.85 21.35
CA ILE D 217 -34.86 -37.98 21.57
C ILE D 217 -34.55 -39.15 22.48
N ARG D 218 -35.33 -39.32 23.55
CA ARG D 218 -35.05 -40.41 24.49
C ARG D 218 -35.37 -41.78 23.91
N ARG D 219 -36.08 -41.85 22.78
CA ARG D 219 -36.22 -43.10 22.06
C ARG D 219 -35.21 -43.24 20.94
N ALA D 220 -34.74 -42.14 20.35
CA ALA D 220 -33.71 -42.23 19.33
C ALA D 220 -32.35 -42.57 19.92
N ALA D 221 -32.09 -42.15 21.15
CA ALA D 221 -30.83 -42.50 21.80
C ALA D 221 -30.83 -43.95 22.28
N THR D 222 -32.00 -44.50 22.63
CA THR D 222 -32.05 -45.91 23.02
C THR D 222 -31.60 -46.80 21.88
N ILE D 223 -32.04 -46.51 20.66
CA ILE D 223 -31.68 -47.35 19.52
C ILE D 223 -30.16 -47.36 19.32
N LEU D 224 -29.54 -46.18 19.36
CA LEU D 224 -28.11 -46.11 19.15
C LEU D 224 -27.34 -46.79 20.28
N ALA D 225 -27.69 -46.47 21.54
CA ALA D 225 -26.97 -47.06 22.66
C ALA D 225 -27.25 -48.56 22.79
N GLU D 226 -28.31 -49.05 22.16
CA GLU D 226 -28.61 -50.47 22.12
C GLU D 226 -27.93 -51.17 20.96
N GLN D 227 -27.60 -50.43 19.90
CA GLN D 227 -26.78 -50.99 18.83
C GLN D 227 -25.42 -51.42 19.35
N LEU D 228 -24.78 -50.55 20.14
CA LEU D 228 -23.49 -50.86 20.75
C LEU D 228 -23.73 -51.64 22.03
N GLU D 229 -24.05 -52.91 21.88
CA GLU D 229 -24.20 -53.80 23.02
C GLU D 229 -23.18 -54.91 23.08
N ALA D 230 -22.51 -55.23 21.98
CA ALA D 230 -21.46 -56.24 21.97
C ALA D 230 -20.07 -55.64 22.16
N PHE D 231 -19.97 -54.32 22.33
CA PHE D 231 -18.69 -53.63 22.50
C PHE D 231 -18.74 -52.68 23.69
N VAL D 232 -19.20 -53.16 24.83
CA VAL D 232 -19.36 -52.28 25.99
C VAL D 232 -18.50 -52.74 27.15
N ASP D 233 -17.40 -53.45 26.86
CA ASP D 233 -16.43 -53.89 27.87
C ASP D 233 -17.07 -54.71 28.98
N ALA E 2 -30.44 -7.94 27.34
CA ALA E 2 -29.56 -7.17 26.48
C ALA E 2 -30.27 -6.75 25.21
N ARG E 3 -29.99 -5.54 24.73
CA ARG E 3 -30.57 -5.04 23.50
C ARG E 3 -29.49 -4.83 22.46
N VAL E 4 -29.80 -5.24 21.22
CA VAL E 4 -28.88 -5.10 20.10
C VAL E 4 -29.37 -4.04 19.11
N THR E 5 -30.67 -3.99 18.85
CA THR E 5 -31.27 -2.98 17.98
C THR E 5 -32.06 -2.02 18.86
N VAL E 6 -31.76 -0.74 18.74
CA VAL E 6 -32.39 0.27 19.59
C VAL E 6 -33.49 1.02 18.84
N GLN E 7 -33.94 0.49 17.70
CA GLN E 7 -34.93 1.20 16.90
C GLN E 7 -36.24 1.39 17.65
N ASP E 8 -36.58 0.46 18.56
CA ASP E 8 -37.80 0.62 19.34
C ASP E 8 -37.72 1.85 20.24
N ALA E 9 -36.55 2.13 20.80
CA ALA E 9 -36.39 3.27 21.70
C ALA E 9 -36.52 4.59 20.96
N VAL E 10 -35.83 4.73 19.82
CA VAL E 10 -35.80 6.00 19.10
C VAL E 10 -37.16 6.40 18.55
N GLU E 11 -38.14 5.51 18.55
CA GLU E 11 -39.50 5.92 18.21
C GLU E 11 -40.12 6.73 19.34
N LYS E 12 -39.78 6.40 20.58
CA LYS E 12 -40.27 7.18 21.72
C LYS E 12 -39.59 8.53 21.79
N ILE E 13 -38.28 8.56 21.55
CA ILE E 13 -37.51 9.81 21.52
C ILE E 13 -37.01 9.97 20.11
N GLY E 14 -37.68 10.84 19.35
CA GLY E 14 -37.51 10.85 17.90
C GLY E 14 -36.12 11.22 17.44
N ASN E 15 -35.46 12.12 18.17
CA ASN E 15 -34.20 12.68 17.68
C ASN E 15 -33.12 11.62 17.53
N ARG E 16 -33.02 10.70 18.51
CA ARG E 16 -31.99 9.68 18.63
C ARG E 16 -30.66 10.30 19.04
N PHE E 17 -30.59 11.63 19.01
CA PHE E 17 -29.59 12.36 19.75
C PHE E 17 -30.11 12.77 21.12
N ASP E 18 -31.41 13.04 21.20
CA ASP E 18 -32.06 13.23 22.50
C ASP E 18 -32.13 11.93 23.28
N LEU E 19 -32.12 10.79 22.59
CA LEU E 19 -32.20 9.51 23.28
C LEU E 19 -30.98 9.26 24.16
N VAL E 20 -29.78 9.55 23.64
CA VAL E 20 -28.57 9.33 24.43
C VAL E 20 -28.55 10.25 25.64
N LEU E 21 -28.91 11.52 25.45
CA LEU E 21 -28.89 12.46 26.56
C LEU E 21 -29.97 12.16 27.58
N VAL E 22 -31.09 11.58 27.16
CA VAL E 22 -32.15 11.25 28.11
C VAL E 22 -31.91 9.89 28.77
N ALA E 23 -31.04 9.07 28.21
CA ALA E 23 -30.69 7.80 28.84
C ALA E 23 -29.47 7.92 29.74
N ALA E 24 -28.57 8.87 29.46
CA ALA E 24 -27.41 9.06 30.32
C ALA E 24 -27.83 9.50 31.72
N ARG E 25 -28.80 10.40 31.81
CA ARG E 25 -29.28 10.84 33.12
C ARG E 25 -29.89 9.68 33.90
N ARG E 26 -30.68 8.84 33.23
CA ARG E 26 -31.27 7.68 33.89
C ARG E 26 -30.19 6.72 34.39
N ALA E 27 -29.08 6.53 33.54
CA ALA E 27 -28.01 5.66 33.95
C ALA E 27 -27.21 6.24 35.11
N ARG E 28 -27.03 7.57 35.12
CA ARG E 28 -26.37 8.21 36.25
C ARG E 28 -27.19 8.07 37.52
N GLN E 29 -28.50 8.27 37.43
CA GLN E 29 -29.36 8.10 38.59
C GLN E 29 -29.39 6.66 39.07
N MET E 30 -28.91 5.72 38.25
CA MET E 30 -28.76 4.35 38.73
C MET E 30 -27.35 3.99 39.20
N GLN E 31 -26.32 4.71 38.77
CA GLN E 31 -24.96 4.40 39.22
C GLN E 31 -24.57 5.22 40.45
N VAL E 32 -24.60 6.54 40.34
CA VAL E 32 -24.28 7.39 41.49
C VAL E 32 -25.47 7.50 42.43
N GLY E 33 -26.60 7.97 41.91
CA GLY E 33 -27.80 8.06 42.73
C GLY E 33 -28.28 6.68 43.14
N GLY E 34 -28.90 6.63 44.31
CA GLY E 34 -29.33 5.37 44.88
C GLY E 34 -30.65 4.82 44.40
N LYS E 35 -31.29 5.48 43.44
CA LYS E 35 -32.60 5.04 42.99
C LYS E 35 -32.50 3.69 42.28
N ASP E 36 -33.60 2.94 42.33
CA ASP E 36 -33.75 1.59 41.81
C ASP E 36 -34.49 1.61 40.47
N PRO E 37 -34.13 0.72 39.56
CA PRO E 37 -34.82 0.69 38.26
C PRO E 37 -36.24 0.17 38.39
N LEU E 38 -37.15 0.80 37.65
CA LEU E 38 -38.54 0.33 37.63
C LEU E 38 -38.70 -0.94 36.82
N VAL E 39 -37.93 -1.10 35.76
CA VAL E 39 -37.93 -2.36 35.01
C VAL E 39 -37.32 -3.46 35.86
N PRO E 40 -37.82 -4.70 35.80
CA PRO E 40 -37.17 -5.79 36.54
C PRO E 40 -35.74 -6.02 36.06
N GLU E 41 -34.77 -5.69 36.89
CA GLU E 41 -33.37 -5.86 36.53
C GLU E 41 -33.02 -7.35 36.43
N GLU E 42 -32.22 -7.70 35.44
CA GLU E 42 -31.78 -9.10 35.29
C GLU E 42 -30.38 -9.08 34.70
N ASN E 43 -29.37 -9.07 35.58
CA ASN E 43 -27.98 -9.33 35.20
C ASN E 43 -27.42 -8.20 34.32
N ASP E 44 -28.30 -7.29 33.90
CA ASP E 44 -27.89 -6.26 32.95
C ASP E 44 -27.16 -5.13 33.64
N LYS E 45 -26.26 -4.49 32.90
CA LYS E 45 -25.53 -3.34 33.43
C LYS E 45 -26.48 -2.16 33.58
N THR E 46 -25.95 -1.07 34.11
CA THR E 46 -26.76 0.12 34.38
C THR E 46 -26.90 1.03 33.17
N THR E 47 -26.34 0.66 32.02
CA THR E 47 -26.43 1.49 30.83
C THR E 47 -27.46 1.00 29.81
N VAL E 48 -27.81 -0.29 29.84
CA VAL E 48 -28.89 -0.79 29.00
C VAL E 48 -30.22 -0.85 29.73
N ILE E 49 -30.21 -0.75 31.06
CA ILE E 49 -31.46 -0.69 31.80
C ILE E 49 -32.24 0.57 31.44
N ALA E 50 -31.52 1.69 31.24
CA ALA E 50 -32.18 2.91 30.83
C ALA E 50 -32.86 2.76 29.47
N LEU E 51 -32.16 2.13 28.52
CA LEU E 51 -32.77 1.90 27.21
C LEU E 51 -33.97 0.97 27.32
N ARG E 52 -33.88 -0.05 28.19
CA ARG E 52 -35.03 -0.93 28.40
C ARG E 52 -36.22 -0.17 28.97
N GLU E 53 -35.98 0.72 29.93
CA GLU E 53 -37.06 1.54 30.48
C GLU E 53 -37.68 2.41 29.40
N ILE E 54 -36.84 3.03 28.57
CA ILE E 54 -37.35 3.90 27.51
C ILE E 54 -38.18 3.10 26.52
N GLU E 55 -37.78 1.86 26.25
CA GLU E 55 -38.55 1.02 25.34
C GLU E 55 -39.95 0.75 25.88
N GLU E 56 -40.06 0.53 27.18
CA GLU E 56 -41.36 0.31 27.80
C GLU E 56 -42.22 1.57 27.87
N GLY E 57 -41.65 2.73 27.56
CA GLY E 57 -42.37 3.98 27.69
C GLY E 57 -42.47 4.49 29.11
N LEU E 58 -41.70 3.93 30.03
CA LEU E 58 -41.73 4.36 31.43
C LEU E 58 -40.89 5.61 31.69
N ILE E 59 -40.01 5.98 30.75
CA ILE E 59 -39.11 7.11 30.94
C ILE E 59 -39.06 7.92 29.64
N ASN E 60 -39.11 9.24 29.77
CA ASN E 60 -38.87 10.15 28.66
C ASN E 60 -38.25 11.42 29.23
N ASN E 61 -38.15 12.46 28.40
CA ASN E 61 -37.52 13.69 28.83
C ASN E 61 -38.37 14.49 29.82
N GLN E 62 -39.63 14.12 30.00
CA GLN E 62 -40.52 14.83 30.91
C GLN E 62 -40.66 14.14 32.26
N ILE E 63 -40.70 12.79 32.26
CA ILE E 63 -40.94 12.06 33.49
C ILE E 63 -39.80 12.24 34.47
N LEU E 64 -38.55 12.19 33.99
CA LEU E 64 -37.41 12.33 34.90
C LEU E 64 -37.32 13.76 35.43
N ASP E 65 -37.69 14.75 34.62
CA ASP E 65 -37.72 16.13 35.12
C ASP E 65 -38.79 16.29 36.18
N VAL E 66 -39.96 15.68 35.98
CA VAL E 66 -41.01 15.73 37.01
C VAL E 66 -40.53 15.05 38.28
N ARG E 67 -39.84 13.92 38.15
CA ARG E 67 -39.33 13.21 39.33
C ARG E 67 -38.31 14.04 40.08
N GLU E 68 -37.40 14.71 39.36
CA GLU E 68 -36.41 15.54 40.05
C GLU E 68 -37.06 16.77 40.68
N ARG E 69 -38.12 17.31 40.06
CA ARG E 69 -38.87 18.39 40.70
C ARG E 69 -39.52 17.90 41.99
N GLN E 70 -40.06 16.68 41.98
CA GLN E 70 -40.63 16.12 43.19
C GLN E 70 -39.56 15.91 44.26
N GLU E 71 -38.37 15.49 43.85
CA GLU E 71 -37.26 15.38 44.80
C GLU E 71 -36.92 16.74 45.41
N GLN E 72 -36.91 17.79 44.58
CA GLN E 72 -36.67 19.13 45.07
C GLN E 72 -37.73 19.54 46.08
N GLN E 73 -39.00 19.25 45.78
CA GLN E 73 -40.07 19.59 46.71
C GLN E 73 -39.94 18.82 48.02
N GLU E 74 -39.57 17.53 47.94
CA GLU E 74 -39.39 16.74 49.16
C GLU E 74 -38.25 17.29 50.00
N GLN E 75 -37.16 17.72 49.35
CA GLN E 75 -36.06 18.36 50.08
C GLN E 75 -36.53 19.66 50.72
N GLU E 76 -37.37 20.41 50.02
CA GLU E 76 -37.94 21.64 50.60
C GLU E 76 -38.80 21.32 51.81
N ALA E 77 -39.49 20.17 51.81
CA ALA E 77 -40.31 19.79 52.95
C ALA E 77 -39.46 19.59 54.20
N ALA E 78 -38.29 18.95 54.05
CA ALA E 78 -37.41 18.74 55.19
C ALA E 78 -36.75 20.03 55.68
N GLU E 79 -36.66 21.05 54.82
CA GLU E 79 -36.05 22.31 55.22
C GLU E 79 -36.87 23.03 56.28
N LEU E 80 -38.19 22.87 56.26
CA LEU E 80 -39.10 23.47 57.23
C LEU E 80 -38.93 24.98 57.30
N VAL G 1 28.19 -38.50 -15.77
CA VAL G 1 28.72 -38.82 -14.45
C VAL G 1 27.98 -37.99 -13.41
N TYR G 2 28.09 -38.41 -12.15
CA TYR G 2 27.40 -37.72 -11.06
C TYR G 2 28.22 -37.81 -9.79
N SER G 3 28.31 -36.69 -9.07
CA SER G 3 29.04 -36.66 -7.81
C SER G 3 28.31 -37.50 -6.77
N TYR G 4 29.03 -37.84 -5.70
CA TYR G 4 28.47 -38.73 -4.68
C TYR G 4 27.23 -38.12 -4.03
N THR G 5 27.30 -36.84 -3.65
CA THR G 5 26.12 -36.19 -3.09
C THR G 5 25.02 -36.02 -4.13
N GLU G 6 25.40 -35.82 -5.39
CA GLU G 6 24.39 -35.78 -6.45
C GLU G 6 23.67 -37.12 -6.56
N LYS G 7 24.35 -38.23 -6.28
CA LYS G 7 23.72 -39.53 -6.32
C LYS G 7 22.81 -39.78 -5.12
N LYS G 8 22.93 -38.99 -4.06
CA LYS G 8 22.13 -39.22 -2.87
C LYS G 8 20.66 -38.93 -3.13
N ARG G 9 20.36 -37.77 -3.71
CA ARG G 9 18.99 -37.42 -4.08
C ARG G 9 19.06 -36.65 -5.39
N ILE G 10 18.94 -37.38 -6.50
CA ILE G 10 18.99 -36.78 -7.82
C ILE G 10 17.57 -36.38 -8.22
N ARG G 11 17.43 -35.16 -8.69
CA ARG G 11 16.12 -34.54 -8.88
C ARG G 11 15.64 -34.73 -10.31
N LYS G 12 14.44 -35.31 -10.45
CA LYS G 12 13.81 -35.38 -11.76
C LYS G 12 13.68 -33.99 -12.35
N ASP G 13 14.14 -33.82 -13.58
CA ASP G 13 14.25 -32.50 -14.19
C ASP G 13 13.40 -32.44 -15.45
N PHE G 14 12.62 -31.37 -15.57
CA PHE G 14 11.91 -31.05 -16.79
C PHE G 14 12.70 -30.02 -17.59
N GLY G 15 12.29 -29.81 -18.83
CA GLY G 15 12.96 -28.85 -19.67
C GLY G 15 13.52 -29.45 -20.93
N LYS G 16 13.39 -28.73 -22.05
CA LYS G 16 13.81 -29.23 -23.34
C LYS G 16 14.99 -28.48 -23.93
N ARG G 17 15.24 -27.25 -23.49
CA ARG G 17 16.29 -26.42 -24.06
C ARG G 17 17.60 -26.69 -23.35
N PRO G 18 18.65 -27.12 -24.06
CA PRO G 18 19.92 -27.44 -23.39
C PRO G 18 20.72 -26.18 -23.14
N GLN G 19 20.96 -25.87 -21.86
CA GLN G 19 21.73 -24.70 -21.51
C GLN G 19 23.20 -24.92 -21.86
N VAL G 20 23.90 -23.81 -22.08
CA VAL G 20 25.30 -23.83 -22.49
C VAL G 20 26.21 -23.25 -21.41
N LEU G 21 25.78 -22.19 -20.74
CA LEU G 21 26.60 -21.48 -19.76
C LEU G 21 26.02 -21.69 -18.37
N ASP G 22 26.86 -22.19 -17.46
CA ASP G 22 26.43 -22.34 -16.07
C ASP G 22 26.31 -20.97 -15.41
N VAL G 23 25.39 -20.87 -14.45
CA VAL G 23 25.15 -19.59 -13.79
C VAL G 23 26.40 -19.19 -13.02
N PRO G 24 26.84 -17.94 -13.10
CA PRO G 24 28.09 -17.55 -12.43
C PRO G 24 27.88 -17.44 -10.92
N TYR G 25 29.00 -17.34 -10.22
CA TYR G 25 28.98 -17.10 -8.78
C TYR G 25 28.14 -15.87 -8.49
N LEU G 26 27.05 -16.07 -7.75
CA LEU G 26 26.04 -15.02 -7.61
C LEU G 26 26.61 -13.76 -6.99
N LEU G 27 27.47 -13.91 -5.98
CA LEU G 27 28.01 -12.77 -5.27
C LEU G 27 29.22 -12.15 -5.96
N SER G 28 29.57 -12.61 -7.15
CA SER G 28 30.78 -12.11 -7.81
C SER G 28 30.69 -10.66 -8.24
N ILE G 29 29.61 -9.94 -7.94
CA ILE G 29 29.58 -8.51 -8.24
C ILE G 29 30.25 -7.71 -7.14
N GLN G 30 30.13 -8.15 -5.89
CA GLN G 30 30.69 -7.41 -4.76
C GLN G 30 32.13 -7.81 -4.47
N LEU G 31 32.41 -9.12 -4.46
CA LEU G 31 33.74 -9.60 -4.11
C LEU G 31 34.80 -9.06 -5.08
N ASP G 32 34.54 -9.19 -6.38
CA ASP G 32 35.49 -8.71 -7.38
C ASP G 32 35.64 -7.19 -7.33
N SER G 33 34.52 -6.49 -7.16
CA SER G 33 34.56 -5.03 -7.10
C SER G 33 35.42 -4.56 -5.93
N PHE G 34 35.27 -5.19 -4.76
CA PHE G 34 36.14 -4.83 -3.65
C PHE G 34 37.56 -5.32 -3.86
N GLN G 35 37.74 -6.42 -4.59
CA GLN G 35 39.08 -6.89 -4.90
C GLN G 35 39.86 -5.89 -5.72
N LYS G 36 39.18 -5.03 -6.48
CA LYS G 36 39.86 -3.97 -7.22
C LYS G 36 40.05 -2.69 -6.39
N PHE G 37 39.82 -2.74 -5.08
CA PHE G 37 39.97 -1.56 -4.24
C PHE G 37 41.09 -1.66 -3.22
N ILE G 38 41.51 -2.87 -2.85
CA ILE G 38 42.63 -3.05 -1.94
C ILE G 38 43.79 -3.81 -2.57
N GLU G 39 43.58 -4.55 -3.65
CA GLU G 39 44.67 -5.29 -4.26
C GLU G 39 45.62 -4.33 -4.99
N GLN G 40 46.90 -4.70 -4.98
CA GLN G 40 47.92 -3.86 -5.58
C GLN G 40 47.77 -3.81 -7.08
N ASP G 41 47.82 -2.61 -7.65
CA ASP G 41 47.77 -2.40 -9.10
C ASP G 41 49.02 -1.67 -9.54
N PRO G 42 50.03 -2.36 -10.15
CA PRO G 42 51.20 -1.65 -10.69
C PRO G 42 50.61 -0.67 -11.71
N GLU G 43 49.46 -1.02 -12.29
CA GLU G 43 48.76 -0.10 -13.24
C GLU G 43 48.38 1.16 -12.47
N GLY G 44 47.97 1.00 -11.22
CA GLY G 44 47.51 2.16 -10.42
C GLY G 44 46.32 2.84 -11.07
N GLN G 45 45.40 2.07 -11.63
CA GLN G 45 44.14 2.65 -12.18
C GLN G 45 42.97 2.07 -11.38
N TYR G 46 42.06 2.91 -10.88
CA TYR G 46 40.87 2.45 -10.11
C TYR G 46 41.35 1.60 -8.92
N GLY G 47 42.47 2.00 -8.30
CA GLY G 47 43.04 1.21 -7.20
C GLY G 47 43.47 2.08 -6.04
N LEU G 48 43.53 1.52 -4.82
CA LEU G 48 44.06 2.31 -3.67
C LEU G 48 45.28 3.09 -4.16
N GLU G 49 46.04 2.53 -5.11
CA GLU G 49 47.20 3.21 -5.64
C GLU G 49 46.80 4.37 -6.54
N ALA G 50 45.75 4.18 -7.34
CA ALA G 50 45.23 5.28 -8.16
C ALA G 50 44.62 6.38 -7.31
N ALA G 51 44.26 6.09 -6.06
CA ALA G 51 43.78 7.13 -5.17
C ALA G 51 44.95 7.87 -4.52
N PHE G 52 46.01 7.15 -4.17
CA PHE G 52 47.20 7.81 -3.62
C PHE G 52 47.84 8.72 -4.65
N ARG G 53 48.11 8.18 -5.84
CA ARG G 53 48.84 8.95 -6.88
C ARG G 53 48.42 10.43 -6.87
N SER G 54 47.13 10.73 -7.05
CA SER G 54 46.69 12.15 -7.20
C SER G 54 46.96 13.00 -5.95
N VAL G 55 46.73 12.46 -4.75
CA VAL G 55 46.84 13.32 -3.52
C VAL G 55 48.26 13.29 -2.94
N PHE G 56 49.17 12.50 -3.50
CA PHE G 56 50.52 12.34 -2.87
C PHE G 56 51.65 13.24 -3.41
N PRO G 57 51.48 14.22 -4.32
CA PRO G 57 52.63 14.99 -4.82
C PRO G 57 53.31 15.79 -3.69
N ILE G 58 52.52 16.39 -2.79
CA ILE G 58 53.06 17.11 -1.60
C ILE G 58 54.16 18.12 -1.99
N GLN G 59 53.78 19.38 -2.24
CA GLN G 59 54.77 20.42 -2.51
C GLN G 59 54.42 21.66 -1.71
N SER G 60 55.27 22.00 -0.75
CA SER G 60 55.14 23.27 -0.05
C SER G 60 55.35 24.40 -1.05
N TYR G 61 54.45 25.38 -1.05
CA TYR G 61 54.51 26.46 -2.03
C TYR G 61 55.83 27.20 -1.92
N SER G 62 56.68 27.06 -2.94
CA SER G 62 58.01 27.64 -3.00
C SER G 62 58.90 27.19 -1.83
N GLY G 63 58.49 26.16 -1.10
CA GLY G 63 59.23 25.67 0.04
C GLY G 63 60.26 24.61 -0.26
N ASN G 64 60.41 24.22 -1.52
CA ASN G 64 61.39 23.24 -1.98
C ASN G 64 61.38 21.96 -1.15
N SER G 65 60.25 21.66 -0.50
CA SER G 65 60.09 20.46 0.30
C SER G 65 59.11 19.52 -0.39
N GLU G 66 59.54 18.28 -0.59
CA GLU G 66 58.76 17.32 -1.35
C GLU G 66 58.60 16.02 -0.57
N LEU G 67 57.44 15.40 -0.73
CA LEU G 67 57.15 14.11 -0.13
C LEU G 67 56.36 13.29 -1.15
N GLN G 68 56.78 12.04 -1.37
CA GLN G 68 56.17 11.21 -2.40
C GLN G 68 55.79 9.86 -1.83
N TYR G 69 54.63 9.36 -2.26
CA TYR G 69 54.21 8.02 -1.92
C TYR G 69 55.00 7.00 -2.75
N VAL G 70 55.38 5.89 -2.11
CA VAL G 70 56.17 4.85 -2.75
C VAL G 70 55.47 3.49 -2.70
N SER G 71 55.07 3.06 -1.50
CA SER G 71 54.45 1.75 -1.37
C SER G 71 53.53 1.74 -0.16
N TYR G 72 52.62 0.78 -0.16
CA TYR G 72 51.65 0.63 0.93
C TYR G 72 51.33 -0.85 1.09
N ARG G 73 50.86 -1.20 2.28
CA ARG G 73 50.44 -2.58 2.54
C ARG G 73 49.48 -2.58 3.72
N LEU G 74 48.67 -3.63 3.80
CA LEU G 74 47.67 -3.77 4.85
C LEU G 74 48.18 -4.74 5.91
N GLY G 75 48.19 -4.29 7.16
CA GLY G 75 48.61 -5.12 8.26
C GLY G 75 47.59 -6.20 8.57
N GLU G 76 48.02 -7.18 9.34
CA GLU G 76 47.15 -8.28 9.72
C GLU G 76 46.03 -7.77 10.62
N PRO G 77 44.79 -8.21 10.40
CA PRO G 77 43.70 -7.77 11.27
C PRO G 77 43.93 -8.19 12.71
N VAL G 78 43.54 -7.32 13.63
CA VAL G 78 43.74 -7.61 15.05
C VAL G 78 42.81 -8.72 15.51
N PHE G 79 41.56 -8.69 15.07
CA PHE G 79 40.55 -9.66 15.48
C PHE G 79 39.92 -10.31 14.26
N ASP G 80 39.59 -11.59 14.37
CA ASP G 80 38.88 -12.29 13.32
C ASP G 80 37.41 -11.88 13.34
N VAL G 81 36.65 -12.40 12.37
CA VAL G 81 35.24 -12.08 12.28
C VAL G 81 34.50 -12.57 13.53
N GLN G 82 34.73 -13.84 13.90
CA GLN G 82 34.05 -14.40 15.05
C GLN G 82 34.44 -13.67 16.33
N GLU G 83 35.72 -13.37 16.50
CA GLU G 83 36.20 -12.71 17.71
C GLU G 83 35.87 -11.23 17.75
N CYS G 84 35.44 -10.64 16.64
CA CYS G 84 35.03 -9.24 16.62
C CYS G 84 33.52 -9.06 16.65
N GLN G 85 32.75 -10.08 16.27
CA GLN G 85 31.30 -9.99 16.37
C GLN G 85 30.85 -9.86 17.82
N ILE G 86 31.47 -10.63 18.72
CA ILE G 86 31.09 -10.58 20.12
C ILE G 86 31.50 -9.27 20.75
N ARG G 87 32.72 -8.80 20.46
CA ARG G 87 33.19 -7.55 21.05
C ARG G 87 32.56 -6.33 20.41
N GLY G 88 32.11 -6.43 19.17
CA GLY G 88 31.52 -5.32 18.47
C GLY G 88 32.50 -4.39 17.78
N VAL G 89 33.79 -4.70 17.81
CA VAL G 89 34.79 -3.88 17.13
C VAL G 89 34.78 -4.21 15.64
N THR G 90 34.94 -3.17 14.82
CA THR G 90 34.88 -3.35 13.37
C THR G 90 35.98 -4.30 12.90
N TYR G 91 35.61 -5.18 11.96
CA TYR G 91 36.60 -6.05 11.34
C TYR G 91 37.45 -5.22 10.39
N SER G 92 38.58 -4.74 10.88
CA SER G 92 39.40 -3.77 10.16
C SER G 92 40.79 -4.34 9.93
N ALA G 93 41.64 -3.50 9.32
CA ALA G 93 43.01 -3.84 9.07
C ALA G 93 43.79 -2.52 9.04
N PRO G 94 44.92 -2.42 9.74
CA PRO G 94 45.69 -1.19 9.70
C PRO G 94 46.24 -0.94 8.31
N LEU G 95 46.38 0.34 7.96
CA LEU G 95 46.89 0.75 6.67
C LEU G 95 48.26 1.39 6.87
N ARG G 96 49.31 0.68 6.47
CA ARG G 96 50.68 1.16 6.60
C ARG G 96 51.12 1.72 5.26
N VAL G 97 51.54 2.99 5.26
CA VAL G 97 51.95 3.69 4.05
C VAL G 97 53.41 4.10 4.20
N LYS G 98 54.22 3.76 3.20
CA LYS G 98 55.60 4.21 3.14
C LYS G 98 55.67 5.54 2.41
N LEU G 99 56.32 6.52 3.04
CA LEU G 99 56.44 7.86 2.48
C LEU G 99 57.90 8.27 2.43
N ARG G 100 58.29 8.89 1.31
CA ARG G 100 59.65 9.37 1.11
C ARG G 100 59.63 10.89 1.17
N LEU G 101 60.41 11.45 2.09
CA LEU G 101 60.55 12.90 2.24
C LEU G 101 61.98 13.30 1.90
N VAL G 102 62.12 14.27 0.99
CA VAL G 102 63.42 14.77 0.58
C VAL G 102 63.42 16.29 0.69
N ILE G 103 64.60 16.85 0.90
CA ILE G 103 64.77 18.28 1.14
C ILE G 103 65.67 18.85 0.06
N TYR G 104 65.12 19.77 -0.74
CA TYR G 104 65.91 20.49 -1.72
C TYR G 104 66.69 21.61 -1.05
N GLU G 105 67.52 22.29 -1.83
CA GLU G 105 68.21 23.48 -1.36
C GLU G 105 67.37 24.72 -1.63
N ARG G 106 67.78 25.83 -1.05
CA ARG G 106 67.02 27.07 -1.18
C ARG G 106 67.09 27.59 -2.62
N GLU G 107 65.91 27.91 -3.17
CA GLU G 107 65.80 28.47 -4.53
C GLU G 107 66.43 27.57 -5.58
N ALA G 108 66.33 26.26 -5.39
CA ALA G 108 66.92 25.29 -6.30
C ALA G 108 65.88 24.23 -6.67
N PRO G 109 64.93 24.59 -7.55
CA PRO G 109 63.99 23.56 -8.04
C PRO G 109 64.69 22.45 -8.79
N GLU G 110 65.82 22.74 -9.42
CA GLU G 110 66.59 21.74 -10.15
C GLU G 110 67.67 21.09 -9.31
N GLY G 111 68.05 21.69 -8.18
CA GLY G 111 69.15 21.17 -7.40
C GLY G 111 68.82 19.82 -6.78
N THR G 112 69.87 19.03 -6.53
CA THR G 112 69.69 17.73 -5.92
C THR G 112 69.31 17.87 -4.45
N VAL G 113 68.47 16.94 -3.98
CA VAL G 113 68.04 16.96 -2.59
C VAL G 113 69.20 16.52 -1.70
N LYS G 114 69.42 17.26 -0.62
CA LYS G 114 70.57 17.01 0.25
C LYS G 114 70.41 15.77 1.11
N ASP G 115 69.18 15.32 1.35
CA ASP G 115 68.97 14.14 2.19
C ASP G 115 67.64 13.49 1.82
N ILE G 116 67.55 12.20 2.11
CA ILE G 116 66.35 11.41 1.84
C ILE G 116 65.84 10.84 3.16
N LYS G 117 64.55 11.05 3.43
CA LYS G 117 63.93 10.57 4.65
C LYS G 117 62.82 9.59 4.29
N GLU G 118 62.96 8.35 4.75
CA GLU G 118 62.03 7.27 4.41
C GLU G 118 61.60 6.57 5.69
N GLN G 119 60.29 6.34 5.82
CA GLN G 119 59.74 5.64 6.97
C GLN G 119 58.33 5.17 6.64
N GLU G 120 57.80 4.33 7.51
CA GLU G 120 56.46 3.75 7.34
C GLU G 120 55.54 4.34 8.39
N VAL G 121 54.46 4.98 7.94
CA VAL G 121 53.53 5.67 8.82
C VAL G 121 52.18 4.97 8.76
N TYR G 122 51.50 4.94 9.91
CA TYR G 122 50.20 4.30 10.04
C TYR G 122 49.11 5.36 9.94
N MET G 123 48.25 5.23 8.94
CA MET G 123 47.14 6.16 8.74
C MET G 123 45.87 5.39 8.44
N GLY G 124 44.76 5.85 9.00
CA GLY G 124 43.46 5.25 8.75
C GLY G 124 43.27 3.87 9.31
N GLU G 125 42.00 3.44 9.41
CA GLU G 125 41.64 2.08 9.82
C GLU G 125 40.58 1.60 8.83
N ILE G 126 41.03 1.02 7.74
CA ILE G 126 40.12 0.65 6.65
C ILE G 126 39.44 -0.67 6.98
N PRO G 127 38.12 -0.79 6.82
CA PRO G 127 37.44 -2.06 7.09
C PRO G 127 37.80 -3.12 6.06
N LEU G 128 37.19 -4.29 6.18
CA LEU G 128 37.47 -5.39 5.27
C LEU G 128 36.18 -6.17 5.03
N MET G 129 36.20 -6.98 3.97
CA MET G 129 35.01 -7.69 3.51
C MET G 129 35.17 -9.18 3.82
N THR G 130 34.16 -9.74 4.48
CA THR G 130 34.18 -11.17 4.80
C THR G 130 34.11 -12.00 3.53
N ASP G 131 34.24 -13.32 3.70
CA ASP G 131 34.26 -14.20 2.54
C ASP G 131 32.94 -14.17 1.78
N ASN G 132 31.84 -13.91 2.46
CA ASN G 132 30.53 -13.85 1.81
C ASN G 132 30.22 -12.46 1.25
N GLY G 133 31.05 -11.47 1.50
CA GLY G 133 30.80 -10.13 1.01
C GLY G 133 29.97 -9.30 1.97
N THR G 134 30.32 -9.34 3.25
CA THR G 134 29.63 -8.58 4.28
C THR G 134 30.65 -7.84 5.12
N PHE G 135 30.44 -6.55 5.32
CA PHE G 135 31.31 -5.75 6.18
C PHE G 135 30.81 -5.81 7.62
N VAL G 136 31.74 -5.94 8.55
CA VAL G 136 31.45 -5.83 9.98
C VAL G 136 31.84 -4.43 10.44
N ILE G 137 30.91 -3.76 11.12
CA ILE G 137 31.12 -2.35 11.46
C ILE G 137 31.13 -2.16 12.97
N ASN G 138 30.06 -2.59 13.64
CA ASN G 138 29.99 -2.48 15.09
C ASN G 138 29.43 -3.77 15.68
N GLY G 139 29.92 -4.90 15.20
CA GLY G 139 29.40 -6.18 15.61
C GLY G 139 28.17 -6.63 14.86
N THR G 140 27.70 -5.85 13.88
CA THR G 140 26.54 -6.18 13.08
C THR G 140 26.96 -6.32 11.63
N GLU G 141 26.61 -7.45 11.02
CA GLU G 141 26.93 -7.68 9.61
C GLU G 141 26.24 -6.63 8.76
N ARG G 142 27.02 -5.88 7.99
CA ARG G 142 26.51 -4.82 7.13
C ARG G 142 26.93 -5.07 5.70
N VAL G 143 26.01 -4.84 4.77
CA VAL G 143 26.27 -5.00 3.35
C VAL G 143 25.98 -3.68 2.65
N ILE G 144 26.72 -3.41 1.58
CA ILE G 144 26.62 -2.14 0.85
C ILE G 144 26.04 -2.44 -0.52
N VAL G 145 24.90 -1.85 -0.81
CA VAL G 145 24.20 -2.10 -2.06
C VAL G 145 24.75 -1.20 -3.14
N SER G 146 24.93 -1.76 -4.34
CA SER G 146 25.45 -0.99 -5.47
C SER G 146 24.45 0.09 -5.87
N GLN G 147 24.98 1.19 -6.40
CA GLN G 147 24.17 2.32 -6.80
C GLN G 147 24.16 2.46 -8.31
N LEU G 148 23.08 3.03 -8.83
CA LEU G 148 22.87 3.20 -10.26
C LEU G 148 22.55 4.67 -10.51
N HIS G 149 23.54 5.42 -10.97
CA HIS G 149 23.40 6.86 -11.15
C HIS G 149 23.74 7.25 -12.57
N ARG G 150 23.22 8.41 -12.97
CA ARG G 150 23.46 8.93 -14.31
C ARG G 150 24.95 9.08 -14.57
N SER G 151 25.39 8.56 -15.70
CA SER G 151 26.82 8.49 -15.98
C SER G 151 27.38 9.88 -16.29
N PRO G 152 28.62 10.15 -15.87
CA PRO G 152 29.25 11.42 -16.24
C PRO G 152 29.39 11.55 -17.75
N GLY G 153 29.15 12.75 -18.26
CA GLY G 153 29.23 12.99 -19.69
C GLY G 153 28.38 14.16 -20.14
N VAL G 154 27.60 13.96 -21.20
CA VAL G 154 26.77 15.01 -21.77
C VAL G 154 25.44 14.39 -22.20
N PHE G 155 24.35 15.10 -21.93
CA PHE G 155 23.02 14.65 -22.32
C PHE G 155 22.23 15.82 -22.87
N PHE G 156 21.44 15.56 -23.91
CA PHE G 156 20.63 16.58 -24.57
C PHE G 156 19.16 16.24 -24.35
N ASP G 157 18.52 16.92 -23.40
CA ASP G 157 17.11 16.70 -23.12
C ASP G 157 16.27 17.47 -24.13
N SER G 158 14.95 17.46 -23.94
CA SER G 158 14.04 18.13 -24.86
C SER G 158 13.11 19.08 -24.13
N ASP G 159 12.71 18.72 -22.91
CA ASP G 159 11.79 19.52 -22.10
C ASP G 159 10.51 19.81 -22.86
N LYS G 160 9.97 18.77 -23.49
CA LYS G 160 8.79 18.93 -24.33
C LYS G 160 7.55 19.28 -23.50
N GLY G 161 6.64 20.04 -24.11
CA GLY G 161 5.32 20.23 -23.56
C GLY G 161 5.11 21.46 -22.71
N LYS G 162 5.17 21.28 -21.38
CA LYS G 162 4.67 22.31 -20.46
C LYS G 162 5.45 23.62 -20.54
N THR G 163 6.68 23.60 -21.05
CA THR G 163 7.47 24.81 -21.12
C THR G 163 6.83 25.81 -22.09
N HIS G 164 6.67 27.05 -21.64
CA HIS G 164 6.21 28.18 -22.43
C HIS G 164 4.72 28.09 -22.77
N SER G 165 4.11 26.94 -22.46
CA SER G 165 2.66 26.74 -22.65
C SER G 165 2.19 27.16 -24.04
N SER G 166 3.06 27.03 -25.04
CA SER G 166 2.72 27.44 -26.40
C SER G 166 3.09 26.38 -27.44
N GLY G 167 3.29 25.14 -27.00
CA GLY G 167 3.59 24.05 -27.91
C GLY G 167 5.02 24.01 -28.41
N LYS G 168 5.89 24.89 -27.92
CA LYS G 168 7.28 24.92 -28.36
C LYS G 168 8.12 23.94 -27.55
N VAL G 169 9.25 23.55 -28.13
CA VAL G 169 10.20 22.64 -27.51
C VAL G 169 11.49 23.40 -27.22
N LEU G 170 11.99 23.27 -25.99
CA LEU G 170 13.17 24.00 -25.53
C LEU G 170 14.30 23.01 -25.34
N TYR G 171 15.15 22.88 -26.35
CA TYR G 171 16.27 21.96 -26.28
C TYR G 171 17.34 22.49 -25.33
N ASN G 172 17.93 21.58 -24.55
CA ASN G 172 18.95 21.94 -23.57
C ASN G 172 20.02 20.86 -23.53
N ALA G 173 21.21 21.25 -23.10
CA ALA G 173 22.34 20.35 -22.97
C ALA G 173 22.98 20.53 -21.61
N ARG G 174 23.49 19.43 -21.06
CA ARG G 174 24.19 19.45 -19.78
C ARG G 174 25.51 18.71 -19.91
N ILE G 175 26.50 19.15 -19.14
CA ILE G 175 27.80 18.51 -19.07
C ILE G 175 28.00 18.12 -17.62
N ILE G 176 27.62 16.90 -17.26
CA ILE G 176 27.71 16.40 -15.90
C ILE G 176 29.10 15.80 -15.70
N PRO G 177 29.94 16.37 -14.83
CA PRO G 177 31.24 15.78 -14.54
C PRO G 177 31.18 14.84 -13.35
N TYR G 178 32.23 14.03 -13.22
CA TYR G 178 32.30 13.09 -12.11
C TYR G 178 32.54 13.81 -10.78
N ARG G 179 33.33 14.89 -10.81
CA ARG G 179 33.61 15.67 -9.61
C ARG G 179 33.82 17.11 -10.05
N GLY G 180 32.80 17.93 -9.87
CA GLY G 180 32.87 19.32 -10.32
C GLY G 180 31.51 19.98 -10.30
N SER G 181 31.34 20.96 -11.18
CA SER G 181 30.14 21.76 -11.26
C SER G 181 29.42 21.50 -12.58
N TRP G 182 28.10 21.33 -12.50
CA TRP G 182 27.30 21.12 -13.69
C TRP G 182 27.31 22.36 -14.59
N LEU G 183 27.45 22.13 -15.89
CA LEU G 183 27.40 23.19 -16.88
C LEU G 183 26.24 22.89 -17.83
N ASP G 184 25.32 23.84 -17.97
CA ASP G 184 24.09 23.62 -18.73
C ASP G 184 23.93 24.69 -19.78
N PHE G 185 23.77 24.28 -21.03
CA PHE G 185 23.35 25.17 -22.11
C PHE G 185 21.87 24.95 -22.37
N GLU G 186 21.12 26.04 -22.48
CA GLU G 186 19.67 25.95 -22.60
C GLU G 186 19.17 26.99 -23.59
N PHE G 187 18.23 26.57 -24.44
CA PHE G 187 17.61 27.47 -25.39
C PHE G 187 16.47 28.25 -24.71
N ASP G 188 15.89 29.18 -25.46
CA ASP G 188 14.82 30.02 -24.96
C ASP G 188 13.74 30.15 -26.04
N PRO G 189 12.51 30.48 -25.64
CA PRO G 189 11.46 30.68 -26.66
C PRO G 189 11.82 31.74 -27.69
N LYS G 190 12.55 32.78 -27.31
CA LYS G 190 13.02 33.77 -28.26
C LYS G 190 14.18 33.28 -29.10
N ASP G 191 14.54 32.00 -28.98
CA ASP G 191 15.63 31.39 -29.73
C ASP G 191 16.96 32.10 -29.46
N ASN G 192 17.34 32.11 -28.19
CA ASN G 192 18.63 32.63 -27.76
C ASN G 192 19.30 31.59 -26.89
N LEU G 193 20.54 31.24 -27.23
CA LEU G 193 21.29 30.28 -26.44
C LEU G 193 21.71 30.92 -25.11
N PHE G 194 21.51 30.19 -24.02
CA PHE G 194 21.81 30.70 -22.69
C PHE G 194 22.63 29.68 -21.92
N VAL G 195 23.72 30.12 -21.31
CA VAL G 195 24.61 29.26 -20.54
C VAL G 195 24.28 29.43 -19.06
N ARG G 196 24.19 28.32 -18.35
CA ARG G 196 23.87 28.33 -16.92
C ARG G 196 24.72 27.28 -16.23
N ILE G 197 25.40 27.69 -15.16
CA ILE G 197 26.32 26.83 -14.43
C ILE G 197 25.81 26.65 -13.01
N ASP G 198 25.80 25.40 -12.54
CA ASP G 198 25.44 25.06 -11.16
C ASP G 198 24.03 25.53 -10.81
N ARG G 199 23.13 25.50 -11.79
CA ARG G 199 21.72 25.84 -11.59
C ARG G 199 21.54 27.26 -11.06
N ARG G 200 22.46 28.16 -11.40
CA ARG G 200 22.35 29.56 -11.01
C ARG G 200 21.40 30.28 -11.97
N ARG G 201 21.37 31.60 -11.88
CA ARG G 201 20.56 32.37 -12.82
C ARG G 201 21.17 32.31 -14.22
N LYS G 202 20.35 32.63 -15.21
CA LYS G 202 20.75 32.48 -16.60
C LYS G 202 21.87 33.44 -16.96
N LEU G 203 22.36 33.31 -18.19
CA LEU G 203 23.44 34.09 -18.74
C LEU G 203 23.48 33.87 -20.25
N PRO G 204 23.63 34.93 -21.06
CA PRO G 204 23.74 34.73 -22.51
C PRO G 204 24.92 33.85 -22.85
N ALA G 205 24.74 33.00 -23.86
CA ALA G 205 25.71 31.95 -24.13
C ALA G 205 27.08 32.51 -24.51
N THR G 206 27.09 33.60 -25.28
CA THR G 206 28.36 34.16 -25.74
C THR G 206 29.25 34.60 -24.58
N ILE G 207 28.67 34.83 -23.39
CA ILE G 207 29.47 35.26 -22.25
C ILE G 207 30.52 34.21 -21.90
N ILE G 208 30.12 32.94 -21.86
CA ILE G 208 31.09 31.88 -21.59
C ILE G 208 32.01 31.65 -22.78
N LEU G 209 31.63 32.13 -23.97
CA LEU G 209 32.54 32.05 -25.11
C LEU G 209 33.51 33.22 -25.11
N ARG G 210 33.07 34.40 -24.68
CA ARG G 210 33.96 35.55 -24.61
C ARG G 210 35.05 35.32 -23.57
N ALA G 211 34.74 34.60 -22.49
CA ALA G 211 35.73 34.30 -21.47
C ALA G 211 36.85 33.39 -21.98
N LEU G 212 36.66 32.76 -23.14
CA LEU G 212 37.66 31.87 -23.72
C LEU G 212 38.53 32.56 -24.77
N ASN G 213 38.76 33.86 -24.62
CA ASN G 213 39.65 34.62 -25.49
C ASN G 213 39.23 34.53 -26.96
N TYR G 214 37.91 34.57 -27.19
CA TYR G 214 37.36 34.44 -28.53
C TYR G 214 36.79 35.78 -28.99
N THR G 215 37.17 36.20 -30.19
CA THR G 215 36.71 37.46 -30.75
C THR G 215 35.35 37.29 -31.43
N THR G 216 34.69 38.42 -31.68
CA THR G 216 33.40 38.39 -32.34
C THR G 216 33.51 37.82 -33.75
N GLU G 217 34.54 38.21 -34.49
CA GLU G 217 34.77 37.61 -35.80
C GLU G 217 35.01 36.11 -35.69
N GLN G 218 35.83 35.71 -34.72
CA GLN G 218 36.08 34.28 -34.51
C GLN G 218 34.80 33.55 -34.14
N ILE G 219 33.98 34.14 -33.26
CA ILE G 219 32.74 33.50 -32.85
C ILE G 219 31.81 33.33 -34.04
N LEU G 220 31.68 34.37 -34.86
CA LEU G 220 30.82 34.29 -36.03
C LEU G 220 31.33 33.24 -37.01
N ASP G 221 32.65 33.20 -37.24
CA ASP G 221 33.20 32.20 -38.14
C ASP G 221 33.07 30.79 -37.59
N LEU G 222 32.96 30.63 -36.27
CA LEU G 222 32.88 29.31 -35.67
C LEU G 222 31.47 28.72 -35.69
N PHE G 223 30.48 29.44 -36.21
CA PHE G 223 29.11 28.93 -36.17
C PHE G 223 28.32 29.13 -37.47
N PHE G 224 28.89 29.76 -38.49
CA PHE G 224 28.10 30.11 -39.67
C PHE G 224 28.94 29.97 -40.93
N GLU G 225 28.24 29.77 -42.04
CA GLU G 225 28.85 29.80 -43.37
C GLU G 225 28.68 31.19 -43.95
N LYS G 226 29.80 31.82 -44.32
CA LYS G 226 29.79 33.20 -44.78
C LYS G 226 29.55 33.26 -46.28
N VAL G 227 28.55 34.04 -46.68
CA VAL G 227 28.30 34.31 -48.10
C VAL G 227 29.10 35.53 -48.51
N ILE G 228 29.88 35.40 -49.56
CA ILE G 228 30.85 36.41 -49.97
C ILE G 228 30.23 37.29 -51.06
N PHE G 229 30.31 38.60 -50.87
CA PHE G 229 29.90 39.58 -51.87
C PHE G 229 31.14 40.33 -52.36
N GLU G 230 31.18 40.60 -53.65
CA GLU G 230 32.29 41.32 -54.26
C GLU G 230 31.76 42.58 -54.95
N ILE G 231 32.44 43.70 -54.75
CA ILE G 231 32.03 44.94 -55.39
C ILE G 231 32.33 44.83 -56.89
N ARG G 232 31.32 45.16 -57.70
CA ARG G 232 31.47 45.17 -59.14
C ARG G 232 30.78 46.40 -59.70
N ASP G 233 31.23 46.84 -60.88
CA ASP G 233 30.52 47.84 -61.64
C ASP G 233 29.35 47.25 -62.42
N ASN G 234 28.91 46.06 -62.01
CA ASN G 234 27.87 45.31 -62.69
C ASN G 234 26.75 44.97 -61.71
N LYS G 235 26.26 45.99 -60.99
CA LYS G 235 25.08 45.86 -60.14
C LYS G 235 25.37 45.01 -58.90
N LEU G 236 26.59 45.08 -58.39
CA LEU G 236 27.03 44.36 -57.19
C LEU G 236 26.84 42.85 -57.35
N GLN G 237 27.61 42.32 -58.30
CA GLN G 237 27.60 40.88 -58.57
C GLN G 237 28.03 40.10 -57.33
N MET G 238 27.30 39.03 -57.03
CA MET G 238 27.57 38.20 -55.87
C MET G 238 27.72 36.74 -56.30
N GLU G 239 28.54 36.00 -55.55
CA GLU G 239 28.75 34.58 -55.81
C GLU G 239 27.66 33.78 -55.10
N LEU G 240 26.83 33.09 -55.88
CA LEU G 240 25.71 32.32 -55.36
C LEU G 240 25.95 30.84 -55.60
N VAL G 241 25.97 30.06 -54.52
CA VAL G 241 26.17 28.62 -54.58
C VAL G 241 24.80 27.94 -54.55
N PRO G 242 24.53 27.00 -55.46
CA PRO G 242 23.18 26.41 -55.52
C PRO G 242 22.75 25.71 -54.24
N GLU G 243 23.69 25.08 -53.51
CA GLU G 243 23.31 24.31 -52.32
C GLU G 243 22.67 25.21 -51.27
N ARG G 244 23.25 26.37 -51.02
CA ARG G 244 22.64 27.31 -50.07
C ARG G 244 21.30 27.80 -50.58
N LEU G 245 21.20 28.06 -51.89
CA LEU G 245 19.94 28.49 -52.48
C LEU G 245 18.84 27.45 -52.31
N ARG G 246 19.22 26.17 -52.28
CA ARG G 246 18.25 25.11 -52.02
C ARG G 246 17.61 25.33 -50.66
N GLY G 247 16.28 25.19 -50.62
CA GLY G 247 15.53 25.48 -49.41
C GLY G 247 15.07 26.92 -49.28
N GLU G 248 15.44 27.79 -50.22
CA GLU G 248 15.06 29.20 -50.19
C GLU G 248 14.05 29.47 -51.29
N THR G 249 12.98 30.20 -50.95
CA THR G 249 12.02 30.62 -51.95
C THR G 249 12.64 31.70 -52.84
N ALA G 250 12.14 31.78 -54.08
CA ALA G 250 12.67 32.72 -55.06
C ALA G 250 12.16 34.12 -54.74
N SER G 251 12.97 34.87 -53.99
CA SER G 251 12.63 36.28 -53.72
C SER G 251 12.65 37.09 -55.01
N PHE G 252 13.65 36.83 -55.87
CA PHE G 252 13.73 37.48 -57.17
C PHE G 252 14.15 36.43 -58.20
N ASP G 253 13.82 36.70 -59.46
CA ASP G 253 14.16 35.77 -60.52
C ASP G 253 15.67 35.61 -60.63
N ILE G 254 16.11 34.37 -60.83
CA ILE G 254 17.52 34.01 -60.81
C ILE G 254 17.98 33.75 -62.24
N GLU G 255 18.98 34.51 -62.68
CA GLU G 255 19.50 34.40 -64.03
C GLU G 255 21.02 34.47 -63.99
N ALA G 256 21.65 33.87 -65.00
CA ALA G 256 23.10 33.92 -65.15
C ALA G 256 23.43 33.93 -66.63
N ASN G 257 24.32 34.84 -67.04
CA ASN G 257 24.72 34.99 -68.43
C ASN G 257 23.52 35.23 -69.34
N GLY G 258 22.56 36.01 -68.86
CA GLY G 258 21.39 36.34 -69.66
C GLY G 258 20.40 35.23 -69.85
N LYS G 259 20.39 34.22 -68.97
CA LYS G 259 19.46 33.11 -69.06
C LYS G 259 18.85 32.86 -67.69
N VAL G 260 17.52 32.87 -67.62
CA VAL G 260 16.80 32.68 -66.37
C VAL G 260 16.51 31.20 -66.19
N TYR G 261 16.80 30.68 -65.00
CA TYR G 261 16.54 29.29 -64.66
C TYR G 261 15.35 29.13 -63.71
N VAL G 262 15.34 29.88 -62.61
CA VAL G 262 14.26 29.83 -61.62
C VAL G 262 13.48 31.13 -61.70
N GLU G 263 12.17 31.03 -61.87
CA GLU G 263 11.33 32.20 -62.05
C GLU G 263 11.08 32.91 -60.71
N LYS G 264 10.80 34.20 -60.80
CA LYS G 264 10.50 34.99 -59.61
C LYS G 264 9.18 34.57 -59.00
N GLY G 265 9.15 34.46 -57.68
CA GLY G 265 7.93 34.13 -56.97
C GLY G 265 7.53 32.68 -57.03
N ARG G 266 8.38 31.80 -57.55
CA ARG G 266 8.08 30.38 -57.67
C ARG G 266 9.04 29.60 -56.80
N ARG G 267 8.49 28.67 -56.00
CA ARG G 267 9.32 27.86 -55.13
C ARG G 267 10.28 27.01 -55.96
N ILE G 268 11.55 27.00 -55.55
CA ILE G 268 12.60 26.32 -56.31
C ILE G 268 12.49 24.82 -56.07
N THR G 269 12.45 24.05 -57.15
CA THR G 269 12.34 22.60 -57.08
C THR G 269 13.74 21.98 -57.09
N ALA G 270 13.83 20.76 -56.57
CA ALA G 270 15.10 20.03 -56.57
C ALA G 270 15.63 19.84 -57.99
N ARG G 271 14.74 19.66 -58.97
CA ARG G 271 15.17 19.58 -60.36
C ARG G 271 15.82 20.88 -60.81
N HIS G 272 15.26 22.01 -60.41
CA HIS G 272 15.85 23.30 -60.74
C HIS G 272 17.25 23.42 -60.15
N ILE G 273 17.40 23.04 -58.87
CA ILE G 273 18.72 23.10 -58.24
C ILE G 273 19.70 22.16 -58.95
N ARG G 274 19.22 21.00 -59.37
CA ARG G 274 20.07 20.05 -60.07
C ARG G 274 20.55 20.62 -61.40
N GLN G 275 19.68 21.30 -62.14
CA GLN G 275 20.14 21.88 -63.40
C GLN G 275 21.02 23.10 -63.19
N LEU G 276 20.82 23.86 -62.11
CA LEU G 276 21.79 24.91 -61.78
C LEU G 276 23.16 24.30 -61.51
N GLU G 277 23.21 23.22 -60.75
CA GLU G 277 24.49 22.57 -60.46
C GLU G 277 25.10 21.99 -61.74
N LYS G 278 24.27 21.48 -62.63
CA LYS G 278 24.76 21.01 -63.92
C LYS G 278 25.40 22.15 -64.72
N ASP G 279 24.75 23.31 -64.73
CA ASP G 279 25.33 24.46 -65.41
C ASP G 279 26.61 24.94 -64.73
N ASP G 280 26.78 24.63 -63.44
CA ASP G 280 28.00 24.95 -62.69
C ASP G 280 28.29 26.46 -62.72
N VAL G 281 27.26 27.25 -62.47
CA VAL G 281 27.37 28.71 -62.45
C VAL G 281 27.79 29.15 -61.06
N LYS G 282 28.69 30.14 -61.00
CA LYS G 282 29.23 30.61 -59.73
C LYS G 282 28.56 31.90 -59.26
N LEU G 283 28.56 32.94 -60.09
CA LEU G 283 28.07 34.25 -59.69
C LEU G 283 26.69 34.52 -60.28
N ILE G 284 25.80 35.06 -59.45
CA ILE G 284 24.43 35.37 -59.85
C ILE G 284 24.10 36.79 -59.38
N GLU G 285 23.52 37.58 -60.27
CA GLU G 285 23.22 38.97 -59.95
C GLU G 285 22.18 39.07 -58.84
N VAL G 286 22.21 40.19 -58.12
CA VAL G 286 21.37 40.37 -56.95
C VAL G 286 20.96 41.83 -56.81
N PRO G 287 19.71 42.13 -56.50
CA PRO G 287 19.32 43.50 -56.19
C PRO G 287 19.88 43.95 -54.85
N VAL G 288 19.99 45.28 -54.70
CA VAL G 288 20.45 45.87 -53.44
C VAL G 288 19.44 45.68 -52.32
N GLU G 289 18.20 45.31 -52.63
CA GLU G 289 17.19 45.07 -51.62
C GLU G 289 17.40 43.75 -50.90
N TYR G 290 18.18 42.84 -51.47
CA TYR G 290 18.47 41.55 -50.83
C TYR G 290 19.69 41.60 -49.94
N ILE G 291 20.65 42.48 -50.24
CA ILE G 291 21.87 42.55 -49.45
C ILE G 291 21.65 43.36 -48.17
N ALA G 292 20.75 44.34 -48.21
CA ALA G 292 20.54 45.19 -47.04
C ALA G 292 19.98 44.39 -45.86
N GLY G 293 19.20 43.36 -46.12
CA GLY G 293 18.67 42.52 -45.06
C GLY G 293 19.62 41.48 -44.53
N LYS G 294 20.80 41.36 -45.12
CA LYS G 294 21.79 40.36 -44.71
C LYS G 294 22.68 40.94 -43.61
N VAL G 295 22.78 40.21 -42.50
CA VAL G 295 23.65 40.63 -41.41
C VAL G 295 25.10 40.45 -41.84
N VAL G 296 25.93 41.46 -41.57
CA VAL G 296 27.33 41.39 -41.95
C VAL G 296 28.03 40.28 -41.18
N ALA G 297 29.11 39.76 -41.76
CA ALA G 297 29.89 38.68 -41.16
C ALA G 297 31.14 39.18 -40.46
N LYS G 298 31.91 40.06 -41.09
CA LYS G 298 33.15 40.57 -40.54
C LYS G 298 33.13 42.09 -40.55
N ASP G 299 33.83 42.68 -39.58
CA ASP G 299 33.89 44.13 -39.47
C ASP G 299 34.67 44.72 -40.65
N TYR G 300 34.11 45.77 -41.25
CA TYR G 300 34.74 46.47 -42.36
C TYR G 300 35.02 47.90 -41.95
N ILE G 301 36.24 48.38 -42.22
CA ILE G 301 36.66 49.70 -41.84
C ILE G 301 37.06 50.47 -43.09
N ASP G 302 37.09 51.80 -42.96
CA ASP G 302 37.57 52.67 -44.02
C ASP G 302 39.04 52.98 -43.80
N GLU G 303 39.78 53.10 -44.89
CA GLU G 303 41.22 53.33 -44.81
C GLU G 303 41.57 54.81 -44.68
N SER G 304 40.59 55.71 -44.81
CA SER G 304 40.87 57.14 -44.67
C SER G 304 40.88 57.55 -43.20
N THR G 305 39.75 57.39 -42.52
CA THR G 305 39.65 57.75 -41.12
C THR G 305 39.96 56.60 -40.17
N GLY G 306 40.19 55.40 -40.70
CA GLY G 306 40.51 54.24 -39.88
C GLY G 306 39.34 53.62 -39.15
N GLU G 307 38.24 54.34 -38.96
CA GLU G 307 37.11 53.82 -38.22
C GLU G 307 36.38 52.74 -39.02
N LEU G 308 35.56 51.97 -38.32
CA LEU G 308 34.86 50.85 -38.94
C LEU G 308 33.60 51.34 -39.65
N ILE G 309 33.42 50.88 -40.89
CA ILE G 309 32.19 51.21 -41.65
C ILE G 309 31.03 50.45 -40.99
N CYS G 310 31.02 49.11 -41.12
CA CYS G 310 29.96 48.27 -40.50
C CYS G 310 30.55 47.29 -39.48
N ALA G 311 30.01 47.24 -38.26
CA ALA G 311 30.45 46.27 -37.24
C ALA G 311 30.01 44.85 -37.64
N ALA G 312 30.80 43.82 -37.29
CA ALA G 312 30.46 42.41 -37.60
C ALA G 312 29.25 41.96 -36.78
N ASN G 313 28.45 41.03 -37.30
CA ASN G 313 27.22 40.57 -36.61
C ASN G 313 26.28 41.77 -36.48
N MET G 314 26.32 42.68 -37.45
CA MET G 314 25.42 43.85 -37.46
C MET G 314 24.57 43.79 -38.73
N GLU G 315 23.27 44.03 -38.63
CA GLU G 315 22.41 43.89 -39.82
C GLU G 315 22.88 44.93 -40.84
N LEU G 316 22.92 44.57 -42.12
CA LEU G 316 23.47 45.49 -43.14
C LEU G 316 22.61 46.75 -43.23
N SER G 317 23.24 47.91 -43.39
CA SER G 317 22.48 49.18 -43.58
C SER G 317 22.87 49.72 -44.96
N LEU G 318 21.88 50.11 -45.77
CA LEU G 318 22.22 50.53 -47.16
C LEU G 318 23.14 51.76 -47.09
N ASP G 319 22.86 52.69 -46.18
CA ASP G 319 23.78 53.85 -46.01
C ASP G 319 25.15 53.33 -45.56
N LEU G 320 25.17 52.37 -44.62
CA LEU G 320 26.45 51.76 -44.19
C LEU G 320 27.09 51.08 -45.40
N LEU G 321 26.27 50.39 -46.19
CA LEU G 321 26.78 49.69 -47.40
C LEU G 321 27.34 50.74 -48.36
N ALA G 322 26.66 51.88 -48.48
CA ALA G 322 27.13 52.96 -49.39
C ALA G 322 28.49 53.47 -48.90
N LYS G 323 28.66 53.64 -47.58
CA LYS G 323 29.98 54.06 -47.06
C LYS G 323 30.99 52.96 -47.38
N LEU G 324 30.58 51.70 -47.22
CA LEU G 324 31.48 50.57 -47.57
C LEU G 324 31.75 50.62 -49.07
N SER G 325 30.72 50.92 -49.88
CA SER G 325 30.86 50.97 -51.35
C SER G 325 31.83 52.08 -51.77
N GLN G 326 31.74 53.25 -51.12
CA GLN G 326 32.63 54.38 -51.51
C GLN G 326 34.02 54.02 -51.01
N SER G 327 34.11 53.52 -49.78
CA SER G 327 35.40 53.05 -49.26
C SER G 327 35.99 51.99 -50.18
N GLY G 328 35.17 51.11 -50.71
CA GLY G 328 35.62 50.12 -51.67
C GLY G 328 36.42 48.98 -51.09
N HIS G 329 35.78 48.16 -50.25
CA HIS G 329 36.39 46.93 -49.74
C HIS G 329 36.03 45.81 -50.70
N LYS G 330 37.05 45.28 -51.41
CA LYS G 330 36.80 44.41 -52.55
C LYS G 330 35.92 43.21 -52.20
N ARG G 331 35.99 42.73 -50.96
CA ARG G 331 35.19 41.59 -50.53
C ARG G 331 34.21 42.04 -49.46
N ILE G 332 32.96 41.62 -49.60
CA ILE G 332 31.90 41.89 -48.62
C ILE G 332 31.39 40.55 -48.11
N GLU G 333 31.32 40.40 -46.79
CA GLU G 333 31.00 39.12 -46.18
C GLU G 333 29.71 39.23 -45.37
N THR G 334 28.83 38.26 -45.55
CA THR G 334 27.62 38.12 -44.75
C THR G 334 27.43 36.65 -44.40
N LEU G 335 26.84 36.40 -43.24
CA LEU G 335 26.57 35.04 -42.82
C LEU G 335 25.29 34.53 -43.44
N PHE G 336 25.26 33.23 -43.74
CA PHE G 336 24.12 32.62 -44.43
C PHE G 336 23.05 32.29 -43.41
N THR G 337 22.14 33.23 -43.19
CA THR G 337 21.00 33.02 -42.31
C THR G 337 19.87 32.35 -43.07
N ASN G 338 19.39 31.23 -42.53
CA ASN G 338 18.31 30.47 -43.17
C ASN G 338 17.44 29.90 -42.07
N ASP G 339 16.24 30.45 -41.90
CA ASP G 339 15.38 30.04 -40.80
C ASP G 339 14.99 28.57 -40.90
N LEU G 340 14.96 28.02 -42.12
CA LEU G 340 14.62 26.61 -42.28
C LEU G 340 15.72 25.71 -41.73
N ASP G 341 16.97 25.96 -42.11
CA ASP G 341 18.06 25.06 -41.78
C ASP G 341 19.11 25.71 -40.88
N HIS G 342 19.71 26.83 -41.29
CA HIS G 342 20.79 27.45 -40.52
C HIS G 342 20.23 28.60 -39.69
N GLY G 343 19.47 28.23 -38.66
CA GLY G 343 18.87 29.19 -37.77
C GLY G 343 19.91 30.02 -37.05
N PRO G 344 19.75 31.35 -37.10
CA PRO G 344 20.74 32.26 -36.47
C PRO G 344 20.47 32.45 -34.99
N TYR G 345 20.71 31.39 -34.21
CA TYR G 345 20.54 31.47 -32.76
C TYR G 345 21.75 32.04 -32.05
N ILE G 346 22.83 32.31 -32.76
CA ILE G 346 24.02 32.91 -32.14
C ILE G 346 24.00 34.42 -32.26
N SER G 347 23.54 34.94 -33.41
CA SER G 347 23.56 36.38 -33.64
C SER G 347 22.69 37.11 -32.62
N GLU G 348 21.47 36.62 -32.40
CA GLU G 348 20.57 37.28 -31.46
C GLU G 348 21.12 37.21 -30.03
N THR G 349 21.68 36.07 -29.66
CA THR G 349 22.30 35.96 -28.34
C THR G 349 23.43 36.96 -28.18
N LEU G 350 24.25 37.12 -29.22
CA LEU G 350 25.32 38.11 -29.18
C LEU G 350 24.77 39.53 -29.09
N ARG G 351 23.62 39.78 -29.70
CA ARG G 351 22.95 41.06 -29.49
C ARG G 351 22.58 41.25 -28.03
N VAL G 352 22.05 40.18 -27.40
CA VAL G 352 21.73 40.24 -25.98
C VAL G 352 22.97 40.41 -25.12
N ASP G 353 24.14 40.04 -25.64
CA ASP G 353 25.37 40.08 -24.85
C ASP G 353 25.65 41.49 -24.36
N PRO G 354 25.86 41.68 -23.05
CA PRO G 354 26.10 43.03 -22.53
C PRO G 354 27.56 43.44 -22.50
N THR G 355 28.49 42.54 -22.79
CA THR G 355 29.92 42.83 -22.74
C THR G 355 30.52 42.85 -24.13
N ASN G 356 31.75 43.35 -24.22
CA ASN G 356 32.48 43.40 -25.47
C ASN G 356 33.91 42.89 -25.37
N ASP G 357 34.44 42.70 -24.17
CA ASP G 357 35.82 42.28 -23.98
C ASP G 357 35.87 41.13 -22.98
N ARG G 358 37.00 40.44 -22.97
CA ARG G 358 37.17 39.29 -22.10
C ARG G 358 37.08 39.67 -20.64
N LEU G 359 37.68 40.81 -20.26
CA LEU G 359 37.66 41.23 -18.87
C LEU G 359 36.23 41.51 -18.39
N SER G 360 35.42 42.13 -19.23
CA SER G 360 34.03 42.39 -18.86
C SER G 360 33.26 41.08 -18.68
N ALA G 361 33.49 40.12 -19.57
CA ALA G 361 32.83 38.82 -19.44
C ALA G 361 33.24 38.11 -18.15
N LEU G 362 34.53 38.17 -17.81
CA LEU G 362 34.99 37.57 -16.57
C LEU G 362 34.37 38.27 -15.35
N VAL G 363 34.25 39.60 -15.42
CA VAL G 363 33.62 40.33 -14.33
C VAL G 363 32.16 39.91 -14.17
N GLU G 364 31.45 39.77 -15.29
CA GLU G 364 30.05 39.32 -15.23
C GLU G 364 29.95 37.91 -14.66
N ILE G 365 30.87 37.03 -15.05
CA ILE G 365 30.86 35.66 -14.54
C ILE G 365 31.09 35.66 -13.04
N TYR G 366 32.05 36.46 -12.57
CA TYR G 366 32.31 36.53 -11.13
C TYR G 366 31.11 37.11 -10.38
N ARG G 367 30.47 38.13 -10.95
CA ARG G 367 29.31 38.72 -10.31
C ARG G 367 28.19 37.71 -10.18
N MET G 368 27.94 36.93 -11.22
CA MET G 368 26.87 35.93 -11.18
C MET G 368 27.22 34.78 -10.24
N MET G 369 28.48 34.35 -10.25
CA MET G 369 28.89 33.20 -9.46
C MET G 369 28.85 33.52 -7.96
N ARG G 370 29.39 34.66 -7.56
CA ARG G 370 29.43 35.09 -6.16
C ARG G 370 28.72 36.42 -6.05
N PRO G 371 27.40 36.41 -5.81
CA PRO G 371 26.67 37.67 -5.70
C PRO G 371 27.10 38.49 -4.50
N GLY G 372 27.05 39.81 -4.67
CA GLY G 372 27.39 40.72 -3.59
C GLY G 372 28.86 40.88 -3.33
N GLU G 373 29.73 40.31 -4.16
CA GLU G 373 31.17 40.40 -3.97
C GLU G 373 31.77 41.36 -4.98
N PRO G 374 32.47 42.41 -4.55
CA PRO G 374 33.06 43.35 -5.48
C PRO G 374 34.07 42.67 -6.39
N PRO G 375 34.12 43.06 -7.66
CA PRO G 375 35.00 42.36 -8.60
C PRO G 375 36.48 42.68 -8.37
N THR G 376 37.32 41.84 -8.95
CA THR G 376 38.76 42.02 -8.91
C THR G 376 39.35 41.49 -10.21
N ARG G 377 40.39 42.15 -10.70
CA ARG G 377 41.00 41.76 -11.97
C ARG G 377 41.61 40.37 -11.90
N GLU G 378 42.08 39.94 -10.72
CA GLU G 378 42.69 38.63 -10.58
C GLU G 378 41.75 37.57 -10.01
N ALA G 379 40.81 37.97 -9.16
CA ALA G 379 39.91 37.00 -8.54
C ALA G 379 39.06 36.31 -9.59
N ALA G 380 38.52 37.07 -10.54
CA ALA G 380 37.70 36.47 -11.59
C ALA G 380 38.52 35.53 -12.47
N GLU G 381 39.74 35.93 -12.83
CA GLU G 381 40.60 35.07 -13.63
C GLU G 381 40.85 33.74 -12.93
N SER G 382 41.25 33.81 -11.66
CA SER G 382 41.51 32.59 -10.90
C SER G 382 40.25 31.74 -10.77
N LEU G 383 39.12 32.37 -10.46
CA LEU G 383 37.88 31.62 -10.26
C LEU G 383 37.44 30.91 -11.54
N PHE G 384 37.50 31.60 -12.67
CA PHE G 384 37.06 30.98 -13.92
C PHE G 384 37.96 29.80 -14.28
N GLU G 385 39.28 29.99 -14.21
CA GLU G 385 40.15 28.87 -14.56
C GLU G 385 40.09 27.75 -13.53
N ASN G 386 39.68 28.05 -12.30
CA ASN G 386 39.53 27.01 -11.29
C ASN G 386 38.24 26.22 -11.46
N LEU G 387 37.17 26.86 -11.94
CA LEU G 387 35.88 26.21 -12.00
C LEU G 387 35.89 24.99 -12.93
N PHE G 388 36.51 25.12 -14.10
CA PHE G 388 36.47 24.07 -15.11
C PHE G 388 37.84 23.50 -15.43
N PHE G 389 38.83 24.34 -15.67
CA PHE G 389 40.11 23.91 -16.22
C PHE G 389 41.15 23.64 -15.14
N SER G 390 40.72 23.21 -13.95
CA SER G 390 41.62 22.90 -12.86
C SER G 390 41.60 21.39 -12.61
N GLU G 391 42.80 20.82 -12.44
CA GLU G 391 42.90 19.38 -12.23
C GLU G 391 42.23 18.94 -10.93
N ASP G 392 42.23 19.80 -9.92
CA ASP G 392 41.72 19.42 -8.61
C ASP G 392 40.25 19.75 -8.43
N ARG G 393 39.78 20.87 -8.97
CA ARG G 393 38.40 21.28 -8.80
C ARG G 393 37.47 20.77 -9.89
N TYR G 394 37.98 19.98 -10.83
CA TYR G 394 37.16 19.49 -11.94
C TYR G 394 37.88 18.29 -12.54
N ASP G 395 37.22 17.14 -12.57
CA ASP G 395 37.85 15.92 -13.08
C ASP G 395 36.79 15.02 -13.66
N LEU G 396 36.74 14.93 -14.99
CA LEU G 396 35.91 13.94 -15.65
C LEU G 396 36.62 12.59 -15.58
N SER G 397 35.90 11.56 -15.18
CA SER G 397 36.48 10.23 -15.14
C SER G 397 36.75 9.73 -16.56
N ALA G 398 37.52 8.65 -16.66
CA ALA G 398 37.78 8.05 -17.96
C ALA G 398 36.49 7.59 -18.62
N VAL G 399 35.56 7.06 -17.82
CA VAL G 399 34.23 6.75 -18.33
C VAL G 399 33.55 8.02 -18.82
N GLY G 400 33.72 9.12 -18.09
CA GLY G 400 33.17 10.38 -18.54
C GLY G 400 33.75 10.82 -19.87
N ARG G 401 35.06 10.68 -20.04
CA ARG G 401 35.68 11.03 -21.31
C ARG G 401 35.16 10.16 -22.44
N MET G 402 35.03 8.85 -22.19
CA MET G 402 34.52 7.95 -23.23
C MET G 402 33.12 8.34 -23.64
N LYS G 403 32.22 8.54 -22.68
CA LYS G 403 30.84 8.89 -23.00
C LYS G 403 30.76 10.25 -23.69
N PHE G 404 31.55 11.22 -23.23
CA PHE G 404 31.52 12.56 -23.78
C PHE G 404 32.08 12.60 -25.20
N ASN G 405 33.03 11.73 -25.51
CA ASN G 405 33.55 11.65 -26.88
C ASN G 405 32.68 10.80 -27.78
N ARG G 406 31.93 9.85 -27.23
CA ARG G 406 31.01 9.07 -28.05
C ARG G 406 29.78 9.89 -28.42
N SER G 407 29.25 10.66 -27.48
CA SER G 407 28.10 11.49 -27.79
C SER G 407 28.43 12.60 -28.78
N LEU G 408 29.70 12.94 -28.94
CA LEU G 408 30.13 13.96 -29.90
C LEU G 408 30.71 13.37 -31.17
N LEU G 409 30.55 12.06 -31.37
CA LEU G 409 30.99 11.37 -32.59
C LEU G 409 32.49 11.56 -32.82
N ARG G 410 33.27 11.48 -31.76
CA ARG G 410 34.72 11.49 -31.88
C ARG G 410 35.23 10.07 -32.15
N GLU G 411 36.55 9.93 -32.24
CA GLU G 411 37.17 8.64 -32.51
C GLU G 411 38.01 8.12 -31.38
N GLU G 412 38.72 8.99 -30.66
CA GLU G 412 39.56 8.54 -29.57
C GLU G 412 38.71 8.17 -28.35
N ILE G 413 39.34 7.48 -27.39
CA ILE G 413 38.68 7.03 -26.18
C ILE G 413 39.26 7.70 -24.94
N GLU G 414 40.59 7.67 -24.81
CA GLU G 414 41.25 8.30 -23.68
C GLU G 414 41.60 9.75 -24.00
N GLY G 415 41.43 10.62 -23.02
CA GLY G 415 41.72 12.03 -23.21
C GLY G 415 41.86 12.72 -21.87
N SER G 416 42.14 14.02 -21.93
CA SER G 416 42.32 14.79 -20.72
C SER G 416 41.01 14.88 -19.94
N GLY G 417 41.13 14.79 -18.62
CA GLY G 417 39.95 14.83 -17.77
C GLY G 417 39.32 16.19 -17.63
N ILE G 418 40.07 17.25 -17.90
CA ILE G 418 39.55 18.60 -17.78
C ILE G 418 38.92 19.02 -19.10
N LEU G 419 37.87 19.84 -19.00
CA LEU G 419 37.20 20.33 -20.20
C LEU G 419 38.14 21.20 -21.02
N SER G 420 38.00 21.12 -22.35
CA SER G 420 38.83 21.87 -23.26
C SER G 420 38.00 22.91 -23.99
N LYS G 421 38.70 23.89 -24.57
CA LYS G 421 38.00 24.99 -25.26
C LYS G 421 37.20 24.47 -26.45
N ASP G 422 37.78 23.54 -27.22
CA ASP G 422 37.09 23.01 -28.39
C ASP G 422 35.92 22.12 -28.01
N ASP G 423 35.98 21.47 -26.85
CA ASP G 423 34.87 20.61 -26.45
C ASP G 423 33.60 21.41 -26.19
N ILE G 424 33.73 22.60 -25.59
CA ILE G 424 32.57 23.42 -25.31
C ILE G 424 31.91 23.87 -26.61
N ILE G 425 32.71 24.31 -27.58
CA ILE G 425 32.13 24.75 -28.84
C ILE G 425 31.58 23.56 -29.62
N ASP G 426 32.16 22.38 -29.45
CA ASP G 426 31.58 21.19 -30.07
C ASP G 426 30.21 20.87 -29.49
N VAL G 427 30.07 20.99 -28.16
CA VAL G 427 28.78 20.79 -27.52
C VAL G 427 27.78 21.82 -28.02
N MET G 428 28.22 23.07 -28.15
CA MET G 428 27.35 24.12 -28.67
C MET G 428 26.88 23.81 -30.08
N LYS G 429 27.79 23.36 -30.94
CA LYS G 429 27.44 23.02 -32.30
C LYS G 429 26.48 21.84 -32.34
N LYS G 430 26.68 20.85 -31.47
CA LYS G 430 25.76 19.73 -31.40
C LYS G 430 24.37 20.18 -30.98
N LEU G 431 24.30 21.10 -30.01
CA LEU G 431 23.00 21.61 -29.59
C LEU G 431 22.31 22.38 -30.73
N ILE G 432 23.07 23.19 -31.46
CA ILE G 432 22.49 23.92 -32.58
C ILE G 432 22.02 22.95 -33.66
N ASP G 433 22.77 21.87 -33.89
CA ASP G 433 22.33 20.85 -34.82
C ASP G 433 21.04 20.19 -34.36
N ILE G 434 20.92 19.90 -33.07
CA ILE G 434 19.68 19.36 -32.52
C ILE G 434 18.53 20.30 -32.81
N ARG G 435 18.75 21.60 -32.61
CA ARG G 435 17.70 22.57 -32.88
C ARG G 435 17.34 22.62 -34.36
N ASN G 436 18.34 22.51 -35.24
CA ASN G 436 18.10 22.66 -36.66
C ASN G 436 17.33 21.48 -37.25
N GLY G 437 17.47 20.29 -36.66
CA GLY G 437 16.75 19.13 -37.14
C GLY G 437 17.58 17.88 -37.22
N LYS G 438 18.87 18.02 -37.51
CA LYS G 438 19.76 16.87 -37.50
C LYS G 438 20.00 16.39 -36.08
N GLY G 439 20.29 15.10 -35.94
CA GLY G 439 20.50 14.52 -34.63
C GLY G 439 19.20 14.28 -33.90
N GLU G 440 19.32 13.75 -32.69
CA GLU G 440 18.17 13.42 -31.87
C GLU G 440 18.54 13.52 -30.41
N VAL G 441 17.53 13.68 -29.57
CA VAL G 441 17.74 13.77 -28.13
C VAL G 441 18.06 12.39 -27.58
N ASP G 442 18.79 12.37 -26.46
CA ASP G 442 19.16 11.12 -25.82
C ASP G 442 18.19 10.81 -24.69
N ASP G 443 17.82 9.53 -24.58
CA ASP G 443 16.88 9.10 -23.55
C ASP G 443 17.62 8.91 -22.23
N ILE G 444 17.15 9.59 -21.18
CA ILE G 444 17.83 9.52 -19.89
C ILE G 444 17.72 8.11 -19.31
N ASP G 445 16.55 7.50 -19.39
CA ASP G 445 16.32 6.20 -18.76
C ASP G 445 17.02 5.05 -19.47
N HIS G 446 17.59 5.30 -20.64
CA HIS G 446 18.30 4.23 -21.36
C HIS G 446 19.40 3.65 -20.49
N LEU G 447 19.40 2.32 -20.34
CA LEU G 447 20.34 1.68 -19.44
C LEU G 447 21.77 1.73 -19.94
N GLY G 448 22.01 2.30 -21.12
CA GLY G 448 23.35 2.66 -21.53
C GLY G 448 23.81 4.01 -21.03
N ASN G 449 22.95 4.71 -20.28
CA ASN G 449 23.27 6.03 -19.73
C ASN G 449 23.19 6.05 -18.21
N ARG G 450 23.23 4.89 -17.56
CA ARG G 450 23.19 4.80 -16.10
C ARG G 450 24.18 3.72 -15.68
N ARG G 451 25.40 4.12 -15.35
CA ARG G 451 26.39 3.16 -14.91
C ARG G 451 26.05 2.65 -13.52
N ILE G 452 26.75 1.61 -13.10
CA ILE G 452 26.57 1.00 -11.79
C ILE G 452 27.81 1.30 -10.96
N ARG G 453 27.60 1.62 -9.68
CA ARG G 453 28.68 1.99 -8.78
C ARG G 453 28.65 1.03 -7.58
N SER G 454 29.61 0.12 -7.53
CA SER G 454 29.67 -0.87 -6.46
C SER G 454 30.35 -0.26 -5.24
N VAL G 455 30.70 -1.12 -4.27
CA VAL G 455 31.26 -0.64 -3.01
C VAL G 455 32.65 -0.06 -3.22
N GLY G 456 33.45 -0.67 -4.10
CA GLY G 456 34.83 -0.26 -4.24
C GLY G 456 34.98 1.19 -4.67
N GLU G 457 34.18 1.61 -5.66
CA GLU G 457 34.29 2.97 -6.15
C GLU G 457 33.89 3.99 -5.08
N MET G 458 32.83 3.71 -4.33
CA MET G 458 32.41 4.62 -3.27
C MET G 458 33.47 4.70 -2.18
N ALA G 459 34.06 3.56 -1.82
CA ALA G 459 35.11 3.58 -0.81
C ALA G 459 36.31 4.37 -1.29
N GLU G 460 36.68 4.23 -2.56
CA GLU G 460 37.78 4.99 -3.12
C GLU G 460 37.49 6.48 -3.10
N ASN G 461 36.26 6.87 -3.42
CA ASN G 461 35.89 8.29 -3.39
C ASN G 461 35.97 8.84 -1.96
N GLN G 462 35.48 8.09 -0.98
CA GLN G 462 35.56 8.54 0.40
C GLN G 462 37.02 8.65 0.86
N PHE G 463 37.84 7.70 0.46
CA PHE G 463 39.26 7.77 0.80
C PHE G 463 39.91 8.99 0.16
N ARG G 464 39.51 9.33 -1.07
CA ARG G 464 40.05 10.53 -1.71
C ARG G 464 39.62 11.79 -0.98
N VAL G 465 38.38 11.83 -0.48
CA VAL G 465 37.93 12.99 0.29
C VAL G 465 38.76 13.15 1.56
N GLY G 466 38.95 12.04 2.28
CA GLY G 466 39.82 12.11 3.46
C GLY G 466 41.24 12.53 3.10
N LEU G 467 41.75 12.04 1.97
CA LEU G 467 43.11 12.34 1.56
C LEU G 467 43.28 13.81 1.23
N VAL G 468 42.30 14.41 0.54
CA VAL G 468 42.44 15.84 0.21
C VAL G 468 42.38 16.68 1.49
N ARG G 469 41.55 16.28 2.46
CA ARG G 469 41.56 17.02 3.72
C ARG G 469 42.91 16.94 4.42
N VAL G 470 43.46 15.72 4.56
CA VAL G 470 44.75 15.58 5.22
C VAL G 470 45.84 16.26 4.40
N GLU G 471 45.66 16.36 3.09
CA GLU G 471 46.64 17.03 2.24
C GLU G 471 46.63 18.53 2.46
N ARG G 472 45.44 19.12 2.57
CA ARG G 472 45.34 20.53 2.94
C ARG G 472 46.04 20.79 4.26
N ALA G 473 45.93 19.85 5.21
CA ALA G 473 46.66 20.04 6.47
C ALA G 473 48.17 19.93 6.30
N VAL G 474 48.66 18.89 5.64
CA VAL G 474 50.09 18.62 5.60
C VAL G 474 50.83 19.68 4.80
N LYS G 475 50.23 20.15 3.70
CA LYS G 475 50.89 21.19 2.91
C LYS G 475 51.08 22.47 3.73
N GLU G 476 50.05 22.87 4.48
CA GLU G 476 50.16 24.05 5.32
C GLU G 476 51.20 23.85 6.40
N ARG G 477 51.25 22.65 7.00
CA ARG G 477 52.26 22.40 8.02
C ARG G 477 53.67 22.48 7.45
N LEU G 478 53.88 21.94 6.24
CA LEU G 478 55.21 21.89 5.66
C LEU G 478 55.79 23.27 5.40
N SER G 479 54.96 24.30 5.24
CA SER G 479 55.47 25.64 5.01
C SER G 479 55.99 26.29 6.28
N LEU G 480 55.29 26.09 7.40
CA LEU G 480 55.65 26.76 8.64
C LEU G 480 56.86 26.12 9.31
N GLY G 481 56.81 24.81 9.50
CA GLY G 481 57.90 24.14 10.20
C GLY G 481 59.20 24.21 9.40
N ASP G 482 60.31 24.31 10.12
CA ASP G 482 61.61 24.36 9.49
C ASP G 482 61.95 23.02 8.84
N LEU G 483 62.67 23.10 7.72
CA LEU G 483 62.93 21.92 6.91
C LEU G 483 63.85 20.94 7.64
N ASP G 484 63.54 19.65 7.52
CA ASP G 484 64.34 18.57 8.09
C ASP G 484 64.56 18.76 9.58
N THR G 485 63.47 19.03 10.30
CA THR G 485 63.51 19.16 11.75
C THR G 485 62.78 18.02 12.45
N LEU G 486 62.04 17.19 11.73
CA LEU G 486 61.19 16.18 12.35
C LEU G 486 60.89 15.09 11.34
N MET G 487 60.43 13.95 11.86
CA MET G 487 60.08 12.82 11.02
C MET G 487 58.82 13.13 10.22
N PRO G 488 58.64 12.51 9.05
CA PRO G 488 57.44 12.79 8.24
C PRO G 488 56.16 12.22 8.82
N GLN G 489 56.20 11.54 9.96
CA GLN G 489 54.96 11.08 10.58
C GLN G 489 54.20 12.22 11.24
N ASP G 490 54.91 13.23 11.74
CA ASP G 490 54.27 14.29 12.50
C ASP G 490 53.37 15.16 11.63
N MET G 491 53.73 15.37 10.37
CA MET G 491 52.92 16.20 9.49
C MET G 491 51.59 15.55 9.11
N ILE G 492 51.43 14.25 9.37
CA ILE G 492 50.20 13.54 8.89
C ILE G 492 49.39 12.98 10.06
N ASN G 493 48.07 12.99 9.95
CA ASN G 493 47.20 12.40 11.01
C ASN G 493 46.35 11.26 10.43
N ALA G 494 46.36 10.09 11.09
CA ALA G 494 45.53 8.93 10.67
C ALA G 494 44.02 9.25 10.78
N LYS G 495 43.61 9.97 11.84
CA LYS G 495 42.16 10.16 12.12
C LYS G 495 41.37 10.89 11.02
N PRO G 496 41.85 11.96 10.36
CA PRO G 496 41.01 12.67 9.39
C PRO G 496 40.64 11.72 8.25
N ILE G 497 41.59 10.90 7.79
CA ILE G 497 41.26 9.87 6.76
C ILE G 497 40.27 8.89 7.38
N SER G 498 40.46 8.53 8.65
CA SER G 498 39.58 7.52 9.32
C SER G 498 38.14 8.05 9.47
N ALA G 499 37.94 9.13 10.24
CA ALA G 499 36.61 9.66 10.44
C ALA G 499 35.90 9.94 9.12
N ALA G 500 36.59 9.81 7.99
CA ALA G 500 35.94 9.92 6.69
C ALA G 500 35.54 8.56 6.13
N VAL G 501 36.30 7.52 6.44
CA VAL G 501 35.97 6.18 5.94
C VAL G 501 34.98 5.49 6.88
N LYS G 502 35.25 5.52 8.19
CA LYS G 502 34.35 4.90 9.14
C LYS G 502 32.98 5.57 9.14
N GLU G 503 32.95 6.89 8.89
CA GLU G 503 31.67 7.57 8.80
C GLU G 503 30.84 7.04 7.64
N PHE G 504 31.48 6.82 6.48
CA PHE G 504 30.75 6.27 5.34
C PHE G 504 30.28 4.85 5.62
N PHE G 505 31.16 4.00 6.15
CA PHE G 505 30.80 2.61 6.37
C PHE G 505 29.71 2.48 7.42
N GLY G 506 29.78 3.27 8.49
CA GLY G 506 28.83 3.19 9.57
C GLY G 506 27.47 3.76 9.25
N SER G 507 27.40 5.07 9.02
CA SER G 507 26.16 5.77 8.76
C SER G 507 26.14 6.26 7.33
N SER G 508 25.24 5.70 6.52
CA SER G 508 25.09 6.12 5.13
C SER G 508 23.71 5.71 4.66
N GLN G 509 23.30 6.27 3.53
CA GLN G 509 22.06 5.87 2.89
C GLN G 509 22.21 4.61 2.07
N LEU G 510 23.42 4.06 1.96
CA LEU G 510 23.67 2.85 1.21
C LEU G 510 24.22 1.71 2.05
N SER G 511 25.01 1.99 3.08
CA SER G 511 25.52 0.93 3.94
C SER G 511 24.39 0.43 4.83
N GLN G 512 23.49 -0.35 4.25
CA GLN G 512 22.26 -0.74 4.91
C GLN G 512 22.47 -1.90 5.87
N PHE G 513 21.62 -1.97 6.88
CA PHE G 513 21.59 -3.11 7.78
C PHE G 513 21.22 -4.37 7.00
N MET G 514 21.94 -5.45 7.25
CA MET G 514 21.73 -6.70 6.53
C MET G 514 20.65 -7.53 7.21
N ASP G 515 19.68 -7.98 6.42
CA ASP G 515 18.65 -8.90 6.90
C ASP G 515 19.03 -10.32 6.55
N GLN G 516 18.89 -11.22 7.53
CA GLN G 516 19.31 -12.61 7.37
C GLN G 516 18.14 -13.55 7.62
N ASN G 517 16.97 -13.21 7.07
CA ASN G 517 15.80 -14.05 7.24
C ASN G 517 15.92 -15.38 6.51
N ASN G 518 16.82 -15.48 5.52
CA ASN G 518 16.91 -16.66 4.69
C ASN G 518 18.26 -16.68 4.00
N PRO G 519 18.70 -17.83 3.50
CA PRO G 519 19.86 -17.83 2.59
C PRO G 519 19.59 -17.07 1.31
N LEU G 520 18.31 -16.86 0.96
CA LEU G 520 17.96 -16.10 -0.22
C LEU G 520 17.90 -14.61 0.05
N SER G 521 17.51 -14.20 1.27
CA SER G 521 17.49 -12.78 1.57
C SER G 521 18.89 -12.18 1.51
N GLU G 522 19.89 -12.89 2.03
CA GLU G 522 21.26 -12.42 1.91
C GLU G 522 21.67 -12.29 0.46
N ILE G 523 21.39 -13.31 -0.35
CA ILE G 523 21.82 -13.30 -1.75
C ILE G 523 21.16 -12.15 -2.50
N THR G 524 19.86 -11.96 -2.30
CA THR G 524 19.14 -10.91 -2.99
C THR G 524 19.36 -9.53 -2.40
N HIS G 525 20.01 -9.44 -1.24
CA HIS G 525 20.34 -8.13 -0.68
C HIS G 525 21.72 -7.64 -1.05
N LYS G 526 22.70 -8.54 -1.17
CA LYS G 526 24.00 -8.12 -1.69
C LYS G 526 23.95 -7.80 -3.18
N ARG G 527 22.88 -8.18 -3.87
CA ARG G 527 22.74 -7.94 -5.29
C ARG G 527 21.89 -6.72 -5.62
N ARG G 528 21.01 -6.31 -4.72
CA ARG G 528 20.08 -5.22 -5.01
C ARG G 528 20.84 -3.95 -5.35
N ILE G 529 20.42 -3.30 -6.44
CA ILE G 529 20.99 -2.03 -6.87
C ILE G 529 19.90 -0.97 -6.77
N SER G 530 20.23 0.15 -6.15
CA SER G 530 19.26 1.19 -5.87
C SER G 530 19.68 2.50 -6.52
N ALA G 531 18.70 3.31 -6.90
CA ALA G 531 18.95 4.59 -7.52
C ALA G 531 19.00 5.74 -6.51
N LEU G 532 18.78 5.46 -5.23
CA LEU G 532 18.78 6.49 -4.20
C LEU G 532 20.22 6.77 -3.76
N GLY G 533 20.37 7.49 -2.66
CA GLY G 533 21.67 7.74 -2.07
C GLY G 533 22.29 9.04 -2.55
N PRO G 534 23.53 9.27 -2.16
CA PRO G 534 24.22 10.49 -2.61
C PRO G 534 24.48 10.43 -4.11
N GLY G 535 24.32 11.58 -4.76
CA GLY G 535 24.49 11.65 -6.19
C GLY G 535 23.34 11.07 -7.00
N GLY G 536 22.23 10.73 -6.34
CA GLY G 536 21.10 10.15 -7.03
C GLY G 536 19.81 10.88 -6.75
N LEU G 537 18.69 10.32 -7.19
CA LEU G 537 17.40 10.96 -7.06
C LEU G 537 16.67 10.49 -5.80
N THR G 538 15.96 11.41 -5.17
CA THR G 538 15.20 11.13 -3.96
C THR G 538 13.80 10.66 -4.31
N ARG G 539 13.06 10.23 -3.28
CA ARG G 539 11.71 9.72 -3.50
C ARG G 539 10.78 10.81 -4.02
N GLU G 540 10.85 12.01 -3.43
CA GLU G 540 10.01 13.11 -3.90
C GLU G 540 10.40 13.53 -5.31
N ARG G 541 11.69 13.58 -5.61
CA ARG G 541 12.19 13.99 -6.92
C ARG G 541 12.08 12.89 -7.96
N ALA G 542 11.61 11.70 -7.59
CA ALA G 542 11.52 10.59 -8.53
C ALA G 542 10.27 10.75 -9.39
N GLY G 543 10.47 10.82 -10.70
CA GLY G 543 9.35 10.96 -11.62
C GLY G 543 8.56 9.69 -11.80
N PHE G 544 7.91 9.52 -12.96
CA PHE G 544 7.14 8.33 -13.24
C PHE G 544 7.64 7.55 -14.44
N GLU G 545 8.42 8.15 -15.33
CA GLU G 545 9.06 7.38 -16.38
C GLU G 545 10.30 6.64 -15.89
N VAL G 546 10.89 7.08 -14.78
CA VAL G 546 12.04 6.38 -14.22
C VAL G 546 11.61 5.04 -13.61
N ARG G 547 10.48 5.03 -12.90
CA ARG G 547 10.00 3.80 -12.28
C ARG G 547 9.61 2.76 -13.32
N ASP G 548 9.17 3.20 -14.50
CA ASP G 548 8.77 2.27 -15.54
C ASP G 548 9.96 1.45 -16.03
N VAL G 549 9.67 0.24 -16.47
CA VAL G 549 10.71 -0.68 -16.94
C VAL G 549 10.98 -0.42 -18.42
N HIS G 550 12.23 -0.06 -18.73
CA HIS G 550 12.61 0.29 -20.09
C HIS G 550 12.73 -0.94 -20.96
N PRO G 551 12.63 -0.79 -22.28
CA PRO G 551 12.86 -1.94 -23.18
C PRO G 551 14.26 -2.49 -23.09
N THR G 552 15.23 -1.73 -22.58
CA THR G 552 16.62 -2.17 -22.47
C THR G 552 16.93 -2.78 -21.10
N HIS G 553 15.92 -3.30 -20.42
CA HIS G 553 16.11 -4.05 -19.18
C HIS G 553 16.19 -5.54 -19.42
N TYR G 554 16.09 -5.99 -20.66
CA TYR G 554 16.02 -7.42 -20.98
C TYR G 554 17.38 -8.05 -20.73
N GLY G 555 17.52 -8.69 -19.58
CA GLY G 555 18.74 -9.40 -19.22
C GLY G 555 19.69 -8.62 -18.35
N ARG G 556 19.52 -7.30 -18.22
CA ARG G 556 20.41 -6.49 -17.41
C ARG G 556 19.88 -6.23 -16.01
N VAL G 557 18.57 -6.38 -15.79
CA VAL G 557 17.97 -6.12 -14.48
C VAL G 557 16.62 -6.82 -14.46
N CYS G 558 16.11 -7.08 -13.27
CA CYS G 558 14.88 -7.86 -13.14
C CYS G 558 13.66 -6.99 -13.43
N PRO G 559 12.80 -7.37 -14.38
CA PRO G 559 11.57 -6.61 -14.62
C PRO G 559 10.42 -6.99 -13.71
N ILE G 560 10.63 -7.87 -12.74
CA ILE G 560 9.56 -8.41 -11.90
C ILE G 560 9.72 -7.94 -10.45
N GLU G 561 10.90 -8.08 -9.87
CA GLU G 561 11.10 -7.86 -8.45
C GLU G 561 11.48 -6.41 -8.18
N THR G 562 10.62 -5.70 -7.45
CA THR G 562 10.82 -4.33 -7.00
C THR G 562 9.99 -4.19 -5.74
N PRO G 563 10.51 -3.56 -4.69
CA PRO G 563 9.74 -3.45 -3.44
C PRO G 563 8.54 -2.53 -3.63
N GLU G 564 7.38 -2.96 -3.15
CA GLU G 564 6.19 -2.13 -3.25
C GLU G 564 6.25 -0.98 -2.26
N GLY G 565 5.35 -0.03 -2.43
CA GLY G 565 5.25 1.10 -1.54
C GLY G 565 5.80 2.37 -2.17
N PRO G 566 6.50 3.17 -1.37
CA PRO G 566 7.01 4.45 -1.87
C PRO G 566 8.10 4.28 -2.93
N ASN G 567 9.12 3.47 -2.62
CA ASN G 567 10.24 3.27 -3.54
C ASN G 567 9.99 2.03 -4.39
N ILE G 568 9.01 2.15 -5.27
CA ILE G 568 8.68 1.09 -6.22
C ILE G 568 9.35 1.40 -7.54
N GLY G 569 10.07 0.42 -8.08
CA GLY G 569 10.77 0.62 -9.33
C GLY G 569 12.06 1.39 -9.23
N LEU G 570 12.47 1.79 -8.03
CA LEU G 570 13.74 2.48 -7.82
C LEU G 570 14.82 1.57 -7.28
N ILE G 571 14.46 0.39 -6.78
CA ILE G 571 15.41 -0.51 -6.15
C ILE G 571 15.41 -1.86 -6.84
N ASN G 572 15.21 -1.86 -8.16
CA ASN G 572 15.13 -3.11 -8.91
C ASN G 572 16.39 -3.95 -8.72
N SER G 573 16.19 -5.25 -8.61
CA SER G 573 17.28 -6.17 -8.35
C SER G 573 17.94 -6.63 -9.65
N LEU G 574 19.23 -6.96 -9.56
CA LEU G 574 19.99 -7.39 -10.72
C LEU G 574 19.52 -8.76 -11.18
N SER G 575 19.78 -9.06 -12.46
CA SER G 575 19.37 -10.33 -13.04
C SER G 575 20.32 -11.43 -12.57
N VAL G 576 20.23 -12.60 -13.20
CA VAL G 576 21.02 -13.75 -12.75
C VAL G 576 22.29 -13.88 -13.58
N TYR G 577 22.23 -13.52 -14.85
CA TYR G 577 23.40 -13.62 -15.72
C TYR G 577 24.11 -12.30 -15.95
N ALA G 578 23.48 -11.17 -15.65
CA ALA G 578 24.07 -9.87 -15.98
C ALA G 578 25.37 -9.67 -15.21
N GLN G 579 26.40 -9.22 -15.92
CA GLN G 579 27.72 -9.01 -15.35
C GLN G 579 28.23 -7.64 -15.76
N THR G 580 28.79 -6.92 -14.79
CA THR G 580 29.14 -5.52 -14.98
C THR G 580 30.29 -5.36 -15.98
N ASN G 581 30.19 -4.32 -16.80
CA ASN G 581 31.24 -4.01 -17.77
C ASN G 581 32.49 -3.50 -17.05
N GLU G 582 33.52 -3.18 -17.83
CA GLU G 582 34.73 -2.59 -17.27
C GLU G 582 34.52 -1.12 -16.94
N TYR G 583 33.68 -0.42 -17.68
CA TYR G 583 33.42 0.99 -17.44
C TYR G 583 32.34 1.22 -16.38
N GLY G 584 31.48 0.24 -16.13
CA GLY G 584 30.44 0.40 -15.15
C GLY G 584 29.06 0.06 -15.66
N PHE G 585 28.89 0.06 -16.99
CA PHE G 585 27.61 -0.29 -17.58
C PHE G 585 27.32 -1.77 -17.38
N LEU G 586 26.11 -2.18 -17.77
CA LEU G 586 25.64 -3.53 -17.55
C LEU G 586 25.72 -4.35 -18.83
N GLU G 587 26.15 -5.60 -18.70
CA GLU G 587 26.31 -6.51 -19.82
C GLU G 587 25.50 -7.77 -19.59
N THR G 588 25.05 -8.38 -20.68
CA THR G 588 24.26 -9.62 -20.63
C THR G 588 24.81 -10.56 -21.69
N PRO G 589 25.09 -11.81 -21.36
CA PRO G 589 25.71 -12.71 -22.34
C PRO G 589 24.78 -13.06 -23.48
N TYR G 590 25.39 -13.33 -24.64
CA TYR G 590 24.69 -13.81 -25.81
C TYR G 590 25.60 -14.78 -26.55
N ARG G 591 25.01 -15.61 -27.40
CA ARG G 591 25.74 -16.60 -28.16
C ARG G 591 26.00 -16.11 -29.57
N LYS G 592 27.27 -16.13 -29.98
CA LYS G 592 27.62 -15.74 -31.34
C LYS G 592 26.99 -16.70 -32.34
N VAL G 593 26.43 -16.14 -33.40
CA VAL G 593 25.78 -16.92 -34.45
C VAL G 593 26.47 -16.63 -35.77
N THR G 594 26.93 -17.67 -36.43
CA THR G 594 27.51 -17.56 -37.77
C THR G 594 26.36 -17.46 -38.78
N ASP G 595 26.66 -17.64 -40.07
CA ASP G 595 25.65 -17.50 -41.10
C ASP G 595 24.45 -18.41 -40.83
N GLY G 596 24.70 -19.69 -40.58
CA GLY G 596 23.62 -20.62 -40.33
C GLY G 596 23.70 -21.37 -39.02
N VAL G 597 24.90 -21.51 -38.49
CA VAL G 597 25.16 -22.33 -37.32
C VAL G 597 25.35 -21.42 -36.11
N VAL G 598 24.72 -21.78 -35.00
CA VAL G 598 24.85 -21.05 -33.74
C VAL G 598 25.99 -21.69 -32.96
N THR G 599 27.10 -20.96 -32.83
CA THR G 599 28.30 -21.52 -32.23
C THR G 599 28.12 -21.66 -30.72
N ASP G 600 29.21 -22.09 -30.07
CA ASP G 600 29.24 -22.26 -28.62
C ASP G 600 29.90 -21.09 -27.90
N GLU G 601 30.82 -20.39 -28.56
CA GLU G 601 31.47 -19.25 -27.93
C GLU G 601 30.45 -18.13 -27.72
N ILE G 602 30.47 -17.54 -26.53
CA ILE G 602 29.48 -16.56 -26.15
C ILE G 602 30.12 -15.17 -26.11
N HIS G 603 29.28 -14.16 -26.25
CA HIS G 603 29.69 -12.76 -26.23
C HIS G 603 28.88 -12.02 -25.19
N TYR G 604 29.54 -11.14 -24.45
CA TYR G 604 28.87 -10.23 -23.54
C TYR G 604 28.61 -8.92 -24.27
N LEU G 605 27.35 -8.51 -24.34
CA LEU G 605 26.95 -7.35 -25.11
C LEU G 605 26.53 -6.22 -24.19
N SER G 606 27.01 -5.01 -24.47
CA SER G 606 26.70 -3.85 -23.65
C SER G 606 25.25 -3.41 -23.87
N ALA G 607 24.88 -2.33 -23.19
CA ALA G 607 23.50 -1.84 -23.30
C ALA G 607 23.24 -1.15 -24.63
N ILE G 608 24.27 -0.59 -25.25
CA ILE G 608 24.11 0.15 -26.50
C ILE G 608 24.47 -0.72 -27.71
N GLU G 609 25.49 -1.57 -27.59
CA GLU G 609 25.84 -2.46 -28.69
C GLU G 609 24.72 -3.43 -29.04
N GLU G 610 23.84 -3.71 -28.09
CA GLU G 610 22.71 -4.59 -28.34
C GLU G 610 21.72 -4.03 -29.36
N GLY G 611 21.71 -2.71 -29.53
CA GLY G 611 20.73 -2.05 -30.37
C GLY G 611 20.82 -2.38 -31.85
N ASN G 612 21.96 -2.05 -32.47
CA ASN G 612 22.07 -2.20 -33.91
C ASN G 612 22.05 -3.65 -34.37
N TYR G 613 22.29 -4.60 -33.47
CA TYR G 613 22.28 -6.01 -33.82
C TYR G 613 20.86 -6.52 -33.90
N VAL G 614 20.71 -7.78 -34.33
CA VAL G 614 19.45 -8.50 -34.25
C VAL G 614 19.68 -9.74 -33.42
N ILE G 615 18.83 -9.95 -32.41
CA ILE G 615 19.02 -10.99 -31.43
C ILE G 615 17.82 -11.92 -31.46
N ALA G 616 18.08 -13.22 -31.65
CA ALA G 616 17.02 -14.21 -31.72
C ALA G 616 16.48 -14.47 -30.30
N GLN G 617 15.64 -15.49 -30.16
CA GLN G 617 14.97 -15.73 -28.90
C GLN G 617 15.30 -17.13 -28.40
N ALA G 618 15.28 -17.29 -27.07
CA ALA G 618 15.67 -18.56 -26.47
C ALA G 618 14.74 -19.70 -26.88
N ASN G 619 13.47 -19.40 -27.14
CA ASN G 619 12.52 -20.43 -27.56
C ASN G 619 12.60 -20.64 -29.07
N SER G 620 13.80 -20.90 -29.57
CA SER G 620 14.02 -21.17 -30.99
C SER G 620 14.51 -22.62 -31.10
N ASN G 621 13.71 -23.48 -31.71
CA ASN G 621 14.04 -24.89 -31.79
C ASN G 621 15.30 -25.09 -32.62
N LEU G 622 16.22 -25.88 -32.07
CA LEU G 622 17.52 -26.14 -32.70
C LEU G 622 17.65 -27.62 -33.02
N ASP G 623 18.36 -27.91 -34.11
CA ASP G 623 18.56 -29.27 -34.57
C ASP G 623 19.75 -29.95 -33.90
N GLU G 624 20.43 -29.26 -32.99
CA GLU G 624 21.64 -29.71 -32.30
C GLU G 624 22.83 -29.66 -33.25
N GLU G 625 22.57 -29.43 -34.53
CA GLU G 625 23.63 -29.22 -35.51
C GLU G 625 23.99 -27.75 -35.66
N GLY G 626 23.32 -26.86 -34.92
CA GLY G 626 23.58 -25.44 -34.99
C GLY G 626 22.63 -24.66 -35.87
N HIS G 627 21.85 -25.33 -36.72
CA HIS G 627 20.95 -24.67 -37.64
C HIS G 627 19.54 -24.61 -37.06
N PHE G 628 18.87 -23.49 -37.27
CA PHE G 628 17.47 -23.38 -36.86
C PHE G 628 16.61 -24.34 -37.68
N VAL G 629 15.56 -24.85 -37.06
CA VAL G 629 14.71 -25.85 -37.72
C VAL G 629 13.52 -25.23 -38.45
N GLU G 630 13.19 -23.98 -38.19
CA GLU G 630 12.14 -23.29 -38.92
C GLU G 630 12.75 -22.23 -39.83
N ASP G 631 11.91 -21.64 -40.68
CA ASP G 631 12.39 -20.65 -41.64
C ASP G 631 12.28 -19.22 -41.11
N LEU G 632 11.32 -18.95 -40.24
CA LEU G 632 11.14 -17.64 -39.64
C LEU G 632 11.37 -17.75 -38.14
N VAL G 633 12.29 -16.94 -37.62
CA VAL G 633 12.68 -16.97 -36.22
C VAL G 633 12.37 -15.61 -35.61
N THR G 634 11.67 -15.61 -34.48
CA THR G 634 11.38 -14.37 -33.77
C THR G 634 12.67 -13.77 -33.23
N CYS G 635 12.77 -12.44 -33.23
CA CYS G 635 13.96 -11.76 -32.78
C CYS G 635 13.56 -10.50 -32.03
N ARG G 636 14.56 -9.66 -31.75
CA ARG G 636 14.34 -8.39 -31.05
C ARG G 636 15.40 -7.42 -31.57
N SER G 637 15.03 -6.60 -32.56
CA SER G 637 16.01 -5.77 -33.26
C SER G 637 16.14 -4.38 -32.63
N LYS G 638 15.05 -3.61 -32.62
CA LYS G 638 15.06 -2.24 -32.14
C LYS G 638 14.15 -2.07 -30.94
N GLY G 639 14.22 -3.02 -30.01
CA GLY G 639 13.27 -3.02 -28.91
C GLY G 639 11.87 -3.39 -29.32
N GLU G 640 11.71 -4.03 -30.48
CA GLU G 640 10.41 -4.43 -30.99
C GLU G 640 10.54 -5.83 -31.58
N SER G 641 9.93 -6.81 -30.94
CA SER G 641 9.96 -8.17 -31.45
C SER G 641 9.21 -8.27 -32.77
N SER G 642 9.66 -9.16 -33.63
CA SER G 642 9.07 -9.37 -34.95
C SER G 642 9.61 -10.68 -35.49
N LEU G 643 9.34 -10.95 -36.77
CA LEU G 643 9.80 -12.16 -37.44
C LEU G 643 10.87 -11.81 -38.45
N PHE G 644 11.91 -12.64 -38.51
CA PHE G 644 13.02 -12.44 -39.44
C PHE G 644 13.36 -13.78 -40.09
N SER G 645 14.36 -13.75 -40.97
CA SER G 645 14.85 -14.96 -41.61
C SER G 645 16.01 -15.55 -40.81
N ARG G 646 16.33 -16.81 -41.12
CA ARG G 646 17.39 -17.50 -40.40
C ARG G 646 18.75 -16.84 -40.64
N ASP G 647 19.00 -16.42 -41.87
CA ASP G 647 20.31 -15.87 -42.22
C ASP G 647 20.56 -14.50 -41.60
N GLN G 648 19.51 -13.77 -41.24
CA GLN G 648 19.69 -12.43 -40.71
C GLN G 648 20.26 -12.44 -39.30
N VAL G 649 19.82 -13.38 -38.46
CA VAL G 649 20.17 -13.35 -37.05
C VAL G 649 21.67 -13.59 -36.86
N ASP G 650 22.23 -12.94 -35.84
CA ASP G 650 23.62 -13.16 -35.48
C ASP G 650 23.84 -13.18 -33.97
N TYR G 651 22.79 -13.39 -33.19
CA TYR G 651 22.92 -13.48 -31.74
C TYR G 651 21.65 -14.13 -31.17
N MET G 652 21.83 -15.03 -30.20
CA MET G 652 20.72 -15.67 -29.52
C MET G 652 20.95 -15.60 -28.02
N ASP G 653 19.85 -15.61 -27.26
CA ASP G 653 19.96 -15.62 -25.82
C ASP G 653 20.70 -16.86 -25.34
N VAL G 654 21.51 -16.69 -24.29
CA VAL G 654 22.30 -17.79 -23.77
C VAL G 654 21.40 -18.83 -23.10
N SER G 655 20.42 -18.39 -22.33
CA SER G 655 19.52 -19.29 -21.64
C SER G 655 18.12 -18.69 -21.67
N THR G 656 17.20 -19.31 -20.92
CA THR G 656 15.81 -18.92 -20.92
C THR G 656 15.38 -18.18 -19.65
N GLN G 657 16.18 -18.24 -18.59
CA GLN G 657 15.90 -17.58 -17.32
C GLN G 657 16.77 -16.36 -17.08
N GLN G 658 17.38 -15.81 -18.14
CA GLN G 658 18.33 -14.71 -17.97
C GLN G 658 17.66 -13.37 -17.77
N VAL G 659 16.35 -13.27 -17.94
CA VAL G 659 15.68 -11.98 -17.74
C VAL G 659 15.32 -11.77 -16.28
N VAL G 660 14.99 -12.83 -15.56
CA VAL G 660 14.50 -12.72 -14.19
C VAL G 660 15.67 -12.66 -13.21
N SER G 661 15.38 -12.23 -11.98
CA SER G 661 16.38 -12.12 -10.94
C SER G 661 16.63 -13.49 -10.31
N VAL G 662 17.31 -13.51 -9.16
CA VAL G 662 17.56 -14.77 -8.47
C VAL G 662 16.29 -15.27 -7.80
N GLY G 663 15.74 -14.46 -6.88
CA GLY G 663 14.57 -14.89 -6.13
C GLY G 663 13.37 -15.15 -7.01
N ALA G 664 13.12 -14.26 -7.98
CA ALA G 664 11.98 -14.44 -8.86
C ALA G 664 12.14 -15.66 -9.76
N SER G 665 13.35 -16.17 -9.92
CA SER G 665 13.55 -17.37 -10.72
C SER G 665 13.26 -18.65 -9.95
N LEU G 666 13.05 -18.57 -8.64
CA LEU G 666 12.75 -19.76 -7.84
C LEU G 666 11.29 -20.17 -7.94
N ILE G 667 10.41 -19.29 -8.38
CA ILE G 667 8.98 -19.60 -8.44
C ILE G 667 8.74 -20.57 -9.59
N PRO G 668 8.24 -21.76 -9.34
CA PRO G 668 7.91 -22.67 -10.43
C PRO G 668 6.63 -22.23 -11.12
N PHE G 669 6.55 -22.54 -12.41
CA PHE G 669 5.44 -22.12 -13.25
C PHE G 669 5.25 -20.60 -13.17
N LEU G 670 6.37 -19.87 -13.19
CA LEU G 670 6.31 -18.42 -13.10
C LEU G 670 5.58 -17.83 -14.29
N GLU G 671 5.80 -18.38 -15.48
CA GLU G 671 5.20 -17.83 -16.69
C GLU G 671 3.68 -17.97 -16.72
N HIS G 672 3.10 -18.78 -15.84
CA HIS G 672 1.67 -19.00 -15.87
C HIS G 672 0.87 -17.96 -15.07
N ASP G 673 1.52 -17.19 -14.22
CA ASP G 673 0.82 -16.24 -13.35
C ASP G 673 1.20 -14.81 -13.71
N ASP G 674 0.28 -13.89 -13.43
CA ASP G 674 0.45 -12.50 -13.80
C ASP G 674 1.64 -11.88 -13.07
N ALA G 675 2.26 -10.88 -13.71
CA ALA G 675 3.41 -10.22 -13.11
C ALA G 675 3.04 -9.48 -11.83
N ASN G 676 1.81 -8.96 -11.76
CA ASN G 676 1.39 -8.26 -10.55
C ASN G 676 1.42 -9.16 -9.32
N ARG G 677 1.16 -10.45 -9.51
CA ARG G 677 1.21 -11.40 -8.40
C ARG G 677 2.61 -11.98 -8.20
N ALA G 678 3.38 -12.14 -9.28
CA ALA G 678 4.76 -12.59 -9.10
C ALA G 678 5.60 -11.55 -8.38
N LEU G 679 5.23 -10.27 -8.50
CA LEU G 679 5.95 -9.22 -7.79
C LEU G 679 5.87 -9.42 -6.28
N MET G 680 4.75 -9.94 -5.78
CA MET G 680 4.64 -10.26 -4.37
C MET G 680 5.09 -11.67 -4.04
N GLY G 681 4.99 -12.58 -5.01
CA GLY G 681 5.53 -13.92 -4.81
C GLY G 681 7.03 -13.92 -4.61
N ALA G 682 7.73 -13.02 -5.30
CA ALA G 682 9.17 -12.87 -5.13
C ALA G 682 9.53 -12.01 -3.92
N ASN G 683 8.57 -11.28 -3.36
CA ASN G 683 8.81 -10.49 -2.15
C ASN G 683 8.37 -11.20 -0.88
N MET G 684 7.64 -12.30 -0.99
CA MET G 684 7.22 -13.09 0.16
C MET G 684 8.09 -14.32 0.35
N GLN G 685 9.22 -14.40 -0.36
CA GLN G 685 10.20 -15.45 -0.13
C GLN G 685 11.36 -14.98 0.72
N ARG G 686 11.73 -13.71 0.63
CA ARG G 686 12.80 -13.15 1.42
C ARG G 686 12.39 -12.88 2.86
N GLN G 687 11.18 -13.26 3.23
CA GLN G 687 10.66 -13.04 4.58
C GLN G 687 10.21 -14.34 5.23
N ALA G 688 10.64 -15.48 4.72
CA ALA G 688 10.23 -16.77 5.25
C ALA G 688 11.20 -17.18 6.35
N VAL G 689 10.72 -17.20 7.59
CA VAL G 689 11.59 -17.55 8.71
C VAL G 689 12.00 -19.01 8.58
N PRO G 690 13.24 -19.38 8.93
CA PRO G 690 13.65 -20.78 8.82
C PRO G 690 13.02 -21.62 9.91
N THR G 691 12.39 -22.73 9.51
CA THR G 691 11.64 -23.57 10.43
C THR G 691 12.59 -24.49 11.20
N LEU G 692 12.01 -25.47 11.89
CA LEU G 692 12.80 -26.34 12.76
C LEU G 692 13.49 -27.46 11.97
N ARG G 693 12.70 -28.30 11.30
CA ARG G 693 13.22 -29.36 10.46
C ARG G 693 13.01 -28.96 9.00
N ALA G 694 14.06 -28.43 8.37
CA ALA G 694 13.93 -27.95 7.01
C ALA G 694 13.61 -29.10 6.06
N ASP G 695 12.70 -28.85 5.13
CA ASP G 695 12.23 -29.84 4.18
C ASP G 695 12.39 -29.33 2.76
N LYS G 696 12.88 -30.19 1.87
CA LYS G 696 13.13 -29.81 0.49
C LYS G 696 11.81 -29.46 -0.20
N PRO G 697 11.85 -28.62 -1.23
CA PRO G 697 10.62 -28.29 -1.97
C PRO G 697 10.25 -29.43 -2.89
N LEU G 698 9.02 -29.93 -2.74
CA LEU G 698 8.57 -31.04 -3.56
C LEU G 698 8.52 -30.67 -5.03
N VAL G 699 8.33 -29.38 -5.33
CA VAL G 699 8.37 -28.88 -6.70
C VAL G 699 9.14 -27.56 -6.74
N GLY G 700 10.39 -27.63 -7.19
CA GLY G 700 11.25 -26.46 -7.22
C GLY G 700 11.76 -26.16 -8.61
N THR G 701 12.24 -24.93 -8.82
CA THR G 701 12.65 -24.52 -10.16
C THR G 701 13.83 -25.33 -10.66
N GLY G 702 14.89 -25.42 -9.87
CA GLY G 702 16.13 -26.00 -10.33
C GLY G 702 17.30 -25.12 -9.95
N MET G 703 16.99 -23.91 -9.48
CA MET G 703 17.98 -23.00 -8.92
C MET G 703 18.03 -23.08 -7.39
N GLU G 704 17.78 -24.26 -6.83
CA GLU G 704 17.96 -24.43 -5.40
C GLU G 704 19.35 -24.93 -5.04
N ARG G 705 19.99 -25.69 -5.92
CA ARG G 705 21.36 -26.14 -5.71
C ARG G 705 22.38 -25.09 -6.11
N ALA G 706 21.96 -23.85 -6.29
CA ALA G 706 22.86 -22.77 -6.66
C ALA G 706 22.68 -21.52 -5.82
N VAL G 707 21.74 -21.50 -4.89
CA VAL G 707 21.58 -20.36 -3.99
C VAL G 707 22.13 -20.74 -2.62
N ALA G 708 21.95 -22.00 -2.23
CA ALA G 708 22.52 -22.46 -0.97
C ALA G 708 24.04 -22.52 -1.04
N VAL G 709 24.58 -23.05 -2.14
CA VAL G 709 26.03 -23.18 -2.27
C VAL G 709 26.68 -21.80 -2.40
N ASP G 710 26.12 -20.95 -3.27
CA ASP G 710 26.76 -19.68 -3.58
C ASP G 710 26.70 -18.70 -2.41
N SER G 711 25.69 -18.83 -1.55
CA SER G 711 25.63 -18.02 -0.34
C SER G 711 26.64 -18.57 0.67
N GLY G 712 26.63 -18.02 1.88
CA GLY G 712 27.56 -18.45 2.90
C GLY G 712 26.99 -19.39 3.94
N VAL G 713 25.71 -19.71 3.88
CA VAL G 713 25.09 -20.52 4.94
C VAL G 713 25.71 -21.90 4.99
N THR G 714 25.89 -22.52 3.83
CA THR G 714 26.48 -23.85 3.80
C THR G 714 27.99 -23.77 3.96
N ALA G 715 28.63 -24.93 4.09
CA ALA G 715 30.09 -25.03 4.22
C ALA G 715 30.57 -26.04 3.19
N VAL G 716 30.95 -25.53 2.01
CA VAL G 716 31.42 -26.37 0.93
C VAL G 716 32.87 -26.78 1.22
N ALA G 717 33.17 -28.05 0.97
CA ALA G 717 34.53 -28.54 1.16
C ALA G 717 35.43 -28.05 0.04
N LYS G 718 36.57 -27.46 0.41
CA LYS G 718 37.51 -26.93 -0.57
C LYS G 718 38.52 -27.97 -1.03
N ARG G 719 38.57 -29.14 -0.39
CA ARG G 719 39.49 -30.20 -0.78
C ARG G 719 38.76 -31.53 -0.75
N GLY G 720 39.19 -32.44 -1.63
CA GLY G 720 38.56 -33.74 -1.76
C GLY G 720 39.26 -34.81 -0.97
N GLY G 721 38.48 -35.74 -0.44
CA GLY G 721 39.03 -36.84 0.35
C GLY G 721 37.96 -37.66 1.04
N VAL G 722 38.24 -38.07 2.27
CA VAL G 722 37.33 -38.89 3.07
C VAL G 722 37.14 -38.23 4.43
N VAL G 723 36.01 -38.51 5.04
CA VAL G 723 35.66 -37.94 6.34
C VAL G 723 36.29 -38.81 7.43
N GLN G 724 37.13 -38.21 8.27
CA GLN G 724 37.84 -38.93 9.30
C GLN G 724 37.07 -38.97 10.62
N TYR G 725 36.50 -37.83 11.03
CA TYR G 725 35.72 -37.77 12.27
C TYR G 725 34.68 -36.68 12.13
N VAL G 726 33.41 -37.06 12.15
CA VAL G 726 32.32 -36.12 12.11
C VAL G 726 31.81 -35.90 13.52
N ASP G 727 31.12 -34.79 13.73
CA ASP G 727 30.53 -34.45 15.02
C ASP G 727 29.52 -33.34 14.79
N ALA G 728 28.71 -33.09 15.81
CA ALA G 728 27.67 -32.07 15.69
C ALA G 728 28.24 -30.65 15.65
N SER G 729 29.53 -30.48 15.93
CA SER G 729 30.13 -29.15 15.95
C SER G 729 31.40 -29.03 15.12
N ARG G 730 31.95 -30.13 14.60
CA ARG G 730 33.16 -30.04 13.79
C ARG G 730 33.21 -31.24 12.86
N ILE G 731 33.78 -31.02 11.67
CA ILE G 731 33.91 -32.05 10.66
C ILE G 731 35.36 -32.07 10.20
N VAL G 732 36.02 -33.23 10.32
CA VAL G 732 37.42 -33.38 9.97
C VAL G 732 37.51 -34.25 8.73
N ILE G 733 38.11 -33.73 7.67
CA ILE G 733 38.24 -34.43 6.40
C ILE G 733 39.72 -34.70 6.16
N LYS G 734 40.04 -35.95 5.83
CA LYS G 734 41.40 -36.32 5.46
C LYS G 734 41.53 -36.22 3.95
N VAL G 735 42.40 -35.32 3.49
CA VAL G 735 42.53 -35.06 2.06
C VAL G 735 43.17 -36.25 1.36
N ASN G 736 43.04 -36.27 0.04
CA ASN G 736 43.63 -37.33 -0.77
C ASN G 736 45.13 -37.07 -0.94
N GLU G 737 45.78 -37.89 -1.77
CA GLU G 737 47.21 -37.72 -2.00
C GLU G 737 47.48 -36.69 -3.08
N ASP G 738 46.77 -36.79 -4.21
CA ASP G 738 47.00 -35.88 -5.33
C ASP G 738 46.56 -34.46 -5.00
N GLU G 739 45.40 -34.31 -4.37
CA GLU G 739 44.85 -32.99 -4.11
C GLU G 739 45.62 -32.23 -3.03
N MET G 740 46.54 -32.88 -2.33
CA MET G 740 47.27 -32.25 -1.24
C MET G 740 48.65 -31.81 -1.70
N TYR G 741 49.17 -30.77 -1.05
CA TYR G 741 50.52 -30.30 -1.34
C TYR G 741 51.54 -31.31 -0.82
N PRO G 742 52.73 -31.37 -1.45
CA PRO G 742 53.74 -32.34 -0.99
C PRO G 742 54.16 -32.14 0.46
N GLY G 743 54.18 -30.91 0.94
CA GLY G 743 54.60 -30.64 2.31
C GLY G 743 53.58 -29.81 3.05
N GLU G 744 53.46 -30.09 4.34
CA GLU G 744 52.59 -29.35 5.26
C GLU G 744 51.12 -29.41 4.86
N ALA G 745 50.73 -30.43 4.11
CA ALA G 745 49.32 -30.56 3.73
C ALA G 745 48.46 -30.94 4.92
N GLY G 746 48.76 -32.06 5.56
CA GLY G 746 48.00 -32.48 6.72
C GLY G 746 46.55 -32.77 6.35
N ILE G 747 45.64 -32.26 7.17
CA ILE G 747 44.21 -32.49 7.00
C ILE G 747 43.45 -31.20 7.29
N ASP G 748 42.20 -31.15 6.83
CA ASP G 748 41.39 -29.95 6.89
C ASP G 748 40.27 -30.12 7.91
N ILE G 749 39.98 -29.06 8.65
CA ILE G 749 38.98 -29.07 9.71
C ILE G 749 38.01 -27.92 9.48
N TYR G 750 36.72 -28.23 9.55
CA TYR G 750 35.67 -27.22 9.50
C TYR G 750 35.01 -27.12 10.86
N ASN G 751 34.80 -25.90 11.32
CA ASN G 751 34.07 -25.65 12.57
C ASN G 751 32.69 -25.12 12.22
N LEU G 752 31.67 -25.81 12.70
CA LEU G 752 30.29 -25.43 12.44
C LEU G 752 29.81 -24.44 13.49
N THR G 753 29.09 -23.42 13.04
CA THR G 753 28.54 -22.41 13.94
C THR G 753 27.23 -22.93 14.50
N LYS G 754 27.19 -23.16 15.80
CA LYS G 754 25.97 -23.62 16.46
C LYS G 754 25.04 -22.43 16.67
N TYR G 755 24.00 -22.60 17.49
CA TYR G 755 22.94 -21.62 17.60
C TYR G 755 23.48 -20.25 17.95
N THR G 756 23.38 -19.31 17.01
CA THR G 756 23.83 -17.94 17.19
C THR G 756 22.75 -16.99 16.69
N ARG G 757 22.53 -15.92 17.44
CA ARG G 757 21.52 -14.94 17.06
C ARG G 757 21.84 -14.32 15.70
N SER G 758 20.84 -14.23 14.85
CA SER G 758 20.96 -13.54 13.58
C SER G 758 20.43 -12.11 13.71
N ASN G 759 20.61 -11.34 12.63
CA ASN G 759 20.19 -9.95 12.67
C ASN G 759 18.68 -9.79 12.75
N GLN G 760 17.92 -10.86 12.51
CA GLN G 760 16.46 -10.81 12.65
C GLN G 760 15.96 -11.75 13.74
N ASN G 761 16.83 -12.09 14.69
CA ASN G 761 16.47 -12.90 15.86
C ASN G 761 16.03 -14.30 15.49
N THR G 762 16.51 -14.83 14.36
CA THR G 762 16.29 -16.21 13.98
C THR G 762 17.56 -17.01 14.16
N CYS G 763 17.40 -18.32 14.36
CA CYS G 763 18.55 -19.17 14.66
C CYS G 763 19.39 -19.41 13.42
N ILE G 764 20.71 -19.41 13.60
CA ILE G 764 21.66 -19.73 12.55
C ILE G 764 22.41 -20.97 13.02
N ASN G 765 22.11 -22.11 12.40
CA ASN G 765 22.63 -23.39 12.85
C ASN G 765 23.17 -24.18 11.67
N GLN G 766 24.21 -24.97 11.93
CA GLN G 766 24.79 -25.86 10.95
C GLN G 766 24.63 -27.29 11.41
N MET G 767 24.15 -28.15 10.52
CA MET G 767 24.01 -29.56 10.85
C MET G 767 24.84 -30.39 9.90
N PRO G 768 25.54 -31.42 10.40
CA PRO G 768 26.34 -32.26 9.51
C PRO G 768 25.45 -32.99 8.52
N CYS G 769 25.99 -33.21 7.32
CA CYS G 769 25.26 -33.86 6.24
C CYS G 769 25.92 -35.14 5.77
N VAL G 770 26.97 -35.60 6.45
CA VAL G 770 27.72 -36.76 6.03
C VAL G 770 27.86 -37.72 7.21
N SER G 771 28.59 -38.80 6.99
CA SER G 771 28.87 -39.79 8.02
C SER G 771 30.29 -40.29 7.86
N LEU G 772 30.78 -40.98 8.88
CA LEU G 772 32.15 -41.47 8.86
C LEU G 772 32.37 -42.41 7.68
N GLY G 773 33.50 -42.24 7.01
CA GLY G 773 33.88 -43.10 5.90
C GLY G 773 33.31 -42.72 4.55
N GLU G 774 32.35 -41.79 4.51
CA GLU G 774 31.75 -41.41 3.24
C GLU G 774 32.72 -40.53 2.45
N PRO G 775 33.09 -40.91 1.24
CA PRO G 775 33.96 -40.04 0.44
C PRO G 775 33.29 -38.72 0.12
N VAL G 776 34.09 -37.66 0.09
CA VAL G 776 33.61 -36.31 -0.17
C VAL G 776 34.44 -35.73 -1.31
N GLU G 777 33.75 -35.22 -2.34
CA GLU G 777 34.42 -34.67 -3.50
C GLU G 777 34.62 -33.17 -3.36
N ARG G 778 35.42 -32.61 -4.26
CA ARG G 778 35.74 -31.19 -4.22
C ARG G 778 34.50 -30.35 -4.49
N GLY G 779 34.39 -29.24 -3.78
CA GLY G 779 33.28 -28.32 -3.98
C GLY G 779 31.92 -28.92 -3.71
N ASP G 780 31.80 -29.68 -2.62
CA ASP G 780 30.58 -30.40 -2.30
C ASP G 780 30.08 -30.00 -0.92
N VAL G 781 28.77 -29.87 -0.78
CA VAL G 781 28.18 -29.44 0.48
C VAL G 781 28.21 -30.58 1.48
N LEU G 782 28.64 -30.28 2.70
CA LEU G 782 28.58 -31.25 3.78
C LEU G 782 28.20 -30.60 5.11
N ALA G 783 27.54 -29.45 5.06
CA ALA G 783 27.05 -28.80 6.27
C ALA G 783 25.80 -28.01 5.90
N ASP G 784 24.64 -28.61 6.13
CA ASP G 784 23.38 -27.93 5.83
C ASP G 784 23.21 -26.72 6.74
N GLY G 785 22.97 -25.56 6.14
CA GLY G 785 22.83 -24.34 6.90
C GLY G 785 21.40 -24.14 7.37
N PRO G 786 21.09 -22.94 7.86
CA PRO G 786 19.70 -22.65 8.25
C PRO G 786 18.81 -22.60 7.02
N SER G 787 17.69 -23.32 7.08
CA SER G 787 16.74 -23.40 5.97
C SER G 787 17.44 -23.90 4.71
N THR G 788 17.99 -25.11 4.80
CA THR G 788 18.73 -25.72 3.71
C THR G 788 18.85 -27.21 3.99
N ASP G 789 18.45 -28.02 3.02
CA ASP G 789 18.48 -29.47 3.17
C ASP G 789 19.27 -30.08 2.03
N LEU G 790 20.30 -30.87 2.37
CA LEU G 790 21.12 -31.60 1.40
C LEU G 790 21.73 -30.65 0.36
N GLY G 791 22.11 -29.45 0.80
CA GLY G 791 22.67 -28.46 -0.10
C GLY G 791 21.68 -28.04 -1.16
N GLU G 792 20.44 -27.79 -0.74
CA GLU G 792 19.36 -27.45 -1.66
C GLU G 792 18.42 -26.52 -0.92
N LEU G 793 18.22 -25.31 -1.44
CA LEU G 793 17.46 -24.30 -0.72
C LEU G 793 16.07 -24.80 -0.37
N ALA G 794 15.69 -24.62 0.89
CA ALA G 794 14.41 -25.15 1.39
C ALA G 794 13.92 -24.18 2.45
N LEU G 795 13.01 -23.28 2.06
CA LEU G 795 12.55 -22.23 2.95
C LEU G 795 11.33 -22.64 3.76
N GLY G 796 10.39 -23.37 3.15
CA GLY G 796 9.18 -23.76 3.83
C GLY G 796 9.03 -25.25 4.01
N GLN G 797 7.79 -25.72 4.09
CA GLN G 797 7.51 -27.15 4.27
C GLN G 797 6.28 -27.50 3.46
N ASN G 798 6.41 -28.48 2.57
CA ASN G 798 5.31 -28.86 1.69
C ASN G 798 4.16 -29.46 2.49
N MET G 799 2.94 -29.02 2.19
CA MET G 799 1.75 -29.38 2.95
C MET G 799 0.65 -29.84 2.01
N ARG G 800 -0.14 -30.80 2.46
CA ARG G 800 -1.25 -31.32 1.66
C ARG G 800 -2.39 -30.31 1.68
N VAL G 801 -2.70 -29.76 0.51
CA VAL G 801 -3.61 -28.62 0.39
C VAL G 801 -4.82 -29.03 -0.43
N ALA G 802 -6.01 -28.65 0.04
CA ALA G 802 -7.25 -28.90 -0.67
C ALA G 802 -7.98 -27.57 -0.87
N PHE G 803 -8.41 -27.31 -2.10
CA PHE G 803 -9.09 -26.06 -2.44
C PHE G 803 -10.60 -26.25 -2.30
N MET G 804 -11.19 -25.62 -1.29
CA MET G 804 -12.64 -25.61 -1.12
C MET G 804 -13.06 -24.67 -0.01
N PRO G 805 -14.25 -24.08 -0.09
CA PRO G 805 -14.76 -23.31 1.06
C PRO G 805 -15.19 -24.27 2.17
N TRP G 806 -14.80 -23.94 3.40
CA TRP G 806 -15.07 -24.80 4.54
C TRP G 806 -15.74 -23.98 5.64
N ASN G 807 -17.07 -23.90 5.57
CA ASN G 807 -17.88 -23.27 6.61
C ASN G 807 -17.41 -21.85 6.93
N GLY G 808 -16.80 -21.18 5.94
CA GLY G 808 -16.39 -19.81 6.10
C GLY G 808 -15.15 -19.60 6.94
N TYR G 809 -14.50 -20.65 7.43
CA TYR G 809 -13.30 -20.46 8.23
C TYR G 809 -12.11 -20.07 7.38
N ASN G 810 -12.18 -20.26 6.07
CA ASN G 810 -11.26 -19.63 5.13
C ASN G 810 -12.11 -18.71 4.27
N PHE G 811 -12.37 -17.51 4.78
CA PHE G 811 -13.40 -16.67 4.19
C PHE G 811 -12.97 -16.08 2.85
N GLU G 812 -11.96 -15.22 2.87
CA GLU G 812 -11.57 -14.58 1.61
C GLU G 812 -10.07 -14.65 1.40
N ASP G 813 -9.30 -14.70 2.49
CA ASP G 813 -7.89 -15.04 2.39
C ASP G 813 -7.41 -15.91 3.54
N SER G 814 -8.28 -16.32 4.46
CA SER G 814 -7.84 -17.11 5.59
C SER G 814 -7.41 -18.51 5.14
N ILE G 815 -6.60 -19.15 5.97
CA ILE G 815 -6.04 -20.46 5.70
C ILE G 815 -6.31 -21.34 6.90
N LEU G 816 -7.13 -22.37 6.72
CA LEU G 816 -7.39 -23.31 7.79
C LEU G 816 -6.23 -24.29 7.91
N VAL G 817 -5.84 -24.62 9.14
CA VAL G 817 -4.69 -25.47 9.40
C VAL G 817 -5.10 -26.59 10.35
N SER G 818 -4.79 -27.82 9.98
CA SER G 818 -5.14 -28.98 10.79
C SER G 818 -4.28 -29.06 12.04
N GLU G 819 -4.80 -29.74 13.06
CA GLU G 819 -4.01 -30.01 14.26
C GLU G 819 -2.80 -30.87 13.95
N ARG G 820 -2.87 -31.67 12.89
CA ARG G 820 -1.75 -32.53 12.50
C ARG G 820 -0.51 -31.70 12.18
N VAL G 821 -0.69 -30.45 11.77
CA VAL G 821 0.45 -29.59 11.49
C VAL G 821 1.19 -29.25 12.78
N VAL G 822 0.45 -28.83 13.80
CA VAL G 822 1.09 -28.48 15.06
C VAL G 822 1.67 -29.71 15.75
N GLN G 823 0.95 -30.83 15.67
CA GLN G 823 1.41 -32.04 16.34
C GLN G 823 2.74 -32.52 15.77
N GLU G 824 2.89 -32.46 14.45
CA GLU G 824 4.15 -32.85 13.82
C GLU G 824 5.25 -31.83 14.05
N ASP G 825 4.93 -30.67 14.62
CA ASP G 825 5.91 -29.60 14.85
C ASP G 825 6.62 -29.21 13.55
N ARG G 826 5.81 -29.07 12.50
CA ARG G 826 6.33 -28.73 11.18
C ARG G 826 6.52 -27.24 10.99
N PHE G 827 6.13 -26.40 11.95
CA PHE G 827 6.25 -24.97 11.77
C PHE G 827 6.72 -24.24 13.02
N THR G 828 7.10 -24.96 14.08
CA THR G 828 7.59 -24.32 15.30
C THR G 828 9.02 -23.88 15.09
N THR G 829 9.22 -22.58 14.90
CA THR G 829 10.55 -22.04 14.64
C THR G 829 11.21 -21.57 15.92
N ILE G 830 12.53 -21.44 15.86
CA ILE G 830 13.31 -20.94 16.98
C ILE G 830 13.44 -19.42 16.84
N HIS G 831 13.55 -18.74 17.97
CA HIS G 831 13.67 -17.28 17.98
C HIS G 831 14.66 -16.91 19.09
N ILE G 832 15.93 -16.78 18.70
CA ILE G 832 16.97 -16.38 19.65
C ILE G 832 16.95 -14.87 19.80
N GLN G 833 16.84 -14.39 21.03
CA GLN G 833 16.74 -12.97 21.32
C GLN G 833 17.79 -12.61 22.36
N GLU G 834 18.37 -11.43 22.22
CA GLU G 834 19.50 -11.00 23.04
C GLU G 834 19.10 -9.85 23.95
N LEU G 835 19.54 -9.90 25.20
CA LEU G 835 19.32 -8.87 26.18
C LEU G 835 20.66 -8.38 26.73
N ALA G 836 20.68 -7.14 27.21
CA ALA G 836 21.91 -6.56 27.71
C ALA G 836 21.62 -5.66 28.90
N CYS G 837 22.39 -5.83 29.97
CA CYS G 837 22.32 -4.98 31.15
C CYS G 837 23.62 -4.20 31.26
N VAL G 838 23.50 -2.89 31.50
CA VAL G 838 24.66 -2.00 31.53
C VAL G 838 24.77 -1.39 32.91
N SER G 839 26.00 -1.35 33.43
CA SER G 839 26.29 -0.77 34.74
C SER G 839 27.03 0.54 34.53
N ARG G 840 26.28 1.64 34.52
CA ARG G 840 26.84 2.96 34.28
C ARG G 840 27.55 3.48 35.54
N ASP G 841 28.27 4.59 35.38
CA ASP G 841 28.91 5.20 36.57
C ASP G 841 28.30 6.57 36.80
N THR G 842 27.16 6.59 37.49
CA THR G 842 26.43 7.80 37.82
C THR G 842 27.05 8.47 39.04
N LYS G 843 26.55 9.66 39.36
CA LYS G 843 26.96 10.36 40.56
C LYS G 843 26.44 9.61 41.80
N LEU G 844 26.94 10.03 42.96
CA LEU G 844 26.56 9.47 44.25
C LEU G 844 27.09 8.04 44.41
N GLY G 845 27.73 7.51 43.37
CA GLY G 845 28.31 6.19 43.42
C GLY G 845 27.84 5.30 42.29
N PRO G 846 28.71 4.38 41.86
CA PRO G 846 28.31 3.46 40.79
C PRO G 846 27.30 2.43 41.29
N GLU G 847 26.50 1.92 40.35
CA GLU G 847 25.53 0.89 40.68
C GLU G 847 26.21 -0.45 40.89
N GLU G 848 25.55 -1.30 41.66
CA GLU G 848 26.09 -2.61 42.02
C GLU G 848 25.47 -3.70 41.16
N ILE G 849 26.25 -4.75 40.92
CA ILE G 849 25.81 -5.91 40.16
C ILE G 849 25.41 -7.07 41.04
N THR G 850 25.42 -6.88 42.37
CA THR G 850 25.25 -7.96 43.33
C THR G 850 23.86 -8.59 43.22
N ALA G 851 23.70 -9.71 43.93
CA ALA G 851 22.45 -10.45 43.97
C ALA G 851 21.59 -10.10 45.17
N ASP G 852 22.03 -9.17 46.02
CA ASP G 852 21.25 -8.77 47.20
C ASP G 852 20.29 -7.67 46.77
N ILE G 853 19.09 -8.08 46.36
CA ILE G 853 18.07 -7.16 45.89
C ILE G 853 17.16 -6.83 47.07
N PRO G 854 17.11 -5.57 47.53
CA PRO G 854 16.19 -5.23 48.61
C PRO G 854 14.74 -5.27 48.16
N ASN G 855 13.86 -5.53 49.13
CA ASN G 855 12.41 -5.46 48.91
C ASN G 855 11.96 -6.44 47.83
N VAL G 856 12.58 -7.62 47.78
CA VAL G 856 12.14 -8.72 46.93
C VAL G 856 12.09 -9.99 47.77
N GLY G 857 11.28 -10.95 47.30
CA GLY G 857 11.10 -12.18 48.01
C GLY G 857 12.22 -13.16 47.75
N GLU G 858 12.10 -14.34 48.38
CA GLU G 858 13.05 -15.42 48.19
C GLU G 858 12.82 -16.21 46.92
N ALA G 859 11.65 -16.04 46.28
CA ALA G 859 11.35 -16.81 45.08
C ALA G 859 12.18 -16.33 43.89
N ALA G 860 12.28 -15.01 43.71
CA ALA G 860 12.98 -14.49 42.54
C ALA G 860 14.47 -14.79 42.57
N LEU G 861 15.07 -14.82 43.77
CA LEU G 861 16.50 -15.06 43.88
C LEU G 861 16.88 -16.53 43.73
N SER G 862 15.90 -17.43 43.63
CA SER G 862 16.20 -18.84 43.44
C SER G 862 16.92 -19.08 42.11
N LYS G 863 16.50 -18.33 41.09
CA LYS G 863 17.04 -18.42 39.72
C LYS G 863 18.28 -17.54 39.59
N LEU G 864 18.86 -17.09 40.71
CA LEU G 864 20.06 -16.28 40.69
C LEU G 864 21.17 -16.93 41.50
N ASP G 865 22.38 -16.87 40.97
CA ASP G 865 23.55 -17.42 41.65
C ASP G 865 24.07 -16.42 42.68
N GLU G 866 25.27 -16.66 43.20
CA GLU G 866 25.83 -15.75 44.21
C GLU G 866 26.27 -14.43 43.59
N SER G 867 26.81 -14.47 42.37
CA SER G 867 27.37 -13.27 41.77
C SER G 867 26.33 -12.32 41.21
N GLY G 868 25.05 -12.72 41.20
CA GLY G 868 24.01 -11.89 40.64
C GLY G 868 23.69 -12.15 39.19
N ILE G 869 24.03 -13.33 38.68
CA ILE G 869 23.83 -13.69 37.28
C ILE G 869 22.96 -14.93 37.22
N VAL G 870 22.01 -14.95 36.27
CA VAL G 870 21.12 -16.09 36.12
C VAL G 870 21.92 -17.31 35.68
N TYR G 871 21.52 -18.48 36.17
CA TYR G 871 22.20 -19.71 35.80
C TYR G 871 22.01 -19.99 34.32
N ILE G 872 23.08 -20.44 33.66
CA ILE G 872 23.05 -20.69 32.22
C ILE G 872 22.29 -21.99 32.00
N GLY G 873 21.02 -21.87 31.61
CA GLY G 873 20.20 -23.04 31.36
C GLY G 873 18.85 -22.98 32.05
N ALA G 874 18.58 -21.91 32.79
CA ALA G 874 17.31 -21.76 33.47
C ALA G 874 16.20 -21.47 32.46
N GLU G 875 14.96 -21.74 32.87
CA GLU G 875 13.78 -21.47 32.05
C GLU G 875 13.06 -20.26 32.65
N VAL G 876 13.39 -19.09 32.14
CA VAL G 876 12.79 -17.86 32.63
C VAL G 876 11.49 -17.60 31.88
N THR G 877 10.63 -16.78 32.49
CA THR G 877 9.38 -16.37 31.86
C THR G 877 9.21 -14.87 31.97
N GLY G 878 8.06 -14.36 31.56
CA GLY G 878 7.78 -12.94 31.62
C GLY G 878 7.82 -12.39 33.04
N GLY G 879 8.53 -11.28 33.23
CA GLY G 879 8.62 -10.63 34.52
C GLY G 879 9.68 -11.19 35.45
N ASP G 880 10.37 -12.26 35.06
CA ASP G 880 11.40 -12.82 35.91
C ASP G 880 12.63 -11.92 35.91
N ILE G 881 13.46 -12.10 36.94
CA ILE G 881 14.68 -11.32 37.11
C ILE G 881 15.84 -12.08 36.48
N LEU G 882 16.59 -11.41 35.61
CA LEU G 882 17.72 -12.03 34.92
C LEU G 882 19.04 -11.75 35.61
N VAL G 883 19.41 -10.47 35.75
CA VAL G 883 20.62 -10.08 36.45
C VAL G 883 20.27 -8.99 37.45
N GLY G 884 20.91 -9.03 38.62
CA GLY G 884 20.57 -8.11 39.69
C GLY G 884 21.38 -6.83 39.69
N LYS G 885 20.72 -5.71 39.45
CA LYS G 885 21.35 -4.40 39.48
C LYS G 885 20.53 -3.49 40.39
N VAL G 886 21.15 -3.01 41.46
CA VAL G 886 20.50 -2.15 42.43
C VAL G 886 21.09 -0.76 42.29
N THR G 887 20.23 0.23 42.03
CA THR G 887 20.70 1.60 41.91
C THR G 887 21.06 2.16 43.27
N PRO G 888 22.10 2.98 43.38
CA PRO G 888 22.44 3.59 44.67
C PRO G 888 21.38 4.61 45.08
N LYS G 889 20.69 4.32 46.17
CA LYS G 889 19.62 5.19 46.66
C LYS G 889 20.17 6.52 47.18
N ASP G 914 17.16 -1.87 42.59
CA ASP G 914 15.83 -2.23 42.09
C ASP G 914 15.76 -2.08 40.58
N SER G 915 16.87 -1.66 39.98
CA SER G 915 16.99 -1.50 38.54
C SER G 915 17.43 -2.78 37.84
N SER G 916 17.23 -3.93 38.48
CA SER G 916 17.68 -5.19 37.91
C SER G 916 16.93 -5.50 36.62
N LEU G 917 17.66 -5.98 35.62
CA LEU G 917 17.07 -6.30 34.33
C LEU G 917 16.04 -7.41 34.49
N ARG G 918 14.90 -7.24 33.82
CA ARG G 918 13.82 -8.21 33.88
C ARG G 918 13.42 -8.60 32.47
N VAL G 919 12.98 -9.85 32.32
CA VAL G 919 12.53 -10.32 31.01
C VAL G 919 11.32 -9.51 30.57
N PRO G 920 11.27 -9.01 29.33
CA PRO G 920 10.08 -8.30 28.88
C PRO G 920 8.86 -9.21 28.90
N ASN G 921 7.70 -8.62 29.17
CA ASN G 921 6.48 -9.39 29.33
C ASN G 921 6.17 -10.19 28.07
N GLY G 922 5.77 -11.45 28.27
CA GLY G 922 5.43 -12.35 27.20
C GLY G 922 6.55 -13.30 26.81
N VAL G 923 7.80 -12.85 26.88
CA VAL G 923 8.92 -13.70 26.49
C VAL G 923 9.09 -14.81 27.52
N SER G 924 9.15 -16.06 27.03
CA SER G 924 9.33 -17.23 27.89
C SER G 924 10.33 -18.16 27.21
N GLY G 925 11.61 -17.97 27.51
CA GLY G 925 12.66 -18.74 26.89
C GLY G 925 13.66 -19.28 27.91
N THR G 926 14.68 -19.93 27.39
CA THR G 926 15.74 -20.53 28.19
C THR G 926 17.05 -19.85 27.86
N VAL G 927 17.81 -19.48 28.90
CA VAL G 927 19.09 -18.83 28.71
C VAL G 927 20.06 -19.84 28.11
N ILE G 928 20.69 -19.49 26.99
CA ILE G 928 21.60 -20.41 26.33
C ILE G 928 23.05 -20.06 26.65
N ASP G 929 23.35 -18.77 26.77
CA ASP G 929 24.71 -18.37 27.13
C ASP G 929 24.70 -16.96 27.68
N VAL G 930 25.73 -16.67 28.50
CA VAL G 930 25.93 -15.35 29.08
C VAL G 930 27.39 -14.98 28.91
N GLN G 931 27.64 -13.80 28.34
CA GLN G 931 29.00 -13.28 28.17
C GLN G 931 29.10 -11.95 28.91
N VAL G 932 30.16 -11.80 29.71
CA VAL G 932 30.33 -10.65 30.58
C VAL G 932 31.55 -9.86 30.10
N PHE G 933 31.33 -8.57 29.86
CA PHE G 933 32.39 -7.64 29.48
C PHE G 933 32.77 -6.78 30.67
N THR G 934 34.06 -6.66 30.94
CA THR G 934 34.54 -5.91 32.08
C THR G 934 35.58 -4.88 31.63
N ARG G 935 35.48 -3.67 32.17
CA ARG G 935 36.41 -2.61 31.84
C ARG G 935 37.69 -2.75 32.67
N ASP G 936 38.83 -2.52 32.02
CA ASP G 936 40.11 -2.58 32.72
C ASP G 936 40.13 -1.59 33.87
N GLY G 937 40.63 -2.05 35.01
CA GLY G 937 40.70 -1.21 36.20
C GLY G 937 39.78 -1.66 37.31
N VAL G 938 38.57 -2.06 36.96
CA VAL G 938 37.63 -2.60 37.94
C VAL G 938 37.88 -4.09 38.08
N GLU G 939 37.49 -4.64 39.23
CA GLU G 939 37.79 -6.04 39.54
C GLU G 939 36.74 -6.98 38.94
N LYS G 940 37.23 -8.05 38.34
CA LYS G 940 36.33 -9.08 37.82
C LYS G 940 35.74 -9.89 38.97
N ASP G 941 34.43 -10.09 38.94
CA ASP G 941 33.76 -10.83 39.99
C ASP G 941 33.95 -12.34 39.79
N LYS G 942 33.30 -13.12 40.64
CA LYS G 942 33.49 -14.57 40.61
C LYS G 942 32.98 -15.18 39.31
N ARG G 943 31.79 -14.76 38.86
CA ARG G 943 31.22 -15.32 37.64
C ARG G 943 32.05 -14.94 36.42
N ALA G 944 32.57 -13.70 36.40
CA ALA G 944 33.46 -13.32 35.31
C ALA G 944 34.70 -14.20 35.29
N LEU G 945 35.25 -14.51 36.46
CA LEU G 945 36.39 -15.41 36.53
C LEU G 945 36.03 -16.79 36.02
N GLU G 946 34.83 -17.28 36.37
CA GLU G 946 34.39 -18.59 35.89
C GLU G 946 34.31 -18.62 34.37
N ILE G 947 33.70 -17.58 33.78
CA ILE G 947 33.58 -17.52 32.33
C ILE G 947 34.95 -17.44 31.67
N GLU G 948 35.83 -16.60 32.21
CA GLU G 948 37.17 -16.44 31.63
C GLU G 948 37.94 -17.75 31.70
N GLU G 949 37.90 -18.43 32.84
CA GLU G 949 38.61 -19.70 32.96
C GLU G 949 38.02 -20.75 32.03
N MET G 950 36.70 -20.79 31.90
CA MET G 950 36.07 -21.73 30.98
C MET G 950 36.54 -21.48 29.56
N GLN G 951 36.54 -20.21 29.13
CA GLN G 951 36.95 -19.90 27.76
C GLN G 951 38.43 -20.22 27.55
N LEU G 952 39.27 -19.95 28.55
CA LEU G 952 40.69 -20.29 28.44
C LEU G 952 40.89 -21.79 28.31
N LYS G 953 40.18 -22.58 29.12
CA LYS G 953 40.29 -24.03 29.04
C LYS G 953 39.81 -24.53 27.68
N GLN G 954 38.72 -23.95 27.17
CA GLN G 954 38.22 -24.36 25.86
C GLN G 954 39.21 -24.00 24.75
N ALA G 955 39.85 -22.84 24.84
CA ALA G 955 40.84 -22.46 23.84
C ALA G 955 42.04 -23.40 23.89
N LYS G 956 42.51 -23.74 25.08
CA LYS G 956 43.63 -24.68 25.20
C LYS G 956 43.23 -26.05 24.66
N LYS G 957 42.02 -26.50 24.97
CA LYS G 957 41.56 -27.79 24.48
C LYS G 957 41.44 -27.79 22.96
N ASP G 958 41.02 -26.66 22.38
CA ASP G 958 40.95 -26.56 20.92
C ASP G 958 42.34 -26.62 20.30
N LEU G 959 43.28 -25.84 20.85
CA LEU G 959 44.64 -25.86 20.34
C LEU G 959 45.33 -27.20 20.54
N SER G 960 44.88 -27.99 21.52
CA SER G 960 45.44 -29.32 21.72
C SER G 960 44.77 -30.35 20.82
N GLU G 961 43.46 -30.23 20.61
CA GLU G 961 42.73 -31.15 19.75
C GLU G 961 43.16 -31.00 18.30
N GLU G 962 43.35 -29.76 17.85
CA GLU G 962 43.81 -29.56 16.49
C GLU G 962 45.18 -30.19 16.29
N LEU G 963 46.08 -30.03 17.27
CA LEU G 963 47.39 -30.66 17.16
C LEU G 963 47.30 -32.18 17.21
N GLN G 964 46.45 -32.72 18.08
CA GLN G 964 46.33 -34.18 18.18
C GLN G 964 45.85 -34.78 16.86
N ILE G 965 44.80 -34.20 16.27
CA ILE G 965 44.27 -34.73 15.01
C ILE G 965 45.24 -34.47 13.86
N LEU G 966 45.87 -33.28 13.82
CA LEU G 966 46.83 -32.98 12.77
C LEU G 966 48.05 -33.88 12.86
N GLU G 967 48.47 -34.22 14.09
CA GLU G 967 49.57 -35.15 14.26
C GLU G 967 49.19 -36.54 13.76
N ALA G 968 47.95 -36.98 14.05
CA ALA G 968 47.49 -38.25 13.51
C ALA G 968 47.59 -38.25 11.98
N GLY G 969 47.07 -37.21 11.34
CA GLY G 969 47.11 -37.13 9.88
C GLY G 969 48.51 -37.05 9.33
N LEU G 970 49.36 -36.22 9.94
CA LEU G 970 50.72 -36.04 9.46
C LEU G 970 51.53 -37.31 9.60
N PHE G 971 51.39 -38.01 10.73
CA PHE G 971 52.11 -39.27 10.91
C PHE G 971 51.56 -40.36 10.00
N SER G 972 50.27 -40.30 9.66
CA SER G 972 49.76 -41.19 8.62
C SER G 972 50.43 -40.91 7.28
N ARG G 973 50.62 -39.62 6.97
CA ARG G 973 51.35 -39.26 5.74
C ARG G 973 52.79 -39.74 5.80
N ILE G 974 53.42 -39.66 6.97
CA ILE G 974 54.84 -39.98 7.11
C ILE G 974 55.10 -41.45 6.82
N ARG G 975 54.17 -42.33 7.21
CA ARG G 975 54.34 -43.76 6.98
C ARG G 975 54.42 -44.09 5.50
N ALA G 976 53.85 -43.26 4.63
CA ALA G 976 53.96 -43.50 3.19
C ALA G 976 55.41 -43.38 2.72
N VAL G 977 56.15 -42.42 3.27
CA VAL G 977 57.57 -42.29 2.93
C VAL G 977 58.41 -43.26 3.74
N LEU G 978 58.02 -43.53 5.00
CA LEU G 978 58.78 -44.44 5.84
C LEU G 978 58.83 -45.85 5.27
N VAL G 979 57.84 -46.24 4.47
CA VAL G 979 57.88 -47.54 3.81
C VAL G 979 58.60 -47.49 2.47
N ALA G 980 58.92 -46.29 1.98
CA ALA G 980 59.66 -46.13 0.73
C ALA G 980 61.11 -45.83 1.07
N GLY G 981 61.99 -46.79 0.84
CA GLY G 981 63.39 -46.64 1.18
C GLY G 981 63.93 -47.82 1.97
N GLY G 982 63.17 -48.92 2.00
CA GLY G 982 63.61 -50.11 2.68
C GLY G 982 63.74 -49.97 4.18
N VAL G 983 62.77 -49.33 4.82
CA VAL G 983 62.76 -49.15 6.27
C VAL G 983 61.62 -49.97 6.85
N GLU G 984 61.95 -50.86 7.78
CA GLU G 984 60.95 -51.72 8.41
C GLU G 984 60.03 -50.88 9.30
N ALA G 985 58.74 -51.24 9.30
CA ALA G 985 57.77 -50.47 10.07
C ALA G 985 57.90 -50.73 11.57
N GLU G 986 58.29 -51.94 11.96
CA GLU G 986 58.33 -52.29 13.37
C GLU G 986 59.35 -51.43 14.13
N LYS G 987 60.52 -51.21 13.54
CA LYS G 987 61.54 -50.41 14.20
C LYS G 987 61.05 -48.98 14.42
N LEU G 988 60.33 -48.43 13.45
CA LEU G 988 59.74 -47.10 13.62
C LEU G 988 58.75 -47.09 14.78
N ASP G 989 58.01 -48.18 14.97
CA ASP G 989 57.14 -48.29 16.13
C ASP G 989 57.94 -48.39 17.42
N LYS G 990 59.09 -49.06 17.39
CA LYS G 990 59.91 -49.21 18.58
C LYS G 990 60.41 -47.87 19.08
N LEU G 991 61.00 -47.07 18.18
CA LEU G 991 61.36 -45.72 18.53
C LEU G 991 60.10 -44.88 18.70
N PRO G 992 60.15 -43.79 19.48
CA PRO G 992 58.95 -42.99 19.71
C PRO G 992 58.35 -42.49 18.40
N ARG G 993 57.03 -42.56 18.31
CA ARG G 993 56.34 -42.18 17.09
C ARG G 993 56.46 -40.68 16.81
N ASP G 994 56.49 -39.87 17.87
CA ASP G 994 56.55 -38.42 17.68
C ASP G 994 57.81 -38.00 16.94
N ARG G 995 58.95 -38.59 17.29
CA ARG G 995 60.24 -38.25 16.67
C ARG G 995 60.80 -39.51 16.01
N TRP G 996 60.78 -39.53 14.69
CA TRP G 996 61.41 -40.61 13.93
C TRP G 996 62.84 -40.28 13.54
N LEU G 997 63.37 -39.15 14.00
CA LEU G 997 64.71 -38.70 13.63
C LEU G 997 65.81 -39.62 14.12
N GLU G 998 65.52 -40.51 15.08
CA GLU G 998 66.54 -41.40 15.59
C GLU G 998 67.06 -42.35 14.51
N LEU G 999 66.15 -42.91 13.72
CA LEU G 999 66.57 -43.75 12.60
C LEU G 999 67.22 -42.91 11.50
N GLY G 1000 68.16 -43.54 10.80
CA GLY G 1000 68.75 -42.93 9.63
C GLY G 1000 68.00 -43.28 8.38
N LEU G 1001 67.11 -42.40 7.94
CA LEU G 1001 66.31 -42.66 6.75
C LEU G 1001 67.20 -42.72 5.52
N THR G 1002 66.90 -43.65 4.63
CA THR G 1002 67.67 -43.79 3.40
C THR G 1002 67.57 -42.54 2.55
N ASP G 1003 68.71 -42.09 2.02
CA ASP G 1003 68.74 -40.89 1.20
C ASP G 1003 67.94 -41.11 -0.07
N GLU G 1004 67.14 -40.10 -0.43
CA GLU G 1004 66.21 -40.20 -1.55
C GLU G 1004 65.69 -38.79 -1.82
N GLU G 1005 64.75 -38.70 -2.77
CA GLU G 1005 64.08 -37.43 -3.03
C GLU G 1005 63.06 -37.08 -1.96
N LYS G 1006 62.61 -38.06 -1.18
CA LYS G 1006 61.61 -37.85 -0.14
C LYS G 1006 62.21 -37.65 1.24
N GLN G 1007 63.47 -38.03 1.44
CA GLN G 1007 64.12 -37.84 2.74
C GLN G 1007 64.22 -36.36 3.09
N ASN G 1008 64.61 -35.53 2.11
CA ASN G 1008 64.69 -34.10 2.36
C ASN G 1008 63.32 -33.51 2.66
N GLN G 1009 62.29 -33.97 1.94
CA GLN G 1009 60.94 -33.49 2.21
C GLN G 1009 60.48 -33.86 3.61
N LEU G 1010 60.79 -35.09 4.05
CA LEU G 1010 60.41 -35.51 5.39
C LEU G 1010 61.17 -34.72 6.46
N GLU G 1011 62.45 -34.46 6.24
CA GLU G 1011 63.22 -33.66 7.19
C GLU G 1011 62.68 -32.24 7.27
N GLN G 1012 62.31 -31.66 6.12
CA GLN G 1012 61.66 -30.35 6.11
C GLN G 1012 60.35 -30.40 6.88
N LEU G 1013 59.57 -31.47 6.70
CA LEU G 1013 58.32 -31.63 7.44
C LEU G 1013 58.57 -31.64 8.94
N ALA G 1014 59.57 -32.39 9.38
CA ALA G 1014 59.86 -32.50 10.81
C ALA G 1014 60.36 -31.16 11.38
N GLU G 1015 61.23 -30.47 10.64
CA GLU G 1015 61.73 -29.18 11.11
C GLU G 1015 60.61 -28.15 11.17
N GLN G 1016 59.70 -28.18 10.19
CA GLN G 1016 58.54 -27.29 10.23
C GLN G 1016 57.63 -27.65 11.39
N TYR G 1017 57.51 -28.95 11.71
CA TYR G 1017 56.72 -29.36 12.87
C TYR G 1017 57.32 -28.83 14.16
N ASP G 1018 58.65 -28.87 14.28
CA ASP G 1018 59.31 -28.35 15.48
C ASP G 1018 59.14 -26.84 15.59
N GLU G 1019 59.34 -26.13 14.48
CA GLU G 1019 59.06 -24.70 14.46
C GLU G 1019 57.60 -24.42 14.78
N LEU G 1020 56.70 -25.29 14.35
CA LEU G 1020 55.28 -25.17 14.66
C LEU G 1020 55.03 -25.33 16.15
N LYS G 1021 55.77 -26.23 16.80
CA LYS G 1021 55.68 -26.36 18.25
C LYS G 1021 56.12 -25.07 18.94
N HIS G 1022 57.24 -24.49 18.50
CA HIS G 1022 57.64 -23.21 19.09
C HIS G 1022 56.64 -22.11 18.80
N GLU G 1023 55.99 -22.15 17.64
CA GLU G 1023 54.96 -21.16 17.32
C GLU G 1023 53.74 -21.33 18.22
N PHE G 1024 53.35 -22.57 18.49
CA PHE G 1024 52.19 -22.83 19.33
C PHE G 1024 52.45 -22.43 20.77
N GLU G 1025 53.67 -22.66 21.26
CA GLU G 1025 53.98 -22.27 22.63
C GLU G 1025 53.93 -20.76 22.84
N LYS G 1026 53.92 -19.98 21.76
CA LYS G 1026 53.70 -18.54 21.82
C LYS G 1026 52.26 -18.14 21.54
N LYS G 1027 51.61 -18.81 20.60
CA LYS G 1027 50.21 -18.49 20.31
C LYS G 1027 49.32 -18.83 21.48
N LEU G 1028 49.67 -19.84 22.27
CA LEU G 1028 48.91 -20.15 23.48
C LEU G 1028 48.94 -18.97 24.45
N GLU G 1029 50.13 -18.41 24.68
CA GLU G 1029 50.23 -17.25 25.56
C GLU G 1029 49.51 -16.05 24.97
N ALA G 1030 49.58 -15.89 23.64
CA ALA G 1030 48.85 -14.80 22.99
C ALA G 1030 47.35 -14.91 23.23
N LYS G 1031 46.81 -16.12 23.10
CA LYS G 1031 45.38 -16.33 23.38
C LYS G 1031 45.07 -16.08 24.84
N ARG G 1032 45.97 -16.52 25.72
CA ARG G 1032 45.81 -16.31 27.17
C ARG G 1032 45.63 -14.81 27.41
N ARG G 1033 46.55 -14.02 26.87
CA ARG G 1033 46.50 -12.58 27.04
C ARG G 1033 45.23 -11.99 26.43
N LYS G 1034 44.84 -12.47 25.25
CA LYS G 1034 43.68 -11.90 24.56
C LYS G 1034 42.40 -12.10 25.36
N ILE G 1035 42.21 -13.28 25.94
CA ILE G 1035 40.99 -13.52 26.71
C ILE G 1035 41.02 -12.74 28.02
N THR G 1036 42.18 -12.66 28.65
CA THR G 1036 42.26 -12.10 30.01
C THR G 1036 42.14 -10.58 30.03
N GLN G 1037 42.64 -9.90 29.00
CA GLN G 1037 42.70 -8.44 29.03
C GLN G 1037 41.29 -7.84 29.09
N GLY G 1038 41.13 -6.83 29.93
CA GLY G 1038 39.88 -6.11 30.04
C GLY G 1038 39.55 -5.37 28.75
N ASP G 1039 38.38 -5.65 28.19
CA ASP G 1039 38.01 -5.08 26.90
C ASP G 1039 37.62 -3.61 27.04
N ASP G 1040 37.75 -2.88 25.94
CA ASP G 1040 37.34 -1.49 25.91
C ASP G 1040 35.83 -1.37 25.99
N LEU G 1041 35.36 -0.19 26.37
CA LEU G 1041 33.94 0.07 26.54
C LEU G 1041 33.67 1.54 26.35
N ALA G 1042 32.39 1.88 26.23
CA ALA G 1042 31.98 3.26 26.16
C ALA G 1042 32.31 3.97 27.48
N PRO G 1043 32.62 5.26 27.44
CA PRO G 1043 32.98 5.96 28.68
C PRO G 1043 31.82 6.03 29.65
N GLY G 1044 32.10 5.71 30.91
CA GLY G 1044 31.10 5.79 31.96
C GLY G 1044 30.37 4.50 32.29
N VAL G 1045 30.84 3.35 31.83
CA VAL G 1045 30.23 2.07 32.15
C VAL G 1045 31.31 1.16 32.74
N LEU G 1046 30.97 0.48 33.84
CA LEU G 1046 31.94 -0.42 34.47
C LEU G 1046 31.95 -1.79 33.79
N LYS G 1047 30.82 -2.49 33.80
CA LYS G 1047 30.73 -3.80 33.18
C LYS G 1047 29.35 -3.96 32.55
N ILE G 1048 29.31 -4.59 31.39
CA ILE G 1048 28.09 -4.80 30.63
C ILE G 1048 27.93 -6.30 30.41
N VAL G 1049 26.75 -6.81 30.74
CA VAL G 1049 26.45 -8.23 30.64
C VAL G 1049 25.38 -8.44 29.58
N LYS G 1050 25.57 -9.47 28.76
CA LYS G 1050 24.62 -9.82 27.73
C LYS G 1050 24.05 -11.20 28.04
N VAL G 1051 22.72 -11.30 28.04
CA VAL G 1051 22.02 -12.55 28.32
C VAL G 1051 21.16 -12.89 27.12
N TYR G 1052 21.28 -14.13 26.64
CA TYR G 1052 20.61 -14.57 25.43
C TYR G 1052 19.42 -15.45 25.80
N LEU G 1053 18.26 -15.15 25.22
CA LEU G 1053 17.07 -15.97 25.40
C LEU G 1053 16.72 -16.65 24.09
N ALA G 1054 16.28 -17.90 24.17
CA ALA G 1054 15.96 -18.71 22.99
C ALA G 1054 14.52 -19.17 23.10
N VAL G 1055 13.59 -18.33 22.66
CA VAL G 1055 12.19 -18.72 22.62
C VAL G 1055 11.97 -19.69 21.47
N LYS G 1056 10.93 -20.52 21.60
CA LYS G 1056 10.55 -21.45 20.54
C LYS G 1056 9.10 -21.13 20.15
N ARG G 1057 8.95 -20.22 19.19
CA ARG G 1057 7.61 -19.79 18.79
C ARG G 1057 6.92 -20.87 17.97
N ARG G 1058 5.70 -21.22 18.38
CA ARG G 1058 4.91 -22.21 17.67
C ARG G 1058 4.02 -21.49 16.65
N ILE G 1059 3.12 -22.23 16.03
CA ILE G 1059 2.18 -21.66 15.07
C ILE G 1059 0.88 -21.35 15.81
N GLN G 1060 0.20 -20.29 15.37
CA GLN G 1060 -0.89 -19.73 16.15
C GLN G 1060 -1.89 -19.05 15.22
N PRO G 1061 -3.18 -19.09 15.55
CA PRO G 1061 -4.16 -18.33 14.76
C PRO G 1061 -3.83 -16.85 14.73
N GLY G 1062 -3.49 -16.34 13.55
CA GLY G 1062 -3.03 -14.97 13.38
C GLY G 1062 -1.67 -14.88 12.71
N ASP G 1063 -0.85 -15.92 12.84
CA ASP G 1063 0.46 -15.93 12.20
C ASP G 1063 0.28 -15.97 10.68
N LYS G 1064 1.01 -15.12 9.98
CA LYS G 1064 0.94 -15.09 8.53
C LYS G 1064 1.47 -16.39 7.94
N MET G 1065 0.96 -16.74 6.76
CA MET G 1065 1.45 -17.91 6.03
C MET G 1065 1.19 -17.68 4.56
N ALA G 1066 2.24 -17.72 3.75
CA ALA G 1066 2.14 -17.39 2.34
C ALA G 1066 2.80 -18.47 1.50
N GLY G 1067 2.23 -18.71 0.33
CA GLY G 1067 2.83 -19.60 -0.63
C GLY G 1067 3.95 -18.93 -1.40
N ARG G 1068 4.39 -19.59 -2.46
CA ARG G 1068 5.43 -19.03 -3.30
C ARG G 1068 4.87 -18.21 -4.46
N HIS G 1069 3.64 -18.51 -4.89
CA HIS G 1069 3.06 -17.92 -6.10
C HIS G 1069 2.42 -16.57 -5.87
N GLY G 1070 2.42 -16.05 -4.65
CA GLY G 1070 1.77 -14.79 -4.35
C GLY G 1070 0.47 -14.89 -3.58
N ASN G 1071 0.17 -16.05 -3.02
CA ASN G 1071 -1.03 -16.24 -2.20
C ASN G 1071 -0.64 -16.15 -0.73
N LYS G 1072 -1.32 -15.28 0.01
CA LYS G 1072 -1.03 -15.08 1.41
C LYS G 1072 -2.34 -15.07 2.19
N GLY G 1073 -2.21 -15.22 3.51
CA GLY G 1073 -3.37 -15.21 4.39
C GLY G 1073 -3.04 -15.74 5.77
N VAL G 1074 -3.73 -15.24 6.79
CA VAL G 1074 -3.48 -15.65 8.16
C VAL G 1074 -4.25 -16.91 8.47
N ILE G 1075 -3.74 -17.69 9.43
CA ILE G 1075 -4.46 -18.86 9.89
C ILE G 1075 -5.66 -18.42 10.70
N SER G 1076 -6.78 -19.13 10.52
CA SER G 1076 -8.02 -18.75 11.18
C SER G 1076 -8.47 -19.73 12.26
N LYS G 1077 -8.11 -21.00 12.16
CA LYS G 1077 -8.49 -21.96 13.18
C LYS G 1077 -7.59 -23.19 13.07
N ILE G 1078 -7.17 -23.71 14.22
CA ILE G 1078 -6.40 -24.95 14.27
C ILE G 1078 -7.40 -26.06 14.53
N ASN G 1079 -7.95 -26.60 13.44
CA ASN G 1079 -8.99 -27.61 13.55
C ASN G 1079 -8.43 -28.92 14.09
N PRO G 1080 -9.22 -29.66 14.86
CA PRO G 1080 -8.81 -31.00 15.27
C PRO G 1080 -8.67 -31.91 14.06
N ILE G 1081 -7.87 -32.95 14.22
CA ILE G 1081 -7.52 -33.81 13.08
C ILE G 1081 -8.76 -34.47 12.50
N GLU G 1082 -9.69 -34.88 13.35
CA GLU G 1082 -10.86 -35.62 12.86
C GLU G 1082 -11.81 -34.74 12.06
N ASP G 1083 -11.85 -33.44 12.34
CA ASP G 1083 -12.77 -32.55 11.64
C ASP G 1083 -12.34 -32.27 10.21
N MET G 1084 -11.09 -32.55 9.87
CA MET G 1084 -10.60 -32.26 8.53
C MET G 1084 -11.26 -33.19 7.51
N PRO G 1085 -11.40 -32.73 6.26
CA PRO G 1085 -11.83 -33.64 5.20
C PRO G 1085 -10.78 -34.71 4.95
N TYR G 1086 -11.24 -35.83 4.39
CA TYR G 1086 -10.33 -36.93 4.11
C TYR G 1086 -10.75 -37.60 2.82
N ASP G 1087 -9.76 -38.02 2.02
CA ASP G 1087 -10.04 -38.75 0.80
C ASP G 1087 -10.51 -40.17 1.15
N GLU G 1088 -10.74 -40.97 0.11
CA GLU G 1088 -11.33 -42.29 0.33
C GLU G 1088 -10.43 -43.16 1.20
N ASN G 1089 -9.12 -43.13 0.96
CA ASN G 1089 -8.21 -44.03 1.65
C ASN G 1089 -8.06 -43.71 3.13
N GLY G 1090 -8.47 -42.52 3.57
CA GLY G 1090 -8.48 -42.18 4.97
C GLY G 1090 -7.52 -41.08 5.38
N THR G 1091 -6.60 -40.68 4.51
CA THR G 1091 -5.63 -39.66 4.87
C THR G 1091 -6.30 -38.29 4.93
N PRO G 1092 -6.25 -37.59 6.06
CA PRO G 1092 -6.86 -36.27 6.13
C PRO G 1092 -5.92 -35.20 5.59
N VAL G 1093 -6.49 -34.23 4.87
CA VAL G 1093 -5.71 -33.10 4.40
C VAL G 1093 -5.29 -32.24 5.59
N ASP G 1094 -4.30 -31.38 5.34
CA ASP G 1094 -3.72 -30.56 6.40
C ASP G 1094 -4.01 -29.07 6.27
N ILE G 1095 -4.37 -28.60 5.09
CA ILE G 1095 -4.70 -27.20 4.86
C ILE G 1095 -5.90 -27.12 3.94
N VAL G 1096 -6.84 -26.25 4.25
CA VAL G 1096 -8.02 -26.04 3.43
C VAL G 1096 -8.01 -24.60 2.94
N LEU G 1097 -7.67 -24.41 1.67
CA LEU G 1097 -7.54 -23.08 1.08
C LEU G 1097 -8.86 -22.64 0.45
N ASN G 1098 -8.95 -21.34 0.19
CA ASN G 1098 -10.14 -20.76 -0.42
C ASN G 1098 -9.93 -20.60 -1.92
N PRO G 1099 -10.73 -21.27 -2.76
CA PRO G 1099 -10.50 -21.17 -4.20
C PRO G 1099 -10.86 -19.81 -4.79
N LEU G 1100 -11.71 -19.04 -4.11
CA LEU G 1100 -12.27 -17.83 -4.69
C LEU G 1100 -11.22 -16.74 -4.93
N GLY G 1101 -9.99 -16.98 -4.48
CA GLY G 1101 -8.92 -16.04 -4.73
C GLY G 1101 -8.17 -16.25 -6.03
N VAL G 1102 -8.43 -17.34 -6.72
CA VAL G 1102 -7.71 -17.66 -7.96
C VAL G 1102 -8.27 -16.91 -9.17
N PRO G 1103 -9.59 -16.94 -9.43
CA PRO G 1103 -10.08 -16.22 -10.63
C PRO G 1103 -9.84 -14.72 -10.59
N SER G 1104 -9.96 -14.10 -9.42
CA SER G 1104 -9.84 -12.64 -9.34
C SER G 1104 -8.40 -12.20 -9.59
N ARG G 1105 -7.45 -12.84 -8.92
CA ARG G 1105 -6.03 -12.54 -9.07
C ARG G 1105 -5.41 -13.68 -9.86
N MET G 1106 -5.02 -13.41 -11.09
CA MET G 1106 -4.57 -14.46 -12.00
C MET G 1106 -3.19 -14.94 -11.56
N ASN G 1107 -3.19 -15.77 -10.53
CA ASN G 1107 -2.01 -16.50 -10.08
C ASN G 1107 -2.20 -17.99 -10.34
N ILE G 1108 -2.74 -18.31 -11.52
CA ILE G 1108 -3.15 -19.67 -11.85
C ILE G 1108 -2.01 -20.67 -11.81
N GLY G 1109 -0.78 -20.21 -11.59
CA GLY G 1109 0.33 -21.13 -11.44
C GLY G 1109 0.15 -22.08 -10.26
N GLN G 1110 -0.40 -21.57 -9.16
CA GLN G 1110 -0.48 -22.38 -7.94
C GLN G 1110 -1.44 -23.54 -8.11
N ILE G 1111 -2.53 -23.36 -8.87
CA ILE G 1111 -3.41 -24.48 -9.16
C ILE G 1111 -2.69 -25.50 -10.04
N LEU G 1112 -1.73 -25.04 -10.83
CA LEU G 1112 -0.95 -25.91 -11.70
C LEU G 1112 0.35 -26.39 -11.05
N GLU G 1113 0.62 -25.97 -9.82
CA GLU G 1113 1.69 -26.56 -9.02
C GLU G 1113 1.18 -27.65 -8.10
N THR G 1114 -0.06 -27.54 -7.64
CA THR G 1114 -0.64 -28.54 -6.76
C THR G 1114 -0.74 -29.90 -7.45
N HIS G 1115 -1.10 -29.92 -8.73
CA HIS G 1115 -1.17 -31.18 -9.46
C HIS G 1115 0.21 -31.84 -9.55
N LEU G 1116 1.24 -31.06 -9.85
CA LEU G 1116 2.59 -31.60 -9.93
C LEU G 1116 3.03 -32.14 -8.56
N GLY G 1117 2.72 -31.40 -7.50
CA GLY G 1117 3.04 -31.88 -6.17
C GLY G 1117 2.36 -33.19 -5.84
N MET G 1118 1.08 -33.31 -6.23
CA MET G 1118 0.36 -34.55 -5.98
C MET G 1118 0.98 -35.70 -6.76
N ALA G 1119 1.40 -35.45 -8.00
CA ALA G 1119 2.07 -36.50 -8.77
C ALA G 1119 3.36 -36.94 -8.10
N ALA G 1120 4.15 -35.96 -7.64
CA ALA G 1120 5.41 -36.29 -6.98
C ALA G 1120 5.18 -37.13 -5.72
N LYS G 1121 4.21 -36.72 -4.90
CA LYS G 1121 3.93 -37.48 -3.69
C LYS G 1121 3.33 -38.85 -4.01
N GLY G 1122 2.59 -38.97 -5.11
CA GLY G 1122 2.10 -40.28 -5.50
C GLY G 1122 3.21 -41.23 -5.87
N ILE G 1123 4.21 -40.74 -6.62
CA ILE G 1123 5.36 -41.59 -6.91
C ILE G 1123 6.11 -41.92 -5.64
N GLY G 1124 6.25 -40.94 -4.73
CA GLY G 1124 6.88 -41.22 -3.46
C GLY G 1124 6.15 -42.31 -2.68
N ASP G 1125 4.81 -42.27 -2.71
CA ASP G 1125 4.02 -43.30 -2.03
C ASP G 1125 4.22 -44.67 -2.67
N LYS G 1126 4.28 -44.72 -4.00
CA LYS G 1126 4.52 -46.00 -4.66
C LYS G 1126 5.90 -46.56 -4.28
N ILE G 1127 6.91 -45.70 -4.26
CA ILE G 1127 8.24 -46.15 -3.86
C ILE G 1127 8.24 -46.62 -2.41
N ASN G 1128 7.53 -45.89 -1.54
CA ASN G 1128 7.47 -46.28 -0.14
C ASN G 1128 6.78 -47.63 0.04
N ALA G 1129 5.71 -47.87 -0.73
CA ALA G 1129 5.06 -49.17 -0.68
C ALA G 1129 5.98 -50.27 -1.17
N MET G 1130 6.76 -49.99 -2.22
CA MET G 1130 7.74 -50.96 -2.70
C MET G 1130 8.82 -51.22 -1.65
N LEU G 1131 9.12 -50.23 -0.82
CA LEU G 1131 10.18 -50.35 0.17
C LEU G 1131 9.69 -50.94 1.49
N LYS G 1132 8.45 -50.62 1.89
CA LYS G 1132 7.97 -51.06 3.19
C LYS G 1132 7.95 -52.58 3.29
N GLN G 1133 7.49 -53.26 2.25
CA GLN G 1133 7.68 -54.70 2.14
C GLN G 1133 8.96 -54.98 1.39
N GLN G 1134 9.60 -56.10 1.73
CA GLN G 1134 10.85 -56.46 1.07
C GLN G 1134 10.63 -56.67 -0.41
N GLN G 1135 11.50 -56.09 -1.23
CA GLN G 1135 11.39 -56.21 -2.67
C GLN G 1135 12.77 -56.33 -3.29
N GLU G 1136 12.84 -57.04 -4.41
CA GLU G 1136 14.09 -57.20 -5.14
C GLU G 1136 14.56 -55.84 -5.65
N VAL G 1137 15.88 -55.63 -5.62
CA VAL G 1137 16.44 -54.34 -6.03
C VAL G 1137 16.09 -54.03 -7.48
N ALA G 1138 15.95 -55.05 -8.32
CA ALA G 1138 15.63 -54.81 -9.73
C ALA G 1138 14.24 -54.20 -9.89
N LYS G 1139 13.29 -54.58 -9.04
CA LYS G 1139 11.95 -53.99 -9.12
C LYS G 1139 12.01 -52.49 -8.88
N LEU G 1140 12.66 -52.07 -7.79
CA LEU G 1140 12.82 -50.66 -7.51
C LEU G 1140 13.58 -49.96 -8.63
N ARG G 1141 14.64 -50.59 -9.13
CA ARG G 1141 15.47 -49.97 -10.14
C ARG G 1141 14.70 -49.71 -11.43
N GLU G 1142 13.92 -50.71 -11.88
CA GLU G 1142 13.17 -50.52 -13.11
C GLU G 1142 12.07 -49.48 -12.93
N PHE G 1143 11.40 -49.47 -11.77
CA PHE G 1143 10.36 -48.45 -11.58
C PHE G 1143 10.96 -47.05 -11.56
N ILE G 1144 12.09 -46.87 -10.87
CA ILE G 1144 12.68 -45.54 -10.80
C ILE G 1144 13.20 -45.10 -12.18
N GLN G 1145 13.74 -46.05 -12.94
CA GLN G 1145 14.17 -45.72 -14.31
C GLN G 1145 13.00 -45.28 -15.16
N ARG G 1146 11.87 -45.97 -14.98
CA ARG G 1146 10.66 -45.60 -15.75
C ARG G 1146 10.31 -44.17 -15.36
N ALA G 1147 10.27 -43.89 -14.06
CA ALA G 1147 9.90 -42.56 -13.60
C ALA G 1147 10.82 -41.50 -14.18
N TYR G 1148 12.11 -41.79 -14.25
CA TYR G 1148 13.07 -40.80 -14.74
C TYR G 1148 13.02 -40.64 -16.25
N ASP G 1149 12.49 -41.61 -16.98
CA ASP G 1149 12.37 -41.44 -18.44
C ASP G 1149 11.21 -40.52 -18.78
N LEU G 1150 9.99 -40.95 -18.47
CA LEU G 1150 8.78 -40.13 -18.55
C LEU G 1150 8.61 -39.47 -19.92
N GLY G 1151 8.35 -40.33 -20.91
CA GLY G 1151 7.76 -39.89 -22.16
C GLY G 1151 8.51 -38.82 -22.93
N ALA G 1152 7.98 -37.59 -22.90
CA ALA G 1152 8.50 -36.50 -23.71
C ALA G 1152 9.97 -36.26 -23.43
N ASP G 1153 10.71 -35.90 -24.48
CA ASP G 1153 12.15 -35.76 -24.38
C ASP G 1153 12.53 -34.69 -23.36
N VAL G 1154 13.53 -35.00 -22.55
CA VAL G 1154 14.04 -34.07 -21.55
C VAL G 1154 15.56 -34.02 -21.66
N ARG G 1155 16.13 -32.96 -21.10
CA ARG G 1155 17.58 -32.77 -21.20
C ARG G 1155 18.34 -33.69 -20.27
N GLN G 1156 17.75 -34.05 -19.12
CA GLN G 1156 18.48 -34.74 -18.06
C GLN G 1156 19.02 -36.10 -18.50
N LYS G 1157 18.15 -37.05 -18.78
CA LYS G 1157 18.52 -38.39 -19.23
C LYS G 1157 19.56 -39.02 -18.30
N VAL G 1158 19.12 -39.25 -17.05
CA VAL G 1158 19.95 -39.89 -16.04
C VAL G 1158 19.72 -41.39 -16.08
N ASP G 1159 20.80 -42.16 -16.09
CA ASP G 1159 20.74 -43.61 -16.21
C ASP G 1159 20.99 -44.27 -14.87
N LEU G 1160 20.25 -45.34 -14.59
CA LEU G 1160 20.40 -46.11 -13.36
C LEU G 1160 21.20 -47.39 -13.54
N SER G 1161 21.53 -47.77 -14.78
CA SER G 1161 22.29 -48.99 -15.00
C SER G 1161 23.74 -48.86 -14.55
N THR G 1162 24.23 -47.64 -14.36
CA THR G 1162 25.59 -47.42 -13.90
C THR G 1162 25.70 -47.39 -12.38
N PHE G 1163 24.59 -47.25 -11.67
CA PHE G 1163 24.62 -47.29 -10.21
C PHE G 1163 24.92 -48.70 -9.73
N SER G 1164 25.67 -48.80 -8.63
CA SER G 1164 26.22 -50.08 -8.17
C SER G 1164 25.22 -50.94 -7.42
N ASP G 1165 23.91 -50.66 -7.57
CA ASP G 1165 22.85 -51.45 -6.97
C ASP G 1165 22.87 -51.42 -5.45
N GLU G 1166 23.76 -50.63 -4.87
CA GLU G 1166 23.73 -50.34 -3.44
C GLU G 1166 23.47 -48.87 -3.15
N GLU G 1167 23.80 -47.97 -4.06
CA GLU G 1167 23.37 -46.58 -3.95
C GLU G 1167 21.91 -46.41 -4.34
N VAL G 1168 21.34 -47.37 -5.06
CA VAL G 1168 19.93 -47.33 -5.38
C VAL G 1168 19.09 -47.45 -4.12
N MET G 1169 19.50 -48.32 -3.19
CA MET G 1169 18.76 -48.47 -1.94
C MET G 1169 18.87 -47.23 -1.05
N ARG G 1170 19.86 -46.37 -1.28
CA ARG G 1170 19.95 -45.10 -0.57
C ARG G 1170 19.16 -44.01 -1.28
N LEU G 1171 19.18 -44.00 -2.61
CA LEU G 1171 18.36 -43.07 -3.36
C LEU G 1171 16.87 -43.32 -3.12
N ALA G 1172 16.49 -44.59 -2.99
CA ALA G 1172 15.10 -44.92 -2.68
C ALA G 1172 14.70 -44.37 -1.31
N GLU G 1173 15.59 -44.47 -0.33
CA GLU G 1173 15.32 -43.89 0.98
C GLU G 1173 15.17 -42.38 0.88
N ASN G 1174 16.05 -41.73 0.13
CA ASN G 1174 15.96 -40.28 0.01
C ASN G 1174 14.80 -39.84 -0.88
N LEU G 1175 14.16 -40.76 -1.61
CA LEU G 1175 13.02 -40.44 -2.44
C LEU G 1175 11.69 -40.93 -1.90
N ARG G 1176 11.70 -41.77 -0.86
CA ARG G 1176 10.45 -42.34 -0.36
C ARG G 1176 9.50 -41.26 0.13
N LYS G 1177 10.04 -40.12 0.57
CA LYS G 1177 9.19 -39.00 0.97
C LYS G 1177 8.56 -38.29 -0.21
N GLY G 1178 8.96 -38.63 -1.44
CA GLY G 1178 8.43 -37.97 -2.62
C GLY G 1178 9.52 -37.46 -3.52
N MET G 1179 9.49 -37.85 -4.79
CA MET G 1179 10.56 -37.50 -5.71
C MET G 1179 10.49 -36.02 -6.06
N PRO G 1180 11.56 -35.26 -5.86
CA PRO G 1180 11.55 -33.85 -6.26
C PRO G 1180 11.46 -33.71 -7.77
N ILE G 1181 10.90 -32.59 -8.21
CA ILE G 1181 10.71 -32.31 -9.63
C ILE G 1181 11.22 -30.92 -9.92
N ALA G 1182 12.04 -30.79 -10.95
CA ALA G 1182 12.54 -29.49 -11.39
C ALA G 1182 11.63 -28.91 -12.47
N THR G 1183 11.66 -27.59 -12.57
CA THR G 1183 10.87 -26.89 -13.57
C THR G 1183 11.49 -25.52 -13.84
N PRO G 1184 12.38 -25.41 -14.82
CA PRO G 1184 12.91 -24.09 -15.18
C PRO G 1184 11.77 -23.17 -15.59
N VAL G 1185 11.95 -21.87 -15.31
CA VAL G 1185 10.81 -20.96 -15.25
C VAL G 1185 10.08 -20.91 -16.59
N PHE G 1186 10.78 -20.58 -17.67
CA PHE G 1186 10.13 -20.27 -18.93
C PHE G 1186 10.21 -21.39 -19.95
N ASP G 1187 10.62 -22.59 -19.54
CA ASP G 1187 10.50 -23.78 -20.39
C ASP G 1187 10.06 -24.97 -19.55
N GLY G 1188 9.09 -24.74 -18.67
CA GLY G 1188 8.70 -25.74 -17.70
C GLY G 1188 7.95 -26.91 -18.32
N ALA G 1189 7.41 -27.75 -17.45
CA ALA G 1189 6.72 -28.95 -17.86
C ALA G 1189 5.37 -28.60 -18.45
N LYS G 1190 5.11 -29.10 -19.66
CA LYS G 1190 3.79 -28.94 -20.26
C LYS G 1190 2.80 -29.86 -19.56
N GLU G 1191 1.51 -29.48 -19.63
CA GLU G 1191 0.48 -30.22 -18.91
C GLU G 1191 0.38 -31.67 -19.35
N ALA G 1192 0.79 -31.98 -20.58
CA ALA G 1192 0.78 -33.38 -21.01
C ALA G 1192 1.72 -34.22 -20.17
N GLU G 1193 2.90 -33.69 -19.85
CA GLU G 1193 3.84 -34.44 -19.03
C GLU G 1193 3.33 -34.60 -17.60
N ILE G 1194 2.63 -33.58 -17.08
CA ILE G 1194 2.01 -33.70 -15.76
C ILE G 1194 0.96 -34.80 -15.78
N LYS G 1195 0.14 -34.84 -16.83
CA LYS G 1195 -0.88 -35.89 -16.94
C LYS G 1195 -0.24 -37.27 -17.03
N GLU G 1196 0.84 -37.40 -17.81
CA GLU G 1196 1.54 -38.68 -17.91
C GLU G 1196 2.12 -39.10 -16.56
N LEU G 1197 2.69 -38.14 -15.82
CA LEU G 1197 3.22 -38.45 -14.50
C LEU G 1197 2.12 -38.88 -13.54
N LEU G 1198 0.96 -38.23 -13.61
CA LEU G 1198 -0.16 -38.64 -12.78
C LEU G 1198 -0.60 -40.06 -13.12
N LYS G 1199 -0.67 -40.39 -14.41
CA LYS G 1199 -1.02 -41.74 -14.81
C LYS G 1199 0.08 -42.76 -14.51
N LEU G 1200 1.30 -42.30 -14.24
CA LEU G 1200 2.38 -43.23 -13.88
C LEU G 1200 2.10 -43.94 -12.57
N GLY G 1201 1.48 -43.25 -11.61
CA GLY G 1201 1.10 -43.86 -10.36
C GLY G 1201 -0.30 -44.45 -10.45
N ASP G 1202 -1.22 -43.93 -9.64
CA ASP G 1202 -2.61 -44.34 -9.69
C ASP G 1202 -3.59 -43.18 -9.71
N LEU G 1203 -3.19 -42.00 -9.26
CA LEU G 1203 -4.12 -40.92 -8.99
C LEU G 1203 -4.86 -40.52 -10.26
N PRO G 1204 -6.11 -40.03 -10.12
CA PRO G 1204 -6.90 -39.71 -11.31
C PRO G 1204 -6.25 -38.62 -12.15
N THR G 1205 -6.43 -38.73 -13.46
CA THR G 1205 -5.74 -37.84 -14.40
C THR G 1205 -6.15 -36.39 -14.19
N SER G 1206 -7.45 -36.15 -13.97
CA SER G 1206 -7.93 -34.77 -13.87
C SER G 1206 -7.31 -34.03 -12.69
N GLY G 1207 -6.96 -34.74 -11.63
CA GLY G 1207 -6.33 -34.14 -10.48
C GLY G 1207 -7.24 -33.84 -9.31
N GLN G 1208 -8.49 -34.27 -9.35
CA GLN G 1208 -9.45 -34.04 -8.28
C GLN G 1208 -9.99 -35.37 -7.79
N ILE G 1209 -10.16 -35.50 -6.47
CA ILE G 1209 -10.64 -36.73 -5.85
C ILE G 1209 -11.82 -36.41 -4.96
N ARG G 1210 -12.62 -37.43 -4.66
CA ARG G 1210 -13.83 -37.27 -3.88
C ARG G 1210 -13.47 -37.21 -2.40
N LEU G 1211 -13.48 -36.00 -1.84
CA LEU G 1211 -13.26 -35.85 -0.41
C LEU G 1211 -14.51 -36.26 0.36
N TYR G 1212 -14.36 -36.35 1.68
CA TYR G 1212 -15.46 -36.67 2.58
C TYR G 1212 -15.45 -35.69 3.73
N ASP G 1213 -16.62 -35.16 4.07
CA ASP G 1213 -16.72 -34.20 5.17
C ASP G 1213 -16.35 -34.87 6.49
N GLY G 1214 -15.69 -34.09 7.36
CA GLY G 1214 -15.26 -34.62 8.63
C GLY G 1214 -16.36 -34.72 9.66
N ARG G 1215 -17.10 -33.64 9.85
CA ARG G 1215 -18.15 -33.61 10.87
C ARG G 1215 -19.32 -34.50 10.48
N THR G 1216 -19.99 -34.17 9.37
CA THR G 1216 -21.15 -34.94 8.95
C THR G 1216 -20.77 -36.37 8.60
N GLY G 1217 -19.63 -36.57 7.95
CA GLY G 1217 -19.27 -37.87 7.44
C GLY G 1217 -19.83 -38.21 6.08
N GLU G 1218 -20.59 -37.29 5.48
CA GLU G 1218 -21.19 -37.52 4.17
C GLU G 1218 -20.14 -37.30 3.09
N GLN G 1219 -20.58 -37.27 1.84
CA GLN G 1219 -19.69 -37.11 0.69
C GLN G 1219 -19.75 -35.69 0.17
N PHE G 1220 -18.64 -35.28 -0.42
CA PHE G 1220 -18.64 -33.95 -1.05
C PHE G 1220 -18.90 -34.19 -2.53
N GLU G 1221 -19.98 -33.57 -3.06
CA GLU G 1221 -20.23 -33.57 -4.49
C GLU G 1221 -19.26 -32.61 -5.18
N ARG G 1222 -19.17 -32.73 -6.50
CA ARG G 1222 -18.24 -31.92 -7.28
C ARG G 1222 -16.83 -32.08 -6.74
N PRO G 1223 -16.16 -33.20 -7.03
CA PRO G 1223 -14.90 -33.52 -6.34
C PRO G 1223 -13.87 -32.40 -6.43
N VAL G 1224 -13.11 -32.24 -5.36
CA VAL G 1224 -12.28 -31.06 -5.18
C VAL G 1224 -10.83 -31.40 -5.46
N THR G 1225 -10.00 -30.36 -5.57
CA THR G 1225 -8.58 -30.51 -5.89
C THR G 1225 -7.77 -30.78 -4.64
N VAL G 1226 -6.87 -31.77 -4.70
CA VAL G 1226 -5.97 -32.10 -3.62
C VAL G 1226 -4.56 -32.18 -4.18
N GLY G 1227 -3.58 -31.95 -3.31
CA GLY G 1227 -2.19 -32.06 -3.73
C GLY G 1227 -1.29 -31.42 -2.70
N TYR G 1228 -0.01 -31.31 -3.08
CA TYR G 1228 1.04 -30.83 -2.19
C TYR G 1228 1.56 -29.49 -2.68
N MET G 1229 1.56 -28.51 -1.78
CA MET G 1229 1.98 -27.16 -2.10
C MET G 1229 3.06 -26.71 -1.13
N TYR G 1230 4.09 -26.06 -1.65
CA TYR G 1230 5.13 -25.48 -0.80
C TYR G 1230 4.59 -24.22 -0.13
N MET G 1231 4.67 -24.15 1.20
CA MET G 1231 4.08 -23.07 1.97
C MET G 1231 5.09 -22.53 2.97
N LEU G 1232 5.59 -21.34 2.71
CA LEU G 1232 6.46 -20.67 3.68
C LEU G 1232 5.63 -20.11 4.82
N LYS G 1233 6.30 -19.86 5.95
CA LYS G 1233 5.71 -19.16 7.08
C LYS G 1233 6.39 -17.81 7.18
N LEU G 1234 5.67 -16.75 6.83
CA LEU G 1234 6.22 -15.41 6.94
C LEU G 1234 6.44 -15.05 8.39
N ASN G 1235 7.40 -14.17 8.64
CA ASN G 1235 7.84 -13.88 10.00
C ASN G 1235 7.02 -12.79 10.68
N HIS G 1236 5.98 -12.27 10.02
CA HIS G 1236 5.09 -11.30 10.67
C HIS G 1236 4.15 -12.05 11.62
N LEU G 1237 4.75 -12.61 12.66
CA LEU G 1237 4.00 -13.40 13.62
C LEU G 1237 3.09 -12.50 14.46
N VAL G 1238 2.07 -13.12 15.04
CA VAL G 1238 1.10 -12.36 15.83
C VAL G 1238 1.61 -12.03 17.22
N ASP G 1239 2.59 -12.77 17.74
CA ASP G 1239 3.11 -12.51 19.07
C ASP G 1239 3.83 -11.17 19.16
N ASP G 1240 4.17 -10.55 18.04
CA ASP G 1240 4.81 -9.26 18.01
C ASP G 1240 3.86 -8.14 17.63
N LYS G 1241 2.55 -8.35 17.77
CA LYS G 1241 1.56 -7.39 17.33
C LYS G 1241 0.68 -6.86 18.44
N MET G 1242 0.15 -7.73 19.31
CA MET G 1242 -0.68 -7.26 20.40
C MET G 1242 0.09 -6.30 21.29
N HIS G 1243 -0.54 -5.18 21.63
CA HIS G 1243 0.15 -4.13 22.36
C HIS G 1243 -0.65 -3.48 23.48
N ALA G 1244 -1.96 -3.72 23.58
CA ALA G 1244 -2.89 -2.86 24.30
C ALA G 1244 -2.36 -2.39 25.65
N ARG G 1245 -2.62 -1.11 25.95
CA ARG G 1245 -2.22 -0.51 27.20
C ARG G 1245 -3.36 0.35 27.73
N SER G 1246 -3.35 0.57 29.04
CA SER G 1246 -4.32 1.45 29.68
C SER G 1246 -3.68 2.73 30.20
N THR G 1247 -2.65 2.64 31.03
CA THR G 1247 -1.96 3.80 31.56
C THR G 1247 -0.47 3.53 31.62
N GLY G 1248 0.31 4.60 31.54
CA GLY G 1248 1.76 4.46 31.50
C GLY G 1248 2.43 5.80 31.36
N SER G 1249 3.69 5.76 30.92
CA SER G 1249 4.49 6.98 30.82
C SER G 1249 3.96 7.89 29.72
N TYR G 1250 4.18 9.19 29.91
CA TYR G 1250 3.75 10.23 28.99
C TYR G 1250 4.97 10.99 28.45
N SER G 1251 4.71 11.89 27.50
CA SER G 1251 5.77 12.60 26.79
C SER G 1251 6.00 13.98 27.42
N LEU G 1252 6.82 14.80 26.75
CA LEU G 1252 7.05 16.17 27.21
C LEU G 1252 5.81 17.04 27.01
N VAL G 1253 5.06 16.80 25.93
CA VAL G 1253 3.88 17.59 25.60
C VAL G 1253 2.68 16.93 26.26
N THR G 1254 2.94 15.99 27.16
CA THR G 1254 1.94 15.30 27.97
C THR G 1254 0.90 14.59 27.14
N GLN G 1255 1.14 14.41 25.84
CA GLN G 1255 0.31 13.53 25.04
C GLN G 1255 0.64 12.11 25.47
N GLN G 1256 -0.16 11.59 26.40
CA GLN G 1256 0.24 10.44 27.21
C GLN G 1256 0.75 9.23 26.44
N PRO G 1257 0.14 8.78 25.34
CA PRO G 1257 0.52 7.48 24.79
C PRO G 1257 1.98 7.35 24.41
N LEU G 1258 2.65 8.43 24.03
CA LEU G 1258 4.10 8.44 23.82
C LEU G 1258 4.53 7.64 22.59
N GLY G 1259 3.61 6.96 21.91
CA GLY G 1259 3.94 6.25 20.70
C GLY G 1259 4.07 4.75 20.87
N GLY G 1260 3.18 3.99 20.24
CA GLY G 1260 3.17 2.56 20.40
C GLY G 1260 4.42 1.92 19.84
N LYS G 1261 5.20 1.26 20.69
CA LYS G 1261 6.41 0.57 20.27
C LYS G 1261 6.78 -0.42 21.37
N ALA G 1262 8.05 -0.83 21.40
CA ALA G 1262 8.58 -1.58 22.54
C ALA G 1262 8.21 -0.89 23.84
N GLN G 1263 8.37 0.43 23.90
CA GLN G 1263 7.80 1.20 25.00
C GLN G 1263 6.29 1.32 24.82
N PHE G 1264 5.59 1.43 25.95
CA PHE G 1264 4.14 1.46 25.92
C PHE G 1264 3.64 2.62 25.06
N GLY G 1265 2.51 2.38 24.38
CA GLY G 1265 1.94 3.41 23.53
C GLY G 1265 0.51 3.08 23.18
N GLY G 1266 -0.23 4.13 22.84
CA GLY G 1266 -1.62 4.00 22.41
C GLY G 1266 -1.72 4.31 20.93
N GLN G 1267 -2.52 3.53 20.22
CA GLN G 1267 -2.66 3.73 18.78
C GLN G 1267 -3.24 5.11 18.50
N ARG G 1268 -2.66 5.77 17.50
CA ARG G 1268 -2.94 7.18 17.24
C ARG G 1268 -4.37 7.35 16.76
N PHE G 1269 -5.16 8.12 17.50
CA PHE G 1269 -6.48 8.56 17.02
C PHE G 1269 -6.23 9.67 16.01
N GLY G 1270 -5.97 9.25 14.78
CA GLY G 1270 -5.46 10.14 13.77
C GLY G 1270 -6.46 11.18 13.30
N GLU G 1271 -6.00 11.96 12.32
CA GLU G 1271 -6.81 13.07 11.83
C GLU G 1271 -8.12 12.59 11.23
N MET G 1272 -8.08 11.50 10.46
CA MET G 1272 -9.29 11.03 9.80
C MET G 1272 -10.27 10.41 10.77
N GLU G 1273 -9.78 9.84 11.88
CA GLU G 1273 -10.69 9.25 12.85
C GLU G 1273 -11.55 10.31 13.53
N VAL G 1274 -11.02 11.53 13.69
CA VAL G 1274 -11.83 12.61 14.24
C VAL G 1274 -12.98 12.95 13.29
N TRP G 1275 -12.70 12.97 11.98
CA TRP G 1275 -13.79 13.18 11.03
C TRP G 1275 -14.78 12.04 11.08
N ALA G 1276 -14.30 10.81 11.20
CA ALA G 1276 -15.20 9.66 11.28
C ALA G 1276 -16.07 9.73 12.51
N LEU G 1277 -15.56 10.31 13.59
CA LEU G 1277 -16.40 10.55 14.77
C LEU G 1277 -17.40 11.66 14.53
N GLU G 1278 -16.97 12.74 13.89
CA GLU G 1278 -17.85 13.88 13.63
C GLU G 1278 -18.97 13.51 12.68
N ALA G 1279 -18.76 12.53 11.81
CA ALA G 1279 -19.80 12.11 10.88
C ALA G 1279 -21.01 11.57 11.64
N TYR G 1280 -20.77 10.75 12.66
CA TYR G 1280 -21.83 10.37 13.57
C TYR G 1280 -22.23 11.56 14.43
N GLY G 1281 -23.20 11.33 15.31
CA GLY G 1281 -23.53 12.32 16.30
C GLY G 1281 -22.70 12.22 17.57
N ALA G 1282 -21.72 11.32 17.59
CA ALA G 1282 -20.96 11.08 18.81
C ALA G 1282 -20.00 12.25 19.07
N ALA G 1283 -20.21 12.94 20.17
CA ALA G 1283 -19.32 14.00 20.62
C ALA G 1283 -18.70 13.72 21.97
N TYR G 1284 -19.43 13.09 22.88
CA TYR G 1284 -18.88 12.76 24.19
C TYR G 1284 -17.71 11.80 24.07
N THR G 1285 -17.83 10.78 23.22
CA THR G 1285 -16.69 9.89 23.01
C THR G 1285 -15.55 10.63 22.32
N LEU G 1286 -15.85 11.59 21.44
CA LEU G 1286 -14.78 12.39 20.86
C LEU G 1286 -14.10 13.24 21.93
N GLN G 1287 -14.87 13.84 22.82
CA GLN G 1287 -14.28 14.63 23.90
C GLN G 1287 -13.41 13.77 24.80
N GLU G 1288 -13.83 12.55 25.08
CA GLU G 1288 -13.00 11.68 25.91
C GLU G 1288 -11.81 11.13 25.15
N MET G 1289 -11.86 11.07 23.82
CA MET G 1289 -10.67 10.73 23.06
C MET G 1289 -9.68 11.89 23.05
N LEU G 1290 -10.18 13.12 23.14
CA LEU G 1290 -9.31 14.28 22.96
C LEU G 1290 -8.82 14.91 24.25
N THR G 1291 -9.54 14.80 25.36
CA THR G 1291 -9.15 15.50 26.58
C THR G 1291 -8.76 14.56 27.70
N VAL G 1292 -9.65 13.67 28.14
CA VAL G 1292 -9.38 12.87 29.32
C VAL G 1292 -8.36 11.78 29.01
N LYS G 1293 -8.54 11.09 27.89
CA LYS G 1293 -7.65 9.99 27.56
C LYS G 1293 -6.25 10.50 27.21
N SER G 1294 -6.17 11.52 26.35
CA SER G 1294 -4.89 11.86 25.74
C SER G 1294 -4.03 12.75 26.66
N ASP G 1295 -4.49 13.97 26.94
CA ASP G 1295 -3.65 14.94 27.64
C ASP G 1295 -4.54 15.89 28.44
N ASP G 1296 -4.73 15.59 29.72
CA ASP G 1296 -5.37 16.52 30.63
C ASP G 1296 -4.90 16.13 32.03
N VAL G 1297 -3.93 16.88 32.56
CA VAL G 1297 -3.27 16.48 33.80
C VAL G 1297 -4.26 16.40 34.95
N ASN G 1298 -5.29 17.25 34.94
CA ASN G 1298 -6.34 17.19 35.93
C ASN G 1298 -7.54 16.37 35.47
N GLY G 1299 -7.46 15.73 34.31
CA GLY G 1299 -8.51 14.86 33.85
C GLY G 1299 -8.18 13.39 34.03
N ARG G 1300 -6.95 13.02 33.70
CA ARG G 1300 -6.53 11.63 33.85
C ARG G 1300 -6.53 11.21 35.31
N THR G 1301 -5.85 11.98 36.16
CA THR G 1301 -5.77 11.66 37.57
C THR G 1301 -7.11 11.77 38.29
N LYS G 1302 -8.09 12.44 37.68
CA LYS G 1302 -9.43 12.47 38.23
C LYS G 1302 -10.24 11.27 37.81
N MET G 1303 -10.17 10.88 36.54
CA MET G 1303 -11.03 9.80 36.10
C MET G 1303 -10.46 8.43 36.46
N TYR G 1304 -9.13 8.34 36.66
CA TYR G 1304 -8.56 7.10 37.18
C TYR G 1304 -9.05 6.83 38.59
N LYS G 1305 -9.40 7.86 39.34
CA LYS G 1305 -10.01 7.69 40.64
C LYS G 1305 -11.52 7.53 40.56
N ASN G 1306 -12.15 8.19 39.58
CA ASN G 1306 -13.60 8.06 39.42
C ASN G 1306 -13.99 6.64 39.01
N ILE G 1307 -13.22 6.02 38.11
CA ILE G 1307 -13.58 4.70 37.61
C ILE G 1307 -13.50 3.67 38.72
N VAL G 1308 -12.40 3.64 39.47
CA VAL G 1308 -12.27 2.69 40.55
C VAL G 1308 -13.28 2.99 41.65
N ASP G 1309 -13.75 4.23 41.75
CA ASP G 1309 -14.77 4.56 42.75
C ASP G 1309 -16.11 3.92 42.40
N GLY G 1310 -16.49 3.97 41.12
CA GLY G 1310 -17.72 3.36 40.70
C GLY G 1310 -18.55 4.17 39.73
N ASN G 1311 -18.28 5.47 39.64
CA ASN G 1311 -19.04 6.36 38.76
C ASN G 1311 -18.19 6.75 37.56
N HIS G 1312 -18.79 6.66 36.37
CA HIS G 1312 -18.09 6.97 35.12
C HIS G 1312 -18.49 8.38 34.68
N GLN G 1313 -17.84 9.37 35.28
CA GLN G 1313 -18.08 10.76 34.96
C GLN G 1313 -16.95 11.28 34.07
N MET G 1314 -16.99 12.57 33.75
CA MET G 1314 -15.97 13.19 32.94
C MET G 1314 -15.83 14.65 33.35
N GLU G 1315 -14.61 15.16 33.23
CA GLU G 1315 -14.34 16.59 33.36
C GLU G 1315 -13.36 16.96 32.26
N PRO G 1316 -13.72 17.91 31.40
CA PRO G 1316 -12.92 18.11 30.17
C PRO G 1316 -11.54 18.69 30.44
N GLY G 1317 -11.43 19.66 31.34
CA GLY G 1317 -10.18 20.38 31.43
C GLY G 1317 -9.88 21.08 30.11
N MET G 1318 -8.62 21.06 29.70
CA MET G 1318 -8.22 21.64 28.43
C MET G 1318 -6.83 21.12 28.07
N PRO G 1319 -6.63 20.63 26.84
CA PRO G 1319 -5.42 19.85 26.54
C PRO G 1319 -4.14 20.65 26.76
N GLU G 1320 -3.10 19.95 27.20
CA GLU G 1320 -1.81 20.59 27.39
C GLU G 1320 -1.19 20.99 26.06
N SER G 1321 -1.55 20.31 24.97
CA SER G 1321 -1.04 20.70 23.67
C SER G 1321 -1.51 22.10 23.29
N PHE G 1322 -2.72 22.49 23.69
CA PHE G 1322 -3.15 23.85 23.42
C PHE G 1322 -2.38 24.85 24.26
N ASN G 1323 -2.09 24.53 25.52
CA ASN G 1323 -1.24 25.39 26.32
C ASN G 1323 0.19 25.42 25.80
N VAL G 1324 0.58 24.46 24.97
CA VAL G 1324 1.88 24.52 24.32
C VAL G 1324 1.82 25.40 23.08
N LEU G 1325 0.75 25.27 22.29
CA LEU G 1325 0.60 26.10 21.10
C LEU G 1325 0.47 27.58 21.47
N LEU G 1326 -0.24 27.87 22.57
CA LEU G 1326 -0.34 29.24 23.04
C LEU G 1326 1.03 29.82 23.34
N LYS G 1327 1.89 29.03 23.98
CA LYS G 1327 3.25 29.52 24.27
C LYS G 1327 4.07 29.65 23.01
N GLU G 1328 3.94 28.71 22.08
CA GLU G 1328 4.74 28.76 20.86
C GLU G 1328 4.31 29.88 19.93
N ILE G 1329 3.10 30.43 20.11
CA ILE G 1329 2.72 31.62 19.36
C ILE G 1329 3.02 32.88 20.18
N ARG G 1330 2.86 32.83 21.50
CA ARG G 1330 3.15 34.00 22.33
C ARG G 1330 4.64 34.35 22.32
N SER G 1331 5.50 33.34 22.18
CA SER G 1331 6.93 33.57 22.12
C SER G 1331 7.40 34.00 20.74
N LEU G 1332 6.46 34.22 19.81
CA LEU G 1332 6.79 34.63 18.46
C LEU G 1332 6.60 36.11 18.24
N GLY G 1333 6.36 36.88 19.30
CA GLY G 1333 6.01 38.27 19.16
C GLY G 1333 4.57 38.52 18.81
N ILE G 1334 3.71 37.52 18.92
CA ILE G 1334 2.28 37.64 18.64
C ILE G 1334 1.52 37.33 19.92
N ASN G 1335 0.70 38.27 20.36
CA ASN G 1335 -0.05 38.12 21.62
C ASN G 1335 -1.39 37.47 21.31
N ILE G 1336 -1.55 36.21 21.73
CA ILE G 1336 -2.79 35.48 21.58
C ILE G 1336 -3.28 35.10 22.97
N GLU G 1337 -4.54 35.40 23.26
CA GLU G 1337 -5.08 35.23 24.61
C GLU G 1337 -6.46 34.61 24.49
N LEU G 1338 -7.17 34.55 25.62
CA LEU G 1338 -8.54 34.07 25.66
C LEU G 1338 -9.40 35.10 26.39
N GLU G 1339 -10.57 35.40 25.82
CA GLU G 1339 -11.51 36.32 26.44
C GLU G 1339 -12.24 35.60 27.58
N ASP G 1340 -13.20 36.30 28.18
CA ASP G 1340 -14.05 35.71 29.21
C ASP G 1340 -15.38 36.45 29.28
N GLU H 1 -17.33 28.96 30.52
CA GLU H 1 -16.06 29.06 31.22
C GLU H 1 -15.22 30.19 30.65
N PHE H 2 -15.10 30.24 29.33
CA PHE H 2 -14.38 31.30 28.66
C PHE H 2 -14.92 31.45 27.25
N ASP H 3 -14.98 32.69 26.76
CA ASP H 3 -15.49 32.97 25.43
C ASP H 3 -14.41 32.70 24.39
N ALA H 4 -14.62 33.18 23.17
CA ALA H 4 -13.70 32.90 22.09
C ALA H 4 -12.38 33.63 22.30
N ILE H 5 -11.38 33.24 21.51
CA ILE H 5 -10.03 33.77 21.63
C ILE H 5 -9.87 34.95 20.69
N LYS H 6 -8.88 35.79 20.99
CA LYS H 6 -8.52 36.92 20.14
C LYS H 6 -7.00 36.96 20.01
N ILE H 7 -6.54 37.46 18.87
CA ILE H 7 -5.12 37.50 18.55
C ILE H 7 -4.78 38.89 18.03
N ALA H 8 -3.72 39.49 18.58
CA ALA H 8 -3.31 40.83 18.19
C ALA H 8 -1.80 40.92 18.27
N LEU H 9 -1.25 41.90 17.56
CA LEU H 9 0.19 42.11 17.53
C LEU H 9 0.68 42.48 18.93
N ALA H 10 1.77 41.83 19.35
CA ALA H 10 2.23 41.97 20.73
C ALA H 10 3.03 43.25 20.91
N SER H 11 2.63 44.06 21.87
CA SER H 11 3.31 45.31 22.18
C SER H 11 4.59 45.04 22.97
N PRO H 12 5.61 45.89 22.80
CA PRO H 12 6.84 45.72 23.58
C PRO H 12 6.62 45.78 25.08
N ASP H 13 5.60 46.49 25.55
CA ASP H 13 5.30 46.53 26.97
C ASP H 13 4.66 45.23 27.43
N MET H 14 3.83 44.62 26.60
CA MET H 14 3.18 43.37 26.97
C MET H 14 4.18 42.25 27.14
N ILE H 15 5.24 42.22 26.33
CA ILE H 15 6.27 41.20 26.48
C ILE H 15 6.96 41.34 27.84
N ARG H 16 7.27 42.57 28.24
CA ARG H 16 7.83 42.79 29.57
C ARG H 16 6.85 42.36 30.65
N SER H 17 5.57 42.60 30.43
CA SER H 17 4.56 42.18 31.40
C SER H 17 4.53 40.66 31.54
N TRP H 18 4.72 39.95 30.43
CA TRP H 18 4.68 38.48 30.46
C TRP H 18 5.83 37.91 31.28
N SER H 19 7.06 38.36 31.00
CA SER H 19 8.25 37.69 31.48
C SER H 19 8.37 37.77 33.00
N PHE H 20 8.96 36.73 33.58
CA PHE H 20 9.24 36.69 35.01
C PHE H 20 10.66 37.09 35.35
N GLY H 21 11.59 37.03 34.40
CA GLY H 21 12.96 37.41 34.65
C GLY H 21 13.63 38.02 33.44
N GLU H 22 14.92 37.79 33.28
CA GLU H 22 15.67 38.34 32.15
C GLU H 22 16.94 37.53 31.97
N VAL H 23 17.12 36.96 30.79
CA VAL H 23 18.24 36.05 30.51
C VAL H 23 19.39 36.85 29.95
N LYS H 24 20.58 36.67 30.54
CA LYS H 24 21.78 37.34 30.09
C LYS H 24 22.92 36.39 29.75
N LYS H 25 22.81 35.12 30.11
CA LYS H 25 23.90 34.19 29.94
C LYS H 25 23.53 33.12 28.92
N PRO H 26 24.31 32.95 27.84
CA PRO H 26 23.92 31.99 26.80
C PRO H 26 23.84 30.54 27.29
N GLU H 27 24.71 30.11 28.18
CA GLU H 27 24.83 28.70 28.51
C GLU H 27 23.59 28.21 29.26
N THR H 28 23.00 27.11 28.77
CA THR H 28 21.79 26.58 29.39
C THR H 28 22.06 26.07 30.80
N ILE H 29 23.05 25.20 30.95
CA ILE H 29 23.42 24.64 32.25
C ILE H 29 24.93 24.44 32.29
N ASN H 30 25.47 24.38 33.49
CA ASN H 30 26.85 23.92 33.65
C ASN H 30 26.92 22.43 33.33
N TYR H 31 27.89 22.04 32.49
CA TYR H 31 28.04 20.62 32.21
C TYR H 31 28.46 19.86 33.45
N ARG H 32 29.33 20.46 34.27
CA ARG H 32 29.78 19.79 35.49
C ARG H 32 28.65 19.64 36.50
N THR H 33 27.87 20.69 36.71
CA THR H 33 26.85 20.73 37.75
C THR H 33 25.47 20.73 37.12
N PHE H 34 24.62 19.77 37.52
CA PHE H 34 23.32 19.60 36.89
C PHE H 34 22.44 20.82 37.09
N LYS H 35 22.60 21.53 38.20
CA LYS H 35 21.73 22.66 38.51
C LYS H 35 21.92 23.77 37.48
N PRO H 36 20.85 24.45 37.07
CA PRO H 36 20.95 25.44 36.00
C PRO H 36 21.64 26.72 36.44
N GLU H 37 22.19 27.43 35.46
CA GLU H 37 22.88 28.69 35.71
C GLU H 37 21.90 29.79 36.09
N ARG H 38 22.39 30.75 36.88
CA ARG H 38 21.51 31.80 37.41
C ARG H 38 20.95 32.69 36.31
N ASP H 39 21.78 33.04 35.33
CA ASP H 39 21.33 33.85 34.21
C ASP H 39 21.19 33.03 32.93
N GLY H 40 21.25 31.70 33.04
CA GLY H 40 21.21 30.87 31.87
C GLY H 40 19.82 30.73 31.29
N LEU H 41 19.77 30.15 30.08
CA LEU H 41 18.50 29.95 29.40
C LEU H 41 17.56 29.09 30.22
N PHE H 42 18.11 28.04 30.85
CA PHE H 42 17.41 27.32 31.91
C PHE H 42 17.85 27.95 33.21
N CYS H 43 16.89 28.54 33.94
CA CYS H 43 17.21 29.23 35.19
C CYS H 43 16.20 28.86 36.25
N ALA H 44 16.68 28.60 37.47
CA ALA H 44 15.78 28.29 38.57
C ALA H 44 15.03 29.53 39.04
N ARG H 45 15.74 30.65 39.19
CA ARG H 45 15.10 31.85 39.73
C ARG H 45 14.00 32.36 38.81
N ILE H 46 14.29 32.43 37.51
CA ILE H 46 13.31 32.98 36.56
C ILE H 46 12.17 32.00 36.35
N PHE H 47 12.49 30.78 35.92
CA PHE H 47 11.49 29.81 35.49
C PHE H 47 11.15 28.80 36.58
N GLY H 48 11.21 29.20 37.85
CA GLY H 48 10.72 28.39 38.92
C GLY H 48 11.63 27.24 39.31
N PRO H 49 11.25 26.52 40.36
CA PRO H 49 12.11 25.46 40.89
C PRO H 49 12.17 24.27 39.95
N VAL H 50 13.23 23.49 40.13
CA VAL H 50 13.43 22.30 39.29
C VAL H 50 12.61 21.13 39.82
N LYS H 51 12.54 20.96 41.14
CA LYS H 51 11.79 19.89 41.76
C LYS H 51 10.66 20.46 42.61
N ASP H 52 9.70 19.60 42.94
CA ASP H 52 8.51 20.04 43.66
C ASP H 52 8.86 20.56 45.05
N TYR H 53 8.44 21.78 45.34
CA TYR H 53 8.53 22.37 46.68
C TYR H 53 9.96 22.30 47.22
N GLU H 54 10.94 22.48 46.32
CA GLU H 54 12.34 22.45 46.70
C GLU H 54 13.06 23.62 46.05
N CYS H 55 13.86 24.33 46.84
CA CYS H 55 14.68 25.40 46.32
C CYS H 55 15.93 24.80 45.68
N LEU H 56 16.90 25.64 45.34
CA LEU H 56 18.16 25.14 44.79
C LEU H 56 19.20 24.91 45.88
N CYS H 57 19.24 25.76 46.89
CA CYS H 57 20.18 25.60 48.00
C CYS H 57 19.73 24.55 49.00
N GLY H 58 18.52 24.03 48.87
CA GLY H 58 18.04 23.00 49.77
C GLY H 58 17.63 23.48 51.14
N LYS H 59 17.53 24.79 51.36
CA LYS H 59 17.15 25.30 52.67
C LYS H 59 15.73 24.89 53.04
N TYR H 60 14.80 24.94 52.08
CA TYR H 60 13.40 24.64 52.33
C TYR H 60 12.99 23.43 51.50
N LYS H 61 12.26 22.50 52.12
CA LYS H 61 11.90 21.27 51.44
C LYS H 61 10.47 20.80 51.72
N ARG H 62 9.64 21.60 52.41
CA ARG H 62 8.31 21.16 52.80
C ARG H 62 7.27 22.18 52.36
N LEU H 63 6.00 21.75 52.39
CA LEU H 63 4.92 22.60 51.93
C LEU H 63 4.73 23.82 52.82
N LYS H 64 5.10 23.72 54.10
CA LYS H 64 4.94 24.85 55.00
C LYS H 64 5.82 26.03 54.60
N HIS H 65 6.83 25.80 53.76
CA HIS H 65 7.70 26.86 53.26
C HIS H 65 7.24 27.39 51.91
N ARG H 66 6.11 26.93 51.39
CA ARG H 66 5.66 27.34 50.07
C ARG H 66 5.34 28.82 50.04
N GLY H 67 5.61 29.46 48.90
CA GLY H 67 5.28 30.85 48.70
C GLY H 67 6.34 31.83 49.15
N VAL H 68 7.42 31.37 49.77
CA VAL H 68 8.48 32.24 50.27
C VAL H 68 9.70 32.06 49.38
N ILE H 69 10.11 33.14 48.72
CA ILE H 69 11.30 33.11 47.88
C ILE H 69 12.52 33.03 48.78
N CYS H 70 13.35 32.02 48.57
CA CYS H 70 14.58 31.91 49.35
C CYS H 70 15.56 33.01 48.95
N GLU H 71 16.31 33.48 49.94
CA GLU H 71 17.29 34.54 49.71
C GLU H 71 18.66 34.01 49.35
N LYS H 72 18.94 32.73 49.63
CA LYS H 72 20.26 32.19 49.34
C LYS H 72 20.38 31.79 47.87
N CYS H 73 19.57 30.83 47.43
CA CYS H 73 19.59 30.43 46.02
C CYS H 73 18.84 31.44 45.15
N GLY H 74 17.74 32.00 45.66
CA GLY H 74 17.00 33.02 44.95
C GLY H 74 15.86 32.52 44.09
N VAL H 75 15.42 31.28 44.26
CA VAL H 75 14.32 30.72 43.50
C VAL H 75 13.08 30.66 44.37
N GLU H 76 11.95 31.15 43.85
CA GLU H 76 10.69 31.15 44.58
C GLU H 76 10.13 29.72 44.60
N VAL H 77 10.04 29.13 45.79
CA VAL H 77 9.67 27.73 45.91
C VAL H 77 8.20 27.58 45.56
N THR H 78 7.90 26.61 44.70
CA THR H 78 6.56 26.34 44.17
C THR H 78 6.65 25.04 43.39
N GLN H 79 5.51 24.53 42.93
CA GLN H 79 5.45 23.30 42.17
C GLN H 79 6.30 23.42 40.89
N THR H 80 6.53 22.27 40.26
CA THR H 80 7.32 22.23 39.04
C THR H 80 6.52 22.61 37.80
N LYS H 81 5.19 22.46 37.84
CA LYS H 81 4.38 22.79 36.66
C LYS H 81 4.49 24.26 36.29
N VAL H 82 4.96 25.11 37.21
CA VAL H 82 5.22 26.51 36.88
C VAL H 82 6.39 26.68 35.92
N ARG H 83 7.13 25.61 35.65
CA ARG H 83 8.23 25.68 34.71
C ARG H 83 7.77 25.58 33.26
N ARG H 84 6.50 25.28 33.01
CA ARG H 84 5.94 25.29 31.67
C ARG H 84 5.06 26.51 31.40
N GLU H 85 4.99 27.45 32.34
CA GLU H 85 4.11 28.60 32.20
C GLU H 85 4.84 29.93 32.25
N ARG H 86 5.91 30.05 33.02
CA ARG H 86 6.65 31.30 33.09
C ARG H 86 7.42 31.53 31.80
N MET H 87 7.76 32.80 31.57
CA MET H 87 8.41 33.22 30.32
C MET H 87 9.53 34.19 30.66
N GLY H 88 10.48 34.29 29.72
CA GLY H 88 11.57 35.23 29.87
C GLY H 88 11.81 35.98 28.57
N HIS H 89 12.49 37.11 28.69
CA HIS H 89 12.69 38.00 27.55
C HIS H 89 14.15 38.46 27.49
N ILE H 90 14.66 38.58 26.27
CA ILE H 90 15.99 39.15 26.02
C ILE H 90 15.82 40.60 25.61
N GLU H 91 16.75 41.44 26.05
CA GLU H 91 16.73 42.87 25.73
C GLU H 91 17.72 43.11 24.60
N LEU H 92 17.21 43.21 23.38
CA LEU H 92 18.08 43.44 22.23
C LEU H 92 18.69 44.85 22.30
N ALA H 93 19.99 44.92 22.03
CA ALA H 93 20.68 46.21 22.07
C ALA H 93 20.36 47.10 20.88
N SER H 94 19.90 46.51 19.77
CA SER H 94 19.48 47.27 18.60
C SER H 94 18.11 46.79 18.19
N PRO H 95 17.19 47.69 17.86
CA PRO H 95 15.86 47.25 17.43
C PRO H 95 15.97 46.33 16.21
N THR H 96 15.11 45.31 16.18
CA THR H 96 15.18 44.26 15.17
C THR H 96 13.78 44.03 14.62
N ALA H 97 13.66 44.05 13.29
CA ALA H 97 12.36 43.90 12.65
C ALA H 97 11.94 42.44 12.60
N HIS H 98 10.66 42.20 12.83
CA HIS H 98 10.11 40.86 12.73
C HIS H 98 10.26 40.33 11.32
N ILE H 99 10.53 39.03 11.21
CA ILE H 99 10.67 38.41 9.90
C ILE H 99 9.33 37.98 9.32
N TRP H 100 8.38 37.58 10.18
CA TRP H 100 7.07 37.20 9.69
C TRP H 100 6.34 38.36 9.02
N PHE H 101 6.60 39.59 9.47
CA PHE H 101 5.95 40.76 8.91
C PHE H 101 6.79 41.42 7.82
N LEU H 102 7.86 40.78 7.37
CA LEU H 102 8.72 41.34 6.33
C LEU H 102 8.77 40.47 5.09
N LYS H 103 9.00 39.17 5.24
CA LYS H 103 9.18 38.28 4.10
C LYS H 103 7.88 37.60 3.67
N SER H 104 6.76 37.86 4.35
CA SER H 104 5.50 37.29 3.93
C SER H 104 5.07 37.90 2.59
N LEU H 105 4.08 37.27 1.95
CA LEU H 105 3.80 37.56 0.55
C LEU H 105 3.37 39.02 0.33
N PRO H 106 2.30 39.53 0.96
CA PRO H 106 2.00 40.95 0.78
C PRO H 106 3.01 41.89 1.43
N SER H 107 3.77 41.42 2.43
CA SER H 107 4.81 42.22 3.07
C SER H 107 4.24 43.50 3.69
N ARG H 108 3.44 43.29 4.74
CA ARG H 108 2.70 44.39 5.36
C ARG H 108 3.59 45.57 5.74
N ILE H 109 4.82 45.31 6.16
CA ILE H 109 5.73 46.41 6.48
C ILE H 109 6.05 47.23 5.25
N GLY H 110 5.91 46.65 4.06
CA GLY H 110 6.11 47.38 2.83
C GLY H 110 4.83 48.06 2.36
N LEU H 111 3.70 47.37 2.48
CA LEU H 111 2.43 47.96 2.14
C LEU H 111 2.08 49.14 3.04
N LEU H 112 2.62 49.17 4.26
CA LEU H 112 2.36 50.24 5.20
C LEU H 112 3.17 51.50 4.90
N LEU H 113 4.26 51.37 4.13
CA LEU H 113 5.10 52.51 3.80
C LEU H 113 5.11 52.83 2.31
N ASP H 114 4.56 51.95 1.47
CA ASP H 114 4.50 52.15 0.03
C ASP H 114 5.90 52.34 -0.57
N MET H 115 6.72 51.32 -0.40
CA MET H 115 8.06 51.29 -0.96
C MET H 115 8.38 49.85 -1.36
N PRO H 116 9.29 49.66 -2.32
CA PRO H 116 9.61 48.30 -2.77
C PRO H 116 10.20 47.46 -1.66
N LEU H 117 9.96 46.14 -1.75
CA LEU H 117 10.50 45.21 -0.77
C LEU H 117 12.02 45.21 -0.79
N ARG H 118 12.62 45.38 -1.98
CA ARG H 118 14.07 45.28 -2.09
C ARG H 118 14.78 46.39 -1.31
N ASP H 119 14.21 47.60 -1.30
CA ASP H 119 14.82 48.68 -0.53
C ASP H 119 14.80 48.36 0.97
N ILE H 120 13.69 47.82 1.45
CA ILE H 120 13.61 47.44 2.86
C ILE H 120 14.60 46.32 3.16
N GLU H 121 14.74 45.37 2.23
CA GLU H 121 15.71 44.30 2.41
C GLU H 121 17.13 44.86 2.49
N ARG H 122 17.43 45.86 1.66
CA ARG H 122 18.76 46.45 1.67
C ARG H 122 19.03 47.19 2.97
N VAL H 123 18.10 48.06 3.39
CA VAL H 123 18.34 48.85 4.59
C VAL H 123 18.35 47.96 5.83
N LEU H 124 17.51 46.93 5.85
CA LEU H 124 17.48 46.01 6.98
C LEU H 124 18.77 45.23 7.12
N TYR H 125 19.58 45.15 6.07
CA TYR H 125 20.82 44.39 6.09
C TYR H 125 22.05 45.27 6.02
N PHE H 126 21.91 46.56 6.33
CA PHE H 126 23.03 47.47 6.55
C PHE H 126 23.90 47.60 5.29
N GLU H 127 23.25 48.00 4.19
CA GLU H 127 23.99 48.27 2.96
C GLU H 127 23.46 49.47 2.19
N SER H 128 22.49 50.21 2.74
CA SER H 128 21.89 51.32 2.00
C SER H 128 21.17 52.24 2.97
N TYR H 129 21.56 53.50 3.01
CA TYR H 129 20.88 54.48 3.84
C TYR H 129 19.50 54.81 3.27
N VAL H 130 18.56 55.09 4.16
CA VAL H 130 17.23 55.54 3.79
C VAL H 130 16.98 56.88 4.44
N VAL H 131 16.52 57.85 3.65
CA VAL H 131 16.39 59.21 4.14
C VAL H 131 15.32 59.29 5.21
N ILE H 132 15.66 59.91 6.33
CA ILE H 132 14.71 60.20 7.40
C ILE H 132 14.68 61.70 7.62
N GLU H 133 13.48 62.27 7.64
CA GLU H 133 13.28 63.70 7.86
C GLU H 133 14.11 64.53 6.88
N GLY H 134 13.77 64.38 5.60
CA GLY H 134 14.49 65.09 4.56
C GLY H 134 14.38 66.60 4.69
N GLY H 135 13.19 67.09 5.06
CA GLY H 135 13.01 68.51 5.17
C GLY H 135 13.01 69.19 3.81
N MET H 136 13.38 70.48 3.80
CA MET H 136 13.43 71.26 2.55
C MET H 136 14.70 70.87 1.80
N THR H 137 14.63 69.72 1.14
CA THR H 137 15.76 69.15 0.43
C THR H 137 15.25 68.56 -0.89
N ASN H 138 16.16 67.96 -1.65
CA ASN H 138 15.80 67.18 -2.82
C ASN H 138 15.74 65.69 -2.52
N LEU H 139 15.84 65.30 -1.26
CA LEU H 139 15.75 63.91 -0.84
C LEU H 139 14.44 63.71 -0.09
N GLU H 140 13.67 62.74 -0.55
CA GLU H 140 12.36 62.46 0.01
C GLU H 140 12.43 61.49 1.17
N ARG H 141 11.41 61.54 2.02
CA ARG H 141 11.40 60.67 3.18
C ARG H 141 11.42 59.20 2.80
N GLN H 142 10.97 58.85 1.60
CA GLN H 142 10.96 57.48 1.12
C GLN H 142 12.12 57.18 0.18
N GLN H 143 13.11 58.05 0.15
CA GLN H 143 14.26 57.88 -0.75
C GLN H 143 15.30 56.88 -0.25
N ILE H 144 15.83 56.09 -1.18
CA ILE H 144 16.86 55.09 -0.88
C ILE H 144 18.20 55.68 -1.29
N LEU H 145 19.21 55.53 -0.42
CA LEU H 145 20.51 56.15 -0.63
C LEU H 145 21.61 55.11 -0.54
N THR H 146 22.70 55.38 -1.24
CA THR H 146 23.87 54.52 -1.29
C THR H 146 25.00 55.15 -0.49
N GLU H 147 25.90 54.30 0.03
CA GLU H 147 26.96 54.75 0.93
C GLU H 147 27.75 55.92 0.33
N GLU H 148 28.26 55.74 -0.89
CA GLU H 148 28.97 56.83 -1.55
C GLU H 148 28.05 58.00 -1.81
N GLN H 149 26.82 57.72 -2.26
CA GLN H 149 25.84 58.79 -2.46
C GLN H 149 25.47 59.46 -1.14
N TYR H 150 25.42 58.69 -0.06
CA TYR H 150 25.17 59.30 1.24
C TYR H 150 26.31 60.23 1.65
N LEU H 151 27.55 59.83 1.39
CA LEU H 151 28.68 60.70 1.68
C LEU H 151 28.62 61.98 0.84
N ASP H 152 28.27 61.83 -0.44
CA ASP H 152 28.12 63.01 -1.29
C ASP H 152 27.00 63.92 -0.80
N ALA H 153 25.91 63.34 -0.31
CA ALA H 153 24.84 64.13 0.26
C ALA H 153 25.31 64.89 1.50
N LEU H 154 26.11 64.22 2.34
CA LEU H 154 26.69 64.90 3.50
C LEU H 154 27.55 66.08 3.07
N GLU H 155 28.39 65.88 2.05
CA GLU H 155 29.21 66.98 1.56
C GLU H 155 28.37 68.10 0.97
N GLU H 156 27.23 67.76 0.35
CA GLU H 156 26.42 68.76 -0.33
C GLU H 156 25.53 69.52 0.64
N PHE H 157 24.78 68.81 1.48
CA PHE H 157 23.85 69.44 2.41
C PHE H 157 24.52 69.60 3.76
N GLY H 158 24.71 70.86 4.17
CA GLY H 158 25.32 71.15 5.46
C GLY H 158 24.39 71.06 6.65
N ASP H 159 23.08 70.98 6.42
CA ASP H 159 22.14 70.87 7.52
C ASP H 159 22.27 69.52 8.21
N GLU H 160 21.87 69.48 9.48
CA GLU H 160 22.23 68.37 10.36
C GLU H 160 21.48 67.08 10.06
N PHE H 161 20.46 67.10 9.20
CA PHE H 161 19.71 65.87 8.97
C PHE H 161 20.57 64.85 8.23
N ASP H 162 20.29 63.58 8.47
CA ASP H 162 21.07 62.52 7.85
C ASP H 162 20.23 61.26 7.78
N ALA H 163 20.43 60.49 6.71
CA ALA H 163 19.73 59.23 6.55
C ALA H 163 20.25 58.20 7.54
N LYS H 164 19.34 57.53 8.23
CA LYS H 164 19.73 56.52 9.21
C LYS H 164 20.05 55.19 8.53
N MET H 165 20.16 54.13 9.32
CA MET H 165 20.58 52.84 8.79
C MET H 165 20.02 51.74 9.70
N GLY H 166 19.72 50.59 9.10
CA GLY H 166 19.30 49.43 9.85
C GLY H 166 17.84 49.48 10.23
N ALA H 167 17.46 48.52 11.08
CA ALA H 167 16.07 48.41 11.51
C ALA H 167 15.62 49.63 12.30
N GLU H 168 16.56 50.37 12.91
CA GLU H 168 16.20 51.59 13.62
C GLU H 168 15.61 52.62 12.66
N ALA H 169 16.16 52.71 11.45
CA ALA H 169 15.63 53.65 10.47
C ALA H 169 14.19 53.31 10.09
N ILE H 170 13.91 52.03 9.87
CA ILE H 170 12.55 51.63 9.54
C ILE H 170 11.61 51.88 10.72
N GLN H 171 12.09 51.63 11.94
CA GLN H 171 11.27 51.90 13.11
C GLN H 171 10.94 53.39 13.22
N ALA H 172 11.93 54.25 12.98
CA ALA H 172 11.70 55.68 13.06
C ALA H 172 10.75 56.14 11.96
N LEU H 173 10.87 55.57 10.76
CA LEU H 173 9.93 55.90 9.69
C LEU H 173 8.51 55.47 10.05
N LEU H 174 8.37 54.30 10.66
CA LEU H 174 7.06 53.84 11.08
C LEU H 174 6.47 54.74 12.16
N LYS H 175 7.29 55.16 13.11
CA LYS H 175 6.80 56.03 14.18
C LYS H 175 6.40 57.40 13.65
N SER H 176 7.20 57.95 12.73
CA SER H 176 6.99 59.33 12.30
C SER H 176 5.65 59.50 11.59
N MET H 177 5.30 58.56 10.72
CA MET H 177 4.08 58.69 9.93
C MET H 177 2.86 58.56 10.83
N ASP H 178 1.77 59.20 10.40
CA ASP H 178 0.48 59.16 11.09
C ASP H 178 -0.49 58.36 10.24
N LEU H 179 -0.99 57.25 10.78
CA LEU H 179 -1.86 56.37 10.01
C LEU H 179 -3.16 57.08 9.63
N GLU H 180 -3.77 57.78 10.58
CA GLU H 180 -5.03 58.45 10.31
C GLU H 180 -4.90 59.58 9.29
N GLN H 181 -3.70 60.16 9.15
CA GLN H 181 -3.53 61.28 8.23
C GLN H 181 -3.60 60.81 6.77
N GLU H 182 -2.93 59.70 6.45
CA GLU H 182 -2.85 59.25 5.06
C GLU H 182 -4.18 58.75 4.53
N CYS H 183 -5.13 58.41 5.41
CA CYS H 183 -6.37 57.78 4.96
C CYS H 183 -7.19 58.73 4.09
N GLU H 184 -7.35 59.97 4.53
CA GLU H 184 -8.18 60.91 3.77
C GLU H 184 -7.55 61.24 2.42
N GLN H 185 -6.23 61.47 2.39
CA GLN H 185 -5.58 61.78 1.14
C GLN H 185 -5.60 60.58 0.19
N LEU H 186 -5.49 59.37 0.73
CA LEU H 186 -5.61 58.18 -0.11
C LEU H 186 -7.01 58.03 -0.67
N ARG H 187 -8.03 58.34 0.13
CA ARG H 187 -9.40 58.29 -0.37
C ARG H 187 -9.61 59.31 -1.49
N GLU H 188 -9.10 60.53 -1.29
CA GLU H 188 -9.24 61.54 -2.33
C GLU H 188 -8.51 61.14 -3.61
N GLU H 189 -7.30 60.59 -3.47
CA GLU H 189 -6.55 60.13 -4.64
C GLU H 189 -7.28 59.00 -5.35
N LEU H 190 -7.88 58.08 -4.59
CA LEU H 190 -8.65 57.00 -5.18
C LEU H 190 -9.85 57.54 -5.96
N ASN H 191 -10.53 58.53 -5.39
CA ASN H 191 -11.66 59.14 -6.11
C ASN H 191 -11.19 59.83 -7.39
N GLU H 192 -10.06 60.52 -7.33
CA GLU H 192 -9.52 61.18 -8.51
C GLU H 192 -8.82 60.22 -9.47
N THR H 193 -8.58 58.97 -9.05
CA THR H 193 -7.89 58.02 -9.92
C THR H 193 -8.74 57.67 -11.12
N ASN H 194 -8.11 57.65 -12.29
CA ASN H 194 -8.80 57.38 -13.55
C ASN H 194 -8.80 55.91 -13.93
N SER H 195 -8.07 55.06 -13.22
CA SER H 195 -7.93 53.66 -13.59
C SER H 195 -8.33 52.77 -12.42
N GLU H 196 -8.64 51.52 -12.75
CA GLU H 196 -9.06 50.54 -11.74
C GLU H 196 -7.91 49.76 -11.14
N THR H 197 -6.78 49.63 -11.84
CA THR H 197 -5.63 48.93 -11.27
C THR H 197 -4.99 49.75 -10.16
N LYS H 198 -4.73 51.03 -10.43
CA LYS H 198 -4.19 51.91 -9.40
C LYS H 198 -5.15 52.04 -8.24
N ARG H 199 -6.45 52.15 -8.52
CA ARG H 199 -7.43 52.25 -7.46
C ARG H 199 -7.52 50.94 -6.67
N LYS H 200 -7.25 49.80 -7.30
CA LYS H 200 -7.23 48.54 -6.56
C LYS H 200 -6.04 48.48 -5.62
N LYS H 201 -4.86 48.89 -6.09
CA LYS H 201 -3.71 48.99 -5.20
C LYS H 201 -3.99 49.95 -4.05
N LEU H 202 -4.66 51.06 -4.34
CA LEU H 202 -5.04 52.01 -3.30
C LEU H 202 -6.02 51.39 -2.31
N THR H 203 -6.97 50.59 -2.80
CA THR H 203 -7.91 49.95 -1.90
C THR H 203 -7.21 48.99 -0.95
N LYS H 204 -6.25 48.22 -1.48
CA LYS H 204 -5.47 47.34 -0.60
C LYS H 204 -4.78 48.14 0.50
N ARG H 205 -4.09 49.22 0.11
CA ARG H 205 -3.38 50.03 1.10
C ARG H 205 -4.34 50.64 2.11
N ILE H 206 -5.48 51.17 1.65
CA ILE H 206 -6.42 51.80 2.54
C ILE H 206 -7.06 50.78 3.48
N LYS H 207 -7.28 49.55 3.01
CA LYS H 207 -7.80 48.52 3.89
C LYS H 207 -6.80 48.18 4.98
N LEU H 208 -5.52 48.10 4.63
CA LEU H 208 -4.50 47.86 5.66
C LEU H 208 -4.47 49.00 6.67
N LEU H 209 -4.54 50.25 6.20
CA LEU H 209 -4.51 51.40 7.10
C LEU H 209 -5.73 51.39 8.02
N GLU H 210 -6.91 51.10 7.47
CA GLU H 210 -8.12 51.06 8.29
C GLU H 210 -8.04 49.94 9.32
N ALA H 211 -7.52 48.78 8.93
CA ALA H 211 -7.37 47.69 9.88
C ALA H 211 -6.44 48.10 11.02
N PHE H 212 -5.36 48.81 10.70
CA PHE H 212 -4.45 49.26 11.75
C PHE H 212 -5.13 50.27 12.67
N VAL H 213 -5.86 51.23 12.10
CA VAL H 213 -6.43 52.28 12.93
C VAL H 213 -7.66 51.83 13.72
N GLN H 214 -8.28 50.72 13.33
CA GLN H 214 -9.43 50.25 14.10
C GLN H 214 -9.00 49.49 15.34
N SER H 215 -8.24 48.41 15.16
CA SER H 215 -7.74 47.65 16.30
C SER H 215 -6.65 48.42 17.02
N GLY H 216 -6.36 47.99 18.25
CA GLY H 216 -5.37 48.65 19.06
C GLY H 216 -3.96 48.22 18.71
N ASN H 217 -3.43 48.74 17.60
CA ASN H 217 -2.05 48.39 17.20
C ASN H 217 -1.26 49.68 16.96
N LYS H 218 0.07 49.55 17.02
CA LYS H 218 1.04 50.64 16.80
C LYS H 218 2.04 50.10 15.79
N PRO H 219 2.08 50.62 14.54
CA PRO H 219 2.97 50.14 13.49
C PRO H 219 4.40 49.88 14.00
N GLU H 220 4.85 50.71 14.93
CA GLU H 220 6.21 50.58 15.53
C GLU H 220 6.36 49.20 16.16
N TRP H 221 5.25 48.52 16.42
CA TRP H 221 5.30 47.22 17.09
C TRP H 221 5.75 46.10 16.16
N MET H 222 5.77 46.33 14.85
CA MET H 222 6.28 45.33 13.92
C MET H 222 7.79 45.13 14.09
N ILE H 223 8.48 46.07 14.71
CA ILE H 223 9.91 45.95 14.95
C ILE H 223 10.14 45.67 16.43
N LEU H 224 10.24 44.40 16.79
CA LEU H 224 10.36 44.03 18.19
C LEU H 224 11.69 44.51 18.75
N THR H 225 11.66 44.99 19.98
CA THR H 225 12.86 45.39 20.70
C THR H 225 13.24 44.43 21.80
N VAL H 226 12.25 43.90 22.52
CA VAL H 226 12.45 42.85 23.51
C VAL H 226 11.81 41.58 22.97
N LEU H 227 12.51 40.45 23.11
CA LEU H 227 12.09 39.21 22.50
C LEU H 227 11.89 38.15 23.56
N PRO H 228 10.71 37.53 23.64
CA PRO H 228 10.46 36.51 24.66
C PRO H 228 11.14 35.19 24.34
N VAL H 229 11.29 34.36 25.37
CA VAL H 229 11.89 33.05 25.23
C VAL H 229 10.88 32.00 25.69
N LEU H 230 10.95 30.82 25.08
CA LEU H 230 10.05 29.75 25.43
C LEU H 230 10.33 29.26 26.85
N PRO H 231 9.31 28.74 27.55
CA PRO H 231 9.56 28.18 28.86
C PRO H 231 10.46 26.98 28.78
N PRO H 232 11.23 26.70 29.84
CA PRO H 232 12.21 25.60 29.75
C PRO H 232 11.60 24.24 29.46
N ASP H 233 10.56 23.83 30.20
CA ASP H 233 9.97 22.52 29.95
C ASP H 233 9.41 22.40 28.54
N LEU H 234 9.07 23.51 27.90
CA LEU H 234 8.64 23.48 26.52
C LEU H 234 9.77 23.06 25.57
N ARG H 235 11.01 23.29 25.99
CA ARG H 235 12.15 22.79 25.18
C ARG H 235 12.03 21.27 25.18
N PRO H 236 12.32 20.56 24.07
CA PRO H 236 12.12 19.11 24.04
C PRO H 236 13.05 18.52 25.10
N LEU H 237 14.28 19.04 25.19
CA LEU H 237 15.26 18.60 26.23
C LEU H 237 15.90 17.28 25.79
N VAL H 238 16.80 16.74 26.63
CA VAL H 238 17.39 15.40 26.31
C VAL H 238 17.20 14.46 27.50
N PRO H 239 16.73 13.21 27.29
CA PRO H 239 16.61 12.23 28.37
C PRO H 239 18.03 11.80 28.79
N LEU H 240 18.21 11.33 30.02
CA LEU H 240 19.53 10.80 30.42
C LEU H 240 19.93 9.70 29.43
N ASP H 241 20.97 9.93 28.63
CA ASP H 241 21.42 8.96 27.62
C ASP H 241 22.88 8.54 27.85
N GLY H 242 23.33 8.59 29.10
CA GLY H 242 24.70 8.30 29.44
C GLY H 242 25.58 9.51 29.67
N GLY H 243 25.02 10.72 29.59
CA GLY H 243 25.78 11.92 29.86
C GLY H 243 26.10 12.75 28.64
N ARG H 244 25.16 12.83 27.70
CA ARG H 244 25.35 13.60 26.47
C ARG H 244 24.46 14.83 26.39
N PHE H 245 23.18 14.71 26.72
CA PHE H 245 22.23 15.83 26.66
C PHE H 245 22.20 16.47 25.27
N ALA H 246 22.25 15.63 24.23
CA ALA H 246 22.44 16.10 22.87
C ALA H 246 21.22 15.84 22.02
N THR H 247 20.71 16.90 21.39
CA THR H 247 19.68 16.85 20.37
C THR H 247 19.56 18.24 19.75
N SER H 248 19.12 18.28 18.49
CA SER H 248 19.03 19.54 17.76
C SER H 248 17.66 20.18 18.02
N ASP H 249 17.67 21.34 18.67
CA ASP H 249 16.42 21.99 19.07
C ASP H 249 16.65 23.50 19.08
N LEU H 250 15.74 24.22 19.75
CA LEU H 250 15.76 25.68 19.75
C LEU H 250 16.94 26.26 20.51
N ASN H 251 17.47 25.50 21.49
CA ASN H 251 18.46 26.06 22.40
C ASN H 251 19.68 26.59 21.66
N ASP H 252 20.05 25.97 20.53
CA ASP H 252 21.15 26.48 19.73
C ASP H 252 20.84 27.89 19.23
N LEU H 253 19.64 28.10 18.70
CA LEU H 253 19.27 29.42 18.19
C LEU H 253 19.22 30.45 19.31
N TYR H 254 18.63 30.07 20.45
CA TYR H 254 18.57 31.00 21.57
C TYR H 254 19.96 31.37 22.06
N ARG H 255 20.87 30.40 22.13
CA ARG H 255 22.24 30.67 22.53
C ARG H 255 22.94 31.61 21.56
N ARG H 256 22.78 31.36 20.25
CA ARG H 256 23.47 32.21 19.28
C ARG H 256 22.92 33.63 19.30
N VAL H 257 21.61 33.78 19.48
CA VAL H 257 21.03 35.12 19.56
C VAL H 257 21.57 35.86 20.79
N ILE H 258 21.64 35.17 21.92
CA ILE H 258 22.14 35.82 23.14
C ILE H 258 23.61 36.20 22.97
N ASN H 259 24.41 35.32 22.34
CA ASN H 259 25.81 35.65 22.09
C ASN H 259 25.94 36.89 21.22
N ARG H 260 25.16 36.95 20.14
CA ARG H 260 25.23 38.12 19.26
C ARG H 260 24.83 39.39 20.00
N ASN H 261 23.77 39.32 20.80
CA ASN H 261 23.33 40.50 21.54
C ASN H 261 24.38 40.95 22.55
N ASN H 262 25.00 40.00 23.25
CA ASN H 262 26.04 40.37 24.21
C ASN H 262 27.24 40.99 23.53
N ARG H 263 27.65 40.44 22.38
CA ARG H 263 28.75 41.04 21.63
C ARG H 263 28.39 42.45 21.20
N LEU H 264 27.15 42.66 20.76
CA LEU H 264 26.73 43.99 20.34
C LEU H 264 26.76 44.97 21.51
N LYS H 265 26.31 44.53 22.68
CA LYS H 265 26.35 45.40 23.86
C LYS H 265 27.78 45.76 24.22
N ARG H 266 28.68 44.78 24.19
CA ARG H 266 30.08 45.06 24.52
C ARG H 266 30.70 46.01 23.51
N LEU H 267 30.42 45.82 22.22
CA LEU H 267 30.96 46.72 21.21
C LEU H 267 30.40 48.14 21.38
N LEU H 268 29.11 48.24 21.69
CA LEU H 268 28.49 49.56 21.85
C LEU H 268 29.07 50.31 23.04
N ASP H 269 29.30 49.62 24.15
CA ASP H 269 29.92 50.32 25.27
C ASP H 269 31.43 50.49 25.07
N LEU H 270 32.03 49.80 24.11
CA LEU H 270 33.44 49.95 23.82
C LEU H 270 33.73 51.00 22.75
N ALA H 271 32.69 51.68 22.25
CA ALA H 271 32.83 52.70 21.21
C ALA H 271 33.56 52.15 19.99
N ALA H 272 33.07 51.04 19.47
CA ALA H 272 33.67 50.41 18.31
C ALA H 272 33.42 51.25 17.06
N PRO H 273 34.27 51.11 16.04
CA PRO H 273 34.02 51.82 14.78
C PRO H 273 32.74 51.35 14.13
N ASP H 274 32.11 52.26 13.38
CA ASP H 274 30.82 51.95 12.76
C ASP H 274 30.91 50.76 11.81
N ILE H 275 32.06 50.55 11.18
CA ILE H 275 32.21 49.45 10.23
C ILE H 275 32.06 48.09 10.92
N ILE H 276 32.36 48.03 12.21
CA ILE H 276 32.21 46.79 12.96
C ILE H 276 30.83 46.68 13.60
N VAL H 277 30.32 47.80 14.11
CA VAL H 277 28.99 47.81 14.74
C VAL H 277 27.92 47.44 13.71
N ARG H 278 28.06 47.93 12.48
CA ARG H 278 27.09 47.59 11.45
C ARG H 278 27.10 46.10 11.15
N ASN H 279 28.29 45.50 11.05
CA ASN H 279 28.38 44.07 10.80
C ASN H 279 27.77 43.28 11.95
N GLU H 280 28.04 43.71 13.19
CA GLU H 280 27.48 43.01 14.34
C GLU H 280 25.96 43.09 14.35
N LYS H 281 25.40 44.26 14.04
CA LYS H 281 23.94 44.40 14.00
C LYS H 281 23.34 43.54 12.90
N ARG H 282 24.00 43.48 11.73
CA ARG H 282 23.50 42.61 10.67
C ARG H 282 23.51 41.15 11.09
N MET H 283 24.58 40.73 11.77
CA MET H 283 24.63 39.35 12.26
C MET H 283 23.53 39.09 13.27
N LEU H 284 23.25 40.05 14.16
CA LEU H 284 22.18 39.89 15.12
C LEU H 284 20.83 39.76 14.43
N GLN H 285 20.60 40.58 13.41
CA GLN H 285 19.34 40.50 12.66
C GLN H 285 19.20 39.15 11.97
N GLU H 286 20.29 38.65 11.39
CA GLU H 286 20.25 37.33 10.77
C GLU H 286 19.94 36.25 11.79
N ALA H 287 20.54 36.36 12.99
CA ALA H 287 20.28 35.38 14.04
C ALA H 287 18.82 35.41 14.47
N VAL H 288 18.24 36.60 14.64
CA VAL H 288 16.84 36.69 15.05
C VAL H 288 15.93 36.14 13.95
N ASP H 289 16.24 36.45 12.70
CA ASP H 289 15.47 35.89 11.58
C ASP H 289 15.53 34.37 11.61
N ALA H 290 16.72 33.80 11.80
CA ALA H 290 16.85 32.36 11.83
C ALA H 290 16.06 31.76 12.99
N LEU H 291 16.08 32.43 14.15
CA LEU H 291 15.35 31.92 15.30
C LEU H 291 13.86 31.90 15.05
N LEU H 292 13.31 33.00 14.53
CA LEU H 292 11.86 33.08 14.35
C LEU H 292 11.40 32.17 13.21
N ASP H 293 12.15 32.13 12.11
CA ASP H 293 11.81 31.25 11.00
C ASP H 293 13.10 30.94 10.24
N ASN H 294 13.65 29.75 10.47
CA ASN H 294 14.90 29.35 9.83
C ASN H 294 14.60 28.94 8.40
N GLY H 295 15.09 29.74 7.45
CA GLY H 295 14.89 29.46 6.04
C GLY H 295 14.07 30.49 5.29
N ARG H 296 13.63 31.58 5.93
CA ARG H 296 12.92 32.62 5.20
C ARG H 296 13.85 33.40 4.28
N ARG H 297 15.16 33.30 4.49
CA ARG H 297 16.15 33.88 3.60
C ARG H 297 16.71 32.80 2.69
N GLY H 298 17.65 33.19 1.82
CA GLY H 298 18.33 32.20 1.00
C GLY H 298 19.18 31.26 1.80
N ARG H 299 19.90 31.79 2.80
CA ARG H 299 20.75 30.97 3.65
C ARG H 299 19.92 30.34 4.77
N ALA H 300 20.07 29.04 4.94
CA ALA H 300 19.39 28.30 6.00
C ALA H 300 20.44 27.91 7.03
N ILE H 301 20.37 28.54 8.22
CA ILE H 301 21.32 28.23 9.27
C ILE H 301 21.15 26.79 9.71
N THR H 302 22.24 26.03 9.73
CA THR H 302 22.21 24.62 10.06
C THR H 302 23.30 24.30 11.08
N GLY H 303 22.98 23.40 12.00
CA GLY H 303 23.95 22.97 12.99
C GLY H 303 24.87 21.90 12.44
N SER H 304 25.16 20.88 13.25
CA SER H 304 26.00 19.79 12.79
C SER H 304 25.22 18.88 11.85
N ASN H 305 25.97 18.02 11.16
CA ASN H 305 25.45 17.01 10.24
C ASN H 305 24.74 17.62 9.03
N LYS H 306 24.90 18.92 8.81
CA LYS H 306 24.38 19.59 7.61
C LYS H 306 22.89 19.37 7.42
N ARG H 307 22.12 19.50 8.50
CA ARG H 307 20.67 19.45 8.42
C ARG H 307 20.07 20.76 8.89
N PRO H 308 19.05 21.27 8.22
CA PRO H 308 18.44 22.53 8.66
C PRO H 308 17.72 22.36 9.99
N LEU H 309 18.26 22.95 11.04
CA LEU H 309 17.70 22.78 12.37
C LEU H 309 16.35 23.46 12.47
N LYS H 310 15.49 22.90 13.32
CA LYS H 310 14.13 23.41 13.48
C LYS H 310 14.14 24.79 14.15
N SER H 311 13.13 25.58 13.80
CA SER H 311 12.91 26.89 14.41
C SER H 311 11.48 26.96 14.91
N LEU H 312 11.11 28.11 15.50
CA LEU H 312 9.80 28.24 16.11
C LEU H 312 8.69 28.12 15.06
N ALA H 313 8.84 28.81 13.93
CA ALA H 313 7.82 28.75 12.90
C ALA H 313 7.72 27.36 12.26
N ASP H 314 8.78 26.56 12.36
CA ASP H 314 8.73 25.20 11.83
C ASP H 314 8.03 24.23 12.77
N MET H 315 7.69 24.67 13.98
CA MET H 315 7.01 23.83 14.95
C MET H 315 5.56 24.25 15.16
N ILE H 316 4.97 24.93 14.18
CA ILE H 316 3.55 25.24 14.16
C ILE H 316 2.88 24.71 12.89
N LYS H 317 3.50 24.94 11.75
CA LYS H 317 2.92 24.58 10.46
C LYS H 317 3.42 23.23 9.97
N GLY H 318 2.69 22.67 9.01
CA GLY H 318 3.07 21.42 8.38
C GLY H 318 2.52 20.21 9.10
N LYS H 319 2.72 19.05 8.47
CA LYS H 319 2.29 17.78 9.06
C LYS H 319 3.05 17.44 10.34
N GLN H 320 4.17 18.10 10.61
CA GLN H 320 4.89 17.91 11.85
C GLN H 320 4.54 18.94 12.92
N GLY H 321 3.91 20.03 12.55
CA GLY H 321 3.57 21.08 13.49
C GLY H 321 2.48 20.65 14.44
N ARG H 322 2.20 21.52 15.42
CA ARG H 322 1.21 21.19 16.44
C ARG H 322 -0.17 21.01 15.83
N PHE H 323 -0.57 21.89 14.92
CA PHE H 323 -1.95 21.95 14.46
C PHE H 323 -2.41 20.65 13.79
N ARG H 324 -1.49 19.86 13.26
CA ARG H 324 -1.86 18.62 12.60
C ARG H 324 -1.24 17.38 13.22
N GLN H 325 -0.53 17.52 14.34
CA GLN H 325 0.11 16.37 14.95
C GLN H 325 -0.25 16.21 16.42
N ASN H 326 -0.41 17.32 17.14
CA ASN H 326 -0.64 17.24 18.58
C ASN H 326 -1.95 17.85 19.04
N LEU H 327 -2.65 18.61 18.20
CA LEU H 327 -3.93 19.19 18.58
C LEU H 327 -5.11 18.43 17.98
N LEU H 328 -5.06 18.13 16.68
CA LEU H 328 -6.14 17.40 16.04
C LEU H 328 -6.05 15.91 16.37
N GLY H 329 -4.98 15.26 15.97
CA GLY H 329 -4.81 13.83 16.18
C GLY H 329 -4.06 13.45 17.44
N LYS H 330 -4.66 13.65 18.61
CA LYS H 330 -4.04 13.23 19.85
C LYS H 330 -4.07 11.70 19.95
N ARG H 331 -2.92 11.11 20.29
CA ARG H 331 -2.91 9.70 20.62
C ARG H 331 -3.65 9.47 21.93
N VAL H 332 -4.31 8.31 22.04
CA VAL H 332 -5.22 8.05 23.15
C VAL H 332 -4.73 6.85 23.96
N ASP H 333 -5.14 6.85 25.24
CA ASP H 333 -4.92 5.71 26.11
C ASP H 333 -5.97 4.64 25.80
N TYR H 334 -6.00 3.58 26.61
CA TYR H 334 -7.00 2.53 26.52
C TYR H 334 -7.18 2.06 25.08
N SER H 335 -6.06 1.79 24.42
CA SER H 335 -6.03 1.40 23.03
C SER H 335 -5.44 0.00 22.89
N GLY H 336 -5.33 -0.47 21.66
CA GLY H 336 -4.79 -1.79 21.39
C GLY H 336 -4.66 -2.01 19.90
N ARG H 337 -4.06 -3.16 19.56
CA ARG H 337 -3.82 -3.50 18.16
C ARG H 337 -3.64 -5.01 18.06
N SER H 338 -4.07 -5.56 16.92
CA SER H 338 -3.86 -6.97 16.63
C SER H 338 -4.21 -7.24 15.18
N VAL H 339 -3.94 -8.46 14.74
CA VAL H 339 -4.25 -8.91 13.39
C VAL H 339 -5.68 -9.43 13.33
N ILE H 340 -6.19 -9.63 12.13
CA ILE H 340 -7.59 -9.98 11.92
C ILE H 340 -7.73 -11.49 11.76
N THR H 341 -8.93 -11.99 12.06
CA THR H 341 -9.25 -13.44 11.93
C THR H 341 -10.70 -13.51 11.43
N VAL H 342 -11.14 -14.65 10.86
CA VAL H 342 -12.50 -14.70 10.24
C VAL H 342 -13.61 -14.46 11.27
N GLY H 343 -13.51 -15.02 12.47
CA GLY H 343 -14.52 -14.72 13.50
C GLY H 343 -15.94 -15.01 13.01
N PRO H 344 -16.21 -16.12 12.27
CA PRO H 344 -17.53 -16.36 11.68
C PRO H 344 -18.69 -16.54 12.68
N TYR H 345 -18.46 -17.25 13.78
CA TYR H 345 -19.56 -17.60 14.73
C TYR H 345 -20.21 -16.38 15.37
N LEU H 346 -19.44 -15.36 15.76
CA LEU H 346 -20.05 -14.23 16.51
C LEU H 346 -21.09 -13.52 15.64
N ARG H 347 -22.23 -13.12 16.24
CA ARG H 347 -23.30 -12.41 15.49
C ARG H 347 -22.76 -11.07 14.98
N LEU H 348 -23.47 -10.40 14.07
CA LEU H 348 -22.88 -9.18 13.55
C LEU H 348 -22.91 -8.01 14.53
N HIS H 349 -23.43 -8.19 15.73
CA HIS H 349 -23.35 -7.16 16.77
C HIS H 349 -22.23 -7.43 17.76
N GLN H 350 -21.43 -8.46 17.56
CA GLN H 350 -20.33 -8.77 18.47
C GLN H 350 -19.09 -9.17 17.69
N CYS H 351 -17.93 -8.94 18.32
CA CYS H 351 -16.64 -9.25 17.72
C CYS H 351 -15.74 -9.87 18.77
N GLY H 352 -14.74 -10.62 18.31
CA GLY H 352 -13.85 -11.30 19.22
C GLY H 352 -12.89 -10.35 19.91
N LEU H 353 -12.21 -10.88 20.92
CA LEU H 353 -11.20 -10.14 21.66
C LEU H 353 -10.33 -11.12 22.45
N PRO H 354 -9.01 -11.07 22.29
CA PRO H 354 -8.15 -11.95 23.10
C PRO H 354 -8.24 -11.59 24.57
N LYS H 355 -8.14 -12.62 25.43
CA LYS H 355 -8.17 -12.39 26.86
C LYS H 355 -6.98 -11.56 27.31
N LYS H 356 -5.79 -11.86 26.78
CA LYS H 356 -4.58 -11.16 27.18
C LYS H 356 -4.58 -9.69 26.77
N MET H 357 -5.53 -9.27 25.95
CA MET H 357 -5.73 -7.87 25.59
C MET H 357 -6.85 -7.21 26.38
N ALA H 358 -7.99 -7.89 26.54
CA ALA H 358 -9.08 -7.33 27.32
C ALA H 358 -8.73 -7.23 28.80
N LEU H 359 -7.78 -8.03 29.28
CA LEU H 359 -7.34 -7.87 30.67
C LEU H 359 -6.60 -6.55 30.84
N GLU H 360 -5.75 -6.19 29.88
CA GLU H 360 -4.99 -4.95 30.01
C GLU H 360 -5.83 -3.72 29.68
N LEU H 361 -6.78 -3.83 28.76
CA LEU H 361 -7.62 -2.68 28.44
C LEU H 361 -8.45 -2.25 29.64
N PHE H 362 -9.15 -3.19 30.26
CA PHE H 362 -10.08 -2.90 31.36
C PHE H 362 -9.41 -3.11 32.72
N LYS H 363 -8.32 -2.38 32.95
CA LYS H 363 -7.66 -2.55 34.25
C LYS H 363 -8.35 -1.75 35.35
N PRO H 364 -8.63 -0.45 35.17
CA PRO H 364 -9.32 0.28 36.25
C PRO H 364 -10.67 -0.31 36.61
N PHE H 365 -11.42 -0.81 35.64
CA PHE H 365 -12.70 -1.46 35.96
C PHE H 365 -12.48 -2.69 36.82
N ILE H 366 -11.44 -3.47 36.52
CA ILE H 366 -11.13 -4.64 37.33
C ILE H 366 -10.76 -4.22 38.75
N TYR H 367 -9.97 -3.15 38.88
CA TYR H 367 -9.61 -2.66 40.22
C TYR H 367 -10.86 -2.28 41.00
N GLY H 368 -11.77 -1.54 40.35
CA GLY H 368 -12.98 -1.12 41.03
C GLY H 368 -13.84 -2.30 41.45
N LYS H 369 -13.99 -3.30 40.57
CA LYS H 369 -14.80 -4.45 40.91
C LYS H 369 -14.17 -5.27 42.02
N LEU H 370 -12.84 -5.39 42.03
CA LEU H 370 -12.17 -6.08 43.13
C LEU H 370 -12.37 -5.34 44.44
N GLU H 371 -12.31 -4.01 44.40
CA GLU H 371 -12.57 -3.23 45.61
C GLU H 371 -14.00 -3.44 46.11
N LEU H 372 -14.96 -3.47 45.19
CA LEU H 372 -16.34 -3.71 45.57
C LEU H 372 -16.52 -5.09 46.19
N ARG H 373 -15.88 -6.10 45.60
CA ARG H 373 -15.95 -7.45 46.14
C ARG H 373 -15.29 -7.55 47.51
N GLY H 374 -14.40 -6.63 47.86
CA GLY H 374 -13.63 -6.72 49.07
C GLY H 374 -12.41 -7.62 48.99
N LEU H 375 -12.11 -8.16 47.80
CA LEU H 375 -10.94 -9.03 47.66
C LEU H 375 -9.65 -8.27 47.93
N ALA H 376 -9.55 -7.05 47.45
CA ALA H 376 -8.35 -6.23 47.61
C ALA H 376 -8.64 -5.08 48.57
N THR H 377 -7.82 -4.95 49.61
CA THR H 377 -7.99 -3.85 50.54
C THR H 377 -7.58 -2.53 49.89
N THR H 378 -6.45 -2.52 49.17
CA THR H 378 -5.92 -1.32 48.55
C THR H 378 -5.67 -1.59 47.08
N ILE H 379 -5.27 -0.52 46.37
CA ILE H 379 -4.97 -0.63 44.95
C ILE H 379 -3.74 -1.50 44.71
N LYS H 380 -2.78 -1.48 45.63
CA LYS H 380 -1.58 -2.29 45.46
C LYS H 380 -1.90 -3.77 45.38
N ALA H 381 -2.75 -4.26 46.28
CA ALA H 381 -3.12 -5.67 46.26
C ALA H 381 -3.89 -6.01 45.00
N ALA H 382 -4.74 -5.09 44.53
CA ALA H 382 -5.47 -5.32 43.28
C ALA H 382 -4.51 -5.45 42.11
N LYS H 383 -3.49 -4.59 42.05
CA LYS H 383 -2.49 -4.70 41.00
C LYS H 383 -1.76 -6.04 41.08
N LYS H 384 -1.40 -6.45 42.30
CA LYS H 384 -0.69 -7.73 42.46
C LYS H 384 -1.53 -8.89 41.95
N MET H 385 -2.81 -8.93 42.35
CA MET H 385 -3.66 -10.05 41.93
C MET H 385 -3.98 -9.98 40.45
N VAL H 386 -4.04 -8.79 39.86
CA VAL H 386 -4.23 -8.68 38.42
C VAL H 386 -3.02 -9.27 37.69
N GLU H 387 -1.82 -8.93 38.15
CA GLU H 387 -0.61 -9.51 37.56
C GLU H 387 -0.51 -11.00 37.82
N ARG H 388 -1.13 -11.50 38.89
CA ARG H 388 -1.14 -12.94 39.14
C ARG H 388 -1.88 -13.69 38.06
N GLU H 389 -2.93 -13.09 37.49
CA GLU H 389 -3.77 -13.74 36.49
C GLU H 389 -4.38 -15.03 37.03
N GLU H 390 -4.87 -14.98 38.26
CA GLU H 390 -5.44 -16.16 38.91
C GLU H 390 -6.91 -16.32 38.46
N ALA H 391 -7.61 -17.27 39.09
CA ALA H 391 -8.95 -17.63 38.63
C ALA H 391 -9.97 -16.53 38.94
N VAL H 392 -9.79 -15.81 40.05
CA VAL H 392 -10.79 -14.80 40.43
C VAL H 392 -10.80 -13.66 39.43
N VAL H 393 -9.63 -13.29 38.90
CA VAL H 393 -9.54 -12.11 38.04
C VAL H 393 -10.34 -12.32 36.75
N TRP H 394 -10.29 -13.53 36.18
CA TRP H 394 -11.05 -13.80 34.97
C TRP H 394 -12.55 -13.70 35.22
N ASP H 395 -13.01 -14.17 36.38
CA ASP H 395 -14.43 -14.05 36.70
C ASP H 395 -14.85 -12.60 36.80
N ILE H 396 -14.00 -11.76 37.39
CA ILE H 396 -14.28 -10.32 37.43
C ILE H 396 -14.31 -9.73 36.02
N LEU H 397 -13.36 -10.14 35.18
CA LEU H 397 -13.29 -9.62 33.82
C LEU H 397 -14.53 -10.00 33.03
N ASP H 398 -15.10 -11.16 33.31
CA ASP H 398 -16.35 -11.53 32.63
C ASP H 398 -17.55 -10.77 33.14
N GLU H 399 -17.35 -9.78 34.01
CA GLU H 399 -18.41 -8.88 34.45
C GLU H 399 -18.32 -7.51 33.79
N VAL H 400 -17.16 -6.87 33.85
CA VAL H 400 -16.97 -5.56 33.23
C VAL H 400 -17.00 -5.62 31.71
N ILE H 401 -17.04 -6.83 31.13
CA ILE H 401 -17.06 -6.99 29.69
C ILE H 401 -18.45 -7.28 29.15
N ARG H 402 -19.45 -7.39 30.03
CA ARG H 402 -20.76 -7.91 29.63
C ARG H 402 -21.41 -7.03 28.57
N GLU H 403 -21.65 -5.77 28.88
CA GLU H 403 -22.37 -4.86 28.00
C GLU H 403 -21.55 -3.60 27.75
N HIS H 404 -20.27 -3.77 27.42
CA HIS H 404 -19.34 -2.66 27.25
C HIS H 404 -18.84 -2.64 25.82
N PRO H 405 -19.47 -1.86 24.94
CA PRO H 405 -19.03 -1.82 23.54
C PRO H 405 -17.62 -1.32 23.41
N VAL H 406 -16.93 -1.79 22.37
CA VAL H 406 -15.60 -1.32 22.01
C VAL H 406 -15.63 -0.92 20.53
N LEU H 407 -14.70 -0.03 20.16
CA LEU H 407 -14.65 0.52 18.82
C LEU H 407 -13.53 -0.15 18.05
N LEU H 408 -13.89 -0.95 17.05
CA LEU H 408 -12.92 -1.61 16.17
C LEU H 408 -12.64 -0.65 15.02
N ASN H 409 -11.47 -0.01 15.04
CA ASN H 409 -11.13 1.05 14.12
C ASN H 409 -10.09 0.55 13.12
N ARG H 410 -10.41 0.62 11.84
CA ARG H 410 -9.48 0.29 10.77
C ARG H 410 -8.48 1.43 10.58
N ALA H 411 -7.33 1.11 9.98
CA ALA H 411 -6.27 2.11 9.87
C ALA H 411 -6.66 3.27 8.95
N PRO H 412 -6.87 3.08 7.63
CA PRO H 412 -7.22 4.24 6.80
C PRO H 412 -8.73 4.46 6.68
N THR H 413 -9.34 5.01 7.73
CA THR H 413 -10.78 5.20 7.74
C THR H 413 -11.18 6.33 6.78
N LEU H 414 -11.49 5.97 5.54
CA LEU H 414 -11.81 6.98 4.54
C LEU H 414 -13.17 7.61 4.81
N HIS H 415 -14.17 6.80 5.13
CA HIS H 415 -15.53 7.30 5.30
C HIS H 415 -16.06 6.92 6.67
N ARG H 416 -17.34 7.22 6.90
CA ARG H 416 -17.92 7.19 8.23
C ARG H 416 -17.92 5.77 8.80
N LEU H 417 -18.23 4.78 7.98
CA LEU H 417 -18.31 3.40 8.46
C LEU H 417 -16.96 2.80 8.78
N GLY H 418 -15.87 3.56 8.71
CA GLY H 418 -14.57 2.98 8.99
C GLY H 418 -14.42 2.52 10.43
N ILE H 419 -14.93 3.30 11.38
CA ILE H 419 -14.81 3.01 12.79
C ILE H 419 -16.19 2.68 13.32
N GLN H 420 -16.41 1.42 13.70
CA GLN H 420 -17.69 0.95 14.19
C GLN H 420 -17.52 0.42 15.61
N ALA H 421 -18.65 0.12 16.25
CA ALA H 421 -18.67 -0.43 17.59
C ALA H 421 -19.05 -1.90 17.55
N PHE H 422 -18.63 -2.63 18.58
CA PHE H 422 -18.93 -4.05 18.68
C PHE H 422 -19.05 -4.41 20.16
N GLU H 423 -19.75 -5.49 20.42
CA GLU H 423 -19.79 -6.01 21.78
C GLU H 423 -18.77 -7.11 21.93
N PRO H 424 -17.87 -7.04 22.91
CA PRO H 424 -16.80 -8.02 23.00
C PRO H 424 -17.30 -9.41 23.35
N VAL H 425 -16.61 -10.41 22.84
CA VAL H 425 -16.79 -11.80 23.23
C VAL H 425 -15.40 -12.35 23.47
N LEU H 426 -15.09 -12.67 24.73
CA LEU H 426 -13.74 -13.08 25.08
C LEU H 426 -13.41 -14.43 24.47
N ILE H 427 -12.24 -14.50 23.82
CA ILE H 427 -11.74 -15.73 23.23
C ILE H 427 -10.27 -15.85 23.59
N GLU H 428 -9.76 -17.07 23.48
CA GLU H 428 -8.34 -17.33 23.63
C GLU H 428 -7.63 -16.92 22.34
N GLY H 429 -6.36 -17.29 22.22
CA GLY H 429 -5.61 -16.90 21.05
C GLY H 429 -5.08 -15.49 21.18
N LYS H 430 -4.61 -14.96 20.05
CA LYS H 430 -3.97 -13.65 20.05
C LYS H 430 -4.38 -12.81 18.85
N ALA H 431 -5.57 -13.02 18.33
CA ALA H 431 -6.03 -12.28 17.16
C ALA H 431 -7.44 -11.76 17.39
N ILE H 432 -7.74 -10.61 16.82
CA ILE H 432 -9.05 -9.97 16.93
C ILE H 432 -9.96 -10.57 15.86
N GLN H 433 -11.07 -11.14 16.27
CA GLN H 433 -12.02 -11.69 15.32
C GLN H 433 -12.91 -10.59 14.76
N LEU H 434 -13.64 -10.93 13.70
CA LEU H 434 -14.47 -9.93 13.02
C LEU H 434 -15.57 -10.61 12.25
N HIS H 435 -16.80 -10.15 12.42
CA HIS H 435 -17.92 -10.70 11.69
C HIS H 435 -17.69 -10.55 10.19
N PRO H 436 -17.83 -11.61 9.40
CA PRO H 436 -17.46 -11.52 7.97
C PRO H 436 -18.28 -10.50 7.20
N LEU H 437 -19.55 -10.32 7.54
CA LEU H 437 -20.41 -9.44 6.76
C LEU H 437 -20.01 -7.97 6.86
N VAL H 438 -19.25 -7.59 7.89
CA VAL H 438 -18.77 -6.23 8.02
C VAL H 438 -17.34 -6.07 7.51
N CYS H 439 -16.78 -7.12 6.91
CA CYS H 439 -15.47 -7.03 6.29
C CYS H 439 -15.50 -6.36 4.93
N ALA H 440 -16.62 -5.73 4.57
CA ALA H 440 -16.75 -4.96 3.34
C ALA H 440 -16.76 -3.47 3.58
N ALA H 441 -17.51 -2.99 4.58
CA ALA H 441 -17.49 -1.58 4.92
C ALA H 441 -16.10 -1.16 5.37
N TYR H 442 -15.44 -1.99 6.19
CA TYR H 442 -14.07 -1.72 6.58
C TYR H 442 -13.12 -1.78 5.39
N ASN H 443 -13.52 -2.43 4.30
CA ASN H 443 -12.62 -2.80 3.21
C ASN H 443 -11.41 -3.55 3.76
N ALA H 444 -11.67 -4.42 4.73
CA ALA H 444 -10.63 -5.13 5.45
C ALA H 444 -10.49 -6.53 4.86
N ASP H 445 -9.30 -6.86 4.38
CA ASP H 445 -9.01 -8.20 3.90
C ASP H 445 -8.71 -9.09 5.10
N PHE H 446 -8.09 -10.24 4.83
CA PHE H 446 -7.52 -11.05 5.89
C PHE H 446 -6.06 -11.41 5.63
N ASP H 447 -5.42 -10.71 4.68
CA ASP H 447 -3.98 -10.96 4.41
C ASP H 447 -3.14 -10.21 5.45
N GLY H 448 -3.38 -10.49 6.73
CA GLY H 448 -2.60 -9.87 7.79
C GLY H 448 -2.89 -8.41 8.02
N ASP H 449 -4.14 -7.97 7.82
CA ASP H 449 -4.45 -6.55 8.14
C ASP H 449 -4.45 -6.32 9.66
N GLN H 450 -4.39 -5.05 10.09
CA GLN H 450 -4.28 -4.74 11.54
C GLN H 450 -5.30 -3.69 11.98
N MET H 451 -6.25 -4.06 12.85
CA MET H 451 -7.20 -3.11 13.39
C MET H 451 -6.80 -2.72 14.80
N ALA H 452 -7.19 -1.51 15.19
CA ALA H 452 -6.93 -0.99 16.52
C ALA H 452 -8.22 -0.95 17.32
N VAL H 453 -8.14 -1.36 18.58
CA VAL H 453 -9.30 -1.44 19.47
C VAL H 453 -9.24 -0.27 20.44
N HIS H 454 -10.32 0.51 20.50
CA HIS H 454 -10.47 1.57 21.47
C HIS H 454 -11.56 1.19 22.46
N VAL H 455 -11.64 1.96 23.54
CA VAL H 455 -12.61 1.68 24.60
C VAL H 455 -13.33 2.97 24.98
N PRO H 456 -14.65 2.96 25.06
CA PRO H 456 -15.37 4.10 25.66
C PRO H 456 -15.42 3.97 27.17
N LEU H 457 -15.12 5.06 27.88
CA LEU H 457 -15.02 5.04 29.33
C LEU H 457 -16.28 5.58 30.01
N THR H 458 -16.67 6.81 29.67
CA THR H 458 -17.78 7.44 30.36
C THR H 458 -19.10 6.77 29.98
N LEU H 459 -20.10 7.01 30.82
CA LEU H 459 -21.42 6.43 30.61
C LEU H 459 -22.04 6.94 29.31
N GLU H 460 -21.87 8.24 29.03
CA GLU H 460 -22.37 8.80 27.78
C GLU H 460 -21.70 8.13 26.59
N ALA H 461 -20.40 7.87 26.67
CA ALA H 461 -19.71 7.22 25.57
C ALA H 461 -20.21 5.79 25.36
N GLN H 462 -20.47 5.08 26.45
CA GLN H 462 -21.02 3.73 26.33
C GLN H 462 -22.39 3.75 25.68
N LEU H 463 -23.22 4.72 26.04
CA LEU H 463 -24.54 4.81 25.44
C LEU H 463 -24.47 5.25 23.98
N GLU H 464 -23.51 6.10 23.63
CA GLU H 464 -23.37 6.55 22.26
C GLU H 464 -22.89 5.43 21.36
N ALA H 465 -21.89 4.67 21.80
CA ALA H 465 -21.40 3.54 21.03
C ALA H 465 -22.39 2.42 20.95
N ARG H 466 -23.58 2.62 21.50
CA ARG H 466 -24.68 1.67 21.43
C ARG H 466 -25.85 2.20 20.60
N ALA H 467 -26.16 3.49 20.72
CA ALA H 467 -27.26 4.07 19.99
C ALA H 467 -26.87 4.66 18.64
N LEU H 468 -25.58 4.73 18.33
CA LEU H 468 -25.18 5.24 17.02
C LEU H 468 -24.22 4.33 16.29
N MET H 469 -23.30 3.68 16.99
CA MET H 469 -22.13 3.08 16.38
C MET H 469 -22.17 1.56 16.30
N MET H 470 -23.14 0.91 16.95
CA MET H 470 -23.21 -0.53 16.88
C MET H 470 -23.39 -0.97 15.43
N SER H 471 -22.76 -2.09 15.07
CA SER H 471 -22.75 -2.54 13.69
C SER H 471 -24.16 -2.82 13.17
N THR H 472 -25.13 -3.01 14.06
CA THR H 472 -26.51 -3.22 13.67
C THR H 472 -27.27 -1.92 13.45
N ASN H 473 -26.62 -0.77 13.64
CA ASN H 473 -27.29 0.51 13.50
C ASN H 473 -27.03 1.20 12.16
N ASN H 474 -25.85 1.04 11.59
CA ASN H 474 -25.54 1.59 10.27
C ASN H 474 -25.56 0.44 9.27
N ILE H 475 -26.74 0.16 8.74
CA ILE H 475 -26.90 -0.84 7.68
C ILE H 475 -26.71 -0.22 6.31
N LEU H 476 -27.32 0.94 6.07
CA LEU H 476 -27.25 1.63 4.80
C LEU H 476 -26.17 2.69 4.84
N SER H 477 -25.31 2.71 3.82
CA SER H 477 -24.24 3.67 3.75
C SER H 477 -24.80 5.09 3.57
N PRO H 478 -24.09 6.11 4.06
CA PRO H 478 -24.59 7.48 3.91
C PRO H 478 -24.44 8.02 2.50
N ALA H 479 -23.58 7.42 1.66
CA ALA H 479 -23.40 7.91 0.30
C ALA H 479 -24.62 7.61 -0.56
N ASN H 480 -25.21 6.42 -0.38
CA ASN H 480 -26.38 6.02 -1.15
C ASN H 480 -27.19 5.04 -0.33
N GLY H 481 -28.48 4.94 -0.66
CA GLY H 481 -29.39 4.14 0.13
C GLY H 481 -29.11 2.65 0.07
N GLU H 482 -28.30 2.20 -0.88
CA GLU H 482 -28.08 0.77 -1.06
C GLU H 482 -27.38 0.20 0.18
N PRO H 483 -27.69 -1.04 0.57
CA PRO H 483 -27.09 -1.62 1.77
C PRO H 483 -25.59 -1.81 1.62
N ILE H 484 -24.91 -1.81 2.76
CA ILE H 484 -23.45 -1.93 2.82
C ILE H 484 -23.00 -3.25 3.41
N ILE H 485 -23.93 -4.12 3.80
CA ILE H 485 -23.58 -5.39 4.41
C ILE H 485 -23.92 -6.53 3.45
N VAL H 486 -23.83 -6.25 2.15
CA VAL H 486 -24.17 -7.25 1.14
C VAL H 486 -23.26 -8.46 1.29
N PRO H 487 -23.78 -9.68 1.28
CA PRO H 487 -22.93 -10.87 1.36
C PRO H 487 -21.90 -10.90 0.23
N SER H 488 -20.65 -11.21 0.59
CA SER H 488 -19.56 -10.90 -0.31
C SER H 488 -19.00 -12.04 -1.15
N GLN H 489 -18.41 -13.07 -0.52
CA GLN H 489 -17.65 -14.05 -1.30
C GLN H 489 -18.15 -15.48 -1.20
N ASP H 490 -18.17 -16.07 0.00
CA ASP H 490 -18.49 -17.48 0.10
C ASP H 490 -19.99 -17.73 0.25
N VAL H 491 -20.65 -16.90 1.05
CA VAL H 491 -22.08 -17.06 1.27
C VAL H 491 -22.85 -16.86 -0.03
N VAL H 492 -22.42 -15.90 -0.85
CA VAL H 492 -23.11 -15.66 -2.12
C VAL H 492 -22.93 -16.86 -3.06
N LEU H 493 -21.72 -17.42 -3.12
CA LEU H 493 -21.51 -18.60 -3.95
C LEU H 493 -22.33 -19.78 -3.45
N GLY H 494 -22.41 -19.95 -2.13
CA GLY H 494 -23.23 -21.02 -1.58
C GLY H 494 -24.69 -20.87 -1.91
N LEU H 495 -25.21 -19.64 -1.80
CA LEU H 495 -26.61 -19.41 -2.14
C LEU H 495 -26.85 -19.62 -3.63
N TYR H 496 -25.90 -19.20 -4.47
CA TYR H 496 -26.05 -19.42 -5.91
C TYR H 496 -26.05 -20.89 -6.25
N TYR H 497 -25.17 -21.67 -5.63
CA TYR H 497 -25.17 -23.11 -5.86
C TYR H 497 -26.41 -23.76 -5.28
N MET H 498 -27.01 -23.16 -4.25
CA MET H 498 -28.25 -23.69 -3.70
C MET H 498 -29.43 -23.45 -4.64
N THR H 499 -29.51 -22.24 -5.21
CA THR H 499 -30.65 -21.85 -6.03
C THR H 499 -30.29 -22.07 -7.49
N ARG H 500 -30.49 -23.29 -7.97
CA ARG H 500 -30.23 -23.64 -9.35
C ARG H 500 -31.10 -24.83 -9.72
N ASP H 501 -30.85 -25.43 -10.88
CA ASP H 501 -31.66 -26.56 -11.30
C ASP H 501 -30.89 -27.37 -12.34
N CYS H 502 -30.81 -28.68 -12.10
CA CYS H 502 -30.27 -29.63 -13.07
C CYS H 502 -31.45 -30.39 -13.66
N VAL H 503 -31.49 -30.49 -14.99
CA VAL H 503 -32.69 -31.01 -15.66
C VAL H 503 -32.99 -32.46 -15.32
N ASN H 504 -32.04 -33.18 -14.73
CA ASN H 504 -32.30 -34.57 -14.33
C ASN H 504 -31.43 -34.89 -13.12
N ALA H 505 -32.02 -34.78 -11.93
CA ALA H 505 -31.39 -35.23 -10.70
C ALA H 505 -32.43 -36.03 -9.91
N LYS H 506 -31.94 -36.93 -9.05
CA LYS H 506 -32.83 -37.82 -8.33
C LYS H 506 -33.82 -37.00 -7.50
N GLY H 507 -35.10 -37.35 -7.61
CA GLY H 507 -36.15 -36.62 -6.95
C GLY H 507 -36.74 -35.53 -7.83
N GLU H 508 -36.99 -35.87 -9.10
CA GLU H 508 -37.54 -34.92 -10.06
C GLU H 508 -39.02 -35.18 -10.26
N GLY H 509 -39.81 -34.11 -10.23
CA GLY H 509 -41.24 -34.20 -10.44
C GLY H 509 -42.05 -34.61 -9.23
N MET H 510 -41.42 -34.77 -8.07
CA MET H 510 -42.13 -35.17 -6.87
C MET H 510 -42.85 -33.98 -6.24
N VAL H 511 -43.81 -34.30 -5.36
CA VAL H 511 -44.60 -33.30 -4.64
C VAL H 511 -44.17 -33.33 -3.18
N LEU H 512 -43.92 -32.15 -2.62
CA LEU H 512 -43.37 -32.03 -1.27
C LEU H 512 -44.35 -31.26 -0.39
N THR H 513 -44.52 -31.72 0.85
CA THR H 513 -45.48 -31.11 1.76
C THR H 513 -45.09 -29.67 2.10
N GLY H 514 -43.81 -29.43 2.36
CA GLY H 514 -43.36 -28.10 2.70
C GLY H 514 -41.86 -28.08 2.96
N PRO H 515 -41.32 -26.89 3.22
CA PRO H 515 -39.87 -26.79 3.46
C PRO H 515 -39.39 -27.62 4.63
N LYS H 516 -40.20 -27.77 5.67
CA LYS H 516 -39.86 -28.65 6.78
C LYS H 516 -39.60 -30.06 6.29
N GLU H 517 -40.31 -30.49 5.24
CA GLU H 517 -40.10 -31.80 4.67
C GLU H 517 -39.02 -31.80 3.59
N ALA H 518 -38.83 -30.68 2.90
CA ALA H 518 -37.79 -30.61 1.88
C ALA H 518 -36.40 -30.71 2.51
N GLU H 519 -36.18 -30.04 3.65
CA GLU H 519 -34.89 -30.15 4.31
C GLU H 519 -34.57 -31.58 4.73
N ARG H 520 -35.57 -32.33 5.17
CA ARG H 520 -35.39 -33.73 5.50
C ARG H 520 -35.17 -34.59 4.27
N LEU H 521 -35.91 -34.34 3.19
CA LEU H 521 -35.73 -35.11 1.98
C LEU H 521 -34.38 -34.85 1.31
N TYR H 522 -33.76 -33.71 1.58
CA TYR H 522 -32.43 -33.48 1.06
C TYR H 522 -31.34 -34.03 1.99
N ARG H 523 -31.51 -33.87 3.31
CA ARG H 523 -30.49 -34.38 4.22
C ARG H 523 -30.36 -35.89 4.13
N SER H 524 -31.47 -36.60 3.89
CA SER H 524 -31.43 -38.04 3.79
C SER H 524 -30.66 -38.52 2.55
N GLY H 525 -30.41 -37.63 1.59
CA GLY H 525 -29.80 -38.02 0.34
C GLY H 525 -30.74 -38.62 -0.67
N LEU H 526 -32.03 -38.72 -0.36
CA LEU H 526 -32.99 -39.29 -1.29
C LEU H 526 -33.25 -38.37 -2.48
N ALA H 527 -33.02 -37.07 -2.33
CA ALA H 527 -33.21 -36.12 -3.41
C ALA H 527 -32.02 -35.18 -3.47
N SER H 528 -31.57 -34.87 -4.69
CA SER H 528 -30.44 -33.98 -4.86
C SER H 528 -30.85 -32.55 -4.54
N LEU H 529 -29.83 -31.70 -4.35
CA LEU H 529 -30.09 -30.32 -3.95
C LEU H 529 -30.85 -29.56 -5.03
N HIS H 530 -30.53 -29.82 -6.29
CA HIS H 530 -31.25 -29.24 -7.42
C HIS H 530 -32.20 -30.27 -8.00
N ALA H 531 -33.49 -29.98 -7.95
CA ALA H 531 -34.50 -30.82 -8.59
C ALA H 531 -35.81 -30.07 -8.72
N ARG H 532 -36.31 -29.90 -9.93
CA ARG H 532 -37.58 -29.22 -10.14
C ARG H 532 -38.70 -30.07 -9.54
N VAL H 533 -39.39 -29.53 -8.54
CA VAL H 533 -40.44 -30.24 -7.82
C VAL H 533 -41.61 -29.30 -7.61
N LYS H 534 -42.64 -29.80 -6.94
CA LYS H 534 -43.83 -29.03 -6.60
C LYS H 534 -43.98 -29.03 -5.08
N VAL H 535 -44.02 -27.84 -4.49
CA VAL H 535 -44.14 -27.68 -3.05
C VAL H 535 -45.27 -26.72 -2.76
N ARG H 536 -45.73 -26.73 -1.50
CA ARG H 536 -46.70 -25.75 -1.02
C ARG H 536 -46.01 -24.84 -0.02
N ILE H 537 -46.34 -23.56 -0.07
CA ILE H 537 -45.66 -22.56 0.73
C ILE H 537 -46.68 -21.58 1.30
N THR H 538 -46.53 -21.25 2.58
CA THR H 538 -47.37 -20.27 3.25
C THR H 538 -46.77 -18.89 3.01
N GLU H 539 -47.20 -18.24 1.93
CA GLU H 539 -46.73 -16.91 1.59
C GLU H 539 -47.54 -15.88 2.38
N TYR H 540 -46.88 -15.22 3.32
CA TYR H 540 -47.53 -14.20 4.14
C TYR H 540 -47.48 -12.85 3.43
N GLU H 541 -48.57 -12.10 3.53
CA GLU H 541 -48.70 -10.82 2.84
C GLU H 541 -49.10 -9.72 3.82
N LYS H 542 -48.49 -8.55 3.65
CA LYS H 542 -48.79 -7.37 4.46
C LYS H 542 -49.74 -6.42 3.77
N ASP H 543 -50.51 -6.90 2.79
CA ASP H 543 -51.37 -6.01 2.00
C ASP H 543 -52.38 -5.29 2.87
N ALA H 544 -52.99 -6.00 3.82
CA ALA H 544 -53.81 -5.34 4.82
C ALA H 544 -52.91 -4.50 5.72
N ASN H 545 -53.29 -3.24 5.92
CA ASN H 545 -52.45 -2.30 6.65
C ASN H 545 -52.19 -2.77 8.07
N GLY H 546 -50.94 -3.11 8.35
CA GLY H 546 -50.56 -3.59 9.68
C GLY H 546 -50.95 -5.01 9.98
N GLU H 547 -51.43 -5.76 8.99
CA GLU H 547 -51.89 -7.12 9.20
C GLU H 547 -51.19 -8.05 8.21
N LEU H 548 -51.00 -9.30 8.63
CA LEU H 548 -50.33 -10.31 7.82
C LEU H 548 -51.36 -11.27 7.27
N VAL H 549 -51.53 -11.26 5.94
CA VAL H 549 -52.47 -12.15 5.26
C VAL H 549 -51.70 -13.37 4.79
N ALA H 550 -52.21 -14.55 5.14
CA ALA H 550 -51.54 -15.82 4.84
C ALA H 550 -52.23 -16.48 3.66
N LYS H 551 -51.51 -16.62 2.55
CA LYS H 551 -51.99 -17.34 1.39
C LYS H 551 -51.04 -18.48 1.08
N THR H 552 -51.59 -19.62 0.65
CA THR H 552 -50.79 -20.82 0.39
C THR H 552 -51.19 -21.39 -0.96
N SER H 553 -50.24 -21.40 -1.89
CA SER H 553 -50.47 -21.90 -3.23
C SER H 553 -49.36 -22.90 -3.57
N LEU H 554 -49.72 -23.95 -4.30
CA LEU H 554 -48.75 -24.96 -4.69
C LEU H 554 -47.81 -24.42 -5.75
N LYS H 555 -46.68 -23.87 -5.33
CA LYS H 555 -45.73 -23.25 -6.23
C LYS H 555 -44.69 -24.26 -6.70
N ASP H 556 -44.23 -24.09 -7.93
CA ASP H 556 -43.26 -25.00 -8.54
C ASP H 556 -41.87 -24.38 -8.45
N THR H 557 -40.94 -25.10 -7.85
CA THR H 557 -39.58 -24.62 -7.65
C THR H 557 -38.68 -25.82 -7.39
N THR H 558 -37.45 -25.54 -6.96
CA THR H 558 -36.48 -26.58 -6.68
C THR H 558 -36.46 -26.91 -5.19
N VAL H 559 -35.82 -28.04 -4.86
CA VAL H 559 -35.62 -28.40 -3.47
C VAL H 559 -34.72 -27.39 -2.77
N GLY H 560 -33.64 -26.99 -3.45
CA GLY H 560 -32.72 -26.03 -2.85
C GLY H 560 -33.36 -24.70 -2.53
N ARG H 561 -34.19 -24.19 -3.45
CA ARG H 561 -34.89 -22.95 -3.19
C ARG H 561 -35.87 -23.11 -2.04
N ALA H 562 -36.55 -24.25 -1.98
CA ALA H 562 -37.53 -24.48 -0.91
C ALA H 562 -36.86 -24.52 0.45
N ILE H 563 -35.68 -25.14 0.54
CA ILE H 563 -34.94 -25.15 1.80
C ILE H 563 -34.60 -23.73 2.22
N LEU H 564 -34.23 -22.89 1.26
CA LEU H 564 -33.91 -21.50 1.53
C LEU H 564 -35.11 -20.68 1.99
N TRP H 565 -36.34 -21.20 1.83
CA TRP H 565 -37.50 -20.39 2.16
C TRP H 565 -37.61 -20.15 3.66
N MET H 566 -37.30 -21.16 4.48
CA MET H 566 -37.49 -21.01 5.92
C MET H 566 -36.60 -19.93 6.52
N ILE H 567 -35.48 -19.59 5.89
CA ILE H 567 -34.58 -18.61 6.46
C ILE H 567 -35.18 -17.21 6.36
N VAL H 568 -35.92 -16.93 5.29
CA VAL H 568 -36.43 -15.59 5.01
C VAL H 568 -37.61 -15.32 5.95
N PRO H 569 -37.82 -14.08 6.39
CA PRO H 569 -38.99 -13.78 7.22
C PRO H 569 -40.28 -13.96 6.43
N LYS H 570 -41.40 -13.87 7.16
CA LYS H 570 -42.70 -14.19 6.56
C LYS H 570 -43.22 -13.08 5.66
N GLY H 571 -42.90 -11.82 5.96
CA GLY H 571 -43.51 -10.72 5.21
C GLY H 571 -43.15 -10.72 3.75
N LEU H 572 -41.93 -11.11 3.41
CA LEU H 572 -41.46 -11.04 2.04
C LEU H 572 -42.22 -12.04 1.16
N PRO H 573 -42.46 -11.70 -0.10
CA PRO H 573 -43.13 -12.63 -1.02
C PRO H 573 -42.18 -13.72 -1.49
N TYR H 574 -42.67 -14.57 -2.38
CA TYR H 574 -41.91 -15.72 -2.87
C TYR H 574 -41.23 -15.46 -4.21
N SER H 575 -41.39 -14.28 -4.79
CA SER H 575 -40.80 -13.98 -6.09
C SER H 575 -39.36 -13.50 -5.99
N ILE H 576 -38.69 -13.77 -4.87
CA ILE H 576 -37.31 -13.34 -4.66
C ILE H 576 -36.36 -14.53 -4.51
N VAL H 577 -36.79 -15.58 -3.81
CA VAL H 577 -35.96 -16.75 -3.61
C VAL H 577 -36.19 -17.81 -4.68
N ASN H 578 -36.85 -17.45 -5.79
CA ASN H 578 -37.15 -18.38 -6.85
C ASN H 578 -36.16 -18.31 -8.01
N GLN H 579 -35.46 -17.19 -8.19
CA GLN H 579 -34.55 -17.03 -9.32
C GLN H 579 -33.19 -17.63 -9.00
N ALA H 580 -32.20 -17.34 -9.84
CA ALA H 580 -30.87 -17.93 -9.68
C ALA H 580 -30.11 -17.39 -8.48
N LEU H 581 -30.48 -16.20 -7.98
CA LEU H 581 -29.91 -15.63 -6.76
C LEU H 581 -28.40 -15.44 -6.88
N GLY H 582 -28.03 -14.50 -7.73
CA GLY H 582 -26.64 -14.07 -7.81
C GLY H 582 -26.28 -13.22 -6.62
N LYS H 583 -25.52 -12.14 -6.83
CA LYS H 583 -25.17 -11.23 -5.74
C LYS H 583 -26.09 -10.03 -5.65
N LYS H 584 -26.34 -9.37 -6.78
CA LYS H 584 -27.22 -8.21 -6.79
C LYS H 584 -28.63 -8.61 -6.34
N ALA H 585 -29.07 -9.82 -6.66
CA ALA H 585 -30.36 -10.29 -6.17
C ALA H 585 -30.38 -10.37 -4.66
N ILE H 586 -29.29 -10.85 -4.05
CA ILE H 586 -29.23 -10.93 -2.59
C ILE H 586 -29.25 -9.54 -1.98
N SER H 587 -28.50 -8.59 -2.54
CA SER H 587 -28.51 -7.24 -2.01
C SER H 587 -29.90 -6.61 -2.12
N LYS H 588 -30.58 -6.83 -3.26
CA LYS H 588 -31.94 -6.32 -3.41
C LYS H 588 -32.90 -6.98 -2.42
N MET H 589 -32.70 -8.27 -2.16
CA MET H 589 -33.54 -8.96 -1.17
C MET H 589 -33.38 -8.35 0.21
N LEU H 590 -32.13 -8.08 0.61
CA LEU H 590 -31.90 -7.41 1.88
C LEU H 590 -32.54 -6.03 1.90
N ASN H 591 -32.42 -5.29 0.81
CA ASN H 591 -32.98 -3.94 0.77
C ASN H 591 -34.50 -3.98 0.91
N THR H 592 -35.17 -4.89 0.20
CA THR H 592 -36.61 -4.99 0.32
C THR H 592 -37.03 -5.43 1.71
N CYS H 593 -36.28 -6.35 2.32
CA CYS H 593 -36.57 -6.74 3.69
C CYS H 593 -36.49 -5.55 4.63
N TYR H 594 -35.45 -4.73 4.48
CA TYR H 594 -35.34 -3.53 5.31
C TYR H 594 -36.49 -2.57 5.04
N ARG H 595 -36.86 -2.40 3.77
CA ARG H 595 -37.88 -1.42 3.42
C ARG H 595 -39.23 -1.78 4.00
N ILE H 596 -39.64 -3.05 3.88
CA ILE H 596 -41.00 -3.43 4.22
C ILE H 596 -41.11 -4.16 5.55
N LEU H 597 -39.99 -4.39 6.25
CA LEU H 597 -40.03 -5.07 7.54
C LEU H 597 -39.34 -4.32 8.67
N GLY H 598 -38.62 -3.23 8.37
CA GLY H 598 -37.96 -2.48 9.41
C GLY H 598 -36.49 -2.82 9.55
N LEU H 599 -35.95 -2.69 10.76
CA LEU H 599 -34.56 -3.01 11.04
C LEU H 599 -34.39 -4.28 11.87
N LYS H 600 -35.15 -4.39 12.96
CA LYS H 600 -35.03 -5.57 13.82
C LYS H 600 -35.23 -6.89 13.09
N PRO H 601 -36.23 -7.07 12.21
CA PRO H 601 -36.33 -8.31 11.45
C PRO H 601 -35.44 -8.37 10.21
N THR H 602 -34.53 -7.42 10.03
CA THR H 602 -33.54 -7.50 8.96
C THR H 602 -32.16 -7.88 9.47
N VAL H 603 -31.80 -7.47 10.68
CA VAL H 603 -30.54 -7.90 11.28
C VAL H 603 -30.53 -9.42 11.44
N ILE H 604 -31.64 -9.98 11.94
CA ILE H 604 -31.73 -11.42 12.10
C ILE H 604 -31.63 -12.13 10.76
N PHE H 605 -32.32 -11.59 9.75
CA PHE H 605 -32.30 -12.20 8.43
C PHE H 605 -30.89 -12.18 7.83
N ALA H 606 -30.20 -11.05 7.92
CA ALA H 606 -28.85 -10.93 7.36
C ALA H 606 -27.85 -11.75 8.16
N ASP H 607 -28.10 -12.00 9.43
CA ASP H 607 -27.23 -12.87 10.20
C ASP H 607 -27.47 -14.34 9.87
N GLN H 608 -28.72 -14.72 9.60
CA GLN H 608 -29.04 -16.10 9.26
C GLN H 608 -28.62 -16.47 7.85
N ILE H 609 -28.64 -15.50 6.93
CA ILE H 609 -28.28 -15.80 5.55
C ILE H 609 -26.81 -16.20 5.44
N MET H 610 -25.93 -15.61 6.25
CA MET H 610 -24.53 -15.99 6.18
C MET H 610 -24.33 -17.43 6.63
N TYR H 611 -25.01 -17.84 7.71
CA TYR H 611 -24.89 -19.21 8.17
C TYR H 611 -25.31 -20.17 7.08
N THR H 612 -26.46 -19.91 6.45
CA THR H 612 -26.91 -20.82 5.40
C THR H 612 -25.94 -20.83 4.22
N GLY H 613 -25.45 -19.66 3.82
CA GLY H 613 -24.54 -19.60 2.68
C GLY H 613 -23.24 -20.35 2.93
N PHE H 614 -22.65 -20.15 4.11
CA PHE H 614 -21.43 -20.88 4.44
C PHE H 614 -21.69 -22.38 4.51
N ALA H 615 -22.80 -22.78 5.14
CA ALA H 615 -23.06 -24.20 5.33
C ALA H 615 -23.31 -24.91 4.02
N TYR H 616 -23.88 -24.23 3.02
CA TYR H 616 -24.13 -24.85 1.74
C TYR H 616 -23.10 -24.51 0.67
N ALA H 617 -22.10 -23.69 1.00
CA ALA H 617 -20.90 -23.61 0.18
C ALA H 617 -19.82 -24.58 0.65
N ALA H 618 -19.88 -25.02 1.91
CA ALA H 618 -18.98 -26.06 2.37
C ALA H 618 -19.37 -27.42 1.82
N ARG H 619 -20.67 -27.72 1.76
CA ARG H 619 -21.13 -28.98 1.20
C ARG H 619 -20.95 -29.04 -0.31
N SER H 620 -20.80 -27.88 -0.96
CA SER H 620 -20.70 -27.86 -2.41
C SER H 620 -19.36 -28.42 -2.89
N GLY H 621 -18.28 -28.09 -2.19
CA GLY H 621 -16.96 -28.44 -2.69
C GLY H 621 -16.62 -27.72 -3.97
N ALA H 622 -16.90 -26.43 -4.04
CA ALA H 622 -16.65 -25.67 -5.26
C ALA H 622 -15.16 -25.41 -5.44
N SER H 623 -14.46 -26.34 -6.06
CA SER H 623 -13.03 -26.23 -6.28
C SER H 623 -12.73 -25.88 -7.73
N VAL H 624 -11.52 -25.37 -7.95
CA VAL H 624 -11.05 -24.98 -9.27
C VAL H 624 -9.99 -25.98 -9.73
N GLY H 625 -10.18 -26.52 -10.94
CA GLY H 625 -9.23 -27.43 -11.52
C GLY H 625 -8.81 -26.97 -12.90
N ILE H 626 -7.74 -27.58 -13.39
CA ILE H 626 -7.19 -27.18 -14.69
C ILE H 626 -8.19 -27.45 -15.80
N ASP H 627 -8.88 -28.59 -15.74
CA ASP H 627 -9.83 -28.94 -16.79
C ASP H 627 -10.99 -27.94 -16.87
N ASP H 628 -11.20 -27.14 -15.84
CA ASP H 628 -12.29 -26.16 -15.88
C ASP H 628 -12.05 -25.11 -16.96
N MET H 629 -10.85 -24.55 -17.01
CA MET H 629 -10.54 -23.44 -17.91
C MET H 629 -10.34 -24.00 -19.32
N VAL H 630 -11.44 -24.17 -20.03
CA VAL H 630 -11.41 -24.74 -21.36
C VAL H 630 -10.88 -23.72 -22.36
N ILE H 631 -10.02 -24.17 -23.26
CA ILE H 631 -9.53 -23.37 -24.37
C ILE H 631 -10.41 -23.65 -25.58
N PRO H 632 -11.11 -22.67 -26.13
CA PRO H 632 -12.02 -22.95 -27.26
C PRO H 632 -11.26 -23.49 -28.46
N GLU H 633 -11.90 -24.41 -29.18
CA GLU H 633 -11.26 -25.02 -30.34
C GLU H 633 -11.04 -24.03 -31.46
N LYS H 634 -11.91 -23.02 -31.56
CA LYS H 634 -11.82 -22.03 -32.64
C LYS H 634 -10.62 -21.12 -32.53
N LYS H 635 -9.91 -21.14 -31.40
CA LYS H 635 -8.86 -20.16 -31.15
C LYS H 635 -7.71 -20.29 -32.14
N HIS H 636 -7.29 -21.53 -32.44
CA HIS H 636 -6.18 -21.73 -33.36
C HIS H 636 -6.51 -21.21 -34.75
N GLU H 637 -7.71 -21.52 -35.24
CA GLU H 637 -8.12 -21.02 -36.55
C GLU H 637 -8.22 -19.50 -36.56
N ILE H 638 -8.75 -18.92 -35.48
CA ILE H 638 -8.85 -17.46 -35.41
C ILE H 638 -7.46 -16.84 -35.44
N ILE H 639 -6.51 -17.44 -34.73
CA ILE H 639 -5.13 -16.94 -34.72
C ILE H 639 -4.54 -17.00 -36.13
N SER H 640 -4.73 -18.13 -36.81
CA SER H 640 -4.18 -18.27 -38.15
C SER H 640 -4.78 -17.25 -39.12
N GLU H 641 -6.09 -17.04 -39.05
CA GLU H 641 -6.74 -16.10 -39.96
C GLU H 641 -6.34 -14.67 -39.66
N ALA H 642 -6.17 -14.33 -38.37
CA ALA H 642 -5.69 -12.99 -38.03
C ALA H 642 -4.27 -12.79 -38.53
N GLU H 643 -3.43 -13.81 -38.43
CA GLU H 643 -2.08 -13.72 -38.99
C GLU H 643 -2.13 -13.49 -40.49
N ALA H 644 -3.04 -14.19 -41.19
CA ALA H 644 -3.17 -13.98 -42.63
C ALA H 644 -3.60 -12.56 -42.94
N GLU H 645 -4.55 -12.01 -42.18
CA GLU H 645 -5.02 -10.64 -42.45
C GLU H 645 -3.91 -9.62 -42.21
N VAL H 646 -3.16 -9.79 -41.11
CA VAL H 646 -2.07 -8.85 -40.86
C VAL H 646 -0.97 -9.00 -41.92
N ALA H 647 -0.74 -10.21 -42.42
CA ALA H 647 0.22 -10.40 -43.49
C ALA H 647 -0.23 -9.72 -44.77
N GLU H 648 -1.52 -9.78 -45.07
CA GLU H 648 -2.04 -9.07 -46.24
C GLU H 648 -1.80 -7.57 -46.12
N ILE H 649 -2.08 -7.01 -44.96
CA ILE H 649 -1.84 -5.57 -44.78
C ILE H 649 -0.36 -5.24 -44.87
N GLN H 650 0.50 -6.13 -44.36
CA GLN H 650 1.94 -5.91 -44.45
C GLN H 650 2.40 -5.91 -45.92
N GLU H 651 1.88 -6.86 -46.71
CA GLU H 651 2.23 -6.91 -48.11
C GLU H 651 1.74 -5.66 -48.85
N GLN H 652 0.55 -5.18 -48.49
CA GLN H 652 0.05 -3.94 -49.09
C GLN H 652 0.95 -2.77 -48.76
N PHE H 653 1.41 -2.68 -47.50
CA PHE H 653 2.31 -1.59 -47.13
C PHE H 653 3.64 -1.69 -47.86
N GLN H 654 4.16 -2.91 -48.03
CA GLN H 654 5.40 -3.08 -48.79
C GLN H 654 5.21 -2.75 -50.27
N SER H 655 3.97 -2.74 -50.76
CA SER H 655 3.68 -2.33 -52.12
C SER H 655 3.43 -0.84 -52.26
N GLY H 656 3.44 -0.09 -51.14
CA GLY H 656 3.22 1.33 -51.18
C GLY H 656 1.78 1.77 -51.30
N LEU H 657 0.83 0.82 -51.35
CA LEU H 657 -0.57 1.19 -51.48
C LEU H 657 -1.07 1.94 -50.25
N VAL H 658 -0.66 1.51 -49.06
CA VAL H 658 -1.15 2.09 -47.81
C VAL H 658 -0.01 2.78 -47.09
N THR H 659 -0.36 3.73 -46.25
CA THR H 659 0.61 4.44 -45.43
C THR H 659 0.93 3.63 -44.18
N ALA H 660 2.02 4.03 -43.51
CA ALA H 660 2.43 3.34 -42.29
C ALA H 660 1.38 3.49 -41.20
N GLY H 661 0.88 4.71 -41.00
CA GLY H 661 -0.13 4.93 -39.99
C GLY H 661 -1.44 4.21 -40.29
N GLU H 662 -1.87 4.25 -41.56
CA GLU H 662 -3.09 3.57 -41.94
C GLU H 662 -2.97 2.06 -41.74
N ARG H 663 -1.82 1.48 -42.12
CA ARG H 663 -1.61 0.05 -41.90
C ARG H 663 -1.59 -0.27 -40.41
N TYR H 664 -0.97 0.59 -39.61
CA TYR H 664 -0.95 0.37 -38.16
C TYR H 664 -2.36 0.38 -37.58
N ASN H 665 -3.19 1.34 -38.00
CA ASN H 665 -4.56 1.40 -37.52
C ASN H 665 -5.36 0.17 -37.95
N LYS H 666 -5.18 -0.26 -39.20
CA LYS H 666 -5.88 -1.45 -39.67
C LYS H 666 -5.48 -2.67 -38.87
N VAL H 667 -4.18 -2.81 -38.58
CA VAL H 667 -3.70 -3.95 -37.80
C VAL H 667 -4.31 -3.93 -36.40
N ILE H 668 -4.33 -2.76 -35.77
CA ILE H 668 -4.91 -2.66 -34.44
C ILE H 668 -6.38 -3.06 -34.46
N ASP H 669 -7.13 -2.56 -35.45
CA ASP H 669 -8.56 -2.85 -35.52
C ASP H 669 -8.82 -4.33 -35.75
N ILE H 670 -8.07 -4.95 -36.67
CA ILE H 670 -8.32 -6.37 -36.95
C ILE H 670 -7.92 -7.23 -35.75
N TRP H 671 -6.87 -6.84 -35.03
CA TRP H 671 -6.50 -7.60 -33.84
C TRP H 671 -7.57 -7.46 -32.75
N ALA H 672 -8.14 -6.26 -32.59
CA ALA H 672 -9.23 -6.11 -31.63
C ALA H 672 -10.43 -6.96 -32.01
N ALA H 673 -10.77 -6.99 -33.30
CA ALA H 673 -11.89 -7.81 -33.75
C ALA H 673 -11.62 -9.29 -33.49
N ALA H 674 -10.40 -9.75 -33.76
CA ALA H 674 -10.06 -11.14 -33.51
C ALA H 674 -10.12 -11.47 -32.02
N ASN H 675 -9.66 -10.55 -31.18
CA ASN H 675 -9.73 -10.77 -29.73
C ASN H 675 -11.18 -10.90 -29.27
N ASP H 676 -12.06 -10.03 -29.77
CA ASP H 676 -13.46 -10.13 -29.40
C ASP H 676 -14.07 -11.44 -29.90
N ARG H 677 -13.70 -11.86 -31.11
CA ARG H 677 -14.23 -13.11 -31.66
C ARG H 677 -13.81 -14.31 -30.81
N VAL H 678 -12.53 -14.37 -30.42
CA VAL H 678 -12.07 -15.50 -29.62
C VAL H 678 -12.68 -15.45 -28.22
N SER H 679 -12.88 -14.26 -27.66
CA SER H 679 -13.53 -14.15 -26.37
C SER H 679 -14.97 -14.66 -26.45
N LYS H 680 -15.70 -14.30 -27.51
CA LYS H 680 -17.06 -14.79 -27.68
C LYS H 680 -17.08 -16.31 -27.82
N ALA H 681 -16.13 -16.85 -28.60
CA ALA H 681 -16.07 -18.31 -28.77
C ALA H 681 -15.84 -19.00 -27.43
N MET H 682 -14.90 -18.48 -26.63
CA MET H 682 -14.64 -19.09 -25.33
C MET H 682 -15.85 -18.99 -24.40
N MET H 683 -16.52 -17.84 -24.39
CA MET H 683 -17.68 -17.69 -23.52
C MET H 683 -18.78 -18.66 -23.92
N ASP H 684 -19.04 -18.79 -25.22
CA ASP H 684 -20.08 -19.72 -25.67
C ASP H 684 -19.70 -21.16 -25.40
N ASN H 685 -18.41 -21.49 -25.44
CA ASN H 685 -17.99 -22.84 -25.08
C ASN H 685 -17.88 -23.03 -23.57
N LEU H 686 -18.01 -21.97 -22.79
CA LEU H 686 -17.95 -22.08 -21.33
C LEU H 686 -19.32 -22.17 -20.68
N GLN H 687 -20.30 -21.40 -21.14
CA GLN H 687 -21.58 -21.36 -20.43
C GLN H 687 -22.58 -22.39 -20.95
N THR H 688 -22.81 -22.44 -22.26
CA THR H 688 -23.91 -23.24 -22.79
C THR H 688 -23.54 -24.71 -22.93
N GLU H 689 -22.28 -25.00 -23.27
CA GLU H 689 -21.90 -26.29 -23.85
C GLU H 689 -22.29 -27.50 -23.01
N THR H 690 -22.73 -27.31 -21.77
CA THR H 690 -23.18 -28.45 -20.97
C THR H 690 -24.41 -29.07 -21.60
N VAL H 691 -24.40 -30.40 -21.70
CA VAL H 691 -25.49 -31.15 -22.32
C VAL H 691 -25.77 -32.40 -21.50
N ILE H 692 -27.03 -32.62 -21.16
CA ILE H 692 -27.44 -33.80 -20.40
C ILE H 692 -28.78 -34.30 -20.89
N ASN H 693 -29.28 -35.38 -20.30
CA ASN H 693 -30.51 -36.03 -20.72
C ASN H 693 -31.68 -35.62 -19.82
N ARG H 694 -32.86 -35.55 -20.41
CA ARG H 694 -34.08 -35.14 -19.71
C ARG H 694 -35.04 -36.31 -19.48
N ASP H 695 -34.47 -37.50 -19.24
CA ASP H 695 -35.12 -38.81 -19.25
C ASP H 695 -35.33 -39.29 -20.67
N GLY H 696 -34.94 -38.49 -21.66
CA GLY H 696 -35.02 -38.86 -23.06
C GLY H 696 -33.80 -38.39 -23.83
N GLN H 697 -34.04 -37.63 -24.90
CA GLN H 697 -32.96 -37.10 -25.72
C GLN H 697 -32.15 -36.06 -24.92
N GLU H 698 -31.07 -35.59 -25.54
CA GLU H 698 -30.20 -34.61 -24.91
C GLU H 698 -30.86 -33.24 -24.86
N GLU H 699 -30.52 -32.48 -23.81
CA GLU H 699 -31.05 -31.14 -23.64
C GLU H 699 -29.91 -30.20 -23.25
N LYS H 700 -30.13 -28.92 -23.53
CA LYS H 700 -29.15 -27.89 -23.21
C LYS H 700 -29.43 -27.29 -21.84
N GLN H 701 -28.36 -26.86 -21.16
CA GLN H 701 -28.49 -26.35 -19.81
C GLN H 701 -27.28 -25.47 -19.49
N VAL H 702 -27.51 -24.42 -18.71
CA VAL H 702 -26.42 -23.53 -18.30
C VAL H 702 -25.40 -24.31 -17.51
N SER H 703 -24.12 -23.96 -17.67
CA SER H 703 -23.03 -24.81 -17.22
C SER H 703 -22.94 -24.88 -15.70
N PHE H 704 -22.21 -25.89 -15.24
CA PHE H 704 -21.84 -26.04 -13.84
C PHE H 704 -20.35 -25.92 -13.63
N ASN H 705 -19.63 -25.37 -14.61
CA ASN H 705 -18.20 -25.17 -14.47
C ASN H 705 -17.89 -24.22 -13.33
N SER H 706 -16.95 -24.61 -12.47
CA SER H 706 -16.68 -23.82 -11.27
C SER H 706 -16.20 -22.43 -11.61
N ILE H 707 -15.32 -22.30 -12.60
CA ILE H 707 -14.85 -20.98 -13.02
C ILE H 707 -16.01 -20.14 -13.51
N TYR H 708 -16.97 -20.76 -14.20
CA TYR H 708 -18.15 -20.03 -14.62
C TYR H 708 -19.06 -19.68 -13.45
N MET H 709 -19.14 -20.56 -12.44
CA MET H 709 -20.02 -20.29 -11.32
C MET H 709 -19.47 -19.18 -10.41
N MET H 710 -18.15 -19.01 -10.40
CA MET H 710 -17.57 -17.90 -9.66
C MET H 710 -17.68 -16.58 -10.41
N ALA H 711 -18.15 -16.59 -11.65
CA ALA H 711 -18.34 -15.37 -12.43
C ALA H 711 -19.79 -14.98 -12.61
N ASP H 712 -20.66 -15.95 -12.91
CA ASP H 712 -22.08 -15.64 -13.04
C ASP H 712 -22.67 -15.19 -11.70
N SER H 713 -22.29 -15.84 -10.61
CA SER H 713 -22.80 -15.46 -9.30
C SER H 713 -22.26 -14.14 -8.81
N GLY H 714 -21.21 -13.61 -9.43
CA GLY H 714 -20.63 -12.37 -8.95
C GLY H 714 -19.90 -12.51 -7.64
N ALA H 715 -19.57 -13.74 -7.23
CA ALA H 715 -18.85 -13.92 -5.98
C ALA H 715 -17.47 -13.29 -6.05
N ARG H 716 -16.72 -13.56 -7.12
CA ARG H 716 -15.39 -12.99 -7.28
C ARG H 716 -14.99 -13.09 -8.73
N GLY H 717 -14.68 -11.96 -9.34
CA GLY H 717 -14.22 -11.95 -10.73
C GLY H 717 -15.35 -11.71 -11.71
N SER H 718 -14.98 -11.13 -12.85
CA SER H 718 -15.91 -10.84 -13.93
C SER H 718 -15.44 -11.53 -15.21
N ALA H 719 -16.21 -11.34 -16.28
CA ALA H 719 -15.87 -11.98 -17.56
C ALA H 719 -14.54 -11.48 -18.10
N ALA H 720 -14.14 -10.26 -17.74
CA ALA H 720 -12.89 -9.71 -18.26
C ALA H 720 -11.68 -10.52 -17.79
N GLN H 721 -11.67 -10.94 -16.52
CA GLN H 721 -10.55 -11.72 -16.01
C GLN H 721 -10.55 -13.13 -16.60
N ILE H 722 -11.72 -13.74 -16.72
CA ILE H 722 -11.80 -15.04 -17.38
C ILE H 722 -11.29 -14.94 -18.80
N ARG H 723 -11.53 -13.80 -19.46
CA ARG H 723 -10.95 -13.57 -20.78
C ARG H 723 -9.44 -13.70 -20.76
N GLN H 724 -8.81 -13.35 -19.64
CA GLN H 724 -7.37 -13.50 -19.48
C GLN H 724 -6.98 -14.89 -19.02
N LEU H 725 -7.94 -15.72 -18.61
CA LEU H 725 -7.60 -17.09 -18.22
C LEU H 725 -7.74 -18.12 -19.33
N ALA H 726 -8.69 -17.97 -20.25
CA ALA H 726 -8.89 -18.95 -21.32
C ALA H 726 -8.58 -18.37 -22.69
N GLY H 727 -9.21 -17.27 -23.07
CA GLY H 727 -8.93 -16.63 -24.34
C GLY H 727 -7.65 -15.83 -24.28
N MET H 728 -7.34 -15.20 -25.41
CA MET H 728 -6.11 -14.41 -25.50
C MET H 728 -6.18 -13.23 -24.53
N ARG H 729 -5.00 -12.81 -24.06
CA ARG H 729 -4.92 -11.66 -23.17
C ARG H 729 -5.39 -10.39 -23.87
N GLY H 730 -5.02 -10.23 -25.13
CA GLY H 730 -5.38 -9.06 -25.90
C GLY H 730 -4.19 -8.18 -26.22
N LEU H 731 -4.48 -6.91 -26.45
CA LEU H 731 -3.48 -5.91 -26.76
C LEU H 731 -3.09 -5.15 -25.51
N MET H 732 -1.79 -5.08 -25.24
CA MET H 732 -1.28 -4.40 -24.07
C MET H 732 -0.70 -3.03 -24.45
N ALA H 733 -0.62 -2.16 -23.44
CA ALA H 733 -0.22 -0.78 -23.64
C ALA H 733 1.25 -0.59 -23.28
N LYS H 734 1.95 0.20 -24.09
CA LYS H 734 3.31 0.58 -23.80
C LYS H 734 3.34 1.57 -22.64
N PRO H 735 4.50 1.73 -21.99
CA PRO H 735 4.57 2.69 -20.87
C PRO H 735 4.21 4.12 -21.26
N ASP H 736 4.40 4.49 -22.51
CA ASP H 736 4.12 5.85 -22.98
C ASP H 736 2.67 6.03 -23.40
N GLY H 737 1.83 5.00 -23.30
CA GLY H 737 0.44 5.11 -23.64
C GLY H 737 0.04 4.61 -25.00
N SER H 738 0.96 3.98 -25.73
CA SER H 738 0.67 3.44 -27.05
C SER H 738 0.30 1.97 -26.97
N ILE H 739 -0.35 1.48 -28.03
CA ILE H 739 -0.75 0.09 -28.15
C ILE H 739 0.27 -0.64 -29.00
N ILE H 740 0.83 -1.72 -28.47
CA ILE H 740 1.81 -2.50 -29.21
C ILE H 740 1.14 -3.17 -30.39
N GLU H 741 1.87 -3.27 -31.51
CA GLU H 741 1.28 -3.76 -32.75
C GLU H 741 0.83 -5.21 -32.62
N THR H 742 1.64 -6.05 -31.99
CA THR H 742 1.33 -7.47 -31.89
C THR H 742 0.77 -7.79 -30.52
N PRO H 743 -0.49 -8.21 -30.42
CA PRO H 743 -1.05 -8.56 -29.11
C PRO H 743 -0.53 -9.89 -28.62
N ILE H 744 -0.71 -10.12 -27.31
CA ILE H 744 -0.29 -11.37 -26.69
C ILE H 744 -1.34 -12.42 -27.02
N THR H 745 -0.95 -13.41 -27.84
CA THR H 745 -1.87 -14.44 -28.31
C THR H 745 -1.86 -15.67 -27.42
N ALA H 746 -1.47 -15.55 -26.15
CA ALA H 746 -1.40 -16.68 -25.25
C ALA H 746 -2.11 -16.34 -23.95
N ASN H 747 -2.87 -17.31 -23.44
CA ASN H 747 -3.63 -17.13 -22.20
C ASN H 747 -2.75 -17.54 -21.02
N PHE H 748 -3.35 -17.67 -19.84
CA PHE H 748 -2.61 -18.07 -18.67
C PHE H 748 -2.60 -19.57 -18.45
N ARG H 749 -3.68 -20.27 -18.82
CA ARG H 749 -3.66 -21.73 -18.73
C ARG H 749 -2.59 -22.31 -19.64
N GLU H 750 -2.40 -21.70 -20.81
CA GLU H 750 -1.31 -22.05 -21.69
C GLU H 750 -0.03 -21.37 -21.22
N GLY H 751 1.09 -21.74 -21.82
CA GLY H 751 2.35 -21.12 -21.47
C GLY H 751 2.44 -19.71 -22.02
N LEU H 752 3.13 -18.85 -21.27
CA LEU H 752 3.39 -17.48 -21.68
C LEU H 752 4.85 -17.35 -22.07
N ASN H 753 5.11 -16.78 -23.24
CA ASN H 753 6.47 -16.69 -23.77
C ASN H 753 7.29 -15.68 -22.96
N VAL H 754 8.58 -15.59 -23.28
CA VAL H 754 9.44 -14.63 -22.61
C VAL H 754 9.09 -13.21 -23.01
N LEU H 755 8.95 -12.96 -24.31
CA LEU H 755 8.61 -11.63 -24.79
C LEU H 755 7.20 -11.25 -24.35
N GLN H 756 6.26 -12.20 -24.40
CA GLN H 756 4.89 -11.92 -24.01
C GLN H 756 4.74 -11.73 -22.50
N TYR H 757 5.78 -12.02 -21.72
CA TYR H 757 5.82 -11.68 -20.30
C TYR H 757 6.55 -10.37 -20.04
N PHE H 758 7.65 -10.12 -20.76
CA PHE H 758 8.33 -8.84 -20.64
C PHE H 758 7.45 -7.70 -21.10
N ILE H 759 6.56 -7.95 -22.07
CA ILE H 759 5.59 -6.93 -22.44
C ILE H 759 4.55 -6.77 -21.34
N SER H 760 4.10 -7.88 -20.76
CA SER H 760 3.05 -7.82 -19.74
C SER H 760 3.52 -7.09 -18.48
N THR H 761 4.81 -7.13 -18.18
CA THR H 761 5.29 -6.49 -16.95
C THR H 761 5.14 -4.97 -16.98
N HIS H 762 5.05 -4.36 -18.17
CA HIS H 762 4.86 -2.91 -18.26
C HIS H 762 3.59 -2.49 -17.55
N GLY H 763 2.48 -3.15 -17.87
CA GLY H 763 1.20 -2.79 -17.27
C GLY H 763 1.17 -3.04 -15.78
N ALA H 764 1.75 -4.14 -15.33
CA ALA H 764 1.79 -4.41 -13.89
C ALA H 764 2.59 -3.34 -13.16
N ARG H 765 3.74 -2.96 -13.70
CA ARG H 765 4.54 -1.93 -13.07
C ARG H 765 3.81 -0.60 -13.03
N LYS H 766 3.16 -0.22 -14.13
CA LYS H 766 2.43 1.05 -14.15
C LYS H 766 1.28 1.03 -13.15
N GLY H 767 0.52 -0.06 -13.12
CA GLY H 767 -0.60 -0.15 -12.20
C GLY H 767 -0.18 -0.15 -10.75
N LEU H 768 0.95 -0.78 -10.44
CA LEU H 768 1.43 -0.77 -9.06
C LEU H 768 2.02 0.57 -8.67
N ALA H 769 2.63 1.29 -9.63
CA ALA H 769 3.15 2.62 -9.32
C ALA H 769 2.04 3.64 -9.19
N ASP H 770 0.91 3.43 -9.87
CA ASP H 770 -0.20 4.36 -9.74
C ASP H 770 -0.90 4.30 -8.40
N THR H 771 -0.71 3.24 -7.62
CA THR H 771 -1.31 3.20 -6.29
C THR H 771 -0.74 4.30 -5.40
N ALA H 772 0.58 4.44 -5.39
CA ALA H 772 1.35 5.42 -4.63
C ALA H 772 1.11 6.84 -5.10
N LEU H 773 0.25 7.06 -6.07
CA LEU H 773 -0.16 8.41 -6.43
C LEU H 773 -1.67 8.60 -6.35
N LYS H 774 -2.45 7.59 -6.71
CA LYS H 774 -3.89 7.66 -6.54
C LYS H 774 -4.25 7.91 -5.08
N THR H 775 -3.64 7.14 -4.18
CA THR H 775 -3.96 7.34 -2.77
C THR H 775 -3.44 8.68 -2.27
N ALA H 776 -2.25 9.09 -2.73
CA ALA H 776 -1.67 10.36 -2.30
C ALA H 776 -2.47 11.56 -2.77
N ASN H 777 -3.16 11.45 -3.90
CA ASN H 777 -3.99 12.56 -4.38
C ASN H 777 -5.39 12.52 -3.80
N SER H 778 -5.96 11.33 -3.64
CA SER H 778 -7.28 11.21 -3.04
C SER H 778 -7.26 11.70 -1.60
N GLY H 779 -6.18 11.43 -0.87
CA GLY H 779 -6.09 11.94 0.49
C GLY H 779 -6.15 13.46 0.54
N TYR H 780 -5.41 14.13 -0.34
CA TYR H 780 -5.42 15.59 -0.35
C TYR H 780 -6.77 16.13 -0.76
N LEU H 781 -7.41 15.53 -1.77
CA LEU H 781 -8.73 16.00 -2.17
C LEU H 781 -9.73 15.84 -1.03
N THR H 782 -9.69 14.70 -0.34
CA THR H 782 -10.60 14.49 0.79
C THR H 782 -10.33 15.49 1.90
N ARG H 783 -9.05 15.77 2.19
CA ARG H 783 -8.75 16.73 3.25
C ARG H 783 -9.26 18.12 2.90
N ARG H 784 -9.07 18.56 1.66
CA ARG H 784 -9.58 19.86 1.27
C ARG H 784 -11.09 19.91 1.34
N LEU H 785 -11.76 18.84 0.89
CA LEU H 785 -13.22 18.83 0.91
C LEU H 785 -13.75 18.80 2.35
N VAL H 786 -13.06 18.11 3.24
CA VAL H 786 -13.48 18.10 4.64
C VAL H 786 -13.31 19.48 5.26
N ASP H 787 -12.15 20.08 5.06
CA ASP H 787 -11.87 21.37 5.70
C ASP H 787 -12.55 22.54 5.01
N VAL H 788 -13.17 22.33 3.85
CA VAL H 788 -13.95 23.42 3.26
C VAL H 788 -15.38 23.44 3.79
N ALA H 789 -16.01 22.28 3.99
CA ALA H 789 -17.35 22.33 4.55
C ALA H 789 -17.27 22.43 6.07
N GLN H 790 -16.94 21.33 6.74
CA GLN H 790 -16.38 21.31 8.07
C GLN H 790 -17.31 21.90 9.14
N ASP H 791 -18.38 22.58 8.74
CA ASP H 791 -19.18 23.31 9.71
C ASP H 791 -20.67 23.31 9.41
N LEU H 792 -21.13 22.57 8.41
CA LEU H 792 -22.56 22.53 8.10
C LEU H 792 -23.26 21.63 9.09
N VAL H 793 -24.23 22.17 9.80
CA VAL H 793 -25.06 21.41 10.74
C VAL H 793 -26.50 21.83 10.56
N VAL H 794 -27.40 20.84 10.51
CA VAL H 794 -28.82 21.10 10.26
C VAL H 794 -29.41 21.65 11.56
N THR H 795 -29.51 22.97 11.66
CA THR H 795 -29.95 23.61 12.89
C THR H 795 -31.43 24.01 12.87
N GLU H 796 -31.97 24.34 11.70
CA GLU H 796 -33.34 24.81 11.59
C GLU H 796 -34.18 23.77 10.85
N ASP H 797 -35.44 23.63 11.28
CA ASP H 797 -36.31 22.60 10.73
C ASP H 797 -37.02 23.03 9.46
N ASP H 798 -37.12 24.32 9.17
CA ASP H 798 -37.81 24.76 7.96
C ASP H 798 -37.35 26.17 7.60
N CYS H 799 -36.70 26.30 6.43
CA CYS H 799 -36.43 27.63 5.90
C CYS H 799 -37.72 28.37 5.56
N GLY H 800 -38.67 27.65 4.96
CA GLY H 800 -39.87 28.28 4.45
C GLY H 800 -39.74 28.88 3.07
N THR H 801 -38.60 28.68 2.40
CA THR H 801 -38.39 29.25 1.08
C THR H 801 -39.28 28.55 0.05
N HIS H 802 -39.16 28.99 -1.20
CA HIS H 802 -40.00 28.48 -2.27
C HIS H 802 -39.23 27.92 -3.45
N GLU H 803 -38.07 28.48 -3.78
CA GLU H 803 -37.36 28.09 -4.99
C GLU H 803 -36.47 26.88 -4.74
N GLY H 804 -36.47 25.97 -5.71
CA GLY H 804 -35.61 24.80 -5.66
C GLY H 804 -35.13 24.45 -7.04
N ILE H 805 -33.97 23.81 -7.11
CA ILE H 805 -33.37 23.50 -8.40
C ILE H 805 -34.19 22.45 -9.12
N MET H 806 -34.18 22.52 -10.46
CA MET H 806 -34.93 21.56 -11.26
C MET H 806 -34.23 20.20 -11.26
N MET H 807 -35.03 19.15 -11.46
CA MET H 807 -34.51 17.80 -11.58
C MET H 807 -35.15 17.13 -12.78
N THR H 808 -34.30 16.58 -13.65
CA THR H 808 -34.73 15.91 -14.87
C THR H 808 -33.85 14.69 -15.10
N PRO H 809 -34.38 13.66 -15.74
CA PRO H 809 -33.53 12.50 -16.08
C PRO H 809 -32.41 12.91 -17.03
N VAL H 810 -31.27 12.25 -16.88
CA VAL H 810 -30.09 12.55 -17.66
C VAL H 810 -29.86 11.41 -18.66
N ILE H 811 -29.77 11.76 -19.94
CA ILE H 811 -29.56 10.79 -21.01
C ILE H 811 -28.44 11.33 -21.92
N GLU H 812 -27.51 10.45 -22.29
CA GLU H 812 -26.46 10.80 -23.23
C GLU H 812 -26.74 10.33 -24.66
N GLY H 813 -27.89 9.70 -24.89
CA GLY H 813 -28.24 9.15 -26.18
C GLY H 813 -28.46 7.65 -26.20
N GLY H 814 -27.86 6.93 -25.25
CA GLY H 814 -28.13 5.51 -25.13
C GLY H 814 -29.31 5.28 -24.21
N ASP H 815 -29.20 4.31 -23.31
CA ASP H 815 -30.23 4.12 -22.30
C ASP H 815 -30.15 5.24 -21.27
N VAL H 816 -31.27 5.50 -20.61
CA VAL H 816 -31.33 6.57 -19.62
C VAL H 816 -30.36 6.25 -18.49
N LYS H 817 -29.42 7.18 -18.25
CA LYS H 817 -28.44 6.97 -17.19
C LYS H 817 -29.11 6.97 -15.82
N GLU H 818 -29.96 7.96 -15.56
CA GLU H 818 -30.64 8.02 -14.28
C GLU H 818 -32.09 8.46 -14.46
N PRO H 819 -33.05 7.64 -14.07
CA PRO H 819 -34.45 8.05 -14.14
C PRO H 819 -34.78 9.09 -13.08
N LEU H 820 -35.91 9.77 -13.28
CA LEU H 820 -36.37 10.71 -12.27
C LEU H 820 -36.80 10.03 -10.98
N ARG H 821 -37.00 8.71 -11.01
CA ARG H 821 -37.33 7.95 -9.82
C ARG H 821 -36.12 7.65 -8.95
N ASP H 822 -34.92 7.97 -9.42
CA ASP H 822 -33.69 7.71 -8.68
C ASP H 822 -33.10 8.95 -8.04
N ARG H 823 -32.97 10.04 -8.80
CA ARG H 823 -32.38 11.26 -8.24
C ARG H 823 -33.34 11.94 -7.27
N VAL H 824 -34.61 12.03 -7.63
CA VAL H 824 -35.56 12.80 -6.85
C VAL H 824 -35.84 12.13 -5.50
N LEU H 825 -35.85 10.80 -5.47
CA LEU H 825 -36.20 10.07 -4.26
C LEU H 825 -35.30 10.47 -3.10
N GLY H 826 -35.91 10.81 -1.97
CA GLY H 826 -35.19 11.24 -0.80
C GLY H 826 -35.17 12.74 -0.57
N ARG H 827 -35.74 13.53 -1.47
CA ARG H 827 -35.73 14.98 -1.36
C ARG H 827 -37.16 15.49 -1.19
N VAL H 828 -37.29 16.80 -1.14
CA VAL H 828 -38.58 17.46 -0.89
C VAL H 828 -38.84 18.46 -2.01
N THR H 829 -40.05 18.42 -2.56
CA THR H 829 -40.41 19.26 -3.69
C THR H 829 -40.48 20.73 -3.27
N ALA H 830 -40.33 21.62 -4.25
CA ALA H 830 -40.44 23.04 -4.03
C ALA H 830 -41.85 23.56 -4.36
N GLU H 831 -42.28 23.40 -5.60
CA GLU H 831 -43.61 23.80 -6.02
C GLU H 831 -44.46 22.55 -6.27
N ASP H 832 -45.77 22.75 -6.23
CA ASP H 832 -46.71 21.63 -6.36
C ASP H 832 -46.54 20.95 -7.71
N VAL H 833 -46.04 19.70 -7.69
CA VAL H 833 -45.97 18.92 -8.91
C VAL H 833 -47.39 18.61 -9.39
N LEU H 834 -47.63 18.80 -10.67
CA LEU H 834 -48.97 18.73 -11.24
C LEU H 834 -49.13 17.45 -12.05
N LYS H 835 -50.33 16.87 -11.97
CA LYS H 835 -50.66 15.72 -12.80
C LYS H 835 -50.62 16.13 -14.28
N PRO H 836 -50.27 15.21 -15.18
CA PRO H 836 -50.32 15.53 -16.61
C PRO H 836 -51.65 16.12 -17.05
N GLY H 837 -52.75 15.65 -16.47
CA GLY H 837 -54.00 16.38 -16.57
C GLY H 837 -53.88 17.72 -15.86
N THR H 838 -54.04 18.82 -16.59
CA THR H 838 -53.72 20.13 -16.05
C THR H 838 -54.66 20.51 -14.92
N ALA H 839 -54.20 21.47 -14.11
CA ALA H 839 -54.93 21.99 -12.95
C ALA H 839 -55.21 20.93 -11.90
N ASP H 840 -54.44 19.82 -11.92
CA ASP H 840 -54.59 18.74 -10.96
C ASP H 840 -53.29 18.63 -10.17
N ILE H 841 -53.38 18.89 -8.86
CA ILE H 841 -52.21 18.84 -7.98
C ILE H 841 -52.09 17.40 -7.48
N LEU H 842 -51.17 16.64 -8.08
CA LEU H 842 -50.98 15.25 -7.67
C LEU H 842 -50.40 15.18 -6.26
N VAL H 843 -49.33 15.90 -6.00
CA VAL H 843 -48.65 15.86 -4.71
C VAL H 843 -48.49 17.29 -4.21
N PRO H 844 -48.70 17.57 -2.93
CA PRO H 844 -48.53 18.95 -2.44
C PRO H 844 -47.09 19.44 -2.59
N ARG H 845 -46.91 20.73 -2.31
CA ARG H 845 -45.63 21.37 -2.58
C ARG H 845 -44.55 21.02 -1.57
N ASN H 846 -44.91 20.65 -0.35
CA ASN H 846 -43.93 20.52 0.73
C ASN H 846 -43.92 19.13 1.36
N THR H 847 -44.24 18.10 0.58
CA THR H 847 -44.27 16.73 1.10
C THR H 847 -43.01 16.00 0.67
N LEU H 848 -42.44 15.25 1.60
CA LEU H 848 -41.28 14.43 1.29
C LEU H 848 -41.69 13.25 0.43
N LEU H 849 -40.76 12.80 -0.42
CA LEU H 849 -41.04 11.80 -1.44
C LEU H 849 -40.36 10.49 -1.06
N HIS H 850 -41.13 9.56 -0.50
CA HIS H 850 -40.65 8.21 -0.23
C HIS H 850 -41.08 7.29 -1.37
N GLU H 851 -40.88 5.99 -1.16
CA GLU H 851 -41.09 5.02 -2.24
C GLU H 851 -42.54 4.99 -2.70
N GLN H 852 -43.49 5.08 -1.75
CA GLN H 852 -44.90 5.07 -2.11
C GLN H 852 -45.29 6.30 -2.93
N TRP H 853 -44.48 7.35 -2.89
CA TRP H 853 -44.70 8.53 -3.73
C TRP H 853 -44.01 8.40 -5.09
N CYS H 854 -42.79 7.88 -5.11
CA CYS H 854 -42.09 7.66 -6.37
C CYS H 854 -42.83 6.66 -7.25
N ASP H 855 -43.46 5.65 -6.64
CA ASP H 855 -44.26 4.71 -7.41
C ASP H 855 -45.44 5.42 -8.07
N LEU H 856 -46.08 6.34 -7.36
CA LEU H 856 -47.14 7.14 -7.97
C LEU H 856 -46.60 8.00 -9.10
N LEU H 857 -45.40 8.57 -8.91
CA LEU H 857 -44.82 9.41 -9.95
C LEU H 857 -44.53 8.62 -11.21
N GLU H 858 -44.25 7.32 -11.09
CA GLU H 858 -44.03 6.50 -12.27
C GLU H 858 -45.29 6.34 -13.10
N GLU H 859 -46.44 6.21 -12.43
CA GLU H 859 -47.69 6.02 -13.16
C GLU H 859 -48.03 7.22 -14.02
N ASN H 860 -47.84 8.42 -13.49
CA ASN H 860 -48.19 9.63 -14.23
C ASN H 860 -47.13 10.04 -15.24
N SER H 861 -45.91 9.51 -15.12
CA SER H 861 -44.84 9.73 -16.09
C SER H 861 -44.55 11.22 -16.28
N VAL H 862 -44.07 11.85 -15.22
CA VAL H 862 -43.69 13.26 -15.22
C VAL H 862 -42.16 13.34 -15.21
N ASP H 863 -41.62 14.22 -16.06
CA ASP H 863 -40.17 14.32 -16.24
C ASP H 863 -39.54 15.42 -15.40
N ALA H 864 -40.22 16.56 -15.23
CA ALA H 864 -39.66 17.71 -14.52
C ALA H 864 -40.37 17.86 -13.18
N VAL H 865 -39.60 17.76 -12.09
CA VAL H 865 -40.10 17.93 -10.74
C VAL H 865 -39.18 18.87 -9.99
N LYS H 866 -39.71 19.97 -9.48
CA LYS H 866 -38.91 20.89 -8.69
C LYS H 866 -38.58 20.27 -7.34
N VAL H 867 -37.36 20.49 -6.87
CA VAL H 867 -36.89 19.92 -5.62
C VAL H 867 -36.08 20.97 -4.88
N ARG H 868 -36.42 21.20 -3.60
CA ARG H 868 -35.64 22.11 -2.78
C ARG H 868 -34.26 21.52 -2.50
N SER H 869 -33.24 22.37 -2.55
CA SER H 869 -31.88 21.93 -2.34
C SER H 869 -31.13 22.94 -1.48
N VAL H 870 -30.03 22.50 -0.89
CA VAL H 870 -29.31 23.28 0.11
C VAL H 870 -28.61 24.48 -0.50
N VAL H 871 -28.69 24.63 -1.83
CA VAL H 871 -28.11 25.82 -2.44
C VAL H 871 -29.06 27.01 -2.34
N SER H 872 -30.36 26.77 -2.30
CA SER H 872 -31.36 27.83 -2.25
C SER H 872 -31.95 28.02 -0.86
N CYS H 873 -31.48 27.28 0.14
CA CYS H 873 -31.93 27.50 1.51
C CYS H 873 -31.46 28.85 2.01
N ASP H 874 -32.25 29.45 2.90
CA ASP H 874 -31.96 30.79 3.39
C ASP H 874 -31.59 30.85 4.86
N THR H 875 -31.45 29.70 5.53
CA THR H 875 -31.06 29.71 6.94
C THR H 875 -29.56 29.97 7.04
N ASP H 876 -29.19 31.01 7.77
CA ASP H 876 -27.79 31.36 7.96
C ASP H 876 -27.15 30.45 9.00
N PHE H 877 -25.89 30.08 8.75
CA PHE H 877 -25.12 29.22 9.65
C PHE H 877 -25.82 27.87 9.83
N GLY H 878 -26.05 27.19 8.71
CA GLY H 878 -26.67 25.89 8.74
C GLY H 878 -27.80 25.72 7.76
N VAL H 879 -27.88 24.53 7.15
CA VAL H 879 -28.94 24.23 6.19
C VAL H 879 -30.19 23.82 6.95
N CYS H 880 -31.31 23.75 6.24
CA CYS H 880 -32.57 23.34 6.85
C CYS H 880 -32.66 21.81 6.87
N ALA H 881 -33.70 21.31 7.54
CA ALA H 881 -33.99 19.89 7.51
C ALA H 881 -34.72 19.50 6.23
N HIS H 882 -35.75 20.28 5.88
CA HIS H 882 -36.49 20.01 4.64
C HIS H 882 -35.62 20.23 3.42
N CYS H 883 -34.77 21.26 3.44
CA CYS H 883 -33.91 21.56 2.30
C CYS H 883 -32.87 20.47 2.04
N TYR H 884 -32.63 19.58 3.00
CA TYR H 884 -31.65 18.52 2.84
C TYR H 884 -32.27 17.18 2.50
N GLY H 885 -33.51 16.94 2.86
CA GLY H 885 -34.19 15.72 2.45
C GLY H 885 -33.85 14.52 3.34
N ARG H 886 -33.96 13.33 2.75
CA ARG H 886 -33.79 12.10 3.50
C ARG H 886 -32.34 11.93 3.96
N ASP H 887 -32.18 11.43 5.19
CA ASP H 887 -30.85 11.24 5.77
C ASP H 887 -30.02 10.22 5.03
N LEU H 888 -30.64 9.33 4.25
CA LEU H 888 -29.96 8.34 3.43
C LEU H 888 -29.27 7.26 4.26
N ALA H 889 -29.29 7.41 5.59
CA ALA H 889 -28.81 6.37 6.49
C ALA H 889 -29.96 5.66 7.20
N ARG H 890 -30.97 6.41 7.64
CA ARG H 890 -32.22 5.87 8.14
C ARG H 890 -33.33 6.52 7.34
N GLY H 891 -34.29 5.73 6.90
CA GLY H 891 -35.27 6.21 5.93
C GLY H 891 -36.28 7.18 6.49
N HIS H 892 -35.81 8.20 7.20
CA HIS H 892 -36.66 9.23 7.75
C HIS H 892 -35.97 10.58 7.57
N ILE H 893 -36.77 11.64 7.70
CA ILE H 893 -36.24 12.99 7.54
C ILE H 893 -35.10 13.22 8.52
N ILE H 894 -34.07 13.94 8.08
CA ILE H 894 -32.86 14.10 8.87
C ILE H 894 -33.17 14.83 10.18
N ASN H 895 -32.61 14.33 11.27
CA ASN H 895 -32.82 14.93 12.58
C ASN H 895 -32.17 16.30 12.67
N LYS H 896 -32.71 17.13 13.56
CA LYS H 896 -32.21 18.49 13.72
C LYS H 896 -30.87 18.49 14.45
N GLY H 897 -29.78 18.50 13.69
CA GLY H 897 -28.47 18.61 14.30
C GLY H 897 -27.36 17.80 13.65
N GLU H 898 -27.70 16.77 12.89
CA GLU H 898 -26.69 15.88 12.34
C GLU H 898 -25.67 16.64 11.51
N ALA H 899 -24.40 16.33 11.73
CA ALA H 899 -23.29 17.01 11.06
C ALA H 899 -23.20 16.52 9.62
N ILE H 900 -23.86 17.24 8.72
CA ILE H 900 -23.84 16.88 7.30
C ILE H 900 -22.70 17.52 6.54
N GLY H 901 -21.94 18.42 7.17
CA GLY H 901 -20.82 19.03 6.49
C GLY H 901 -19.72 18.05 6.17
N VAL H 902 -19.42 17.14 7.10
CA VAL H 902 -18.34 16.20 6.92
C VAL H 902 -18.79 14.94 6.18
N ILE H 903 -20.09 14.60 6.28
CA ILE H 903 -20.58 13.38 5.65
C ILE H 903 -20.37 13.43 4.15
N ALA H 904 -20.72 14.55 3.53
CA ALA H 904 -20.58 14.68 2.09
C ALA H 904 -19.12 14.68 1.67
N ALA H 905 -18.26 15.37 2.43
CA ALA H 905 -16.85 15.38 2.08
C ALA H 905 -16.24 13.99 2.14
N GLN H 906 -16.60 13.21 3.16
CA GLN H 906 -16.11 11.83 3.22
C GLN H 906 -16.70 10.98 2.09
N SER H 907 -17.98 11.15 1.79
CA SER H 907 -18.61 10.32 0.77
C SER H 907 -18.14 10.66 -0.64
N ILE H 908 -17.66 11.87 -0.87
CA ILE H 908 -17.09 12.21 -2.17
C ILE H 908 -15.63 11.80 -2.25
N GLY H 909 -14.87 12.01 -1.19
CA GLY H 909 -13.47 11.64 -1.22
C GLY H 909 -13.18 10.18 -0.98
N GLU H 910 -14.20 9.37 -0.75
CA GLU H 910 -14.01 7.94 -0.50
C GLU H 910 -13.79 7.17 -1.80
N PRO H 911 -14.60 7.36 -2.86
CA PRO H 911 -14.35 6.61 -4.10
C PRO H 911 -13.15 7.12 -4.88
N GLY H 912 -12.37 8.02 -4.27
CA GLY H 912 -11.16 8.50 -4.90
C GLY H 912 -10.01 7.52 -4.94
N THR H 913 -10.19 6.32 -4.38
CA THR H 913 -9.17 5.30 -4.39
C THR H 913 -9.30 4.38 -5.60
N GLN H 914 -10.53 3.91 -5.86
CA GLN H 914 -10.78 3.04 -7.01
C GLN H 914 -10.97 3.80 -8.32
N LEU H 915 -11.14 5.12 -8.25
CA LEU H 915 -11.35 5.91 -9.46
C LEU H 915 -10.07 5.95 -10.29
N THR H 916 -10.19 5.72 -11.59
CA THR H 916 -9.04 5.78 -12.48
C THR H 916 -8.52 7.20 -12.56
N MET H 917 -7.20 7.37 -12.47
CA MET H 917 -6.60 8.69 -12.55
C MET H 917 -6.63 9.26 -13.97
N ARG H 918 -6.81 8.40 -14.97
CA ARG H 918 -6.93 8.87 -16.35
C ARG H 918 -8.10 8.17 -17.05
N SER H 933 -21.11 12.17 -38.99
CA SER H 933 -21.40 10.90 -39.64
C SER H 933 -22.90 10.65 -39.70
N SER H 934 -23.33 9.51 -39.19
CA SER H 934 -24.75 9.16 -39.12
C SER H 934 -25.05 8.62 -37.73
N ILE H 935 -26.06 9.18 -37.09
CA ILE H 935 -26.47 8.78 -35.75
C ILE H 935 -27.77 8.01 -35.86
N GLN H 936 -27.74 6.73 -35.50
CA GLN H 936 -28.90 5.85 -35.62
C GLN H 936 -29.73 5.87 -34.35
N VAL H 937 -31.04 5.93 -34.52
CA VAL H 937 -31.95 6.01 -33.37
C VAL H 937 -31.96 4.68 -32.62
N LYS H 938 -32.35 4.75 -31.35
CA LYS H 938 -32.39 3.56 -30.51
C LYS H 938 -33.68 2.78 -30.69
N ASN H 939 -34.83 3.46 -30.58
CA ASN H 939 -36.12 2.80 -30.62
C ASN H 939 -37.10 3.67 -31.39
N LYS H 940 -38.23 3.06 -31.77
CA LYS H 940 -39.26 3.77 -32.51
C LYS H 940 -39.91 4.83 -31.64
N GLY H 941 -40.15 6.00 -32.22
CA GLY H 941 -40.81 7.07 -31.49
C GLY H 941 -40.90 8.31 -32.35
N SER H 942 -41.49 9.35 -31.77
CA SER H 942 -41.65 10.63 -32.46
C SER H 942 -40.49 11.55 -32.12
N ILE H 943 -40.03 12.29 -33.12
CA ILE H 943 -38.89 13.19 -32.98
C ILE H 943 -39.40 14.56 -32.57
N LYS H 944 -38.84 15.10 -31.48
CA LYS H 944 -39.17 16.43 -30.98
C LYS H 944 -37.90 17.25 -30.88
N LEU H 945 -37.92 18.45 -31.45
CA LEU H 945 -36.78 19.36 -31.44
C LEU H 945 -37.17 20.61 -30.66
N SER H 946 -36.56 20.78 -29.49
CA SER H 946 -36.89 21.91 -28.62
C SER H 946 -36.23 23.19 -29.15
N ASN H 947 -37.06 24.22 -29.35
CA ASN H 947 -36.61 25.54 -29.82
C ASN H 947 -35.81 25.41 -31.13
N VAL H 948 -36.46 24.82 -32.13
CA VAL H 948 -35.84 24.61 -33.43
C VAL H 948 -36.45 25.58 -34.44
N LYS H 949 -35.63 25.99 -35.40
CA LYS H 949 -36.05 26.81 -36.53
C LYS H 949 -35.72 26.02 -37.79
N SER H 950 -36.65 25.15 -38.18
CA SER H 950 -36.41 24.23 -39.29
C SER H 950 -36.67 24.90 -40.64
N VAL H 951 -35.83 24.58 -41.61
CA VAL H 951 -35.96 25.08 -42.98
C VAL H 951 -35.89 23.89 -43.93
N VAL H 952 -36.82 23.83 -44.87
CA VAL H 952 -36.89 22.73 -45.82
C VAL H 952 -35.90 22.98 -46.96
N ASN H 953 -35.02 22.02 -47.20
CA ASN H 953 -33.98 22.17 -48.21
C ASN H 953 -34.49 21.66 -49.56
N SER H 954 -33.60 21.68 -50.56
CA SER H 954 -33.97 21.21 -51.89
C SER H 954 -34.30 19.72 -51.88
N SER H 955 -33.53 18.92 -51.13
CA SER H 955 -33.76 17.50 -51.05
C SER H 955 -35.02 17.13 -50.26
N GLY H 956 -35.62 18.09 -49.57
CA GLY H 956 -36.79 17.82 -48.76
C GLY H 956 -36.50 17.33 -47.35
N LYS H 957 -35.23 17.26 -46.96
CA LYS H 957 -34.85 16.80 -45.64
C LYS H 957 -34.84 17.97 -44.65
N LEU H 958 -35.17 17.66 -43.40
CA LEU H 958 -35.22 18.68 -42.36
C LEU H 958 -33.82 19.21 -42.07
N VAL H 959 -33.70 20.53 -42.00
CA VAL H 959 -32.42 21.20 -41.79
C VAL H 959 -32.57 22.14 -40.60
N ILE H 960 -31.81 21.90 -39.54
CA ILE H 960 -31.82 22.79 -38.37
C ILE H 960 -30.98 24.02 -38.68
N THR H 961 -31.43 25.16 -38.16
CA THR H 961 -30.69 26.40 -38.39
C THR H 961 -29.51 26.52 -37.43
N SER H 962 -29.78 26.53 -36.14
CA SER H 962 -28.75 26.75 -35.12
C SER H 962 -28.28 25.42 -34.53
N ARG H 963 -27.04 25.43 -34.02
CA ARG H 963 -26.48 24.25 -33.38
C ARG H 963 -27.21 23.91 -32.09
N ASN H 964 -27.78 24.91 -31.42
CA ASN H 964 -28.37 24.69 -30.10
C ASN H 964 -29.55 23.73 -30.13
N THR H 965 -30.18 23.51 -31.28
CA THR H 965 -31.25 22.53 -31.38
C THR H 965 -30.67 21.12 -31.26
N GLU H 966 -31.29 20.29 -30.45
CA GLU H 966 -30.81 18.95 -30.16
C GLU H 966 -31.84 17.92 -30.58
N LEU H 967 -31.37 16.80 -31.14
CA LEU H 967 -32.25 15.75 -31.62
C LEU H 967 -32.71 14.88 -30.46
N LYS H 968 -34.02 14.82 -30.25
CA LYS H 968 -34.61 14.02 -29.17
C LYS H 968 -35.81 13.26 -29.71
N LEU H 969 -36.10 12.12 -29.08
CA LEU H 969 -37.23 11.28 -29.44
C LEU H 969 -38.23 11.25 -28.29
N ILE H 970 -39.51 11.35 -28.63
CA ILE H 970 -40.58 11.37 -27.65
C ILE H 970 -41.57 10.26 -27.99
N ASP H 971 -41.83 9.39 -27.02
CA ASP H 971 -42.82 8.33 -27.16
C ASP H 971 -44.17 8.82 -26.63
N GLU H 972 -45.12 7.89 -26.47
CA GLU H 972 -46.43 8.26 -25.95
C GLU H 972 -46.37 8.72 -24.50
N PHE H 973 -45.31 8.38 -23.76
CA PHE H 973 -45.17 8.78 -22.38
C PHE H 973 -44.50 10.15 -22.23
N GLY H 974 -43.98 10.73 -23.31
CA GLY H 974 -43.34 12.02 -23.26
C GLY H 974 -41.92 12.02 -22.73
N ARG H 975 -41.43 10.89 -22.24
CA ARG H 975 -40.07 10.84 -21.71
C ARG H 975 -39.06 10.78 -22.85
N THR H 976 -38.04 11.63 -22.76
CA THR H 976 -37.00 11.68 -23.77
C THR H 976 -36.13 10.43 -23.67
N LYS H 977 -36.21 9.56 -24.67
CA LYS H 977 -35.46 8.31 -24.64
C LYS H 977 -33.98 8.52 -24.89
N GLU H 978 -33.61 9.58 -25.61
CA GLU H 978 -32.22 9.81 -25.97
C GLU H 978 -32.05 11.26 -26.40
N SER H 979 -30.80 11.72 -26.37
CA SER H 979 -30.44 13.05 -26.82
C SER H 979 -29.21 12.96 -27.71
N TYR H 980 -29.23 13.71 -28.82
CA TYR H 980 -28.14 13.69 -29.78
C TYR H 980 -27.69 15.11 -30.09
N LYS H 981 -26.38 15.33 -30.05
CA LYS H 981 -25.80 16.59 -30.47
C LYS H 981 -25.63 16.60 -31.99
N VAL H 982 -26.10 17.66 -32.63
CA VAL H 982 -26.06 17.74 -34.09
C VAL H 982 -25.33 19.01 -34.51
N PRO H 983 -24.60 18.99 -35.63
CA PRO H 983 -23.84 20.17 -36.03
C PRO H 983 -24.74 21.29 -36.56
N TYR H 984 -24.16 22.48 -36.61
CA TYR H 984 -24.88 23.67 -37.05
C TYR H 984 -25.18 23.57 -38.54
N GLY H 985 -26.44 23.82 -38.91
CA GLY H 985 -26.83 23.82 -40.31
C GLY H 985 -26.78 22.49 -40.99
N ALA H 986 -26.91 21.39 -40.25
CA ALA H 986 -26.80 20.06 -40.84
C ALA H 986 -28.11 19.66 -41.52
N VAL H 987 -28.05 18.57 -42.28
CA VAL H 987 -29.20 18.01 -42.98
C VAL H 987 -29.59 16.71 -42.29
N LEU H 988 -30.87 16.60 -41.93
CA LEU H 988 -31.37 15.46 -41.18
C LEU H 988 -32.32 14.64 -42.04
N ALA H 989 -32.16 13.31 -42.00
CA ALA H 989 -32.98 12.43 -42.82
C ALA H 989 -34.46 12.52 -42.45
N LYS H 990 -34.77 12.55 -41.16
CA LYS H 990 -36.14 12.56 -40.69
C LYS H 990 -36.56 13.97 -40.28
N GLY H 991 -37.87 14.19 -40.35
CA GLY H 991 -38.44 15.48 -40.03
C GLY H 991 -38.97 15.56 -38.61
N ASP H 992 -39.04 16.79 -38.09
CA ASP H 992 -39.54 17.01 -36.75
C ASP H 992 -41.04 16.73 -36.68
N GLY H 993 -41.48 16.27 -35.51
CA GLY H 993 -42.88 15.93 -35.31
C GLY H 993 -43.35 14.77 -36.16
N GLU H 994 -42.48 13.79 -36.40
CA GLU H 994 -42.79 12.65 -37.25
C GLU H 994 -42.27 11.38 -36.59
N GLN H 995 -43.14 10.38 -36.46
CA GLN H 995 -42.74 9.11 -35.85
C GLN H 995 -41.74 8.40 -36.76
N VAL H 996 -40.63 7.96 -36.17
CA VAL H 996 -39.57 7.30 -36.91
C VAL H 996 -39.44 5.87 -36.40
N ALA H 997 -38.89 5.01 -37.24
CA ALA H 997 -38.66 3.62 -36.89
C ALA H 997 -37.28 3.43 -36.30
N GLY H 998 -37.12 2.34 -35.55
CA GLY H 998 -35.84 2.02 -34.97
C GLY H 998 -34.85 1.50 -36.01
N GLY H 999 -33.57 1.63 -35.68
CA GLY H 999 -32.49 1.16 -36.52
C GLY H 999 -31.99 2.16 -37.55
N GLU H 1000 -32.89 2.90 -38.17
CA GLU H 1000 -32.50 3.87 -39.18
C GLU H 1000 -32.03 5.16 -38.52
N THR H 1001 -31.09 5.83 -39.19
CA THR H 1001 -30.54 7.09 -38.67
C THR H 1001 -31.47 8.25 -38.97
N VAL H 1002 -31.65 9.13 -37.98
CA VAL H 1002 -32.44 10.33 -38.18
C VAL H 1002 -31.62 11.49 -38.71
N ALA H 1003 -30.30 11.46 -38.53
CA ALA H 1003 -29.41 12.52 -39.01
C ALA H 1003 -28.22 11.89 -39.72
N ASN H 1004 -27.93 12.39 -40.92
CA ASN H 1004 -26.78 11.95 -41.69
C ASN H 1004 -26.08 13.17 -42.26
N TRP H 1005 -24.77 13.26 -42.06
CA TRP H 1005 -24.00 14.39 -42.56
C TRP H 1005 -22.53 14.01 -42.61
N ASP H 1006 -21.76 14.81 -43.34
CA ASP H 1006 -20.32 14.62 -43.39
C ASP H 1006 -19.67 15.38 -42.24
N PRO H 1007 -19.03 14.69 -41.29
CA PRO H 1007 -18.44 15.42 -40.15
C PRO H 1007 -17.36 16.42 -40.54
N HIS H 1008 -16.59 16.12 -41.59
CA HIS H 1008 -15.50 17.03 -41.98
C HIS H 1008 -16.06 18.37 -42.48
N THR H 1009 -17.14 18.34 -43.24
CA THR H 1009 -17.69 19.54 -43.83
C THR H 1009 -18.62 20.25 -42.85
N MET H 1010 -18.48 21.58 -42.76
CA MET H 1010 -19.35 22.39 -41.93
C MET H 1010 -20.30 23.18 -42.81
N PRO H 1011 -21.57 22.81 -42.92
CA PRO H 1011 -22.50 23.59 -43.74
C PRO H 1011 -22.77 24.97 -43.15
N VAL H 1012 -23.06 25.92 -44.03
CA VAL H 1012 -23.41 27.28 -43.66
C VAL H 1012 -24.72 27.60 -44.35
N ILE H 1013 -25.84 27.47 -43.63
CA ILE H 1013 -27.15 27.70 -44.19
C ILE H 1013 -27.64 29.09 -43.78
N THR H 1014 -28.65 29.57 -44.50
CA THR H 1014 -29.27 30.84 -44.20
C THR H 1014 -30.63 30.63 -43.54
N GLU H 1015 -31.05 31.61 -42.74
CA GLU H 1015 -32.33 31.50 -42.05
C GLU H 1015 -33.50 31.48 -43.03
N VAL H 1016 -33.46 32.31 -44.07
CA VAL H 1016 -34.54 32.42 -45.03
C VAL H 1016 -33.96 32.28 -46.44
N SER H 1017 -34.86 32.01 -47.39
CA SER H 1017 -34.47 31.80 -48.77
C SER H 1017 -34.42 33.12 -49.54
N GLY H 1018 -33.56 33.17 -50.54
CA GLY H 1018 -33.45 34.34 -51.37
C GLY H 1018 -32.10 34.37 -52.07
N PHE H 1019 -31.90 35.46 -52.82
CA PHE H 1019 -30.64 35.67 -53.52
C PHE H 1019 -29.54 36.03 -52.53
N VAL H 1020 -28.29 35.90 -52.97
CA VAL H 1020 -27.12 36.23 -52.16
C VAL H 1020 -26.55 37.55 -52.68
N ARG H 1021 -26.26 38.46 -51.74
CA ARG H 1021 -25.63 39.73 -52.07
C ARG H 1021 -24.38 39.90 -51.21
N PHE H 1022 -23.26 40.18 -51.85
CA PHE H 1022 -21.96 40.25 -51.18
C PHE H 1022 -21.81 41.63 -50.56
N THR H 1023 -22.22 41.75 -49.30
CA THR H 1023 -22.19 43.03 -48.60
C THR H 1023 -20.80 43.28 -48.02
N ASP H 1024 -20.29 44.50 -48.26
CA ASP H 1024 -18.95 44.88 -47.82
C ASP H 1024 -17.90 43.89 -48.31
N MET H 1025 -18.10 43.40 -49.53
CA MET H 1025 -17.31 42.34 -50.09
C MET H 1025 -16.73 42.76 -51.43
N ILE H 1026 -15.45 42.44 -51.64
CA ILE H 1026 -14.78 42.65 -52.91
C ILE H 1026 -13.98 41.39 -53.23
N ASP H 1027 -14.17 40.86 -54.43
CA ASP H 1027 -13.44 39.66 -54.84
C ASP H 1027 -11.96 39.99 -54.97
N GLY H 1028 -11.16 39.48 -54.05
CA GLY H 1028 -9.75 39.79 -53.97
C GLY H 1028 -9.35 40.59 -52.75
N GLN H 1029 -10.30 41.03 -51.92
CA GLN H 1029 -10.01 41.75 -50.70
C GLN H 1029 -10.39 40.95 -49.47
N THR H 1030 -11.64 40.51 -49.36
CA THR H 1030 -12.08 39.64 -48.29
C THR H 1030 -12.23 38.19 -48.73
N ILE H 1031 -12.59 37.96 -49.99
CA ILE H 1031 -12.69 36.63 -50.57
C ILE H 1031 -11.75 36.57 -51.76
N THR H 1032 -10.81 35.63 -51.74
CA THR H 1032 -9.94 35.36 -52.87
C THR H 1032 -10.37 34.03 -53.48
N ARG H 1033 -10.87 34.09 -54.72
CA ARG H 1033 -11.36 32.89 -55.38
C ARG H 1033 -10.22 31.90 -55.61
N GLN H 1034 -10.38 30.70 -55.08
CA GLN H 1034 -9.41 29.63 -55.22
C GLN H 1034 -9.92 28.61 -56.23
N THR H 1035 -9.08 28.27 -57.20
CA THR H 1035 -9.47 27.33 -58.24
C THR H 1035 -9.63 25.94 -57.64
N ASP H 1036 -10.83 25.38 -57.72
CA ASP H 1036 -11.11 24.04 -57.24
C ASP H 1036 -10.94 23.05 -58.39
N GLU H 1037 -10.00 22.12 -58.24
CA GLU H 1037 -9.73 21.13 -59.27
C GLU H 1037 -10.71 19.96 -59.26
N LEU H 1038 -11.57 19.88 -58.24
CA LEU H 1038 -12.53 18.79 -58.12
C LEU H 1038 -13.90 19.16 -58.66
N THR H 1039 -14.45 20.31 -58.26
CA THR H 1039 -15.76 20.74 -58.73
C THR H 1039 -15.71 21.36 -60.12
N GLY H 1040 -14.52 21.57 -60.68
CA GLY H 1040 -14.41 22.15 -62.00
C GLY H 1040 -14.69 23.64 -62.06
N LEU H 1041 -14.79 24.30 -60.92
CA LEU H 1041 -15.11 25.72 -60.87
C LEU H 1041 -14.33 26.37 -59.73
N SER H 1042 -13.80 27.56 -59.99
CA SER H 1042 -13.10 28.30 -58.96
C SER H 1042 -14.08 28.65 -57.83
N SER H 1043 -13.75 28.22 -56.62
CA SER H 1043 -14.64 28.36 -55.49
C SER H 1043 -14.19 29.52 -54.60
N LEU H 1044 -15.14 30.38 -54.23
CA LEU H 1044 -14.85 31.57 -53.44
C LEU H 1044 -14.39 31.15 -52.06
N VAL H 1045 -13.14 31.48 -51.73
CA VAL H 1045 -12.54 31.13 -50.44
C VAL H 1045 -12.28 32.44 -49.68
N VAL H 1046 -12.83 32.53 -48.48
CA VAL H 1046 -12.67 33.73 -47.66
C VAL H 1046 -11.28 33.74 -47.07
N LEU H 1047 -10.58 34.86 -47.23
CA LEU H 1047 -9.26 35.01 -46.63
C LEU H 1047 -9.37 35.15 -45.12
N ASP H 1048 -8.43 34.55 -44.40
CA ASP H 1048 -8.42 34.63 -42.95
C ASP H 1048 -8.15 36.05 -42.48
N SER H 1049 -8.68 36.39 -41.30
CA SER H 1049 -8.56 37.75 -40.78
C SER H 1049 -7.11 38.15 -40.58
N ALA H 1050 -6.29 37.25 -40.02
CA ALA H 1050 -4.88 37.55 -39.81
C ALA H 1050 -4.04 37.33 -41.07
N GLU H 1051 -4.62 36.76 -42.12
CA GLU H 1051 -3.92 36.54 -43.38
C GLU H 1051 -4.25 37.58 -44.45
N ARG H 1052 -5.49 38.07 -44.48
CA ARG H 1052 -5.89 39.04 -45.48
C ARG H 1052 -5.24 40.39 -45.21
N THR H 1053 -5.29 41.25 -46.23
CA THR H 1053 -4.69 42.58 -46.12
C THR H 1053 -5.48 43.46 -45.16
N ALA H 1054 -4.82 44.52 -44.69
CA ALA H 1054 -5.45 45.44 -43.75
C ALA H 1054 -6.62 46.19 -44.39
N GLY H 1055 -6.56 46.41 -45.70
CA GLY H 1055 -7.67 47.07 -46.38
C GLY H 1055 -8.96 46.25 -46.30
N GLY H 1056 -8.86 44.95 -46.55
CA GLY H 1056 -10.00 44.08 -46.37
C GLY H 1056 -10.34 43.80 -44.92
N LYS H 1057 -9.40 44.08 -44.01
CA LYS H 1057 -9.70 43.93 -42.59
C LYS H 1057 -10.77 44.91 -42.15
N ASP H 1058 -10.72 46.15 -42.66
CA ASP H 1058 -11.71 47.15 -42.30
C ASP H 1058 -13.11 46.72 -42.75
N LEU H 1059 -13.22 46.20 -43.96
CA LEU H 1059 -14.50 45.69 -44.43
C LEU H 1059 -14.84 44.36 -43.75
N ARG H 1060 -16.13 44.09 -43.65
CA ARG H 1060 -16.63 42.89 -42.97
C ARG H 1060 -17.26 41.96 -44.00
N PRO H 1061 -16.66 40.80 -44.29
CA PRO H 1061 -17.20 39.91 -45.33
C PRO H 1061 -18.54 39.32 -44.90
N ALA H 1062 -19.58 39.59 -45.69
CA ALA H 1062 -20.93 39.21 -45.32
C ALA H 1062 -21.75 38.84 -46.56
N LEU H 1063 -22.82 38.10 -46.33
CA LEU H 1063 -23.81 37.76 -47.35
C LEU H 1063 -25.14 38.38 -46.97
N LYS H 1064 -25.82 38.96 -47.95
CA LYS H 1064 -27.12 39.57 -47.75
C LYS H 1064 -28.16 38.85 -48.59
N ILE H 1065 -29.37 38.75 -48.05
CA ILE H 1065 -30.50 38.18 -48.78
C ILE H 1065 -31.24 39.32 -49.46
N VAL H 1066 -31.61 39.10 -50.72
CA VAL H 1066 -32.24 40.13 -51.56
C VAL H 1066 -33.25 39.46 -52.48
N ASP H 1067 -34.10 40.29 -53.10
CA ASP H 1067 -35.12 39.81 -54.03
C ASP H 1067 -34.56 39.83 -55.45
N ALA H 1068 -35.44 39.65 -56.44
CA ALA H 1068 -35.03 39.67 -57.83
C ALA H 1068 -34.88 41.08 -58.39
N GLN H 1069 -35.38 42.10 -57.71
CA GLN H 1069 -35.27 43.47 -58.18
C GLN H 1069 -34.04 44.19 -57.63
N GLY H 1070 -33.68 43.91 -56.37
CA GLY H 1070 -32.52 44.52 -55.78
C GLY H 1070 -32.74 45.04 -54.37
N ASN H 1071 -33.98 44.97 -53.90
CA ASN H 1071 -34.30 45.44 -52.56
C ASN H 1071 -33.76 44.47 -51.51
N ASP H 1072 -33.51 45.01 -50.32
CA ASP H 1072 -33.00 44.22 -49.20
C ASP H 1072 -34.16 43.66 -48.40
N VAL H 1073 -34.15 42.34 -48.19
CA VAL H 1073 -35.22 41.65 -47.47
C VAL H 1073 -34.88 41.61 -45.99
N LEU H 1074 -35.77 42.14 -45.15
CA LEU H 1074 -35.54 42.20 -43.72
C LEU H 1074 -35.91 40.88 -43.05
N ILE H 1075 -35.21 40.59 -41.95
CA ILE H 1075 -35.56 39.41 -41.14
C ILE H 1075 -36.96 39.59 -40.57
N PRO H 1076 -37.81 38.56 -40.56
CA PRO H 1076 -39.17 38.76 -40.02
C PRO H 1076 -39.14 39.15 -38.55
N GLY H 1077 -39.53 40.39 -38.27
CA GLY H 1077 -39.50 40.92 -36.91
C GLY H 1077 -38.54 42.08 -36.74
N THR H 1078 -37.40 42.03 -37.42
CA THR H 1078 -36.36 43.05 -37.30
C THR H 1078 -36.20 43.81 -38.61
N ASP H 1079 -36.08 45.13 -38.50
CA ASP H 1079 -36.00 45.97 -39.69
C ASP H 1079 -34.72 45.71 -40.48
N MET H 1080 -33.60 45.48 -39.79
CA MET H 1080 -32.32 45.31 -40.48
C MET H 1080 -32.30 43.99 -41.24
N PRO H 1081 -31.91 43.99 -42.51
CA PRO H 1081 -31.93 42.76 -43.30
C PRO H 1081 -30.91 41.75 -42.81
N ALA H 1082 -31.20 40.48 -43.08
CA ALA H 1082 -30.32 39.40 -42.66
C ALA H 1082 -28.96 39.52 -43.33
N GLN H 1083 -27.90 39.52 -42.52
CA GLN H 1083 -26.53 39.58 -43.01
C GLN H 1083 -25.79 38.33 -42.52
N TYR H 1084 -25.25 37.56 -43.46
CA TYR H 1084 -24.56 36.32 -43.15
C TYR H 1084 -23.08 36.53 -43.42
N PHE H 1085 -22.28 36.60 -42.37
CA PHE H 1085 -20.85 36.84 -42.50
C PHE H 1085 -20.16 35.53 -42.86
N LEU H 1086 -19.47 35.51 -44.00
CA LEU H 1086 -18.78 34.31 -44.44
C LEU H 1086 -17.49 34.15 -43.65
N PRO H 1087 -17.34 33.07 -42.89
CA PRO H 1087 -16.11 32.88 -42.12
C PRO H 1087 -14.92 32.58 -43.04
N GLY H 1088 -13.73 32.82 -42.50
CA GLY H 1088 -12.53 32.60 -43.28
C GLY H 1088 -12.38 31.15 -43.71
N LYS H 1089 -11.75 30.97 -44.87
CA LYS H 1089 -11.52 29.64 -45.44
C LYS H 1089 -12.82 28.88 -45.65
N ALA H 1090 -13.86 29.58 -46.11
CA ALA H 1090 -15.14 28.99 -46.45
C ALA H 1090 -15.20 28.75 -47.95
N ILE H 1091 -15.59 27.54 -48.35
CA ILE H 1091 -15.60 27.12 -49.74
C ILE H 1091 -17.04 27.18 -50.23
N VAL H 1092 -17.43 28.30 -50.84
CA VAL H 1092 -18.79 28.49 -51.32
C VAL H 1092 -18.87 28.04 -52.78
N GLN H 1093 -19.78 27.11 -53.05
CA GLN H 1093 -19.96 26.62 -54.41
C GLN H 1093 -20.73 27.63 -55.27
N LEU H 1094 -21.71 28.31 -54.68
CA LEU H 1094 -22.53 29.25 -55.42
C LEU H 1094 -21.78 30.54 -55.69
N GLU H 1095 -22.31 31.32 -56.63
CA GLU H 1095 -21.68 32.56 -57.06
C GLU H 1095 -22.42 33.76 -56.47
N ASP H 1096 -21.84 34.94 -56.71
CA ASP H 1096 -22.45 36.19 -56.26
C ASP H 1096 -23.68 36.48 -57.10
N GLY H 1097 -24.85 36.51 -56.47
CA GLY H 1097 -26.10 36.73 -57.17
C GLY H 1097 -26.86 35.49 -57.56
N VAL H 1098 -26.71 34.39 -56.80
CA VAL H 1098 -27.41 33.14 -57.08
C VAL H 1098 -28.27 32.81 -55.87
N GLN H 1099 -29.53 32.46 -56.12
CA GLN H 1099 -30.46 32.18 -55.04
C GLN H 1099 -29.98 30.99 -54.21
N ILE H 1100 -30.20 31.07 -52.90
CA ILE H 1100 -29.76 30.05 -51.96
C ILE H 1100 -30.97 29.25 -51.49
N SER H 1101 -30.87 27.93 -51.60
CA SER H 1101 -31.90 27.07 -51.02
C SER H 1101 -31.76 27.05 -49.50
N SER H 1102 -32.90 27.18 -48.81
CA SER H 1102 -32.88 27.21 -47.36
C SER H 1102 -32.63 25.81 -46.81
N GLY H 1103 -31.35 25.47 -46.63
CA GLY H 1103 -30.97 24.13 -46.19
C GLY H 1103 -29.78 23.61 -46.98
N ASP H 1104 -29.59 24.15 -48.18
CA ASP H 1104 -28.42 23.80 -48.97
C ASP H 1104 -27.16 24.40 -48.36
N THR H 1105 -26.07 23.63 -48.38
CA THR H 1105 -24.81 24.06 -47.77
C THR H 1105 -24.15 25.08 -48.68
N LEU H 1106 -24.17 26.35 -48.27
CA LEU H 1106 -23.49 27.39 -49.04
C LEU H 1106 -21.98 27.13 -49.08
N ALA H 1107 -21.38 26.95 -47.91
CA ALA H 1107 -19.94 26.76 -47.79
C ALA H 1107 -19.66 25.41 -47.15
N ARG H 1108 -18.80 24.61 -47.80
CA ARG H 1108 -18.36 23.34 -47.27
C ARG H 1108 -16.96 23.54 -46.69
N ILE H 1109 -16.89 23.67 -45.36
CA ILE H 1109 -15.65 23.99 -44.67
C ILE H 1109 -15.09 22.70 -44.08
N PRO H 1110 -13.93 22.23 -44.56
CA PRO H 1110 -13.33 21.02 -43.96
C PRO H 1110 -13.00 21.25 -42.49
N GLN H 1111 -13.18 20.20 -41.68
CA GLN H 1111 -12.89 20.27 -40.26
C GLN H 1111 -11.39 20.25 -40.00
N ILE H 1119 -14.47 15.72 -18.95
CA ILE H 1119 -13.78 15.17 -20.12
C ILE H 1119 -12.79 14.10 -19.67
N THR H 1120 -11.63 14.54 -19.16
CA THR H 1120 -10.64 13.61 -18.65
C THR H 1120 -11.11 13.01 -17.34
N GLY H 1121 -11.76 11.84 -17.42
CA GLY H 1121 -12.51 11.29 -16.31
C GLY H 1121 -11.71 10.95 -15.07
N GLY H 1122 -10.44 11.31 -15.05
CA GLY H 1122 -9.62 11.04 -13.89
C GLY H 1122 -9.91 11.96 -12.73
N LEU H 1123 -9.26 11.67 -11.61
CA LEU H 1123 -9.35 12.52 -10.43
C LEU H 1123 -9.02 13.98 -10.70
N PRO H 1124 -8.03 14.34 -11.53
CA PRO H 1124 -7.79 15.76 -11.80
C PRO H 1124 -9.01 16.51 -12.32
N ARG H 1125 -9.91 15.86 -13.05
CA ARG H 1125 -11.10 16.57 -13.49
C ARG H 1125 -11.98 16.96 -12.30
N VAL H 1126 -12.17 16.05 -11.35
CA VAL H 1126 -12.96 16.38 -10.17
C VAL H 1126 -12.28 17.48 -9.36
N ALA H 1127 -10.95 17.38 -9.20
CA ALA H 1127 -10.23 18.40 -8.46
C ALA H 1127 -10.36 19.76 -9.12
N ASP H 1128 -10.21 19.82 -10.45
CA ASP H 1128 -10.34 21.08 -11.16
C ASP H 1128 -11.76 21.61 -11.11
N LEU H 1129 -12.76 20.72 -11.14
CA LEU H 1129 -14.14 21.15 -11.03
C LEU H 1129 -14.41 21.83 -9.70
N PHE H 1130 -14.03 21.16 -8.60
CA PHE H 1130 -14.29 21.73 -7.29
C PHE H 1130 -13.45 22.99 -7.06
N GLU H 1131 -12.21 23.01 -7.57
CA GLU H 1131 -11.34 24.15 -7.40
C GLU H 1131 -11.81 25.38 -8.16
N ALA H 1132 -12.79 25.24 -9.05
CA ALA H 1132 -13.31 26.35 -9.86
C ALA H 1132 -12.19 27.00 -10.67
N ARG H 1133 -11.36 26.15 -11.29
CA ARG H 1133 -10.27 26.63 -12.11
C ARG H 1133 -10.79 27.03 -13.49
N ARG H 1134 -10.30 28.16 -13.98
CA ARG H 1134 -10.71 28.64 -15.30
C ARG H 1134 -10.17 27.73 -16.39
N PRO H 1135 -10.99 27.31 -17.35
CA PRO H 1135 -10.49 26.43 -18.41
C PRO H 1135 -9.52 27.16 -19.33
N LYS H 1136 -8.75 26.37 -20.08
CA LYS H 1136 -7.67 26.91 -20.89
C LYS H 1136 -8.20 27.87 -21.95
N GLU H 1137 -9.29 27.50 -22.63
CA GLU H 1137 -9.89 28.33 -23.68
C GLU H 1137 -11.33 28.62 -23.28
N PRO H 1138 -11.57 29.69 -22.52
CA PRO H 1138 -12.92 29.94 -22.01
C PRO H 1138 -13.83 30.46 -23.11
N ALA H 1139 -14.99 29.82 -23.26
CA ALA H 1139 -15.99 30.30 -24.21
C ALA H 1139 -16.61 31.59 -23.68
N ILE H 1140 -16.58 32.64 -24.48
CA ILE H 1140 -17.16 33.91 -24.09
C ILE H 1140 -18.67 33.84 -24.24
N LEU H 1141 -19.38 34.63 -23.45
CA LEU H 1141 -20.84 34.59 -23.41
C LEU H 1141 -21.38 36.00 -23.55
N ALA H 1142 -22.71 36.11 -23.56
CA ALA H 1142 -23.41 37.38 -23.71
C ALA H 1142 -23.80 37.89 -22.33
N GLU H 1143 -23.20 39.01 -21.93
CA GLU H 1143 -23.49 39.56 -20.60
C GLU H 1143 -24.93 40.06 -20.53
N ILE H 1144 -25.35 40.85 -21.51
CA ILE H 1144 -26.70 41.42 -21.54
C ILE H 1144 -27.28 41.18 -22.92
N SER H 1145 -28.57 40.87 -22.96
CA SER H 1145 -29.25 40.62 -24.23
C SER H 1145 -29.17 41.86 -25.13
N GLY H 1146 -28.88 41.64 -26.40
CA GLY H 1146 -28.74 42.74 -27.32
C GLY H 1146 -28.47 42.26 -28.72
N ILE H 1147 -28.09 43.20 -29.58
CA ILE H 1147 -27.80 42.94 -30.99
C ILE H 1147 -26.29 43.02 -31.19
N VAL H 1148 -25.75 42.04 -31.92
CA VAL H 1148 -24.32 41.95 -32.12
C VAL H 1148 -23.86 43.05 -33.08
N SER H 1149 -22.76 43.70 -32.73
CA SER H 1149 -22.18 44.75 -33.58
C SER H 1149 -20.68 44.79 -33.35
N PHE H 1150 -19.97 45.36 -34.33
CA PHE H 1150 -18.52 45.48 -34.29
C PHE H 1150 -18.13 46.96 -34.24
N GLY H 1151 -17.08 47.25 -33.49
CA GLY H 1151 -16.61 48.62 -33.35
C GLY H 1151 -15.26 48.87 -33.97
N LYS H 1152 -14.51 47.80 -34.24
CA LYS H 1152 -13.18 47.91 -34.84
C LYS H 1152 -13.04 46.86 -35.91
N GLU H 1153 -11.84 46.75 -36.47
CA GLU H 1153 -11.57 45.80 -37.55
C GLU H 1153 -10.44 44.85 -37.15
N THR H 1154 -10.53 44.30 -35.95
CA THR H 1154 -9.50 43.40 -35.40
C THR H 1154 -8.13 44.06 -35.38
N LYS H 1155 -8.11 45.34 -34.98
CA LYS H 1155 -6.85 46.08 -34.84
C LYS H 1155 -6.17 45.59 -33.56
N GLY H 1156 -5.41 44.51 -33.71
CA GLY H 1156 -4.82 43.80 -32.60
C GLY H 1156 -5.75 42.81 -31.93
N LYS H 1157 -7.05 43.10 -31.93
CA LYS H 1157 -8.04 42.19 -31.38
C LYS H 1157 -9.41 42.58 -31.93
N ARG H 1158 -10.21 41.57 -32.26
CA ARG H 1158 -11.55 41.82 -32.78
C ARG H 1158 -12.41 42.47 -31.70
N ARG H 1159 -13.19 43.49 -32.11
CA ARG H 1159 -14.01 44.25 -31.19
C ARG H 1159 -15.48 43.91 -31.38
N LEU H 1160 -16.19 43.72 -30.28
CA LEU H 1160 -17.60 43.37 -30.29
C LEU H 1160 -18.35 44.29 -29.34
N VAL H 1161 -19.44 44.87 -29.84
CA VAL H 1161 -20.32 45.73 -29.05
C VAL H 1161 -21.72 45.16 -29.11
N ILE H 1162 -22.32 44.94 -27.94
CA ILE H 1162 -23.67 44.40 -27.82
C ILE H 1162 -24.52 45.44 -27.11
N THR H 1163 -25.58 45.89 -27.77
CA THR H 1163 -26.46 46.90 -27.20
C THR H 1163 -27.90 46.39 -27.12
N PRO H 1164 -28.59 46.58 -26.00
CA PRO H 1164 -30.01 46.26 -25.96
C PRO H 1164 -30.82 47.24 -26.78
N VAL H 1165 -31.96 46.76 -27.29
CA VAL H 1165 -32.85 47.64 -28.05
C VAL H 1165 -33.56 48.63 -27.14
N ASP H 1166 -33.60 48.37 -25.84
CA ASP H 1166 -34.30 49.24 -24.90
C ASP H 1166 -33.37 50.27 -24.27
N GLY H 1167 -32.22 49.84 -23.77
CA GLY H 1167 -31.28 50.73 -23.11
C GLY H 1167 -29.97 50.79 -23.85
N SER H 1168 -29.35 51.97 -23.87
CA SER H 1168 -28.04 52.14 -24.48
C SER H 1168 -26.99 51.38 -23.68
N ASP H 1169 -25.97 50.90 -24.39
CA ASP H 1169 -24.99 50.03 -23.77
C ASP H 1169 -23.67 50.74 -23.59
N PRO H 1170 -23.05 50.62 -22.40
CA PRO H 1170 -21.63 50.95 -22.25
C PRO H 1170 -20.69 49.75 -22.32
N TYR H 1171 -21.20 48.56 -22.65
CA TYR H 1171 -20.45 47.33 -22.58
C TYR H 1171 -19.97 46.93 -23.97
N GLU H 1172 -18.65 46.89 -24.15
CA GLU H 1172 -18.03 46.46 -25.40
C GLU H 1172 -17.01 45.38 -25.08
N GLU H 1173 -17.02 44.31 -25.88
CA GLU H 1173 -16.22 43.13 -25.60
C GLU H 1173 -15.10 43.00 -26.62
N MET H 1174 -13.86 42.90 -26.12
CA MET H 1174 -12.73 42.58 -26.98
C MET H 1174 -12.72 41.08 -27.24
N ILE H 1175 -12.58 40.71 -28.52
CA ILE H 1175 -12.63 39.32 -28.95
C ILE H 1175 -11.31 38.98 -29.63
N PRO H 1176 -10.66 37.88 -29.27
CA PRO H 1176 -9.48 37.45 -30.02
C PRO H 1176 -9.83 37.16 -31.47
N LYS H 1177 -8.89 37.48 -32.37
CA LYS H 1177 -9.17 37.37 -33.80
C LYS H 1177 -9.23 35.93 -34.27
N TRP H 1178 -8.72 34.98 -33.50
CA TRP H 1178 -8.70 33.58 -33.90
C TRP H 1178 -9.89 32.79 -33.38
N ARG H 1179 -10.78 33.40 -32.61
CA ARG H 1179 -11.94 32.71 -32.06
C ARG H 1179 -13.10 32.82 -33.04
N GLN H 1180 -13.62 31.67 -33.46
CA GLN H 1180 -14.77 31.65 -34.35
C GLN H 1180 -15.99 32.21 -33.64
N LEU H 1181 -16.77 33.01 -34.36
CA LEU H 1181 -17.97 33.63 -33.83
C LEU H 1181 -19.18 32.94 -34.42
N ASN H 1182 -19.84 32.11 -33.61
CA ASN H 1182 -21.05 31.43 -34.06
C ASN H 1182 -22.24 32.37 -34.21
N VAL H 1183 -22.13 33.60 -33.72
CA VAL H 1183 -23.19 34.58 -33.83
C VAL H 1183 -22.92 35.46 -35.04
N PHE H 1184 -23.97 36.10 -35.53
CA PHE H 1184 -23.88 37.07 -36.62
C PHE H 1184 -24.39 38.42 -36.13
N GLU H 1185 -23.82 39.48 -36.68
CA GLU H 1185 -24.18 40.83 -36.25
C GLU H 1185 -25.62 41.18 -36.57
N GLY H 1186 -26.28 40.41 -37.44
CA GLY H 1186 -27.72 40.54 -37.59
C GLY H 1186 -28.52 39.79 -36.55
N GLU H 1187 -27.90 38.83 -35.87
CA GLU H 1187 -28.57 38.05 -34.86
C GLU H 1187 -28.60 38.79 -33.52
N ARG H 1188 -29.71 38.64 -32.80
CA ARG H 1188 -29.87 39.24 -31.49
C ARG H 1188 -29.69 38.17 -30.43
N VAL H 1189 -28.78 38.43 -29.48
CA VAL H 1189 -28.45 37.47 -28.45
C VAL H 1189 -29.24 37.79 -27.19
N GLU H 1190 -29.42 36.77 -26.35
CA GLU H 1190 -30.08 36.92 -25.06
C GLU H 1190 -29.03 36.86 -23.96
N ARG H 1191 -29.46 37.21 -22.74
CA ARG H 1191 -28.57 37.17 -21.60
C ARG H 1191 -28.25 35.73 -21.24
N GLY H 1192 -26.96 35.41 -21.16
CA GLY H 1192 -26.51 34.05 -20.96
C GLY H 1192 -26.29 33.26 -22.23
N ASP H 1193 -26.62 33.83 -23.39
CA ASP H 1193 -26.40 33.14 -24.65
C ASP H 1193 -24.90 33.00 -24.93
N VAL H 1194 -24.53 31.88 -25.55
CA VAL H 1194 -23.14 31.64 -25.90
C VAL H 1194 -22.79 32.44 -27.14
N ILE H 1195 -21.58 33.00 -27.16
CA ILE H 1195 -21.12 33.78 -28.30
C ILE H 1195 -20.14 32.94 -29.11
N SER H 1196 -19.04 32.54 -28.49
CA SER H 1196 -18.04 31.69 -29.12
C SER H 1196 -18.06 30.31 -28.47
N ASP H 1197 -18.04 29.27 -29.29
CA ASP H 1197 -18.12 27.92 -28.77
C ASP H 1197 -16.84 27.53 -28.05
N GLY H 1198 -16.97 26.65 -27.07
CA GLY H 1198 -15.84 26.17 -26.30
C GLY H 1198 -16.24 25.81 -24.88
N PRO H 1199 -15.27 25.37 -24.08
CA PRO H 1199 -15.56 25.06 -22.68
C PRO H 1199 -15.99 26.29 -21.91
N GLU H 1200 -16.87 26.09 -20.94
CA GLU H 1200 -17.40 27.17 -20.14
C GLU H 1200 -16.63 27.28 -18.82
N ALA H 1201 -16.65 28.49 -18.25
CA ALA H 1201 -15.98 28.77 -17.00
C ALA H 1201 -16.99 28.91 -15.87
N PRO H 1202 -16.77 28.27 -14.73
CA PRO H 1202 -17.75 28.40 -13.63
C PRO H 1202 -17.97 29.83 -13.19
N HIS H 1203 -16.92 30.64 -13.17
CA HIS H 1203 -17.04 32.04 -12.79
C HIS H 1203 -18.01 32.77 -13.71
N ASP H 1204 -17.92 32.52 -15.02
CA ASP H 1204 -18.81 33.19 -15.97
C ASP H 1204 -20.26 32.78 -15.75
N ILE H 1205 -20.51 31.48 -15.56
CA ILE H 1205 -21.86 30.99 -15.42
C ILE H 1205 -22.53 31.60 -14.20
N LEU H 1206 -21.80 31.68 -13.08
CA LEU H 1206 -22.44 32.14 -11.86
C LEU H 1206 -22.97 33.57 -11.99
N ARG H 1207 -22.16 34.47 -12.55
CA ARG H 1207 -22.55 35.85 -12.68
C ARG H 1207 -23.38 36.14 -13.92
N LEU H 1208 -23.63 35.12 -14.76
CA LEU H 1208 -24.52 35.34 -15.89
C LEU H 1208 -25.89 34.72 -15.74
N ARG H 1209 -25.99 33.49 -15.24
CA ARG H 1209 -27.26 32.78 -15.18
C ARG H 1209 -27.64 32.43 -13.73
N GLY H 1210 -27.37 33.35 -12.81
CA GLY H 1210 -27.74 33.12 -11.43
C GLY H 1210 -26.86 32.08 -10.76
N VAL H 1211 -27.34 31.60 -9.61
CA VAL H 1211 -26.61 30.63 -8.81
C VAL H 1211 -27.12 29.23 -9.09
N HIS H 1212 -28.41 29.13 -9.43
CA HIS H 1212 -28.99 27.82 -9.69
C HIS H 1212 -28.40 27.14 -10.92
N ALA H 1213 -27.80 27.92 -11.83
CA ALA H 1213 -27.28 27.36 -13.07
C ALA H 1213 -25.88 26.77 -12.93
N VAL H 1214 -25.05 27.32 -12.04
CA VAL H 1214 -23.73 26.73 -11.85
C VAL H 1214 -23.83 25.36 -11.21
N THR H 1215 -24.87 25.13 -10.40
CA THR H 1215 -25.05 23.82 -9.77
C THR H 1215 -25.38 22.76 -10.81
N ARG H 1216 -26.28 23.06 -11.75
CA ARG H 1216 -26.68 22.09 -12.76
C ARG H 1216 -25.53 21.67 -13.66
N TYR H 1217 -24.44 22.44 -13.67
CA TYR H 1217 -23.25 22.10 -14.43
C TYR H 1217 -22.20 21.41 -13.57
N ILE H 1218 -21.90 21.97 -12.39
CA ILE H 1218 -20.86 21.43 -11.54
C ILE H 1218 -21.29 20.15 -10.81
N VAL H 1219 -22.57 19.81 -10.86
CA VAL H 1219 -23.03 18.51 -10.39
C VAL H 1219 -23.12 17.50 -11.54
N ASN H 1220 -23.60 17.96 -12.70
CA ASN H 1220 -23.68 17.09 -13.86
C ASN H 1220 -22.30 16.59 -14.25
N GLU H 1221 -21.29 17.46 -14.25
CA GLU H 1221 -19.96 17.06 -14.65
C GLU H 1221 -19.35 16.06 -13.67
N VAL H 1222 -19.49 16.32 -12.36
CA VAL H 1222 -18.96 15.39 -11.37
C VAL H 1222 -19.64 14.04 -11.47
N GLN H 1223 -20.97 14.03 -11.62
CA GLN H 1223 -21.67 12.76 -11.78
C GLN H 1223 -21.24 12.04 -13.05
N ASP H 1224 -20.99 12.80 -14.12
CA ASP H 1224 -20.50 12.19 -15.36
C ASP H 1224 -19.15 11.51 -15.13
N VAL H 1225 -18.28 12.16 -14.35
CA VAL H 1225 -16.99 11.54 -14.04
C VAL H 1225 -17.19 10.29 -13.20
N TYR H 1226 -18.08 10.34 -12.22
CA TYR H 1226 -18.26 9.22 -11.29
C TYR H 1226 -19.10 8.09 -11.85
N ARG H 1227 -19.84 8.31 -12.93
CA ARG H 1227 -20.66 7.24 -13.49
C ARG H 1227 -19.84 6.22 -14.26
N LEU H 1228 -18.72 6.64 -14.85
CA LEU H 1228 -17.93 5.73 -15.68
C LEU H 1228 -17.38 4.58 -14.85
N GLN H 1229 -16.88 4.86 -13.65
CA GLN H 1229 -16.34 3.81 -12.80
C GLN H 1229 -17.41 2.99 -12.09
N GLY H 1230 -18.68 3.38 -12.20
CA GLY H 1230 -19.77 2.64 -11.62
C GLY H 1230 -20.14 3.03 -10.20
N VAL H 1231 -19.37 3.91 -9.57
CA VAL H 1231 -19.66 4.32 -8.21
C VAL H 1231 -20.80 5.33 -8.21
N LYS H 1232 -21.65 5.26 -7.19
CA LYS H 1232 -22.83 6.11 -7.08
C LYS H 1232 -22.71 7.00 -5.85
N ILE H 1233 -22.91 8.30 -6.05
CA ILE H 1233 -22.91 9.28 -4.96
C ILE H 1233 -24.12 10.17 -5.16
N ASN H 1234 -24.96 10.27 -4.14
CA ASN H 1234 -26.18 11.06 -4.25
C ASN H 1234 -25.84 12.53 -4.46
N ASP H 1235 -26.74 13.24 -5.13
CA ASP H 1235 -26.44 14.59 -5.59
C ASP H 1235 -26.25 15.58 -4.45
N LYS H 1236 -27.00 15.42 -3.35
CA LYS H 1236 -26.93 16.40 -2.27
C LYS H 1236 -25.53 16.49 -1.68
N HIS H 1237 -24.78 15.38 -1.70
CA HIS H 1237 -23.41 15.43 -1.22
C HIS H 1237 -22.54 16.34 -2.08
N ILE H 1238 -22.78 16.36 -3.39
CA ILE H 1238 -22.11 17.32 -4.26
C ILE H 1238 -22.62 18.74 -3.98
N GLU H 1239 -23.92 18.87 -3.75
CA GLU H 1239 -24.54 20.18 -3.62
C GLU H 1239 -24.09 20.93 -2.38
N VAL H 1240 -23.86 20.24 -1.26
CA VAL H 1240 -23.42 20.98 -0.07
C VAL H 1240 -22.01 21.53 -0.26
N ILE H 1241 -21.14 20.81 -0.97
CA ILE H 1241 -19.83 21.37 -1.29
C ILE H 1241 -19.99 22.59 -2.18
N VAL H 1242 -20.90 22.53 -3.14
CA VAL H 1242 -21.17 23.71 -3.96
C VAL H 1242 -21.63 24.87 -3.10
N ARG H 1243 -22.52 24.60 -2.14
CA ARG H 1243 -23.02 25.66 -1.27
C ARG H 1243 -21.91 26.27 -0.44
N GLN H 1244 -20.98 25.44 0.05
CA GLN H 1244 -19.85 25.95 0.80
C GLN H 1244 -18.86 26.71 -0.08
N MET H 1245 -18.84 26.44 -1.38
CA MET H 1245 -17.95 27.17 -2.28
C MET H 1245 -18.40 28.63 -2.41
N LEU H 1246 -19.61 28.84 -2.91
CA LEU H 1246 -20.15 30.17 -3.16
C LEU H 1246 -20.82 30.76 -1.91
N ARG H 1247 -20.04 30.80 -0.83
CA ARG H 1247 -20.51 31.38 0.41
C ARG H 1247 -20.13 32.85 0.55
N LYS H 1248 -19.06 33.29 -0.09
CA LYS H 1248 -18.68 34.70 -0.05
C LYS H 1248 -19.42 35.49 -1.12
N ALA H 1249 -19.74 36.74 -0.79
CA ALA H 1249 -20.50 37.60 -1.69
C ALA H 1249 -19.85 38.98 -1.72
N THR H 1250 -20.09 39.69 -2.83
CA THR H 1250 -19.57 41.04 -3.02
C THR H 1250 -20.74 41.98 -3.26
N ILE H 1251 -20.64 43.19 -2.70
CA ILE H 1251 -21.72 44.17 -2.77
C ILE H 1251 -21.47 45.10 -3.95
N VAL H 1252 -22.47 45.24 -4.82
CA VAL H 1252 -22.36 46.14 -5.95
C VAL H 1252 -22.38 47.59 -5.48
N ASN H 1253 -23.33 47.93 -4.62
CA ASN H 1253 -23.46 49.27 -4.09
C ASN H 1253 -23.69 49.20 -2.58
N ALA H 1254 -23.06 50.12 -1.84
CA ALA H 1254 -23.11 50.06 -0.38
C ALA H 1254 -24.51 50.31 0.14
N GLY H 1255 -25.24 51.25 -0.47
CA GLY H 1255 -26.55 51.57 0.06
C GLY H 1255 -26.45 52.25 1.42
N SER H 1256 -27.45 52.00 2.27
CA SER H 1256 -27.48 52.58 3.60
C SER H 1256 -26.62 51.80 4.60
N SER H 1257 -26.12 50.63 4.23
CA SER H 1257 -25.30 49.85 5.14
C SER H 1257 -23.92 50.49 5.29
N ASP H 1258 -23.19 50.04 6.31
CA ASP H 1258 -21.87 50.58 6.62
C ASP H 1258 -20.74 49.85 5.91
N PHE H 1259 -21.03 48.83 5.11
CA PHE H 1259 -19.99 48.13 4.38
C PHE H 1259 -19.46 49.00 3.25
N LEU H 1260 -18.13 49.04 3.11
CA LEU H 1260 -17.51 49.70 1.98
C LEU H 1260 -17.81 48.91 0.70
N GLU H 1261 -18.11 49.63 -0.37
CA GLU H 1261 -18.63 48.98 -1.58
C GLU H 1261 -17.64 47.98 -2.17
N GLY H 1262 -16.34 48.22 -2.02
CA GLY H 1262 -15.35 47.34 -2.62
C GLY H 1262 -15.02 46.11 -1.83
N GLU H 1263 -15.33 46.09 -0.53
CA GLU H 1263 -14.94 44.98 0.32
C GLU H 1263 -15.80 43.75 0.03
N GLN H 1264 -15.29 42.60 0.44
CA GLN H 1264 -15.99 41.33 0.34
C GLN H 1264 -16.45 40.89 1.72
N VAL H 1265 -17.72 40.57 1.85
CA VAL H 1265 -18.30 40.15 3.12
C VAL H 1265 -19.02 38.82 2.91
N GLU H 1266 -19.14 38.06 3.99
CA GLU H 1266 -19.83 36.77 3.91
C GLU H 1266 -21.29 36.99 3.57
N TYR H 1267 -21.84 36.06 2.79
CA TYR H 1267 -23.21 36.22 2.29
C TYR H 1267 -24.22 36.29 3.42
N SER H 1268 -24.03 35.47 4.46
CA SER H 1268 -24.97 35.46 5.57
C SER H 1268 -25.01 36.81 6.28
N ARG H 1269 -23.84 37.40 6.53
CA ARG H 1269 -23.79 38.68 7.23
C ARG H 1269 -24.50 39.76 6.43
N VAL H 1270 -24.21 39.86 5.14
CA VAL H 1270 -24.82 40.92 4.33
C VAL H 1270 -26.32 40.68 4.17
N LYS H 1271 -26.73 39.41 4.06
CA LYS H 1271 -28.15 39.12 3.94
C LYS H 1271 -28.91 39.54 5.19
N ILE H 1272 -28.37 39.16 6.37
CA ILE H 1272 -29.02 39.56 7.62
C ILE H 1272 -29.02 41.07 7.77
N ALA H 1273 -27.91 41.72 7.41
CA ALA H 1273 -27.82 43.17 7.55
C ALA H 1273 -28.84 43.88 6.68
N ASN H 1274 -28.96 43.48 5.42
CA ASN H 1274 -29.92 44.15 4.54
C ASN H 1274 -31.35 43.83 4.93
N ARG H 1275 -31.62 42.60 5.41
CA ARG H 1275 -32.97 42.30 5.89
C ARG H 1275 -33.32 43.16 7.10
N GLU H 1276 -32.39 43.32 8.03
CA GLU H 1276 -32.63 44.17 9.19
C GLU H 1276 -32.82 45.62 8.78
N LEU H 1277 -32.05 46.09 7.80
CA LEU H 1277 -32.23 47.45 7.30
C LEU H 1277 -33.60 47.62 6.67
N GLU H 1278 -34.04 46.66 5.86
CA GLU H 1278 -35.37 46.72 5.26
C GLU H 1278 -36.47 46.58 6.30
N ALA H 1279 -36.17 46.04 7.48
CA ALA H 1279 -37.14 46.06 8.55
C ALA H 1279 -37.46 47.48 8.97
N ASN H 1280 -36.51 48.41 8.80
CA ASN H 1280 -36.75 49.83 8.96
C ASN H 1280 -36.95 50.46 7.58
N GLY H 1281 -37.11 51.79 7.58
CA GLY H 1281 -37.35 52.49 6.32
C GLY H 1281 -36.20 52.41 5.35
N LYS H 1282 -34.96 52.50 5.86
CA LYS H 1282 -33.79 52.56 4.99
C LYS H 1282 -33.65 51.27 4.19
N VAL H 1283 -33.23 51.42 2.93
CA VAL H 1283 -33.10 50.29 2.02
C VAL H 1283 -31.77 49.60 2.24
N GLY H 1284 -31.74 48.30 1.97
CA GLY H 1284 -30.55 47.50 2.16
C GLY H 1284 -29.55 47.64 1.04
N ALA H 1285 -28.49 46.84 1.12
CA ALA H 1285 -27.39 46.89 0.18
C ALA H 1285 -27.53 45.79 -0.87
N THR H 1286 -27.31 46.15 -2.13
CA THR H 1286 -27.31 45.18 -3.21
C THR H 1286 -26.00 44.41 -3.23
N TYR H 1287 -26.08 43.15 -3.63
CA TYR H 1287 -24.94 42.24 -3.58
C TYR H 1287 -24.84 41.46 -4.88
N SER H 1288 -23.61 41.05 -5.21
CA SER H 1288 -23.35 40.18 -6.35
C SER H 1288 -22.65 38.92 -5.84
N ARG H 1289 -23.20 37.76 -6.19
CA ARG H 1289 -22.64 36.51 -5.72
C ARG H 1289 -21.27 36.26 -6.36
N ASP H 1290 -20.44 35.48 -5.65
CA ASP H 1290 -19.11 35.17 -6.11
C ASP H 1290 -18.81 33.70 -5.85
N LEU H 1291 -17.89 33.16 -6.65
CA LEU H 1291 -17.49 31.75 -6.56
C LEU H 1291 -16.00 31.68 -6.23
N LEU H 1292 -15.65 30.80 -5.29
CA LEU H 1292 -14.26 30.59 -4.89
C LEU H 1292 -13.97 29.10 -4.86
N GLY H 1293 -12.74 28.74 -5.22
CA GLY H 1293 -12.32 27.37 -5.10
C GLY H 1293 -12.25 26.93 -3.64
N ILE H 1294 -12.27 25.61 -3.45
CA ILE H 1294 -12.29 25.07 -2.10
C ILE H 1294 -11.04 25.48 -1.34
N THR H 1295 -9.87 25.34 -1.97
CA THR H 1295 -8.62 25.63 -1.28
C THR H 1295 -8.44 27.12 -0.99
N LYS H 1296 -9.18 27.99 -1.67
CA LYS H 1296 -9.17 29.41 -1.36
C LYS H 1296 -10.33 29.85 -0.50
N ALA H 1297 -11.46 29.16 -0.58
CA ALA H 1297 -12.58 29.48 0.30
C ALA H 1297 -12.31 29.05 1.73
N SER H 1298 -11.61 27.92 1.90
CA SER H 1298 -11.27 27.47 3.24
C SER H 1298 -10.33 28.45 3.93
N LEU H 1299 -9.33 28.95 3.19
CA LEU H 1299 -8.36 29.87 3.77
C LEU H 1299 -8.95 31.23 4.10
N ALA H 1300 -10.11 31.56 3.57
CA ALA H 1300 -10.78 32.83 3.84
C ALA H 1300 -12.08 32.61 4.59
N THR H 1301 -12.07 31.71 5.56
CA THR H 1301 -13.27 31.38 6.31
C THR H 1301 -13.52 32.44 7.38
N GLU H 1302 -14.53 32.21 8.23
CA GLU H 1302 -14.90 33.20 9.23
C GLU H 1302 -13.88 33.31 10.34
N SER H 1303 -13.26 32.20 10.72
CA SER H 1303 -12.37 32.15 11.88
C SER H 1303 -10.93 31.98 11.44
N PHE H 1304 -10.01 32.64 12.14
CA PHE H 1304 -8.61 32.55 11.80
C PHE H 1304 -8.01 31.21 12.22
N ILE H 1305 -8.42 30.68 13.37
CA ILE H 1305 -7.89 29.39 13.81
C ILE H 1305 -8.52 28.22 13.09
N SER H 1306 -9.64 28.43 12.39
CA SER H 1306 -10.19 27.38 11.55
C SER H 1306 -9.37 27.19 10.27
N ALA H 1307 -8.76 28.27 9.78
CA ALA H 1307 -7.97 28.21 8.56
C ALA H 1307 -6.47 28.19 8.83
N ALA H 1308 -6.03 28.43 10.05
CA ALA H 1308 -4.62 28.37 10.37
C ALA H 1308 -4.12 26.95 10.62
N SER H 1309 -5.03 25.98 10.70
CA SER H 1309 -4.67 24.58 10.89
C SER H 1309 -4.84 23.77 9.62
N PHE H 1310 -5.13 24.42 8.50
CA PHE H 1310 -5.39 23.75 7.23
C PHE H 1310 -4.25 23.88 6.24
N GLN H 1311 -3.75 25.10 6.04
CA GLN H 1311 -2.74 25.38 5.03
C GLN H 1311 -2.25 26.80 5.23
N GLU H 1312 -0.99 27.03 4.89
CA GLU H 1312 -0.41 28.37 4.90
C GLU H 1312 -0.57 29.04 6.26
N THR H 1313 0.07 28.43 7.27
CA THR H 1313 -0.09 28.93 8.64
C THR H 1313 0.50 30.32 8.82
N THR H 1314 1.67 30.57 8.21
CA THR H 1314 2.33 31.85 8.42
C THR H 1314 1.49 33.01 7.89
N ARG H 1315 0.99 32.89 6.66
CA ARG H 1315 0.21 33.96 6.07
C ARG H 1315 -1.08 34.20 6.85
N VAL H 1316 -1.78 33.12 7.21
CA VAL H 1316 -3.04 33.27 7.92
C VAL H 1316 -2.82 33.90 9.28
N LEU H 1317 -1.81 33.44 10.01
CA LEU H 1317 -1.54 34.00 11.33
C LEU H 1317 -1.10 35.45 11.25
N THR H 1318 -0.26 35.80 10.28
CA THR H 1318 0.15 37.20 10.14
C THR H 1318 -1.05 38.08 9.80
N GLU H 1319 -1.89 37.63 8.88
CA GLU H 1319 -3.06 38.42 8.50
C GLU H 1319 -4.01 38.59 9.67
N ALA H 1320 -4.19 37.55 10.47
CA ALA H 1320 -5.05 37.67 11.65
C ALA H 1320 -4.45 38.61 12.68
N ALA H 1321 -3.15 38.49 12.94
CA ALA H 1321 -2.52 39.30 13.97
C ALA H 1321 -2.50 40.78 13.60
N VAL H 1322 -2.25 41.09 12.32
CA VAL H 1322 -2.19 42.48 11.90
C VAL H 1322 -3.54 43.15 12.09
N ALA H 1323 -4.61 42.48 11.66
CA ALA H 1323 -5.94 43.05 11.74
C ALA H 1323 -6.61 42.88 13.10
N GLY H 1324 -5.99 42.13 14.01
CA GLY H 1324 -6.63 41.86 15.28
C GLY H 1324 -7.93 41.09 15.15
N LYS H 1325 -7.97 40.15 14.21
CA LYS H 1325 -9.19 39.43 13.87
C LYS H 1325 -9.51 38.44 14.98
N ARG H 1326 -10.42 38.83 15.87
CA ARG H 1326 -10.84 37.93 16.94
C ARG H 1326 -11.68 36.80 16.37
N ASP H 1327 -11.73 35.69 17.10
CA ASP H 1327 -12.46 34.51 16.69
C ASP H 1327 -13.80 34.43 17.42
N GLU H 1328 -14.60 33.43 17.03
CA GLU H 1328 -15.87 33.19 17.70
C GLU H 1328 -16.13 31.71 17.92
N LEU H 1329 -15.18 30.83 17.60
CA LEU H 1329 -15.33 29.37 17.71
C LEU H 1329 -16.49 28.96 16.81
N ARG H 1330 -17.53 28.30 17.31
CA ARG H 1330 -18.77 28.07 16.58
C ARG H 1330 -18.60 27.04 15.47
N GLY H 1331 -17.37 26.64 15.19
CA GLY H 1331 -17.09 25.63 14.19
C GLY H 1331 -16.98 24.24 14.76
N LEU H 1332 -16.60 23.30 13.91
CA LEU H 1332 -16.36 21.93 14.33
C LEU H 1332 -14.89 21.60 14.51
N LYS H 1333 -13.98 22.45 14.00
CA LYS H 1333 -12.55 22.29 14.24
C LYS H 1333 -12.03 23.23 15.31
N GLU H 1334 -12.58 24.45 15.40
CA GLU H 1334 -12.20 25.35 16.47
C GLU H 1334 -12.65 24.86 17.84
N ASN H 1335 -13.57 23.89 17.89
CA ASN H 1335 -13.95 23.25 19.14
C ASN H 1335 -13.22 21.95 19.39
N VAL H 1336 -12.88 21.22 18.33
CA VAL H 1336 -12.04 20.04 18.47
C VAL H 1336 -10.65 20.42 18.98
N ILE H 1337 -10.08 21.51 18.43
CA ILE H 1337 -8.77 21.96 18.88
C ILE H 1337 -8.81 22.34 20.34
N VAL H 1338 -9.80 23.13 20.74
CA VAL H 1338 -9.89 23.58 22.13
C VAL H 1338 -10.17 22.41 23.06
N GLY H 1339 -10.99 21.45 22.61
CA GLY H 1339 -11.25 20.28 23.42
C GLY H 1339 -12.48 20.40 24.30
N ARG H 1340 -13.62 20.74 23.69
CA ARG H 1340 -14.90 20.79 24.38
C ARG H 1340 -15.94 20.06 23.52
N LEU H 1341 -17.19 20.09 23.97
CA LEU H 1341 -18.27 19.52 23.18
C LEU H 1341 -18.31 20.15 21.81
N ILE H 1342 -18.20 19.34 20.76
CA ILE H 1342 -18.34 19.85 19.40
C ILE H 1342 -19.82 20.12 19.16
N PRO H 1343 -20.17 21.16 18.40
CA PRO H 1343 -21.59 21.41 18.13
C PRO H 1343 -22.11 20.61 16.96
N ALA H 1344 -21.74 19.34 16.87
CA ALA H 1344 -22.16 18.49 15.76
C ALA H 1344 -23.31 17.56 16.15
N GLY H 1345 -23.08 16.69 17.13
CA GLY H 1345 -24.06 15.67 17.43
C GLY H 1345 -24.76 15.85 18.75
N THR H 1346 -24.53 14.93 19.68
CA THR H 1346 -25.21 14.99 20.97
C THR H 1346 -24.86 16.25 21.73
N GLY H 1347 -23.74 16.90 21.41
CA GLY H 1347 -23.39 18.16 22.05
C GLY H 1347 -24.13 19.36 21.54
N TYR H 1348 -24.92 19.20 20.48
CA TYR H 1348 -25.65 20.33 19.92
C TYR H 1348 -26.67 20.88 20.90
N ALA H 1349 -27.36 20.00 21.64
CA ALA H 1349 -28.33 20.47 22.62
C ALA H 1349 -27.64 21.29 23.71
N TYR H 1350 -26.49 20.82 24.18
CA TYR H 1350 -25.77 21.54 25.22
C TYR H 1350 -25.28 22.90 24.71
N HIS H 1351 -24.76 22.95 23.48
CA HIS H 1351 -24.33 24.23 22.93
C HIS H 1351 -25.49 25.19 22.71
N GLN H 1352 -26.63 24.64 22.27
CA GLN H 1352 -27.86 25.43 22.04
C GLN H 1352 -28.25 26.08 23.36
N ASP H 1353 -28.30 25.23 24.39
CA ASP H 1353 -28.62 25.67 25.77
C ASP H 1353 -27.69 26.83 26.12
N ARG H 1354 -26.38 26.59 26.04
CA ARG H 1354 -25.41 27.58 26.47
C ARG H 1354 -25.58 28.89 25.71
N MET H 1355 -25.87 28.82 24.41
CA MET H 1355 -26.18 30.02 23.64
C MET H 1355 -27.41 30.72 24.21
N ARG H 1356 -28.45 29.95 24.54
CA ARG H 1356 -29.64 30.52 25.16
C ARG H 1356 -29.32 31.20 26.47
N ARG H 1357 -28.31 30.69 27.20
CA ARG H 1357 -27.91 31.32 28.45
C ARG H 1357 -27.44 32.75 28.23
N ARG H 1358 -26.71 33.00 27.14
CA ARG H 1358 -26.23 34.34 26.83
C ARG H 1358 -27.35 35.19 26.22
N1 PRF I . -0.26 8.22 54.27
C2 PRF I . -1.50 7.59 54.64
N3 PRF I . -1.50 6.35 55.21
C4 PRF I . -0.31 5.95 55.67
C5 PRF I . 0.95 6.58 55.46
C6 PRF I . 1.02 7.79 54.72
O6 PRF I . 1.98 8.44 54.42
C7 PRF I . 1.96 5.75 56.13
C10 PRF I . 3.40 6.10 56.16
N11 PRF I . 3.76 6.11 54.73
C8 PRF I . 1.31 4.63 56.52
N9 PRF I . -0.04 4.78 56.23
N2 PRF I . -2.72 8.14 54.24
MG MG J . -5.03 -6.85 3.36
#